data_8BUS
#
_entry.id   8BUS
#
_cell.length_a   249.522
_cell.length_b   249.522
_cell.length_c   218.546
_cell.angle_alpha   90.000
_cell.angle_beta   90.000
_cell.angle_gamma   120.000
#
_symmetry.space_group_name_H-M   'P 31 2 1'
#
loop_
_entity.id
_entity.type
_entity.pdbx_description
1 polymer 'DNA damage-binding protein 1'
2 polymer 'Cyclin-dependent kinase 12'
3 polymer Cyclin-K
4 non-polymer 'SULFATE ION'
5 non-polymer 1,3-dimethyl-5-[[[9-propan-2-yl-6-[(4-pyridin-2-ylphenyl)methylamino]purin-2-yl]amino]methyl]pyrazole-4-sulfonamide
#
loop_
_entity_poly.entity_id
_entity_poly.type
_entity_poly.pdbx_seq_one_letter_code
_entity_poly.pdbx_strand_id
1 'polypeptide(L)'
;GGGRMSYNYVVTAQKPTAVNGCVTGHFTSAEDLNLLIAKNTRLEIYVVTAEGLRPVKEVGMYGKIAVMELFRPKGESKDL
LFILTAKYNACILEYKQSGESIDIITRAHGNVQDRIGRPSETGIIGIIDPECRMIGLRLYDGLFKVIPLDRDNKELKAFN
IRLEELHVIDVKFLYGCQAPTICFVYQDPQGRHVKTYEVSLREKEFNKGPWKQENVEAEASMVIAVPEPFGGAIIIGQES
ITYHNGDKYLAIAPPIIKQSTIVCHNRVDPNGSRYLLGDMEGRLFMLLLEKEEQMDGTVTLKDLRVELLGETSIAECLTY
LDNGVVFVGSRLGDSQLVKLNVDSNEQGSYVVAMETFTNLGPIVDMCVVDLERQGQGQLVTCSGAFKEGSLRIIRNGIGG
NGNSGEIQKLHIRTVPLYESPRKICYQEVSQCFGVLSSRIEVQDTSGGTTALRPSASTQALSSSVSSSKLFSSSTAPHET
SFGEEVEVHNLLIIDQHTFEVLHAHQFLQNEYALSLVSCKLGKDPNTYFIVGTAMVYPEEAEPKQGRIVVFQYSDGKLQT
VAEKEVKGAVYSMVEFNGKLLASINSTVRLYEWTTEKELRTECNHYNNIMALYLKTKGDFILVGDLMRSVLLLAYKPMEG
NFEEIARDFNPNWMSAVEILDDDNFLGAENAFNLFVCQKDSAATTDEERQHLQEVGLFHLGEFVNVFCHGSLVMQNLGET
STPTQGSVLFGTVNGMIGLVTSLSESWYNLLLDMQNRLNKVIKSVGKIEHSFWRSFHTERKTEPATGFIDGDLIESFLDI
SRPKMQEVVANLQYDDGSGMKREATADDLIKVVEELTRIH
;
D,A,G
2 'polypeptide(L)'
;GGGRRQTESDWGKRCVDKFDIIGIIGEGTYGQVYKAKDKDTGELVALKKVRLDNEKEGFPITAIREIKILRQLIHRSVVN
MKEIVTDKQDALDFKKDKGAFYLVFEYMDHDLMGLLESGLVHFSEDHIKSFMKQLMEGLEYCHKKNFLHRDIKCSNILLN
NSGQIKLADFGLARLYNSEESRPY(TPO)NKVITLWYRPPELLLGEERYTPAIDVWSCGCILGELFTKKPIFQANLELAQ
LELISRLCGSPCPAVWPDVIRLPYFNTMKPKKQYRRRLREEFSFIPSAALDLLDHMLTLDPSKRCTAEQTLQSDFLKDVE
LSKMAPPDLPHWQDCHELWSKKRRRQRQ
;
E,B,H
3 'polypeptide(L)'
;GGGRMKENKENSSPSVTSANLDHTKPCWYWDKKDLAHTPSQLEGLDPATEARYRREGARFIFDVGTRLGLHYDTLATGII
YFHRFYMFHSFKQFPRYVTGACCLFLAGKVEETPKKCKDIIKTARSLLNDVQFGQFGDDPKEEVMVLERILLQTIKFDLQ
VEHPYQFLLKYAKQLKGDKNKIQKLVQMAWTFVNDSLCTTLSLQWEPEIIAVAVMYLAGRLCKFEIQEWTSKPMYRRWWE
QFVQDVPVDVLEDICHQILDLYSQGKQQMPH
;
F,C,I
#
loop_
_chem_comp.id
_chem_comp.type
_chem_comp.name
_chem_comp.formula
RMX non-polymer 1,3-dimethyl-5-[[[9-propan-2-yl-6-[(4-pyridin-2-ylphenyl)methylamino]purin-2-yl]amino]methyl]pyrazole-4-sulfonamide 'C26 H30 N10 O2 S'
SO4 non-polymer 'SULFATE ION' 'O4 S -2'
#
# COMPACT_ATOMS: atom_id res chain seq x y z
N MET A 5 -28.27 -16.11 52.03
CA MET A 5 -29.45 -15.23 51.79
C MET A 5 -29.11 -13.78 52.15
N SER A 6 -29.89 -12.83 51.64
CA SER A 6 -29.69 -11.41 51.88
C SER A 6 -30.95 -10.81 52.46
N TYR A 7 -30.78 -9.75 53.26
CA TYR A 7 -31.88 -9.14 54.00
C TYR A 7 -31.84 -7.63 53.79
N ASN A 8 -32.94 -7.07 53.29
CA ASN A 8 -33.01 -5.66 52.95
C ASN A 8 -34.35 -5.07 53.37
N TYR A 9 -34.40 -3.74 53.38
CA TYR A 9 -35.51 -2.94 53.90
C TYR A 9 -35.81 -1.83 52.91
N VAL A 10 -37.08 -1.66 52.53
CA VAL A 10 -37.51 -0.67 51.56
C VAL A 10 -38.57 0.22 52.17
N VAL A 11 -38.35 1.53 52.10
CA VAL A 11 -39.28 2.52 52.67
C VAL A 11 -39.52 3.62 51.64
N THR A 12 -40.71 4.21 51.70
CA THR A 12 -41.13 5.27 50.78
C THR A 12 -40.90 6.61 51.46
N ALA A 13 -39.90 7.36 50.99
CA ALA A 13 -39.63 8.68 51.55
C ALA A 13 -40.66 9.71 51.06
N GLN A 14 -40.94 9.72 49.76
CA GLN A 14 -41.95 10.60 49.17
C GLN A 14 -42.93 9.72 48.41
N LYS A 15 -44.22 9.91 48.69
CA LYS A 15 -45.25 9.14 48.02
C LYS A 15 -45.36 9.56 46.55
N PRO A 16 -45.97 8.72 45.72
CA PRO A 16 -46.14 9.09 44.32
C PRO A 16 -46.92 10.40 44.17
N THR A 17 -46.45 11.25 43.26
CA THR A 17 -47.06 12.55 43.02
C THR A 17 -47.83 12.62 41.71
N ALA A 18 -47.66 11.64 40.82
CA ALA A 18 -48.34 11.65 39.53
C ALA A 18 -49.79 11.16 39.65
N VAL A 19 -50.64 11.68 38.77
CA VAL A 19 -52.07 11.38 38.74
C VAL A 19 -52.35 10.36 37.65
N ASN A 20 -52.89 9.20 38.02
CA ASN A 20 -53.24 8.19 37.02
C ASN A 20 -54.62 8.41 36.42
N GLY A 21 -55.58 8.84 37.22
CA GLY A 21 -56.94 9.00 36.70
C GLY A 21 -57.81 9.80 37.64
N CYS A 22 -58.95 10.23 37.09
CA CYS A 22 -59.87 11.04 37.87
C CYS A 22 -61.29 10.94 37.36
N VAL A 23 -62.22 10.83 38.32
CA VAL A 23 -63.66 10.87 38.12
C VAL A 23 -64.21 11.72 39.27
N THR A 24 -65.37 12.32 39.05
CA THR A 24 -66.06 13.10 40.08
C THR A 24 -67.45 12.53 40.27
N GLY A 25 -67.91 12.48 41.52
CA GLY A 25 -69.18 11.84 41.80
C GLY A 25 -69.66 12.17 43.19
N HIS A 26 -70.81 11.57 43.52
CA HIS A 26 -71.46 11.77 44.82
C HIS A 26 -71.20 10.53 45.68
N PHE A 27 -69.93 10.34 46.00
CA PHE A 27 -69.48 9.15 46.69
C PHE A 27 -69.82 9.23 48.18
N THR A 28 -69.45 10.33 48.84
CA THR A 28 -69.66 10.43 50.28
C THR A 28 -71.15 10.66 50.60
N SER A 29 -71.81 11.57 49.88
CA SER A 29 -73.24 11.79 50.04
C SER A 29 -73.78 12.39 48.75
N ALA A 30 -75.09 12.20 48.50
CA ALA A 30 -75.72 12.85 47.36
C ALA A 30 -75.64 14.37 47.47
N GLU A 31 -75.52 14.90 48.69
CA GLU A 31 -75.47 16.34 48.87
C GLU A 31 -74.10 16.89 48.52
N ASP A 32 -73.03 16.17 48.89
CA ASP A 32 -71.67 16.64 48.65
C ASP A 32 -71.20 16.43 47.21
N LEU A 33 -70.43 17.40 46.72
CA LEU A 33 -69.67 17.27 45.47
C LEU A 33 -68.24 16.86 45.80
N ASN A 34 -67.80 15.74 45.24
CA ASN A 34 -66.51 15.13 45.57
C ASN A 34 -65.64 14.95 44.33
N LEU A 35 -64.37 15.31 44.46
CA LEU A 35 -63.33 14.99 43.48
C LEU A 35 -62.46 13.89 44.06
N LEU A 36 -62.42 12.73 43.38
CA LEU A 36 -61.58 11.61 43.79
C LEU A 36 -60.37 11.56 42.87
N ILE A 37 -59.17 11.74 43.44
CA ILE A 37 -57.92 11.80 42.69
C ILE A 37 -57.12 10.53 42.99
N ALA A 38 -56.56 9.93 41.95
CA ALA A 38 -55.86 8.66 42.06
C ALA A 38 -54.39 8.83 41.73
N LYS A 39 -53.52 8.54 42.68
CA LYS A 39 -52.09 8.41 42.43
C LYS A 39 -51.68 6.96 42.66
N ASN A 40 -50.61 6.50 42.01
CA ASN A 40 -50.30 5.08 42.04
C ASN A 40 -50.28 4.57 43.48
N THR A 41 -51.06 3.51 43.73
CA THR A 41 -51.23 2.84 45.01
C THR A 41 -51.95 3.72 46.03
N ARG A 42 -52.40 4.93 45.66
CA ARG A 42 -53.01 5.88 46.57
C ARG A 42 -54.34 6.41 46.05
N LEU A 43 -55.33 6.54 46.94
CA LEU A 43 -56.62 7.15 46.63
C LEU A 43 -56.84 8.38 47.51
N GLU A 44 -57.21 9.51 46.89
CA GLU A 44 -57.40 10.77 47.62
C GLU A 44 -58.85 11.23 47.46
N ILE A 45 -59.55 11.41 48.59
CA ILE A 45 -60.95 11.87 48.58
C ILE A 45 -60.99 13.32 48.99
N TYR A 46 -61.75 14.13 48.24
CA TYR A 46 -61.91 15.56 48.50
C TYR A 46 -63.39 15.92 48.43
N VAL A 47 -63.78 17.03 49.07
CA VAL A 47 -65.11 17.59 48.92
C VAL A 47 -64.90 18.92 48.21
N VAL A 48 -65.48 19.05 47.02
CA VAL A 48 -65.24 20.24 46.19
C VAL A 48 -66.12 21.38 46.68
N THR A 49 -65.51 22.49 47.05
CA THR A 49 -66.22 23.73 47.32
C THR A 49 -65.77 24.80 46.33
N ALA A 50 -66.60 25.85 46.21
CA ALA A 50 -66.23 26.97 45.36
C ALA A 50 -64.97 27.66 45.88
N GLU A 51 -64.73 27.56 47.19
CA GLU A 51 -63.54 28.17 47.77
C GLU A 51 -62.29 27.36 47.46
N GLY A 52 -62.40 26.03 47.42
CA GLY A 52 -61.24 25.20 47.11
C GLY A 52 -61.54 23.73 47.31
N LEU A 53 -60.46 22.94 47.40
CA LEU A 53 -60.55 21.51 47.68
C LEU A 53 -60.21 21.26 49.15
N ARG A 54 -61.10 20.56 49.84
CA ARG A 54 -60.90 20.18 51.24
C ARG A 54 -60.74 18.66 51.31
N PRO A 55 -59.65 18.10 51.81
CA PRO A 55 -59.51 16.63 51.78
C PRO A 55 -60.31 15.99 52.91
N VAL A 56 -61.17 15.03 52.54
CA VAL A 56 -61.92 14.32 53.58
C VAL A 56 -61.05 13.17 54.10
N LYS A 57 -60.39 12.44 53.20
CA LYS A 57 -59.72 11.20 53.56
C LYS A 57 -58.68 10.85 52.50
N GLU A 58 -57.67 10.06 52.91
CA GLU A 58 -56.71 9.49 51.96
C GLU A 58 -56.52 8.00 52.27
N VAL A 59 -56.80 7.15 51.28
CA VAL A 59 -56.74 5.69 51.43
C VAL A 59 -55.55 5.12 50.68
N GLY A 60 -55.01 4.02 51.22
CA GLY A 60 -53.96 3.25 50.55
C GLY A 60 -54.44 1.87 50.17
N MET A 61 -54.04 1.40 48.98
CA MET A 61 -54.41 0.09 48.45
C MET A 61 -53.20 -0.77 48.13
N TYR A 62 -53.39 -2.08 48.24
CA TYR A 62 -52.39 -3.08 47.87
C TYR A 62 -52.50 -3.45 46.39
N GLY A 63 -52.38 -2.42 45.54
CA GLY A 63 -52.54 -2.62 44.11
C GLY A 63 -52.44 -1.34 43.30
N LYS A 64 -51.99 -1.45 42.06
CA LYS A 64 -51.97 -0.31 41.13
C LYS A 64 -53.36 -0.11 40.54
N ILE A 65 -53.97 1.04 40.77
CA ILE A 65 -55.33 1.27 40.29
C ILE A 65 -55.33 1.46 38.79
N ALA A 66 -56.05 0.59 38.08
CA ALA A 66 -56.18 0.68 36.62
C ALA A 66 -57.52 1.24 36.18
N VAL A 67 -58.61 0.69 36.71
CA VAL A 67 -59.97 1.13 36.38
C VAL A 67 -60.55 1.75 37.64
N MET A 68 -61.19 2.92 37.46
CA MET A 68 -61.89 3.59 38.55
C MET A 68 -63.07 4.35 37.97
N GLU A 69 -64.29 3.93 38.31
CA GLU A 69 -65.50 4.56 37.82
C GLU A 69 -66.48 4.60 38.99
N LEU A 70 -67.24 5.70 39.09
CA LEU A 70 -68.22 5.91 40.13
C LEU A 70 -69.62 5.64 39.59
N PHE A 71 -70.40 4.90 40.36
CA PHE A 71 -71.75 4.50 39.96
C PHE A 71 -72.66 4.49 41.17
N ARG A 72 -73.92 4.86 40.95
CA ARG A 72 -74.92 4.86 42.02
C ARG A 72 -76.03 3.92 41.57
N PRO A 73 -76.05 2.68 42.04
CA PRO A 73 -77.17 1.79 41.67
C PRO A 73 -78.43 2.18 42.42
N LYS A 74 -79.57 1.95 41.79
CA LYS A 74 -80.85 2.26 42.41
C LYS A 74 -80.96 1.65 43.79
N GLY A 75 -81.37 2.48 44.76
CA GLY A 75 -81.51 2.09 46.14
C GLY A 75 -80.42 2.61 47.04
N GLU A 76 -79.32 3.08 46.48
CA GLU A 76 -78.24 3.68 47.26
C GLU A 76 -78.49 5.18 47.37
N SER A 77 -78.13 5.75 48.51
CA SER A 77 -78.19 7.19 48.68
C SER A 77 -77.03 7.87 47.99
N LYS A 78 -75.89 7.20 47.90
CA LYS A 78 -74.65 7.76 47.41
C LYS A 78 -74.00 6.81 46.42
N ASP A 79 -73.13 7.38 45.58
CA ASP A 79 -72.47 6.60 44.54
C ASP A 79 -71.48 5.64 45.18
N LEU A 80 -71.35 4.46 44.58
CA LEU A 80 -70.33 3.50 44.97
C LEU A 80 -69.18 3.54 43.96
N LEU A 81 -68.04 3.02 44.36
CA LEU A 81 -66.83 3.09 43.55
C LEU A 81 -66.32 1.69 43.22
N PHE A 82 -66.04 1.47 41.94
CA PHE A 82 -65.39 0.26 41.46
C PHE A 82 -63.93 0.57 41.18
N ILE A 83 -63.05 -0.32 41.63
CA ILE A 83 -61.62 -0.17 41.40
C ILE A 83 -61.06 -1.53 40.99
N LEU A 84 -60.18 -1.52 40.00
CA LEU A 84 -59.51 -2.73 39.52
C LEU A 84 -58.01 -2.45 39.55
N THR A 85 -57.26 -3.30 40.24
CA THR A 85 -55.82 -3.11 40.29
C THR A 85 -55.18 -3.70 39.03
N ALA A 86 -53.94 -3.31 38.79
CA ALA A 86 -53.22 -3.86 37.64
C ALA A 86 -52.99 -5.36 37.80
N LYS A 87 -53.02 -5.86 39.04
CA LYS A 87 -52.95 -7.29 39.29
C LYS A 87 -54.31 -7.95 39.20
N TYR A 88 -55.33 -7.21 38.74
CA TYR A 88 -56.68 -7.70 38.50
C TYR A 88 -57.46 -7.91 39.78
N ASN A 89 -57.08 -7.23 40.87
CA ASN A 89 -57.88 -7.22 42.09
C ASN A 89 -58.96 -6.15 41.95
N ALA A 90 -60.22 -6.56 42.08
CA ALA A 90 -61.36 -5.66 41.94
C ALA A 90 -62.09 -5.52 43.28
N CYS A 91 -62.69 -4.36 43.50
CA CYS A 91 -63.38 -4.09 44.74
C CYS A 91 -64.42 -2.99 44.54
N ILE A 92 -65.48 -3.05 45.33
CA ILE A 92 -66.46 -1.98 45.44
C ILE A 92 -66.34 -1.38 46.83
N LEU A 93 -66.20 -0.05 46.89
CA LEU A 93 -65.94 0.65 48.13
C LEU A 93 -67.08 1.63 48.43
N GLU A 94 -67.36 1.82 49.72
CA GLU A 94 -68.43 2.73 50.14
C GLU A 94 -67.95 3.57 51.32
N TYR A 95 -68.28 4.85 51.28
CA TYR A 95 -67.93 5.77 52.36
C TYR A 95 -68.81 5.59 53.58
N LYS A 96 -68.16 5.57 54.76
CA LYS A 96 -68.82 5.46 56.05
C LYS A 96 -68.12 6.42 57.01
N GLN A 97 -68.89 7.32 57.64
CA GLN A 97 -68.34 8.27 58.60
C GLN A 97 -69.24 8.28 59.83
N SER A 98 -68.64 8.09 61.01
CA SER A 98 -69.36 8.12 62.28
C SER A 98 -68.70 9.16 63.17
N GLY A 99 -69.22 10.38 63.14
CA GLY A 99 -68.59 11.44 63.91
C GLY A 99 -67.22 11.75 63.33
N GLU A 100 -66.19 11.53 64.15
CA GLU A 100 -64.81 11.77 63.76
C GLU A 100 -64.17 10.57 63.08
N SER A 101 -64.80 9.40 63.12
CA SER A 101 -64.25 8.16 62.57
C SER A 101 -64.73 7.89 61.15
N ILE A 102 -63.78 7.64 60.24
CA ILE A 102 -64.07 7.35 58.85
C ILE A 102 -63.56 5.96 58.49
N ASP A 103 -64.41 5.15 57.84
CA ASP A 103 -64.03 3.84 57.33
C ASP A 103 -64.54 3.69 55.90
N ILE A 104 -63.82 2.91 55.09
CA ILE A 104 -64.20 2.58 53.74
C ILE A 104 -64.59 1.11 53.68
N ILE A 105 -65.84 0.85 53.31
CA ILE A 105 -66.41 -0.49 53.37
C ILE A 105 -66.13 -1.19 52.05
N THR A 106 -65.67 -2.43 52.10
CA THR A 106 -65.45 -3.25 50.91
C THR A 106 -66.70 -4.09 50.71
N ARG A 107 -67.58 -3.66 49.80
CA ARG A 107 -68.85 -4.34 49.61
C ARG A 107 -68.68 -5.64 48.83
N ALA A 108 -67.77 -5.65 47.86
CA ALA A 108 -67.55 -6.79 47.00
C ALA A 108 -66.07 -6.86 46.66
N HIS A 109 -65.59 -8.08 46.44
CA HIS A 109 -64.18 -8.29 46.15
C HIS A 109 -64.04 -9.50 45.25
N GLY A 110 -63.08 -9.44 44.35
CA GLY A 110 -62.77 -10.57 43.50
C GLY A 110 -61.62 -10.27 42.57
N ASN A 111 -60.89 -11.30 42.20
CA ASN A 111 -59.81 -11.19 41.22
C ASN A 111 -60.32 -11.68 39.87
N VAL A 112 -60.23 -10.81 38.86
CA VAL A 112 -60.83 -11.09 37.57
C VAL A 112 -59.81 -11.63 36.57
N GLN A 113 -58.62 -11.99 37.04
CA GLN A 113 -57.60 -12.50 36.13
C GLN A 113 -58.06 -13.83 35.54
N ASP A 114 -57.89 -13.97 34.23
CA ASP A 114 -58.21 -15.20 33.52
C ASP A 114 -56.97 -16.05 33.33
N ARG A 115 -57.18 -17.38 33.35
CA ARG A 115 -56.08 -18.31 33.19
C ARG A 115 -55.41 -18.15 31.82
N ILE A 116 -56.19 -17.87 30.79
CA ILE A 116 -55.70 -17.75 29.43
C ILE A 116 -56.22 -16.46 28.84
N GLY A 117 -55.31 -15.61 28.36
CA GLY A 117 -55.70 -14.37 27.70
C GLY A 117 -54.50 -13.54 27.29
N ARG A 118 -54.65 -12.74 26.23
CA ARG A 118 -53.57 -11.86 25.79
C ARG A 118 -53.82 -10.45 26.29
N PRO A 119 -52.91 -9.87 27.07
CA PRO A 119 -53.06 -8.45 27.45
C PRO A 119 -53.25 -7.57 26.22
N SER A 120 -54.24 -6.67 26.30
CA SER A 120 -54.53 -5.84 25.15
C SER A 120 -53.39 -4.84 24.91
N GLU A 121 -53.17 -4.47 23.65
CA GLU A 121 -52.15 -3.49 23.36
C GLU A 121 -52.54 -2.16 23.99
N THR A 122 -53.83 -1.81 23.90
CA THR A 122 -54.33 -0.60 24.52
C THR A 122 -54.46 -0.72 26.02
N GLY A 123 -54.46 -1.95 26.55
CA GLY A 123 -54.53 -2.15 27.98
C GLY A 123 -55.94 -2.35 28.47
N ILE A 124 -56.04 -2.53 29.79
CA ILE A 124 -57.34 -2.77 30.42
C ILE A 124 -58.21 -1.54 30.23
N ILE A 125 -59.47 -1.75 29.85
CA ILE A 125 -60.44 -0.67 29.70
C ILE A 125 -61.60 -0.98 30.64
N GLY A 126 -62.03 0.01 31.42
CA GLY A 126 -63.14 -0.17 32.33
C GLY A 126 -64.23 0.88 32.26
N ILE A 127 -65.49 0.45 32.17
CA ILE A 127 -66.64 1.35 32.04
C ILE A 127 -67.82 0.75 32.79
N ILE A 128 -68.78 1.63 33.12
CA ILE A 128 -69.97 1.22 33.86
C ILE A 128 -71.21 1.71 33.14
N ASP A 129 -72.24 0.88 33.15
CA ASP A 129 -73.49 1.18 32.46
C ASP A 129 -74.14 2.43 33.06
N PRO A 130 -74.79 3.26 32.25
CA PRO A 130 -75.50 4.42 32.82
C PRO A 130 -76.60 4.03 33.80
N GLU A 131 -77.26 2.90 33.58
CA GLU A 131 -78.22 2.38 34.54
C GLU A 131 -77.57 1.50 35.59
N CYS A 132 -76.24 1.43 35.60
CA CYS A 132 -75.50 0.63 36.57
C CYS A 132 -75.95 -0.82 36.53
N ARG A 133 -76.19 -1.35 35.31
CA ARG A 133 -76.57 -2.75 35.20
C ARG A 133 -75.34 -3.65 35.25
N MET A 134 -74.22 -3.20 34.69
CA MET A 134 -73.03 -4.03 34.61
C MET A 134 -71.79 -3.15 34.56
N ILE A 135 -70.65 -3.75 34.93
CA ILE A 135 -69.34 -3.15 34.78
C ILE A 135 -68.67 -3.83 33.59
N GLY A 136 -68.17 -3.02 32.65
CA GLY A 136 -67.51 -3.54 31.48
C GLY A 136 -66.01 -3.48 31.63
N LEU A 137 -65.37 -4.62 31.39
CA LEU A 137 -63.91 -4.74 31.48
C LEU A 137 -63.38 -5.44 30.24
N ARG A 138 -62.41 -4.82 29.59
CA ARG A 138 -61.67 -5.46 28.50
C ARG A 138 -60.25 -5.67 29.03
N LEU A 139 -60.03 -6.82 29.64
CA LEU A 139 -58.74 -7.16 30.24
C LEU A 139 -57.80 -7.74 29.21
N TYR A 140 -58.34 -8.48 28.24
CA TYR A 140 -57.54 -9.18 27.24
C TYR A 140 -58.15 -8.94 25.86
N ASP A 141 -57.28 -9.00 24.84
CA ASP A 141 -57.74 -8.89 23.46
C ASP A 141 -58.71 -10.01 23.12
N GLY A 142 -59.76 -9.65 22.40
CA GLY A 142 -60.74 -10.61 21.90
C GLY A 142 -61.75 -11.08 22.93
N LEU A 143 -61.74 -10.52 24.13
CA LEU A 143 -62.67 -10.89 25.18
C LEU A 143 -63.21 -9.65 25.86
N PHE A 144 -64.51 -9.65 26.15
CA PHE A 144 -65.17 -8.58 26.89
C PHE A 144 -65.78 -9.22 28.14
N LYS A 145 -65.32 -8.77 29.30
CA LYS A 145 -65.75 -9.34 30.58
C LYS A 145 -66.82 -8.46 31.21
N VAL A 146 -67.86 -9.09 31.73
CA VAL A 146 -69.01 -8.40 32.30
C VAL A 146 -69.14 -8.81 33.76
N ILE A 147 -69.09 -7.83 34.65
CA ILE A 147 -69.43 -8.05 36.05
C ILE A 147 -70.84 -7.49 36.25
N PRO A 148 -71.88 -8.32 36.34
CA PRO A 148 -73.23 -7.79 36.58
C PRO A 148 -73.35 -7.24 37.99
N LEU A 149 -73.93 -6.05 38.10
CA LEU A 149 -74.05 -5.37 39.39
C LEU A 149 -75.37 -5.73 40.07
N ASP A 150 -75.51 -7.02 40.40
CA ASP A 150 -76.63 -7.49 41.20
C ASP A 150 -76.25 -7.47 42.68
N ARG A 151 -77.27 -7.34 43.53
CA ARG A 151 -77.05 -7.24 44.97
C ARG A 151 -76.32 -8.47 45.52
N ASP A 152 -76.47 -9.62 44.89
CA ASP A 152 -75.91 -10.86 45.42
C ASP A 152 -74.47 -11.11 44.98
N ASN A 153 -73.96 -10.38 43.98
CA ASN A 153 -72.62 -10.62 43.47
C ASN A 153 -71.54 -9.98 44.36
N LYS A 154 -71.45 -10.46 45.60
CA LYS A 154 -70.47 -9.91 46.52
C LYS A 154 -69.06 -10.36 46.19
N GLU A 155 -68.90 -11.39 45.37
CA GLU A 155 -67.59 -11.85 44.93
C GLU A 155 -67.19 -11.30 43.57
N LEU A 156 -68.03 -10.47 42.96
CA LEU A 156 -67.76 -9.89 41.64
C LEU A 156 -67.43 -10.97 40.63
N LYS A 157 -68.24 -12.03 40.62
CA LYS A 157 -68.11 -13.06 39.60
C LYS A 157 -68.50 -12.48 38.24
N ALA A 158 -67.84 -12.98 37.20
CA ALA A 158 -68.02 -12.40 35.87
C ALA A 158 -67.91 -13.49 34.80
N PHE A 159 -68.37 -13.15 33.61
CA PHE A 159 -68.31 -14.02 32.45
C PHE A 159 -67.73 -13.24 31.27
N ASN A 160 -67.18 -13.98 30.32
CA ASN A 160 -66.60 -13.39 29.11
C ASN A 160 -67.50 -13.61 27.92
N ILE A 161 -67.60 -12.60 27.07
CA ILE A 161 -68.30 -12.67 25.80
C ILE A 161 -67.26 -12.61 24.69
N ARG A 162 -67.29 -13.58 23.78
CA ARG A 162 -66.36 -13.57 22.66
C ARG A 162 -66.56 -12.29 21.85
N LEU A 163 -65.46 -11.64 21.51
CA LEU A 163 -65.46 -10.39 20.77
C LEU A 163 -64.66 -10.59 19.48
N GLU A 164 -65.32 -10.41 18.34
CA GLU A 164 -64.67 -10.66 17.06
C GLU A 164 -63.52 -9.67 16.82
N GLU A 165 -63.73 -8.40 17.16
CA GLU A 165 -62.74 -7.36 16.91
C GLU A 165 -61.62 -7.48 17.94
N LEU A 166 -60.45 -7.96 17.49
CA LEU A 166 -59.38 -8.30 18.43
C LEU A 166 -58.63 -7.08 18.95
N HIS A 167 -58.36 -6.09 18.09
CA HIS A 167 -57.55 -4.93 18.45
C HIS A 167 -58.50 -3.76 18.65
N VAL A 168 -58.89 -3.51 19.89
CA VAL A 168 -59.86 -2.47 20.23
C VAL A 168 -59.13 -1.28 20.80
N ILE A 169 -59.44 -0.08 20.30
CA ILE A 169 -58.74 1.12 20.73
C ILE A 169 -59.36 1.69 21.99
N ASP A 170 -60.70 1.80 22.04
CA ASP A 170 -61.38 2.36 23.20
C ASP A 170 -62.85 1.94 23.17
N VAL A 171 -63.49 2.00 24.33
CA VAL A 171 -64.90 1.62 24.45
C VAL A 171 -65.55 2.41 25.58
N LYS A 172 -66.84 2.68 25.41
CA LYS A 172 -67.68 3.35 26.39
C LYS A 172 -69.09 2.79 26.30
N PHE A 173 -69.82 2.83 27.42
CA PHE A 173 -71.25 2.59 27.39
C PHE A 173 -71.97 3.83 26.88
N LEU A 174 -73.02 3.63 26.10
CA LEU A 174 -73.77 4.73 25.51
C LEU A 174 -74.99 5.09 26.35
N TYR A 175 -75.43 6.33 26.20
CA TYR A 175 -76.64 6.82 26.84
C TYR A 175 -77.83 6.68 25.87
N GLY A 176 -79.02 6.52 26.44
CA GLY A 176 -80.23 6.56 25.62
C GLY A 176 -80.50 5.33 24.80
N CYS A 177 -80.14 4.14 25.28
CA CYS A 177 -80.35 2.90 24.55
C CYS A 177 -81.35 1.99 25.26
N GLN A 178 -82.14 1.26 24.47
CA GLN A 178 -83.16 0.39 25.03
C GLN A 178 -82.54 -0.77 25.80
N ALA A 179 -81.40 -1.26 25.34
CA ALA A 179 -80.61 -2.28 26.00
C ALA A 179 -79.19 -1.76 26.14
N PRO A 180 -78.43 -2.22 27.14
CA PRO A 180 -77.06 -1.74 27.29
C PRO A 180 -76.25 -1.86 26.02
N THR A 181 -75.71 -0.75 25.53
CA THR A 181 -75.02 -0.69 24.27
C THR A 181 -73.62 -0.13 24.50
N ILE A 182 -72.62 -0.84 24.00
CA ILE A 182 -71.24 -0.38 24.02
C ILE A 182 -70.91 0.16 22.64
N CYS A 183 -70.16 1.27 22.61
CA CYS A 183 -69.65 1.83 21.37
C CYS A 183 -68.13 1.87 21.49
N PHE A 184 -67.45 1.36 20.48
CA PHE A 184 -66.00 1.22 20.55
C PHE A 184 -65.39 1.44 19.18
N VAL A 185 -64.14 1.89 19.19
CA VAL A 185 -63.31 1.99 17.99
C VAL A 185 -62.35 0.81 17.99
N TYR A 186 -62.23 0.13 16.85
CA TYR A 186 -61.34 -1.01 16.72
C TYR A 186 -60.51 -0.86 15.45
N GLN A 187 -59.43 -1.63 15.38
CA GLN A 187 -58.49 -1.59 14.27
C GLN A 187 -58.33 -2.96 13.64
N ASP A 188 -58.44 -3.02 12.32
CA ASP A 188 -58.17 -4.22 11.53
C ASP A 188 -57.34 -3.77 10.34
N PRO A 189 -56.94 -4.68 9.43
CA PRO A 189 -56.05 -4.25 8.34
C PRO A 189 -56.63 -3.18 7.43
N GLN A 190 -57.95 -2.97 7.42
CA GLN A 190 -58.55 -2.00 6.52
C GLN A 190 -58.64 -0.59 7.11
N GLY A 191 -58.04 -0.36 8.28
CA GLY A 191 -58.16 0.92 8.94
C GLY A 191 -58.85 0.82 10.28
N ARG A 192 -59.39 1.93 10.76
CA ARG A 192 -60.11 1.95 12.03
C ARG A 192 -61.59 2.21 11.81
N HIS A 193 -62.41 1.59 12.65
CA HIS A 193 -63.85 1.64 12.50
C HIS A 193 -64.49 1.86 13.87
N VAL A 194 -65.73 2.34 13.84
CA VAL A 194 -66.56 2.48 15.02
C VAL A 194 -67.72 1.51 14.87
N LYS A 195 -68.05 0.81 15.95
CA LYS A 195 -69.04 -0.26 15.90
C LYS A 195 -69.75 -0.31 17.25
N THR A 196 -70.96 -0.86 17.23
CA THR A 196 -71.78 -0.96 18.43
C THR A 196 -72.26 -2.38 18.65
N TYR A 197 -72.42 -2.74 19.92
CA TYR A 197 -73.03 -4.00 20.33
C TYR A 197 -74.01 -3.73 21.45
N GLU A 198 -74.95 -4.66 21.62
CA GLU A 198 -75.86 -4.69 22.75
C GLU A 198 -75.51 -5.93 23.57
N VAL A 199 -75.46 -5.78 24.90
CA VAL A 199 -75.08 -6.88 25.78
C VAL A 199 -76.35 -7.45 26.41
N SER A 200 -76.57 -8.75 26.23
CA SER A 200 -77.72 -9.43 26.79
C SER A 200 -77.26 -10.23 28.01
N LEU A 201 -77.67 -9.78 29.21
CA LEU A 201 -77.36 -10.54 30.41
C LEU A 201 -78.09 -11.87 30.45
N ARG A 202 -79.31 -11.95 29.91
CA ARG A 202 -80.01 -13.23 29.88
C ARG A 202 -79.29 -14.21 28.96
N GLU A 203 -78.89 -13.76 27.79
CA GLU A 203 -78.19 -14.62 26.84
C GLU A 203 -76.68 -14.64 27.06
N LYS A 204 -76.14 -13.69 27.82
CA LYS A 204 -74.70 -13.62 28.08
C LYS A 204 -73.92 -13.65 26.77
N GLU A 205 -74.30 -12.76 25.87
CA GLU A 205 -73.65 -12.60 24.58
C GLU A 205 -73.99 -11.23 24.03
N PHE A 206 -73.36 -10.90 22.90
CA PHE A 206 -73.68 -9.66 22.18
C PHE A 206 -74.85 -9.90 21.23
N ASN A 207 -75.63 -8.85 21.02
CA ASN A 207 -76.63 -8.78 19.96
C ASN A 207 -76.30 -7.60 19.06
N LYS A 208 -76.88 -7.59 17.86
CA LYS A 208 -76.60 -6.54 16.91
C LYS A 208 -76.80 -5.17 17.53
N GLY A 209 -75.89 -4.25 17.23
CA GLY A 209 -75.88 -2.94 17.84
C GLY A 209 -76.86 -1.99 17.19
N PRO A 210 -77.18 -0.88 17.89
CA PRO A 210 -78.23 0.02 17.37
C PRO A 210 -77.90 0.66 16.03
N TRP A 211 -76.66 1.06 15.78
CA TRP A 211 -76.33 1.69 14.51
C TRP A 211 -75.07 1.09 13.90
N LYS A 212 -74.99 1.24 12.58
CA LYS A 212 -74.04 0.51 11.76
C LYS A 212 -72.61 1.00 12.01
N GLN A 213 -71.66 0.19 11.56
CA GLN A 213 -70.26 0.57 11.59
C GLN A 213 -70.00 1.71 10.61
N GLU A 214 -69.05 2.56 10.99
CA GLU A 214 -68.55 3.62 10.12
C GLU A 214 -67.03 3.59 10.13
N ASN A 215 -66.43 3.82 8.96
CA ASN A 215 -64.98 3.97 8.87
C ASN A 215 -64.58 5.34 9.42
N VAL A 216 -63.56 5.35 10.28
CA VAL A 216 -63.17 6.57 10.97
C VAL A 216 -61.69 6.86 10.72
N GLU A 217 -61.21 7.96 11.29
CA GLU A 217 -59.83 8.37 11.11
C GLU A 217 -58.87 7.27 11.52
N ALA A 218 -57.74 7.20 10.81
CA ALA A 218 -56.76 6.15 11.09
C ALA A 218 -56.22 6.23 12.51
N GLU A 219 -56.13 7.45 13.06
CA GLU A 219 -55.62 7.67 14.41
C GLU A 219 -56.74 8.06 15.39
N ALA A 220 -57.95 7.56 15.17
CA ALA A 220 -59.03 7.75 16.14
C ALA A 220 -58.59 7.21 17.50
N SER A 221 -58.64 8.05 18.52
CA SER A 221 -58.04 7.73 19.81
C SER A 221 -59.05 7.51 20.93
N MET A 222 -60.08 8.33 21.05
CA MET A 222 -60.94 8.31 22.22
C MET A 222 -62.41 8.28 21.83
N VAL A 223 -63.21 7.57 22.63
CA VAL A 223 -64.64 7.42 22.40
C VAL A 223 -65.38 8.16 23.50
N ILE A 224 -66.33 9.01 23.10
CA ILE A 224 -67.13 9.83 24.00
C ILE A 224 -68.58 9.40 23.97
N ALA A 225 -69.15 9.14 25.15
CA ALA A 225 -70.58 8.85 25.27
C ALA A 225 -71.29 10.16 25.58
N VAL A 226 -72.09 10.64 24.64
CA VAL A 226 -72.80 11.91 24.82
C VAL A 226 -74.09 11.66 25.59
N PRO A 227 -74.51 12.59 26.48
CA PRO A 227 -75.68 12.34 27.31
C PRO A 227 -77.03 12.32 26.58
N GLU A 228 -78.09 12.09 27.34
CA GLU A 228 -79.41 11.82 26.77
C GLU A 228 -79.92 12.88 25.79
N PRO A 229 -79.77 14.18 26.04
CA PRO A 229 -80.34 15.17 25.13
C PRO A 229 -79.91 15.00 23.67
N PHE A 230 -78.65 14.66 23.44
CA PHE A 230 -78.15 14.39 22.09
C PHE A 230 -78.11 12.91 21.78
N GLY A 231 -77.51 12.11 22.66
CA GLY A 231 -77.30 10.70 22.40
C GLY A 231 -76.08 10.49 21.51
N GLY A 232 -75.81 9.24 21.20
CA GLY A 232 -74.71 8.93 20.31
C GLY A 232 -73.35 9.04 20.99
N ALA A 233 -72.33 9.27 20.16
CA ALA A 233 -70.96 9.32 20.65
C ALA A 233 -70.13 10.28 19.80
N ILE A 234 -69.06 10.78 20.40
CA ILE A 234 -68.07 11.61 19.71
C ILE A 234 -66.76 10.85 19.67
N ILE A 235 -66.05 10.94 18.54
CA ILE A 235 -64.77 10.27 18.33
C ILE A 235 -63.70 11.32 18.11
N ILE A 236 -62.67 11.32 18.96
CA ILE A 236 -61.58 12.28 18.91
C ILE A 236 -60.38 11.62 18.22
N GLY A 237 -59.82 12.30 17.23
CA GLY A 237 -58.64 11.83 16.52
C GLY A 237 -57.53 12.86 16.50
N GLN A 238 -56.54 12.67 15.64
CA GLN A 238 -55.47 13.66 15.53
C GLN A 238 -55.89 14.89 14.76
N GLU A 239 -56.63 14.70 13.67
CA GLU A 239 -56.99 15.80 12.79
C GLU A 239 -58.49 16.07 12.70
N SER A 240 -59.33 15.19 13.22
CA SER A 240 -60.77 15.31 13.03
C SER A 240 -61.53 14.86 14.27
N ILE A 241 -62.69 15.49 14.48
CA ILE A 241 -63.64 15.13 15.51
C ILE A 241 -64.96 14.79 14.81
N THR A 242 -65.55 13.65 15.16
CA THR A 242 -66.74 13.17 14.49
C THR A 242 -67.80 12.75 15.51
N TYR A 243 -69.06 13.02 15.18
CA TYR A 243 -70.20 12.63 16.00
C TYR A 243 -71.00 11.57 15.23
N HIS A 244 -71.33 10.47 15.91
CA HIS A 244 -72.06 9.37 15.30
C HIS A 244 -73.29 9.03 16.11
N ASN A 245 -74.44 8.95 15.43
CA ASN A 245 -75.66 8.47 16.08
C ASN A 245 -76.64 8.04 14.99
N GLY A 246 -76.65 6.75 14.68
CA GLY A 246 -77.56 6.23 13.67
C GLY A 246 -77.31 6.87 12.32
N ASP A 247 -78.33 7.59 11.83
CA ASP A 247 -78.23 8.26 10.55
C ASP A 247 -77.43 9.55 10.60
N LYS A 248 -77.33 10.17 11.78
CA LYS A 248 -76.64 11.44 11.93
C LYS A 248 -75.13 11.27 11.89
N TYR A 249 -74.44 12.18 11.19
CA TYR A 249 -72.99 12.17 11.15
C TYR A 249 -72.48 13.58 10.91
N LEU A 250 -71.69 14.09 11.86
CA LEU A 250 -71.07 15.41 11.76
C LEU A 250 -69.57 15.25 11.96
N ALA A 251 -68.79 16.00 11.18
CA ALA A 251 -67.34 15.94 11.24
C ALA A 251 -66.75 17.34 11.15
N ILE A 252 -65.96 17.71 12.15
CA ILE A 252 -65.24 18.98 12.17
C ILE A 252 -63.76 18.66 12.22
N ALA A 253 -62.98 19.35 11.39
CA ALA A 253 -61.54 19.13 11.28
C ALA A 253 -60.82 20.47 11.37
N PRO A 254 -60.79 21.05 12.58
CA PRO A 254 -60.11 22.35 12.72
C PRO A 254 -58.62 22.19 12.59
N PRO A 255 -57.92 23.19 12.04
CA PRO A 255 -56.45 23.06 11.88
C PRO A 255 -55.70 23.17 13.19
N ILE A 256 -56.33 23.69 14.26
CA ILE A 256 -55.62 23.94 15.50
C ILE A 256 -55.30 22.62 16.20
N ILE A 257 -56.21 21.65 16.14
CA ILE A 257 -56.00 20.40 16.86
C ILE A 257 -54.89 19.58 16.21
N LYS A 258 -54.64 19.76 14.91
CA LYS A 258 -53.63 18.96 14.23
C LYS A 258 -52.24 19.17 14.83
N GLN A 259 -52.00 20.35 15.41
CA GLN A 259 -50.67 20.68 15.90
C GLN A 259 -50.21 19.78 17.03
N SER A 260 -51.13 19.32 17.88
CA SER A 260 -50.77 18.51 19.04
C SER A 260 -51.84 17.46 19.30
N THR A 261 -51.40 16.29 19.76
CA THR A 261 -52.30 15.17 19.98
C THR A 261 -53.18 15.38 21.20
N ILE A 262 -54.48 15.14 21.05
CA ILE A 262 -55.43 15.25 22.14
C ILE A 262 -55.60 13.88 22.80
N VAL A 263 -55.44 13.80 24.11
CA VAL A 263 -55.46 12.53 24.83
C VAL A 263 -56.44 12.50 25.99
N CYS A 264 -57.22 13.55 26.23
CA CYS A 264 -58.19 13.53 27.33
C CYS A 264 -59.47 14.29 26.98
N HIS A 265 -60.58 13.79 27.51
CA HIS A 265 -61.89 14.41 27.36
C HIS A 265 -62.66 14.33 28.66
N ASN A 266 -63.37 15.41 28.99
CA ASN A 266 -64.24 15.48 30.16
C ASN A 266 -65.47 16.30 29.79
N ARG A 267 -66.60 15.95 30.39
CA ARG A 267 -67.87 16.62 30.13
C ARG A 267 -68.01 17.82 31.06
N VAL A 268 -68.32 18.98 30.47
CA VAL A 268 -68.43 20.23 31.21
C VAL A 268 -69.90 20.44 31.58
N ASP A 269 -70.78 20.49 30.56
CA ASP A 269 -72.22 20.66 30.80
C ASP A 269 -72.90 19.30 30.89
N PRO A 270 -73.68 19.05 31.94
CA PRO A 270 -74.21 17.68 32.16
C PRO A 270 -75.03 17.14 31.02
N ASN A 271 -75.70 18.01 30.27
CA ASN A 271 -76.51 17.58 29.13
C ASN A 271 -75.68 17.33 27.88
N GLY A 272 -74.37 17.53 27.94
CA GLY A 272 -73.47 17.24 26.84
C GLY A 272 -73.21 18.41 25.92
N SER A 273 -73.67 19.62 26.27
CA SER A 273 -73.51 20.76 25.39
C SER A 273 -72.06 21.22 25.31
N ARG A 274 -71.22 20.84 26.27
CA ARG A 274 -69.81 21.21 26.27
C ARG A 274 -68.94 20.05 26.75
N TYR A 275 -67.79 19.87 26.10
CA TYR A 275 -66.77 18.89 26.49
C TYR A 275 -65.41 19.58 26.47
N LEU A 276 -64.52 19.15 27.36
CA LEU A 276 -63.17 19.71 27.48
C LEU A 276 -62.15 18.74 26.88
N LEU A 277 -61.26 19.28 26.04
CA LEU A 277 -60.23 18.52 25.35
C LEU A 277 -58.87 19.10 25.73
N GLY A 278 -57.89 18.24 25.97
CA GLY A 278 -56.54 18.67 26.24
C GLY A 278 -55.53 17.94 25.38
N ASP A 279 -54.41 18.60 25.13
CA ASP A 279 -53.38 18.05 24.25
C ASP A 279 -52.01 18.09 24.93
N MET A 280 -51.06 17.40 24.30
CA MET A 280 -49.73 17.19 24.88
C MET A 280 -48.93 18.47 24.99
N GLU A 281 -49.32 19.53 24.28
CA GLU A 281 -48.66 20.82 24.44
C GLU A 281 -49.30 21.66 25.54
N GLY A 282 -50.27 21.11 26.26
CA GLY A 282 -50.93 21.80 27.35
C GLY A 282 -52.09 22.69 26.99
N ARG A 283 -52.43 22.80 25.71
CA ARG A 283 -53.54 23.67 25.33
C ARG A 283 -54.86 23.03 25.75
N LEU A 284 -55.79 23.87 26.20
CA LEU A 284 -57.11 23.43 26.65
C LEU A 284 -58.16 23.94 25.68
N PHE A 285 -58.94 23.01 25.12
CA PHE A 285 -59.96 23.30 24.13
C PHE A 285 -61.34 23.02 24.71
N MET A 286 -62.38 23.44 23.97
CA MET A 286 -63.76 23.12 24.33
C MET A 286 -64.52 22.66 23.09
N LEU A 287 -65.06 21.45 23.12
CA LEU A 287 -65.90 20.96 22.04
C LEU A 287 -67.33 21.36 22.38
N LEU A 288 -67.89 22.29 21.62
CA LEU A 288 -69.22 22.84 21.86
C LEU A 288 -70.22 22.13 20.94
N LEU A 289 -71.33 21.69 21.52
CA LEU A 289 -72.41 21.06 20.76
C LEU A 289 -73.53 22.08 20.58
N GLU A 290 -73.71 22.54 19.33
CA GLU A 290 -74.70 23.56 18.99
C GLU A 290 -76.05 22.90 18.71
N LYS A 291 -77.03 23.19 19.56
CA LYS A 291 -78.33 22.54 19.46
C LYS A 291 -79.24 23.19 18.43
N GLU A 292 -80.02 22.36 17.72
CA GLU A 292 -81.08 22.79 16.82
C GLU A 292 -82.33 21.97 17.10
N GLU A 293 -83.36 22.62 17.63
CA GLU A 293 -84.62 21.93 17.94
C GLU A 293 -85.59 22.01 16.76
N GLN A 294 -86.31 20.92 16.53
CA GLN A 294 -87.36 20.87 15.50
C GLN A 294 -88.70 21.22 16.15
N MET A 295 -89.68 21.58 15.30
CA MET A 295 -91.00 21.90 15.81
C MET A 295 -91.59 20.72 16.59
N ASP A 296 -91.17 19.50 16.24
CA ASP A 296 -91.58 18.32 17.00
C ASP A 296 -91.13 18.39 18.45
N GLY A 297 -90.11 19.19 18.76
CA GLY A 297 -89.51 19.19 20.07
C GLY A 297 -88.29 18.31 20.23
N THR A 298 -87.90 17.58 19.19
CA THR A 298 -86.72 16.72 19.26
C THR A 298 -85.46 17.57 19.15
N VAL A 299 -84.56 17.43 20.11
CA VAL A 299 -83.31 18.17 20.13
C VAL A 299 -82.30 17.37 19.32
N THR A 300 -81.76 17.98 18.27
CA THR A 300 -80.75 17.37 17.41
C THR A 300 -79.47 18.19 17.44
N LEU A 301 -78.36 17.52 17.14
CA LEU A 301 -77.07 18.19 17.08
C LEU A 301 -76.91 18.90 15.74
N LYS A 302 -76.64 20.20 15.78
CA LYS A 302 -76.53 21.00 14.57
C LYS A 302 -75.11 21.00 14.02
N ASP A 303 -74.12 21.27 14.87
CA ASP A 303 -72.73 21.32 14.43
C ASP A 303 -71.83 21.25 15.65
N LEU A 304 -70.54 21.05 15.39
CA LEU A 304 -69.51 20.98 16.42
C LEU A 304 -68.51 22.10 16.19
N ARG A 305 -68.02 22.69 17.28
CA ARG A 305 -67.06 23.77 17.24
C ARG A 305 -66.04 23.58 18.35
N VAL A 306 -64.79 23.92 18.07
CA VAL A 306 -63.71 23.82 19.05
C VAL A 306 -63.13 25.22 19.25
N GLU A 307 -62.95 25.62 20.51
CA GLU A 307 -62.44 26.94 20.85
C GLU A 307 -61.30 26.81 21.85
N LEU A 308 -60.17 27.44 21.52
CA LEU A 308 -59.02 27.44 22.42
C LEU A 308 -59.27 28.38 23.59
N LEU A 309 -59.07 27.89 24.81
CA LEU A 309 -59.25 28.65 26.04
C LEU A 309 -57.94 29.17 26.62
N GLY A 310 -56.87 28.38 26.59
CA GLY A 310 -55.60 28.79 27.18
C GLY A 310 -54.67 27.60 27.27
N GLU A 311 -53.76 27.66 28.24
CA GLU A 311 -52.79 26.59 28.42
C GLU A 311 -52.92 26.01 29.83
N THR A 312 -52.90 24.68 29.90
CA THR A 312 -52.90 23.90 31.12
C THR A 312 -51.72 22.95 31.12
N SER A 313 -51.61 22.11 32.14
CA SER A 313 -50.66 21.02 32.13
C SER A 313 -51.12 19.86 31.23
N ILE A 314 -50.15 19.12 30.72
CA ILE A 314 -50.45 17.91 29.95
C ILE A 314 -51.28 17.00 30.83
N ALA A 315 -52.48 16.64 30.37
CA ALA A 315 -53.45 15.95 31.21
C ALA A 315 -53.61 14.51 30.73
N GLU A 316 -53.35 13.55 31.62
CA GLU A 316 -53.76 12.17 31.35
C GLU A 316 -55.28 12.06 31.52
N CYS A 317 -55.84 12.80 32.49
CA CYS A 317 -57.27 12.86 32.74
C CYS A 317 -57.64 14.28 33.13
N LEU A 318 -58.86 14.70 32.77
CA LEU A 318 -59.41 16.01 33.12
C LEU A 318 -60.71 15.88 33.93
N THR A 319 -60.97 16.89 34.76
CA THR A 319 -62.19 16.96 35.57
C THR A 319 -62.67 18.39 35.75
N TYR A 320 -63.94 18.65 35.44
CA TYR A 320 -64.56 19.95 35.71
C TYR A 320 -65.12 19.91 37.14
N LEU A 321 -64.75 20.90 37.95
CA LEU A 321 -65.11 20.95 39.35
C LEU A 321 -66.20 21.98 39.67
N ASP A 322 -67.14 22.18 38.75
CA ASP A 322 -68.25 23.11 38.99
C ASP A 322 -67.67 24.50 39.28
N ASN A 323 -68.54 25.51 39.39
CA ASN A 323 -68.09 26.91 39.44
C ASN A 323 -67.40 27.08 38.10
N GLY A 324 -66.11 27.38 38.03
CA GLY A 324 -65.39 27.34 36.77
C GLY A 324 -64.15 26.48 36.92
N VAL A 325 -63.97 25.90 38.11
CA VAL A 325 -62.73 25.20 38.46
C VAL A 325 -62.64 23.86 37.74
N VAL A 326 -61.45 23.56 37.22
CA VAL A 326 -61.18 22.32 36.49
C VAL A 326 -59.87 21.78 37.04
N PHE A 327 -59.87 20.52 37.50
CA PHE A 327 -58.65 19.89 37.96
C PHE A 327 -57.97 19.20 36.78
N VAL A 328 -56.67 19.44 36.63
CA VAL A 328 -55.88 18.93 35.52
C VAL A 328 -55.01 17.81 36.06
N GLY A 329 -55.33 16.57 35.71
CA GLY A 329 -54.53 15.45 36.18
C GLY A 329 -53.34 15.22 35.27
N SER A 330 -52.15 15.53 35.78
CA SER A 330 -50.93 15.50 35.01
C SER A 330 -50.02 14.39 35.51
N ARG A 331 -49.41 13.68 34.57
CA ARG A 331 -48.43 12.65 34.85
C ARG A 331 -47.01 13.12 34.55
N LEU A 332 -46.86 14.21 33.79
CA LEU A 332 -45.56 14.72 33.39
C LEU A 332 -45.17 16.02 34.07
N GLY A 333 -46.11 16.75 34.67
CA GLY A 333 -45.80 18.00 35.34
C GLY A 333 -46.73 18.26 36.50
N ASP A 334 -46.70 19.47 37.05
CA ASP A 334 -47.54 19.77 38.19
C ASP A 334 -49.01 19.74 37.77
N SER A 335 -49.83 19.11 38.59
CA SER A 335 -51.27 19.17 38.38
C SER A 335 -51.78 20.55 38.82
N GLN A 336 -53.02 20.84 38.45
CA GLN A 336 -53.54 22.19 38.65
C GLN A 336 -55.04 22.20 38.81
N LEU A 337 -55.52 23.24 39.49
CA LEU A 337 -56.89 23.70 39.46
C LEU A 337 -56.92 24.99 38.65
N VAL A 338 -57.76 25.03 37.61
CA VAL A 338 -57.89 26.19 36.75
C VAL A 338 -59.35 26.51 36.52
N LYS A 339 -59.67 27.80 36.45
CA LYS A 339 -61.02 28.30 36.21
C LYS A 339 -61.09 28.84 34.79
N LEU A 340 -62.12 28.44 34.06
CA LEU A 340 -62.34 28.92 32.69
C LEU A 340 -63.28 30.12 32.83
N ASN A 341 -62.79 31.30 32.49
CA ASN A 341 -63.55 32.54 32.66
C ASN A 341 -64.22 32.93 31.35
N VAL A 342 -65.28 33.75 31.49
CA VAL A 342 -66.05 34.14 30.31
C VAL A 342 -65.32 35.19 29.49
N ASP A 343 -64.64 36.12 30.13
CA ASP A 343 -63.87 37.14 29.43
C ASP A 343 -62.40 36.74 29.40
N SER A 344 -61.77 36.92 28.25
CA SER A 344 -60.35 36.69 28.10
C SER A 344 -59.57 37.84 28.73
N ASN A 345 -58.32 37.56 29.10
CA ASN A 345 -57.45 38.58 29.65
C ASN A 345 -56.78 39.32 28.50
N GLU A 346 -55.86 40.23 28.80
CA GLU A 346 -55.23 41.04 27.76
C GLU A 346 -54.34 40.25 26.81
N GLN A 347 -53.99 39.02 27.17
CA GLN A 347 -53.19 38.16 26.31
C GLN A 347 -54.04 37.25 25.44
N GLY A 348 -55.36 37.27 25.62
CA GLY A 348 -56.26 36.42 24.88
C GLY A 348 -56.63 35.11 25.53
N SER A 349 -56.22 34.89 26.78
CA SER A 349 -56.46 33.63 27.47
C SER A 349 -57.67 33.73 28.38
N TYR A 350 -58.44 32.64 28.45
CA TYR A 350 -59.56 32.53 29.38
C TYR A 350 -59.20 31.72 30.62
N VAL A 351 -57.96 31.27 30.74
CA VAL A 351 -57.52 30.38 31.81
C VAL A 351 -56.53 31.12 32.68
N VAL A 352 -56.75 31.09 33.99
CA VAL A 352 -55.87 31.70 34.98
C VAL A 352 -55.61 30.66 36.06
N ALA A 353 -54.33 30.42 36.35
CA ALA A 353 -53.97 29.38 37.31
C ALA A 353 -54.43 29.81 38.71
N MET A 354 -55.14 28.92 39.39
CA MET A 354 -55.59 29.16 40.76
C MET A 354 -54.69 28.46 41.77
N GLU A 355 -54.66 27.13 41.73
CA GLU A 355 -53.89 26.32 42.67
C GLU A 355 -52.94 25.43 41.89
N THR A 356 -51.74 25.23 42.43
CA THR A 356 -50.71 24.40 41.80
C THR A 356 -50.23 23.36 42.80
N PHE A 357 -50.16 22.10 42.35
CA PHE A 357 -49.82 20.96 43.20
C PHE A 357 -48.51 20.35 42.75
N THR A 358 -47.54 20.30 43.67
CA THR A 358 -46.21 19.79 43.33
C THR A 358 -46.28 18.35 42.84
N ASN A 359 -45.72 18.12 41.66
CA ASN A 359 -45.54 16.77 41.12
C ASN A 359 -44.08 16.62 40.72
N LEU A 360 -43.36 15.72 41.40
CA LEU A 360 -41.98 15.47 41.01
C LEU A 360 -41.86 14.84 39.61
N GLY A 361 -42.99 14.57 38.95
CA GLY A 361 -42.96 14.12 37.57
C GLY A 361 -42.06 12.93 37.40
N PRO A 362 -41.81 12.54 36.15
CA PRO A 362 -40.83 11.48 35.89
C PRO A 362 -39.45 11.91 36.34
N ILE A 363 -38.85 11.13 37.24
CA ILE A 363 -37.50 11.38 37.73
C ILE A 363 -36.56 10.59 36.82
N VAL A 364 -36.02 11.25 35.80
CA VAL A 364 -35.17 10.55 34.84
C VAL A 364 -33.81 10.27 35.45
N ASP A 365 -33.28 11.19 36.26
CA ASP A 365 -32.00 11.01 36.92
C ASP A 365 -31.99 11.89 38.16
N MET A 366 -31.03 11.65 39.05
CA MET A 366 -30.91 12.45 40.26
C MET A 366 -29.53 12.24 40.86
N CYS A 367 -29.09 13.24 41.62
CA CYS A 367 -27.82 13.18 42.35
C CYS A 367 -28.04 13.77 43.74
N VAL A 368 -27.26 13.30 44.71
CA VAL A 368 -27.32 13.79 46.07
C VAL A 368 -26.11 14.67 46.28
N VAL A 369 -26.32 15.90 46.72
CA VAL A 369 -25.24 16.87 46.87
C VAL A 369 -25.46 17.61 48.17
N ASP A 370 -24.36 17.87 48.89
CA ASP A 370 -24.39 18.67 50.10
C ASP A 370 -24.06 20.09 49.67
N LEU A 371 -25.10 20.87 49.34
CA LEU A 371 -24.90 22.22 48.84
C LEU A 371 -24.47 23.19 49.94
N GLU A 372 -25.12 23.12 51.10
CA GLU A 372 -24.88 24.07 52.18
C GLU A 372 -23.79 23.63 53.15
N ARG A 373 -23.13 22.50 52.90
CA ARG A 373 -22.08 21.95 53.73
C ARG A 373 -22.55 21.66 55.15
N GLN A 374 -23.87 21.51 55.35
CA GLN A 374 -24.48 21.16 56.62
C GLN A 374 -24.52 19.66 56.91
N GLY A 375 -23.65 18.84 56.33
CA GLY A 375 -23.71 17.42 56.62
C GLY A 375 -25.02 16.76 56.27
N GLN A 376 -25.79 17.36 55.36
CA GLN A 376 -27.08 16.84 54.94
C GLN A 376 -27.14 16.81 53.43
N GLY A 377 -27.65 15.70 52.89
CA GLY A 377 -27.78 15.57 51.46
C GLY A 377 -29.01 16.30 50.92
N GLN A 378 -28.86 16.89 49.74
CA GLN A 378 -29.92 17.51 48.98
C GLN A 378 -30.03 16.73 47.69
N LEU A 379 -31.24 16.38 47.30
CA LEU A 379 -31.50 15.55 46.13
C LEU A 379 -31.97 16.49 45.02
N VAL A 380 -31.12 16.70 44.02
CA VAL A 380 -31.48 17.47 42.84
C VAL A 380 -31.90 16.46 41.78
N THR A 381 -33.14 16.56 41.31
CA THR A 381 -33.72 15.56 40.44
C THR A 381 -34.07 16.17 39.09
N CYS A 382 -33.80 15.40 38.04
CA CYS A 382 -34.30 15.72 36.71
C CYS A 382 -35.73 15.23 36.64
N SER A 383 -36.68 16.17 36.67
CA SER A 383 -38.09 15.86 36.80
C SER A 383 -38.89 16.51 35.67
N GLY A 384 -39.95 15.83 35.26
CA GLY A 384 -40.84 16.34 34.25
C GLY A 384 -40.36 16.06 32.84
N ALA A 385 -41.19 16.48 31.88
CA ALA A 385 -40.85 16.36 30.47
C ALA A 385 -41.43 17.53 29.70
N PHE A 386 -40.79 17.86 28.58
CA PHE A 386 -41.27 18.89 27.66
C PHE A 386 -41.41 20.20 28.42
N LYS A 387 -42.53 20.91 28.29
CA LYS A 387 -42.70 22.20 28.95
C LYS A 387 -42.62 22.08 30.45
N GLU A 388 -42.94 20.91 31.00
CA GLU A 388 -42.93 20.70 32.43
C GLU A 388 -41.56 20.32 32.98
N GLY A 389 -40.54 20.25 32.12
CA GLY A 389 -39.22 19.88 32.60
C GLY A 389 -38.74 20.83 33.69
N SER A 390 -38.11 20.26 34.70
CA SER A 390 -37.69 21.06 35.85
C SER A 390 -36.57 20.34 36.59
N LEU A 391 -35.83 21.13 37.37
CA LEU A 391 -34.91 20.61 38.36
C LEU A 391 -35.56 20.85 39.73
N ARG A 392 -35.60 19.82 40.55
CA ARG A 392 -36.26 19.88 41.85
C ARG A 392 -35.23 19.59 42.92
N ILE A 393 -34.97 20.58 43.78
CA ILE A 393 -34.05 20.42 44.89
C ILE A 393 -34.87 20.08 46.13
N ILE A 394 -34.57 18.93 46.73
CA ILE A 394 -35.38 18.37 47.80
C ILE A 394 -34.50 18.21 49.04
N ARG A 395 -34.98 18.70 50.18
CA ARG A 395 -34.29 18.56 51.45
C ARG A 395 -35.30 18.19 52.53
N ASN A 396 -34.82 17.48 53.56
CA ASN A 396 -35.65 17.10 54.70
C ASN A 396 -35.72 18.24 55.71
N GLY A 397 -36.41 19.31 55.30
CA GLY A 397 -36.57 20.47 56.16
C GLY A 397 -37.50 20.20 57.33
N GLN A 408 -41.77 18.22 60.82
CA GLN A 408 -40.79 18.12 59.75
C GLN A 408 -41.47 17.70 58.45
N LYS A 409 -41.24 18.48 57.39
CA LYS A 409 -41.81 18.23 56.06
C LYS A 409 -40.68 18.32 55.04
N LEU A 410 -40.93 17.82 53.83
CA LEU A 410 -39.93 17.90 52.78
C LEU A 410 -40.05 19.24 52.06
N HIS A 411 -38.92 19.92 51.90
CA HIS A 411 -38.85 21.18 51.18
C HIS A 411 -38.39 20.92 49.74
N ILE A 412 -39.19 21.37 48.78
CA ILE A 412 -38.92 21.13 47.36
C ILE A 412 -38.89 22.47 46.66
N ARG A 413 -37.73 22.80 46.09
CA ARG A 413 -37.57 23.98 45.25
C ARG A 413 -37.58 23.55 43.79
N THR A 414 -38.22 24.37 42.95
CA THR A 414 -38.40 24.03 41.53
C THR A 414 -37.67 25.02 40.65
N VAL A 415 -36.89 24.51 39.70
CA VAL A 415 -36.20 25.31 38.70
C VAL A 415 -36.82 24.99 37.35
N PRO A 416 -37.66 25.86 36.79
CA PRO A 416 -38.30 25.54 35.51
C PRO A 416 -37.28 25.53 34.36
N LEU A 417 -37.36 24.49 33.54
CA LEU A 417 -36.51 24.36 32.36
C LEU A 417 -37.25 24.45 31.05
N TYR A 418 -38.54 24.10 31.02
CA TYR A 418 -39.37 24.14 29.82
C TYR A 418 -38.85 23.24 28.70
N GLU A 419 -37.93 22.34 29.03
CA GLU A 419 -37.47 21.29 28.11
C GLU A 419 -37.16 20.06 28.95
N SER A 420 -36.98 18.93 28.27
CA SER A 420 -36.86 17.65 28.95
C SER A 420 -35.46 17.48 29.54
N PRO A 421 -35.31 17.28 30.85
CA PRO A 421 -34.00 16.92 31.40
C PRO A 421 -33.75 15.42 31.38
N ARG A 422 -32.50 15.05 31.11
CA ARG A 422 -32.14 13.65 30.88
C ARG A 422 -31.19 13.10 31.94
N LYS A 423 -30.07 13.79 32.19
CA LYS A 423 -29.10 13.36 33.19
C LYS A 423 -28.56 14.58 33.92
N ILE A 424 -28.15 14.37 35.17
CA ILE A 424 -27.58 15.44 36.00
C ILE A 424 -26.37 14.91 36.75
N CYS A 425 -25.33 15.74 36.80
CA CYS A 425 -24.11 15.44 37.53
C CYS A 425 -23.61 16.73 38.17
N TYR A 426 -22.85 16.60 39.26
CA TYR A 426 -22.40 17.75 40.03
C TYR A 426 -20.88 17.87 39.96
N GLN A 427 -20.41 19.09 39.68
CA GLN A 427 -18.99 19.41 39.59
C GLN A 427 -18.72 20.47 40.65
N GLU A 428 -18.27 20.03 41.83
CA GLU A 428 -18.03 20.97 42.92
C GLU A 428 -16.97 21.99 42.54
N VAL A 429 -15.92 21.55 41.85
CA VAL A 429 -14.82 22.47 41.50
C VAL A 429 -15.37 23.73 40.84
N SER A 430 -16.43 23.58 40.05
CA SER A 430 -17.01 24.69 39.31
C SER A 430 -18.26 25.27 39.96
N GLN A 431 -18.60 24.82 41.17
CA GLN A 431 -19.78 25.32 41.87
C GLN A 431 -21.00 25.32 40.96
N CYS A 432 -21.15 24.24 40.18
CA CYS A 432 -22.21 24.19 39.20
C CYS A 432 -22.70 22.76 39.02
N PHE A 433 -23.83 22.63 38.34
CA PHE A 433 -24.40 21.35 37.94
C PHE A 433 -24.35 21.23 36.43
N GLY A 434 -24.01 20.04 35.94
CA GLY A 434 -24.11 19.73 34.52
C GLY A 434 -25.36 18.93 34.24
N VAL A 435 -26.17 19.41 33.29
CA VAL A 435 -27.45 18.81 32.98
C VAL A 435 -27.58 18.60 31.47
N LEU A 436 -27.95 17.39 31.08
CA LEU A 436 -28.29 17.07 29.69
C LEU A 436 -29.79 17.26 29.48
N SER A 437 -30.14 17.98 28.41
CA SER A 437 -31.53 18.31 28.12
C SER A 437 -31.80 18.13 26.63
N SER A 438 -33.07 17.92 26.30
CA SER A 438 -33.53 17.84 24.91
C SER A 438 -34.79 18.67 24.77
N ARG A 439 -34.89 19.41 23.67
CA ARG A 439 -36.06 20.23 23.37
C ARG A 439 -36.61 19.85 21.99
N ILE A 440 -37.90 20.08 21.80
CA ILE A 440 -38.60 19.70 20.57
C ILE A 440 -38.68 20.91 19.65
N GLU A 441 -38.08 20.80 18.48
CA GLU A 441 -38.29 21.73 17.39
C GLU A 441 -38.99 21.02 16.25
N VAL A 442 -39.60 21.80 15.35
CA VAL A 442 -40.40 21.27 14.27
C VAL A 442 -39.85 21.78 12.94
N GLN A 443 -39.83 20.92 11.94
CA GLN A 443 -39.35 21.32 10.62
C GLN A 443 -40.22 22.46 10.10
N ASP A 444 -39.58 23.57 9.73
CA ASP A 444 -40.29 24.75 9.29
C ASP A 444 -40.00 25.03 7.82
N THR A 445 -40.64 26.07 7.29
CA THR A 445 -40.54 26.37 5.87
C THR A 445 -39.13 26.78 5.46
N SER A 446 -38.28 27.17 6.40
CA SER A 446 -36.93 27.57 6.05
C SER A 446 -36.03 26.38 5.71
N GLY A 447 -36.48 25.15 5.98
CA GLY A 447 -35.63 24.00 5.87
C GLY A 447 -34.98 23.59 7.17
N GLY A 448 -34.86 24.53 8.12
CA GLY A 448 -34.40 24.23 9.46
C GLY A 448 -35.54 23.84 10.37
N THR A 449 -35.38 24.11 11.66
CA THR A 449 -36.39 23.81 12.65
C THR A 449 -36.60 25.03 13.55
N THR A 450 -37.78 25.10 14.14
CA THR A 450 -38.17 26.20 15.01
C THR A 450 -38.70 25.64 16.32
N ALA A 451 -38.26 26.23 17.43
CA ALA A 451 -38.69 25.77 18.75
C ALA A 451 -40.08 26.31 19.10
N LEU A 452 -40.90 25.44 19.69
CA LEU A 452 -42.27 25.81 20.03
C LEU A 452 -42.32 26.88 21.11
N ARG A 453 -41.28 26.95 21.95
CA ARG A 453 -41.23 27.89 23.06
C ARG A 453 -39.77 28.06 23.48
N PRO A 454 -39.43 29.19 24.10
CA PRO A 454 -38.08 29.32 24.65
C PRO A 454 -37.90 28.45 25.88
N SER A 455 -36.67 27.96 26.07
CA SER A 455 -36.38 27.03 27.15
C SER A 455 -34.94 27.21 27.60
N ALA A 456 -34.53 26.37 28.56
CA ALA A 456 -33.24 26.56 29.22
C ALA A 456 -32.11 26.61 28.20
N SER A 457 -32.13 25.73 27.20
CA SER A 457 -31.02 25.68 26.25
C SER A 457 -30.96 26.92 25.37
N THR A 458 -32.06 27.64 25.22
CA THR A 458 -32.11 28.86 24.43
C THR A 458 -31.94 30.12 25.28
N GLN A 459 -32.07 30.00 26.61
CA GLN A 459 -31.97 31.15 27.51
C GLN A 459 -30.70 31.13 28.33
N ALA A 460 -29.69 30.37 27.92
CA ALA A 460 -28.42 30.37 28.62
C ALA A 460 -27.69 31.69 28.39
N LEU A 461 -26.87 32.07 29.38
CA LEU A 461 -26.12 33.32 29.26
C LEU A 461 -25.20 33.30 28.05
N SER A 462 -24.28 32.34 28.02
CA SER A 462 -23.42 32.09 26.87
C SER A 462 -23.79 30.74 26.26
N SER A 463 -23.51 30.59 24.97
CA SER A 463 -23.90 29.38 24.26
C SER A 463 -22.82 28.98 23.26
N SER A 464 -22.83 27.69 22.91
CA SER A 464 -21.89 27.12 21.95
C SER A 464 -22.57 25.95 21.25
N VAL A 465 -22.08 25.64 20.04
CA VAL A 465 -22.60 24.54 19.24
C VAL A 465 -21.45 23.70 18.72
N SER A 466 -21.58 22.38 18.83
CA SER A 466 -20.50 21.51 18.40
C SER A 466 -20.24 21.69 16.92
N SER A 467 -18.96 21.74 16.56
CA SER A 467 -18.52 21.83 15.18
C SER A 467 -17.75 20.58 14.75
N SER A 468 -17.99 19.45 15.42
CA SER A 468 -17.26 18.23 15.13
C SER A 468 -17.46 17.83 13.68
N LYS A 469 -16.38 17.36 13.04
CA LYS A 469 -16.42 16.95 11.65
C LYS A 469 -16.48 15.43 11.51
N LEU A 470 -16.73 14.72 12.61
CA LEU A 470 -16.54 13.28 12.63
C LEU A 470 -17.50 12.58 11.66
N PHE A 471 -18.80 12.81 11.82
CA PHE A 471 -19.81 12.22 10.95
C PHE A 471 -20.29 13.13 9.84
N SER A 472 -19.69 14.31 9.70
CA SER A 472 -20.16 15.29 8.71
C SER A 472 -20.33 14.68 7.32
N SER A 473 -19.35 13.92 6.86
CA SER A 473 -19.41 13.38 5.50
C SER A 473 -20.61 12.47 5.31
N SER A 474 -20.82 11.52 6.22
CA SER A 474 -21.96 10.58 6.20
C SER A 474 -22.06 9.97 4.80
N THR A 475 -23.25 9.96 4.18
CA THR A 475 -23.43 9.52 2.81
C THR A 475 -24.36 10.50 2.08
N ALA A 476 -25.63 10.55 2.51
CA ALA A 476 -26.57 11.53 1.99
C ALA A 476 -27.65 11.86 2.99
N PRO A 477 -28.09 13.12 3.07
CA PRO A 477 -29.13 13.51 4.04
C PRO A 477 -30.47 12.85 3.79
N HIS A 478 -31.12 12.43 4.87
CA HIS A 478 -32.44 11.81 4.77
C HIS A 478 -33.52 12.86 4.55
N GLU A 479 -34.62 12.46 3.89
CA GLU A 479 -35.68 13.38 3.51
C GLU A 479 -36.42 13.92 4.74
N THR A 480 -36.70 15.23 4.72
CA THR A 480 -37.39 15.91 5.81
C THR A 480 -38.72 16.49 5.31
N SER A 481 -39.78 16.29 6.09
CA SER A 481 -41.11 16.81 5.78
C SER A 481 -41.50 17.89 6.78
N PHE A 482 -42.07 18.99 6.29
CA PHE A 482 -42.49 20.07 7.17
C PHE A 482 -43.48 19.56 8.21
N GLY A 483 -43.32 20.03 9.44
CA GLY A 483 -44.20 19.67 10.53
C GLY A 483 -43.71 18.53 11.39
N GLU A 484 -42.69 17.79 10.93
CA GLU A 484 -42.15 16.68 11.73
C GLU A 484 -41.36 17.21 12.92
N GLU A 485 -41.40 16.45 14.01
CA GLU A 485 -40.69 16.82 15.22
C GLU A 485 -39.27 16.26 15.23
N VAL A 486 -38.36 17.01 15.87
CA VAL A 486 -36.99 16.57 16.08
C VAL A 486 -36.57 16.95 17.49
N GLU A 487 -35.64 16.18 18.04
CA GLU A 487 -35.08 16.48 19.36
C GLU A 487 -33.75 17.19 19.17
N VAL A 488 -33.52 18.24 19.97
CA VAL A 488 -32.26 18.95 19.98
C VAL A 488 -31.70 18.80 21.38
N HIS A 489 -30.50 18.24 21.47
CA HIS A 489 -29.90 17.89 22.75
C HIS A 489 -28.82 18.91 23.13
N ASN A 490 -28.77 19.23 24.42
CA ASN A 490 -27.85 20.24 24.92
C ASN A 490 -27.22 19.78 26.23
N LEU A 491 -26.11 20.42 26.56
CA LEU A 491 -25.47 20.30 27.87
C LEU A 491 -25.63 21.65 28.56
N LEU A 492 -26.28 21.66 29.72
CA LEU A 492 -26.54 22.88 30.47
C LEU A 492 -25.58 22.98 31.64
N ILE A 493 -24.95 24.15 31.79
CA ILE A 493 -24.16 24.47 32.96
C ILE A 493 -25.00 25.39 33.84
N ILE A 494 -25.30 24.95 35.06
CA ILE A 494 -26.25 25.62 35.94
C ILE A 494 -25.59 25.87 37.29
N ASP A 495 -25.67 27.11 37.77
CA ASP A 495 -25.05 27.48 39.04
C ASP A 495 -25.75 26.82 40.22
N GLN A 496 -24.95 26.38 41.20
CA GLN A 496 -25.48 25.61 42.31
C GLN A 496 -26.24 26.45 43.32
N HIS A 497 -26.05 27.77 43.32
CA HIS A 497 -26.75 28.65 44.24
C HIS A 497 -27.93 29.35 43.59
N THR A 498 -27.70 30.02 42.46
CA THR A 498 -28.78 30.70 41.76
C THR A 498 -29.60 29.77 40.89
N PHE A 499 -29.03 28.64 40.47
CA PHE A 499 -29.68 27.71 39.54
C PHE A 499 -30.05 28.43 38.26
N GLU A 500 -29.16 29.30 37.80
CA GLU A 500 -29.29 30.04 36.56
C GLU A 500 -28.48 29.31 35.48
N VAL A 501 -29.03 29.24 34.28
CA VAL A 501 -28.36 28.56 33.19
C VAL A 501 -27.16 29.42 32.77
N LEU A 502 -25.96 28.95 33.08
CA LEU A 502 -24.77 29.73 32.75
C LEU A 502 -24.32 29.50 31.32
N HIS A 503 -24.42 28.26 30.84
CA HIS A 503 -23.96 27.93 29.51
C HIS A 503 -24.81 26.80 28.96
N ALA A 504 -25.01 26.82 27.65
CA ALA A 504 -25.74 25.77 26.95
C ALA A 504 -24.92 25.39 25.72
N HIS A 505 -24.60 24.11 25.60
CA HIS A 505 -23.86 23.59 24.46
C HIS A 505 -24.79 22.68 23.66
N GLN A 506 -25.09 23.07 22.43
CA GLN A 506 -25.98 22.27 21.58
C GLN A 506 -25.16 21.23 20.84
N PHE A 507 -25.64 19.99 20.86
CA PHE A 507 -24.94 18.92 20.18
C PHE A 507 -25.32 18.89 18.71
N LEU A 508 -24.66 18.02 17.96
CA LEU A 508 -24.85 17.96 16.51
C LEU A 508 -26.26 17.53 16.17
N GLN A 509 -26.66 17.81 14.94
CA GLN A 509 -27.98 17.42 14.47
C GLN A 509 -28.13 15.91 14.50
N ASN A 510 -29.27 15.45 15.02
CA ASN A 510 -29.55 14.02 15.14
C ASN A 510 -28.57 13.33 16.09
N GLU A 511 -28.16 14.03 17.14
CA GLU A 511 -27.30 13.46 18.17
C GLU A 511 -28.09 13.41 19.48
N TYR A 512 -28.24 12.21 20.02
CA TYR A 512 -28.96 11.99 21.26
C TYR A 512 -27.95 11.79 22.38
N ALA A 513 -28.08 12.58 23.44
CA ALA A 513 -27.20 12.49 24.60
C ALA A 513 -27.80 11.55 25.63
N LEU A 514 -26.99 10.58 26.09
CA LEU A 514 -27.46 9.54 26.98
C LEU A 514 -26.71 9.49 28.31
N SER A 515 -25.42 9.88 28.34
CA SER A 515 -24.59 9.74 29.52
C SER A 515 -23.81 11.00 29.82
N LEU A 516 -23.57 11.24 31.11
CA LEU A 516 -22.86 12.42 31.58
C LEU A 516 -22.11 12.11 32.87
N VAL A 517 -20.84 12.54 32.96
CA VAL A 517 -20.05 12.37 34.17
C VAL A 517 -19.20 13.61 34.39
N SER A 518 -18.81 13.83 35.65
CA SER A 518 -17.89 14.90 36.03
C SER A 518 -16.78 14.28 36.86
N CYS A 519 -15.53 14.44 36.41
CA CYS A 519 -14.42 13.76 37.06
C CYS A 519 -13.08 14.26 36.53
N LYS A 520 -12.02 13.91 37.26
CA LYS A 520 -10.65 14.01 36.79
C LYS A 520 -10.21 12.65 36.25
N LEU A 521 -9.30 12.66 35.28
CA LEU A 521 -8.79 11.43 34.70
C LEU A 521 -7.27 11.41 34.74
N GLY A 522 -6.71 10.22 34.93
CA GLY A 522 -5.27 10.03 34.86
C GLY A 522 -4.51 11.00 35.73
N LYS A 523 -3.45 11.56 35.17
CA LYS A 523 -2.63 12.57 35.83
C LYS A 523 -3.08 13.99 35.46
N ASP A 524 -4.24 14.12 34.84
CA ASP A 524 -4.73 15.43 34.44
C ASP A 524 -5.41 16.11 35.62
N PRO A 525 -4.90 17.27 36.09
CA PRO A 525 -5.52 17.92 37.25
C PRO A 525 -6.84 18.62 36.96
N ASN A 526 -7.17 18.84 35.69
CA ASN A 526 -8.40 19.55 35.34
C ASN A 526 -9.60 18.64 35.58
N THR A 527 -10.70 19.25 36.03
CA THR A 527 -11.97 18.55 36.20
C THR A 527 -12.85 18.78 34.97
N TYR A 528 -13.32 17.70 34.37
CA TYR A 528 -14.02 17.78 33.10
C TYR A 528 -15.47 17.33 33.20
N PHE A 529 -16.29 17.84 32.27
CA PHE A 529 -17.60 17.29 31.97
C PHE A 529 -17.44 16.38 30.77
N ILE A 530 -17.83 15.11 30.89
CA ILE A 530 -17.73 14.16 29.79
C ILE A 530 -19.12 13.67 29.43
N VAL A 531 -19.46 13.73 28.14
CA VAL A 531 -20.78 13.38 27.64
C VAL A 531 -20.63 12.27 26.60
N GLY A 532 -21.48 11.25 26.71
CA GLY A 532 -21.56 10.19 25.73
C GLY A 532 -22.85 10.29 24.94
N THR A 533 -22.72 10.31 23.61
CA THR A 533 -23.84 10.52 22.72
C THR A 533 -23.96 9.37 21.73
N ALA A 534 -25.12 9.31 21.07
CA ALA A 534 -25.37 8.37 20.00
C ALA A 534 -26.01 9.13 18.85
N MET A 535 -25.57 8.82 17.62
CA MET A 535 -26.17 9.37 16.42
C MET A 535 -27.33 8.46 16.02
N VAL A 536 -28.55 8.94 16.21
CA VAL A 536 -29.74 8.15 15.96
C VAL A 536 -30.31 8.54 14.61
N TYR A 537 -30.37 7.57 13.72
CA TYR A 537 -31.02 7.73 12.43
C TYR A 537 -32.31 6.91 12.42
N PRO A 538 -33.42 7.47 11.92
CA PRO A 538 -34.71 6.78 12.05
C PRO A 538 -34.70 5.37 11.51
N GLU A 539 -33.86 5.09 10.50
CA GLU A 539 -33.87 3.77 9.88
C GLU A 539 -33.14 2.76 10.75
N GLU A 540 -32.15 3.22 11.51
CA GLU A 540 -31.34 2.32 12.32
C GLU A 540 -32.12 1.76 13.49
N ALA A 541 -32.27 0.43 13.51
CA ALA A 541 -32.84 -0.23 14.67
C ALA A 541 -31.98 0.01 15.90
N GLU A 542 -30.66 -0.15 15.76
CA GLU A 542 -29.72 0.15 16.81
C GLU A 542 -28.67 1.14 16.31
N PRO A 543 -28.46 2.26 16.99
CA PRO A 543 -27.49 3.25 16.48
C PRO A 543 -26.09 2.67 16.34
N LYS A 544 -25.41 3.09 15.27
CA LYS A 544 -24.06 2.59 14.99
C LYS A 544 -22.99 3.69 14.99
N GLN A 545 -23.33 4.90 15.44
CA GLN A 545 -22.35 5.98 15.52
C GLN A 545 -22.53 6.70 16.85
N GLY A 546 -21.42 7.21 17.39
CA GLY A 546 -21.48 7.93 18.65
C GLY A 546 -20.20 8.67 18.92
N ARG A 547 -20.25 9.50 19.96
CA ARG A 547 -19.11 10.30 20.40
C ARG A 547 -18.99 10.25 21.92
N ILE A 548 -17.75 10.22 22.39
CA ILE A 548 -17.42 10.56 23.77
C ILE A 548 -16.70 11.90 23.70
N VAL A 549 -17.29 12.93 24.32
CA VAL A 549 -16.79 14.29 24.22
C VAL A 549 -16.33 14.75 25.60
N VAL A 550 -15.15 15.34 25.65
CA VAL A 550 -14.58 15.88 26.88
C VAL A 550 -14.69 17.40 26.83
N PHE A 551 -15.40 17.97 27.79
CA PHE A 551 -15.57 19.41 27.91
C PHE A 551 -14.84 19.90 29.16
N GLN A 552 -14.43 21.16 29.14
CA GLN A 552 -13.96 21.83 30.35
C GLN A 552 -14.74 23.12 30.51
N TYR A 553 -15.37 23.28 31.68
CA TYR A 553 -16.05 24.52 32.01
C TYR A 553 -15.07 25.40 32.76
N SER A 554 -14.66 26.50 32.13
CA SER A 554 -13.69 27.40 32.71
C SER A 554 -14.06 28.83 32.34
N ASP A 555 -14.16 29.68 33.35
CA ASP A 555 -14.41 31.11 33.14
C ASP A 555 -15.65 31.35 32.28
N GLY A 556 -16.75 30.71 32.67
CA GLY A 556 -18.02 30.97 32.02
C GLY A 556 -18.18 30.39 30.64
N LYS A 557 -17.16 29.73 30.11
CA LYS A 557 -17.21 29.14 28.78
C LYS A 557 -16.89 27.65 28.86
N LEU A 558 -17.52 26.90 27.96
CA LEU A 558 -17.34 25.45 27.88
C LEU A 558 -16.45 25.17 26.67
N GLN A 559 -15.33 24.50 26.91
CA GLN A 559 -14.33 24.25 25.88
C GLN A 559 -14.36 22.78 25.49
N THR A 560 -14.30 22.51 24.19
CA THR A 560 -14.19 21.13 23.72
C THR A 560 -12.73 20.70 23.86
N VAL A 561 -12.47 19.71 24.70
CA VAL A 561 -11.09 19.31 24.99
C VAL A 561 -10.63 18.17 24.11
N ALA A 562 -11.49 17.17 23.89
CA ALA A 562 -11.14 16.02 23.08
C ALA A 562 -12.41 15.26 22.77
N GLU A 563 -12.39 14.51 21.66
CA GLU A 563 -13.54 13.74 21.25
C GLU A 563 -13.07 12.37 20.78
N LYS A 564 -13.86 11.35 21.08
CA LYS A 564 -13.58 9.98 20.70
C LYS A 564 -14.76 9.43 19.92
N GLU A 565 -14.49 8.91 18.73
CA GLU A 565 -15.54 8.36 17.88
C GLU A 565 -15.73 6.89 18.25
N VAL A 566 -16.98 6.52 18.52
CA VAL A 566 -17.31 5.12 18.80
C VAL A 566 -18.33 4.65 17.78
N LYS A 567 -18.46 3.33 17.70
CA LYS A 567 -19.37 2.68 16.74
C LYS A 567 -20.67 2.25 17.40
N GLY A 568 -21.28 3.13 18.18
CA GLY A 568 -22.52 2.76 18.85
C GLY A 568 -23.00 3.85 19.77
N ALA A 569 -23.95 3.48 20.62
CA ALA A 569 -24.57 4.41 21.58
C ALA A 569 -23.87 4.28 22.92
N VAL A 570 -23.42 5.41 23.45
CA VAL A 570 -22.72 5.43 24.75
C VAL A 570 -23.81 5.58 25.81
N TYR A 571 -24.46 4.46 26.14
CA TYR A 571 -25.60 4.52 27.06
C TYR A 571 -25.17 5.00 28.45
N SER A 572 -24.07 4.45 28.98
CA SER A 572 -23.67 4.75 30.35
C SER A 572 -22.16 4.87 30.45
N MET A 573 -21.71 5.85 31.24
CA MET A 573 -20.30 6.02 31.55
C MET A 573 -20.13 6.21 33.05
N VAL A 574 -18.95 5.87 33.55
CA VAL A 574 -18.64 5.99 34.97
C VAL A 574 -17.13 6.04 35.12
N GLU A 575 -16.66 6.88 36.05
CA GLU A 575 -15.25 7.00 36.32
C GLU A 575 -14.76 5.76 37.07
N PHE A 576 -13.62 5.21 36.63
CA PHE A 576 -13.08 3.97 37.18
C PHE A 576 -11.61 4.16 37.48
N ASN A 577 -11.31 4.59 38.71
CA ASN A 577 -9.94 4.70 39.19
C ASN A 577 -9.07 5.46 38.19
N GLY A 578 -9.47 6.68 37.89
CA GLY A 578 -8.74 7.52 36.98
C GLY A 578 -8.90 7.17 35.51
N LYS A 579 -9.64 6.12 35.19
CA LYS A 579 -9.91 5.72 33.82
C LYS A 579 -11.40 5.90 33.55
N LEU A 580 -11.76 5.93 32.27
CA LEU A 580 -13.14 6.15 31.86
C LEU A 580 -13.74 4.83 31.41
N LEU A 581 -14.77 4.38 32.11
CA LEU A 581 -15.51 3.18 31.76
C LEU A 581 -16.79 3.57 31.04
N ALA A 582 -16.94 3.12 29.80
CA ALA A 582 -18.08 3.46 28.96
C ALA A 582 -18.65 2.19 28.33
N SER A 583 -19.98 2.17 28.16
CA SER A 583 -20.68 1.06 27.51
C SER A 583 -21.19 1.52 26.14
N ILE A 584 -20.64 0.95 25.07
CA ILE A 584 -21.08 1.25 23.72
C ILE A 584 -21.84 0.02 23.19
N ASN A 585 -23.17 0.12 23.12
CA ASN A 585 -24.03 -0.98 22.68
C ASN A 585 -23.74 -2.26 23.46
N SER A 586 -23.35 -3.34 22.77
CA SER A 586 -23.05 -4.59 23.46
C SER A 586 -21.74 -4.54 24.23
N THR A 587 -20.93 -3.50 24.03
CA THR A 587 -19.56 -3.45 24.51
C THR A 587 -19.45 -2.62 25.78
N VAL A 588 -18.65 -3.12 26.72
CA VAL A 588 -18.17 -2.35 27.86
C VAL A 588 -16.69 -2.10 27.64
N ARG A 589 -16.27 -0.84 27.73
CA ARG A 589 -14.92 -0.44 27.37
C ARG A 589 -14.29 0.41 28.47
N LEU A 590 -12.97 0.23 28.67
CA LEU A 590 -12.19 1.04 29.60
C LEU A 590 -11.18 1.88 28.82
N TYR A 591 -11.25 3.21 28.99
CA TYR A 591 -10.37 4.15 28.33
C TYR A 591 -9.36 4.74 29.30
N GLU A 592 -8.11 4.89 28.88
CA GLU A 592 -7.10 5.64 29.63
C GLU A 592 -6.97 7.05 29.07
N TRP A 593 -6.74 8.02 29.96
CA TRP A 593 -6.57 9.42 29.59
C TRP A 593 -5.08 9.72 29.48
N THR A 594 -4.59 9.89 28.25
CA THR A 594 -3.17 10.01 28.01
C THR A 594 -2.66 11.40 28.40
N THR A 595 -1.34 11.54 28.45
CA THR A 595 -0.74 12.84 28.67
C THR A 595 -0.96 13.80 27.51
N GLU A 596 -1.43 13.30 26.36
CA GLU A 596 -1.81 14.15 25.24
C GLU A 596 -3.28 14.53 25.29
N LYS A 597 -3.96 14.28 26.42
CA LYS A 597 -5.36 14.68 26.59
C LYS A 597 -6.24 14.08 25.48
N GLU A 598 -6.17 12.75 25.37
CA GLU A 598 -6.99 12.02 24.41
C GLU A 598 -7.33 10.67 25.02
N LEU A 599 -8.57 10.23 24.87
CA LEU A 599 -8.98 8.95 25.42
C LEU A 599 -8.36 7.80 24.63
N ARG A 600 -7.86 6.80 25.35
CA ARG A 600 -7.23 5.63 24.77
C ARG A 600 -7.83 4.36 25.35
N THR A 601 -8.26 3.47 24.47
CA THR A 601 -8.83 2.20 24.92
C THR A 601 -7.78 1.36 25.63
N GLU A 602 -8.22 0.64 26.66
CA GLU A 602 -7.34 -0.30 27.35
C GLU A 602 -7.86 -1.73 27.22
N CYS A 603 -9.06 -2.03 27.74
CA CYS A 603 -9.62 -3.38 27.70
C CYS A 603 -11.12 -3.34 27.48
N ASN A 604 -11.66 -4.41 26.89
CA ASN A 604 -13.07 -4.47 26.50
C ASN A 604 -13.71 -5.81 26.83
N HIS A 605 -15.04 -5.79 26.99
CA HIS A 605 -15.86 -6.97 27.19
C HIS A 605 -17.06 -6.87 26.25
N TYR A 606 -17.36 -7.96 25.53
CA TYR A 606 -18.34 -7.92 24.45
C TYR A 606 -19.56 -8.83 24.65
N ASN A 607 -19.60 -9.59 25.74
CA ASN A 607 -20.67 -10.56 25.99
C ASN A 607 -21.86 -9.88 26.68
N ASN A 608 -22.51 -8.99 25.91
CA ASN A 608 -23.74 -8.31 26.32
C ASN A 608 -24.64 -8.12 25.12
N ILE A 609 -25.94 -7.95 25.37
CA ILE A 609 -26.87 -7.59 24.30
C ILE A 609 -26.93 -6.07 24.08
N MET A 610 -27.18 -5.33 25.14
CA MET A 610 -27.15 -3.87 25.13
C MET A 610 -26.78 -3.44 26.54
N ALA A 611 -25.55 -2.95 26.72
CA ALA A 611 -25.04 -2.58 28.04
C ALA A 611 -25.60 -1.22 28.41
N LEU A 612 -26.80 -1.22 29.01
CA LEU A 612 -27.49 0.02 29.29
C LEU A 612 -26.96 0.73 30.53
N TYR A 613 -26.65 -0.03 31.60
CA TYR A 613 -26.34 0.58 32.89
C TYR A 613 -25.01 0.07 33.45
N LEU A 614 -24.26 0.97 34.09
CA LEU A 614 -22.96 0.65 34.66
C LEU A 614 -22.84 1.19 36.09
N LYS A 615 -22.22 0.40 36.96
CA LYS A 615 -21.91 0.81 38.33
C LYS A 615 -20.59 0.17 38.75
N THR A 616 -19.85 0.88 39.60
CA THR A 616 -18.52 0.44 40.00
C THR A 616 -18.30 0.55 41.50
N LYS A 617 -17.61 -0.44 42.06
CA LYS A 617 -17.10 -0.38 43.43
C LYS A 617 -15.71 -1.01 43.42
N GLY A 618 -14.68 -0.20 43.68
CA GLY A 618 -13.32 -0.72 43.61
C GLY A 618 -12.99 -1.10 42.19
N ASP A 619 -12.46 -2.31 42.01
CA ASP A 619 -12.19 -2.83 40.67
C ASP A 619 -13.32 -3.69 40.13
N PHE A 620 -14.50 -3.65 40.74
CA PHE A 620 -15.64 -4.43 40.31
C PHE A 620 -16.64 -3.58 39.54
N ILE A 621 -17.15 -4.11 38.44
CA ILE A 621 -18.12 -3.42 37.58
C ILE A 621 -19.40 -4.24 37.53
N LEU A 622 -20.53 -3.55 37.67
CA LEU A 622 -21.85 -4.16 37.53
C LEU A 622 -22.52 -3.65 36.25
N VAL A 623 -22.91 -4.58 35.39
CA VAL A 623 -23.50 -4.30 34.08
C VAL A 623 -24.96 -4.71 34.10
N GLY A 624 -25.83 -3.79 33.70
CA GLY A 624 -27.25 -4.09 33.48
C GLY A 624 -27.54 -4.12 31.98
N ASP A 625 -28.34 -5.10 31.56
CA ASP A 625 -28.56 -5.38 30.16
C ASP A 625 -30.04 -5.33 29.84
N LEU A 626 -30.37 -5.05 28.57
CA LEU A 626 -31.78 -4.88 28.22
C LEU A 626 -32.56 -6.15 28.50
N MET A 627 -31.94 -7.33 28.35
CA MET A 627 -32.69 -8.56 28.57
C MET A 627 -31.95 -9.62 29.39
N ARG A 628 -30.64 -9.51 29.61
CA ARG A 628 -29.87 -10.57 30.23
C ARG A 628 -29.55 -10.29 31.70
N SER A 629 -30.28 -9.36 32.34
CA SER A 629 -30.16 -9.10 33.76
C SER A 629 -28.79 -8.52 34.07
N VAL A 630 -28.20 -8.82 35.25
CA VAL A 630 -27.02 -8.12 35.72
C VAL A 630 -25.80 -9.05 35.70
N LEU A 631 -24.67 -8.52 35.22
CA LEU A 631 -23.38 -9.20 35.20
C LEU A 631 -22.39 -8.48 36.11
N LEU A 632 -21.65 -9.26 36.91
CA LEU A 632 -20.56 -8.73 37.73
C LEU A 632 -19.22 -8.93 37.01
N LEU A 633 -18.60 -7.82 36.61
CA LEU A 633 -17.30 -7.78 35.96
C LEU A 633 -16.21 -7.41 36.96
N ALA A 634 -14.96 -7.66 36.57
CA ALA A 634 -13.81 -7.25 37.38
C ALA A 634 -12.67 -6.82 36.47
N TYR A 635 -12.00 -5.73 36.84
CA TYR A 635 -10.80 -5.29 36.16
C TYR A 635 -9.57 -5.89 36.84
N LYS A 636 -8.84 -6.70 36.10
CA LYS A 636 -7.63 -7.30 36.65
C LYS A 636 -6.40 -6.48 36.30
N PRO A 637 -5.86 -5.69 37.25
CA PRO A 637 -4.77 -4.77 36.88
C PRO A 637 -3.49 -5.47 36.45
N MET A 638 -3.18 -6.65 37.00
CA MET A 638 -1.96 -7.33 36.58
C MET A 638 -1.97 -7.61 35.09
N GLU A 639 -3.14 -7.95 34.54
CA GLU A 639 -3.25 -8.35 33.15
C GLU A 639 -3.75 -7.23 32.24
N GLY A 640 -4.42 -6.22 32.78
CA GLY A 640 -4.95 -5.14 31.97
C GLY A 640 -6.17 -5.51 31.15
N ASN A 641 -7.06 -6.35 31.70
CA ASN A 641 -8.25 -6.76 30.98
C ASN A 641 -9.36 -7.09 31.97
N PHE A 642 -10.58 -7.21 31.44
CA PHE A 642 -11.74 -7.58 32.23
C PHE A 642 -11.84 -9.09 32.46
N GLU A 643 -12.53 -9.46 33.54
CA GLU A 643 -12.87 -10.85 33.84
C GLU A 643 -14.31 -10.94 34.30
N GLU A 644 -15.06 -11.89 33.74
CA GLU A 644 -16.43 -12.15 34.17
C GLU A 644 -16.43 -12.88 35.50
N ILE A 645 -16.97 -12.24 36.54
CA ILE A 645 -17.04 -12.89 37.85
C ILE A 645 -18.28 -13.78 37.93
N ALA A 646 -19.46 -13.20 37.72
CA ALA A 646 -20.70 -13.95 37.88
C ALA A 646 -21.84 -13.22 37.16
N ARG A 647 -22.68 -14.00 36.48
CA ARG A 647 -23.83 -13.45 35.76
C ARG A 647 -25.13 -14.03 36.31
N ASP A 648 -26.17 -13.18 36.33
CA ASP A 648 -27.53 -13.64 36.61
C ASP A 648 -28.12 -14.24 35.35
N PHE A 649 -28.44 -15.53 35.39
CA PHE A 649 -28.90 -16.24 34.20
C PHE A 649 -30.41 -16.25 34.04
N ASN A 650 -31.15 -15.54 34.90
CA ASN A 650 -32.59 -15.35 34.73
C ASN A 650 -32.87 -14.18 33.81
N PRO A 651 -33.83 -14.33 32.88
CA PRO A 651 -34.08 -13.27 31.88
C PRO A 651 -34.90 -12.14 32.48
N ASN A 652 -34.25 -10.99 32.68
CA ASN A 652 -34.90 -9.81 33.25
C ASN A 652 -34.57 -8.57 32.44
N TRP A 653 -35.56 -7.70 32.27
CA TRP A 653 -35.42 -6.45 31.53
C TRP A 653 -35.18 -5.32 32.52
N MET A 654 -33.99 -4.72 32.46
CA MET A 654 -33.52 -3.83 33.53
C MET A 654 -33.94 -2.39 33.29
N SER A 655 -34.25 -1.69 34.37
CA SER A 655 -34.45 -0.25 34.33
C SER A 655 -33.38 0.53 35.07
N ALA A 656 -32.71 -0.08 36.04
CA ALA A 656 -31.64 0.56 36.80
C ALA A 656 -31.00 -0.49 37.68
N VAL A 657 -29.71 -0.28 38.00
CA VAL A 657 -28.96 -1.20 38.86
C VAL A 657 -28.15 -0.39 39.87
N GLU A 658 -27.79 -1.06 40.97
CA GLU A 658 -26.94 -0.48 41.99
C GLU A 658 -26.18 -1.56 42.71
N ILE A 659 -25.02 -1.20 43.26
CA ILE A 659 -24.20 -2.08 44.07
C ILE A 659 -24.42 -1.72 45.54
N LEU A 660 -24.95 -2.67 46.31
CA LEU A 660 -25.19 -2.45 47.73
C LEU A 660 -23.92 -2.66 48.54
N ASP A 661 -23.22 -3.77 48.30
CA ASP A 661 -21.93 -4.02 48.92
C ASP A 661 -21.16 -4.96 47.99
N ASP A 662 -19.94 -5.31 48.39
CA ASP A 662 -19.08 -6.15 47.54
C ASP A 662 -19.77 -7.44 47.11
N ASP A 663 -20.76 -7.91 47.88
CA ASP A 663 -21.42 -9.18 47.56
C ASP A 663 -22.87 -9.05 47.11
N ASN A 664 -23.55 -7.96 47.43
CA ASN A 664 -24.97 -7.82 47.10
C ASN A 664 -25.16 -6.76 46.02
N PHE A 665 -25.99 -7.07 45.02
CA PHE A 665 -26.25 -6.16 43.90
C PHE A 665 -27.75 -6.03 43.69
N LEU A 666 -28.20 -4.80 43.47
CA LEU A 666 -29.61 -4.47 43.43
C LEU A 666 -30.03 -4.14 42.01
N GLY A 667 -31.20 -4.64 41.63
CA GLY A 667 -31.73 -4.42 40.29
C GLY A 667 -33.20 -4.06 40.31
N ALA A 668 -33.62 -3.36 39.26
CA ALA A 668 -35.00 -2.93 39.07
C ALA A 668 -35.48 -3.42 37.72
N GLU A 669 -36.66 -4.02 37.69
CA GLU A 669 -37.23 -4.59 36.48
C GLU A 669 -38.27 -3.64 35.90
N ASN A 670 -38.52 -3.78 34.61
CA ASN A 670 -39.54 -2.97 33.96
C ASN A 670 -40.95 -3.36 34.39
N ALA A 671 -41.12 -4.53 35.02
CA ALA A 671 -42.41 -4.96 35.53
C ALA A 671 -42.73 -4.39 36.91
N PHE A 672 -41.98 -3.40 37.36
CA PHE A 672 -42.15 -2.77 38.69
C PHE A 672 -41.70 -3.69 39.83
N ASN A 673 -40.67 -4.50 39.58
CA ASN A 673 -40.15 -5.45 40.55
C ASN A 673 -38.69 -5.14 40.85
N LEU A 674 -38.29 -5.41 42.10
CA LEU A 674 -36.91 -5.23 42.56
C LEU A 674 -36.35 -6.57 43.00
N PHE A 675 -35.07 -6.81 42.68
CA PHE A 675 -34.41 -8.05 43.07
C PHE A 675 -32.96 -7.78 43.46
N VAL A 676 -32.43 -8.65 44.33
CA VAL A 676 -31.05 -8.56 44.80
C VAL A 676 -30.34 -9.88 44.48
N CYS A 677 -29.17 -9.77 43.84
CA CYS A 677 -28.36 -10.92 43.48
C CYS A 677 -27.06 -10.89 44.28
N GLN A 678 -26.67 -12.05 44.81
CA GLN A 678 -25.43 -12.20 45.57
C GLN A 678 -24.57 -13.33 45.00
N LYS A 679 -23.25 -13.13 45.01
CA LYS A 679 -22.33 -14.21 44.66
C LYS A 679 -22.63 -15.42 45.53
N ASP A 680 -22.57 -16.60 44.92
CA ASP A 680 -22.96 -17.79 45.67
C ASP A 680 -21.96 -18.15 46.78
N SER A 681 -20.88 -17.38 46.91
CA SER A 681 -19.93 -17.50 48.04
C SER A 681 -19.56 -18.95 48.37
N ALA A 682 -19.56 -19.83 47.36
CA ALA A 682 -19.19 -21.23 47.54
C ALA A 682 -18.17 -21.54 46.46
N ALA A 683 -16.94 -21.82 46.87
CA ALA A 683 -15.83 -21.98 45.94
C ALA A 683 -15.56 -23.43 45.57
N THR A 684 -16.37 -24.38 46.05
CA THR A 684 -16.26 -25.76 45.60
C THR A 684 -16.00 -25.81 44.10
N THR A 685 -17.01 -25.43 43.31
CA THR A 685 -16.96 -25.43 41.86
C THR A 685 -16.91 -23.99 41.32
N ASP A 686 -16.11 -23.78 40.28
CA ASP A 686 -16.13 -22.50 39.58
C ASP A 686 -17.54 -22.19 39.09
N GLU A 687 -18.34 -23.23 38.85
CA GLU A 687 -19.70 -23.08 38.37
C GLU A 687 -20.58 -22.32 39.35
N GLU A 688 -20.47 -22.63 40.65
CA GLU A 688 -21.28 -21.96 41.65
C GLU A 688 -20.93 -20.48 41.79
N ARG A 689 -19.64 -20.15 41.78
CA ARG A 689 -19.24 -18.74 41.86
C ARG A 689 -19.79 -17.96 40.68
N GLN A 690 -19.76 -18.54 39.48
CA GLN A 690 -20.21 -17.85 38.28
C GLN A 690 -21.72 -17.65 38.27
N HIS A 691 -22.43 -18.30 39.18
CA HIS A 691 -23.89 -18.24 39.24
C HIS A 691 -24.24 -17.15 40.26
N LEU A 692 -24.74 -16.02 39.78
CA LEU A 692 -25.38 -15.08 40.68
C LEU A 692 -26.76 -15.63 41.00
N GLN A 693 -27.14 -15.60 42.27
CA GLN A 693 -28.41 -16.15 42.72
C GLN A 693 -29.29 -15.02 43.22
N GLU A 694 -30.50 -14.95 42.66
CA GLU A 694 -31.49 -13.96 43.09
C GLU A 694 -32.05 -14.31 44.46
N VAL A 695 -31.47 -13.73 45.50
CA VAL A 695 -31.91 -14.00 46.86
C VAL A 695 -33.05 -13.10 47.32
N GLY A 696 -33.28 -11.97 46.63
CA GLY A 696 -34.33 -11.06 47.04
C GLY A 696 -35.27 -10.73 45.90
N LEU A 697 -36.57 -10.86 46.15
CA LEU A 697 -37.60 -10.53 45.16
C LEU A 697 -38.66 -9.67 45.83
N PHE A 698 -39.08 -8.61 45.16
CA PHE A 698 -40.02 -7.65 45.75
C PHE A 698 -40.68 -6.83 44.65
N HIS A 699 -42.00 -6.73 44.70
CA HIS A 699 -42.77 -5.91 43.78
C HIS A 699 -42.93 -4.51 44.38
N LEU A 700 -42.25 -3.52 43.80
CA LEU A 700 -42.31 -2.17 44.33
C LEU A 700 -43.61 -1.48 43.92
N GLY A 701 -44.04 -1.70 42.68
CA GLY A 701 -45.17 -0.98 42.12
C GLY A 701 -44.79 0.28 41.37
N GLU A 702 -43.49 0.58 41.29
CA GLU A 702 -42.97 1.78 40.64
C GLU A 702 -41.85 1.42 39.69
N PHE A 703 -41.69 2.26 38.66
CA PHE A 703 -40.62 2.11 37.68
C PHE A 703 -39.42 2.92 38.17
N VAL A 704 -38.34 2.24 38.56
CA VAL A 704 -37.18 2.92 39.11
C VAL A 704 -36.26 3.30 37.94
N ASN A 705 -36.08 4.60 37.72
CA ASN A 705 -35.14 5.06 36.70
C ASN A 705 -33.72 5.22 37.21
N VAL A 706 -33.53 5.59 38.48
CA VAL A 706 -32.20 5.95 38.98
C VAL A 706 -32.02 5.47 40.42
N PHE A 707 -30.89 4.82 40.68
CA PHE A 707 -30.44 4.50 42.04
C PHE A 707 -29.28 5.42 42.38
N CYS A 708 -29.33 6.04 43.56
CA CYS A 708 -28.28 6.95 44.00
C CYS A 708 -27.96 6.71 45.46
N HIS A 709 -26.69 6.47 45.75
CA HIS A 709 -26.26 6.33 47.13
C HIS A 709 -26.34 7.69 47.84
N GLY A 710 -26.77 7.66 49.11
CA GLY A 710 -26.88 8.86 49.89
C GLY A 710 -28.17 8.93 50.68
N SER A 711 -28.25 9.85 51.64
CA SER A 711 -29.44 10.00 52.47
C SER A 711 -29.69 11.47 52.73
N LEU A 712 -30.96 11.85 52.73
CA LEU A 712 -31.36 13.22 52.97
C LEU A 712 -31.42 13.58 54.45
N VAL A 713 -31.37 12.58 55.34
CA VAL A 713 -31.52 12.87 56.76
C VAL A 713 -30.31 13.63 57.27
N MET A 714 -30.55 14.54 58.20
CA MET A 714 -29.46 15.29 58.83
C MET A 714 -28.56 14.35 59.61
N GLN A 715 -27.25 14.50 59.43
CA GLN A 715 -26.26 13.73 60.18
C GLN A 715 -25.52 14.70 61.09
N ASN A 716 -25.77 14.61 62.39
CA ASN A 716 -25.08 15.42 63.37
C ASN A 716 -23.92 14.66 64.02
N LEU A 717 -23.62 13.45 63.54
CA LEU A 717 -22.62 12.56 64.14
C LEU A 717 -23.12 12.06 65.50
N GLY A 718 -24.19 12.65 66.02
CA GLY A 718 -24.90 12.23 67.22
C GLY A 718 -26.06 11.29 67.03
N GLU A 719 -26.39 10.93 65.78
CA GLU A 719 -27.60 10.15 65.51
C GLU A 719 -27.44 8.72 65.99
N THR A 720 -28.37 8.26 66.81
CA THR A 720 -28.38 6.86 67.25
C THR A 720 -28.20 5.94 66.04
N SER A 721 -27.30 4.98 66.18
CA SER A 721 -26.95 4.07 65.08
C SER A 721 -28.14 3.16 64.83
N THR A 722 -28.82 3.37 63.71
CA THR A 722 -30.04 2.64 63.41
C THR A 722 -29.73 1.18 63.07
N PRO A 723 -30.68 0.27 63.29
CA PRO A 723 -30.46 -1.13 62.89
C PRO A 723 -30.16 -1.26 61.42
N THR A 724 -30.70 -0.37 60.59
CA THR A 724 -30.45 -0.42 59.16
C THR A 724 -29.08 0.16 58.86
N GLN A 725 -28.37 -0.48 57.93
CA GLN A 725 -27.03 -0.04 57.53
C GLN A 725 -27.01 0.14 56.02
N GLY A 726 -26.47 1.28 55.58
CA GLY A 726 -26.42 1.64 54.18
C GLY A 726 -27.67 2.36 53.72
N SER A 727 -27.51 3.13 52.65
CA SER A 727 -28.61 3.97 52.17
C SER A 727 -28.52 4.12 50.66
N VAL A 728 -29.51 3.60 49.95
CA VAL A 728 -29.64 3.78 48.51
C VAL A 728 -30.99 4.43 48.26
N LEU A 729 -30.98 5.63 47.68
CA LEU A 729 -32.20 6.31 47.30
C LEU A 729 -32.55 5.96 45.85
N PHE A 730 -33.85 5.90 45.56
CA PHE A 730 -34.28 5.63 44.20
C PHE A 730 -35.44 6.54 43.84
N GLY A 731 -35.46 6.95 42.57
CA GLY A 731 -36.53 7.76 42.03
C GLY A 731 -37.30 6.96 40.99
N THR A 732 -38.58 7.28 40.84
CA THR A 732 -39.47 6.51 40.00
C THR A 732 -40.13 7.42 38.99
N VAL A 733 -40.90 6.81 38.08
CA VAL A 733 -41.51 7.60 37.02
C VAL A 733 -42.75 8.32 37.53
N ASN A 734 -43.40 7.79 38.57
CA ASN A 734 -44.58 8.43 39.15
C ASN A 734 -44.21 9.43 40.23
N GLY A 735 -42.93 9.78 40.37
CA GLY A 735 -42.47 10.74 41.35
C GLY A 735 -42.07 10.18 42.70
N MET A 736 -42.40 8.93 42.98
CA MET A 736 -42.09 8.33 44.28
C MET A 736 -40.59 8.26 44.50
N ILE A 737 -40.17 8.59 45.73
CA ILE A 737 -38.77 8.48 46.14
C ILE A 737 -38.71 7.50 47.30
N GLY A 738 -37.80 6.52 47.21
CA GLY A 738 -37.71 5.48 48.21
C GLY A 738 -36.27 5.20 48.58
N LEU A 739 -36.10 4.52 49.71
CA LEU A 739 -34.79 4.21 50.27
C LEU A 739 -34.69 2.71 50.47
N VAL A 740 -33.57 2.12 50.07
CA VAL A 740 -33.29 0.70 50.27
C VAL A 740 -32.10 0.61 51.23
N THR A 741 -32.23 -0.19 52.28
CA THR A 741 -31.16 -0.37 53.26
C THR A 741 -31.14 -1.81 53.71
N SER A 742 -29.98 -2.23 54.22
CA SER A 742 -29.75 -3.62 54.62
C SER A 742 -30.02 -3.84 56.11
N LEU A 743 -30.25 -5.11 56.45
CA LEU A 743 -30.55 -5.52 57.81
C LEU A 743 -29.67 -6.71 58.18
N SER A 744 -29.47 -6.91 59.49
CA SER A 744 -28.88 -8.14 59.97
C SER A 744 -29.93 -9.25 59.97
N GLU A 745 -29.47 -10.50 59.93
CA GLU A 745 -30.41 -11.62 59.91
C GLU A 745 -31.34 -11.55 61.10
N SER A 746 -30.82 -11.16 62.27
CA SER A 746 -31.65 -11.08 63.47
C SER A 746 -32.75 -10.05 63.32
N TRP A 747 -32.46 -8.88 62.75
CA TRP A 747 -33.47 -7.84 62.62
C TRP A 747 -34.48 -8.17 61.55
N TYR A 748 -34.03 -8.76 60.43
CA TYR A 748 -34.95 -9.15 59.37
C TYR A 748 -36.01 -10.10 59.90
N ASN A 749 -35.59 -11.19 60.56
CA ASN A 749 -36.56 -12.14 61.08
C ASN A 749 -37.53 -11.47 62.04
N LEU A 750 -37.02 -10.61 62.92
CA LEU A 750 -37.89 -9.91 63.85
C LEU A 750 -38.95 -9.12 63.10
N LEU A 751 -38.52 -8.32 62.10
CA LEU A 751 -39.44 -7.49 61.35
C LEU A 751 -40.33 -8.31 60.42
N LEU A 752 -39.80 -9.39 59.84
CA LEU A 752 -40.62 -10.24 58.98
C LEU A 752 -41.71 -10.93 59.78
N ASP A 753 -41.36 -11.49 60.94
CA ASP A 753 -42.38 -12.09 61.79
C ASP A 753 -43.45 -11.07 62.16
N MET A 754 -43.03 -9.81 62.34
CA MET A 754 -43.99 -8.76 62.67
C MET A 754 -44.91 -8.45 61.50
N GLN A 755 -44.38 -8.46 60.27
CA GLN A 755 -45.25 -8.25 59.11
C GLN A 755 -46.38 -9.26 59.09
N ASN A 756 -46.04 -10.55 59.22
CA ASN A 756 -47.05 -11.59 59.22
C ASN A 756 -48.09 -11.37 60.30
N ARG A 757 -47.69 -10.78 61.43
CA ARG A 757 -48.66 -10.44 62.47
C ARG A 757 -49.48 -9.22 62.06
N LEU A 758 -48.83 -8.22 61.46
CA LEU A 758 -49.57 -7.05 60.99
C LEU A 758 -50.56 -7.43 59.88
N ASN A 759 -50.23 -8.42 59.05
CA ASN A 759 -51.10 -8.76 57.94
C ASN A 759 -52.47 -9.22 58.42
N LYS A 760 -52.51 -9.98 59.50
CA LYS A 760 -53.78 -10.46 60.04
C LYS A 760 -54.56 -9.37 60.78
N VAL A 761 -53.87 -8.32 61.25
CA VAL A 761 -54.51 -7.30 62.07
C VAL A 761 -55.05 -6.16 61.23
N ILE A 762 -54.28 -5.68 60.25
CA ILE A 762 -54.64 -4.48 59.51
C ILE A 762 -55.64 -4.86 58.42
N LYS A 763 -56.71 -4.07 58.30
CA LYS A 763 -57.73 -4.33 57.30
C LYS A 763 -57.29 -3.80 55.95
N SER A 764 -57.39 -4.65 54.93
CA SER A 764 -56.97 -4.28 53.58
C SER A 764 -58.19 -3.85 52.77
N VAL A 765 -58.03 -2.75 52.03
CA VAL A 765 -59.09 -2.28 51.15
C VAL A 765 -59.23 -3.25 49.97
N GLY A 766 -60.45 -3.65 49.67
CA GLY A 766 -60.67 -4.62 48.62
C GLY A 766 -60.37 -6.05 49.01
N LYS A 767 -60.05 -6.31 50.27
CA LYS A 767 -59.74 -7.65 50.76
C LYS A 767 -58.61 -8.25 49.93
N ILE A 768 -57.57 -7.45 49.69
CA ILE A 768 -56.42 -7.87 48.90
C ILE A 768 -55.37 -8.44 49.85
N GLU A 769 -54.94 -9.68 49.62
CA GLU A 769 -53.87 -10.25 50.41
C GLU A 769 -52.59 -9.46 50.19
N HIS A 770 -51.97 -9.03 51.29
CA HIS A 770 -50.74 -8.26 51.17
C HIS A 770 -49.65 -9.07 50.47
N SER A 771 -49.55 -10.36 50.78
CA SER A 771 -48.53 -11.19 50.18
C SER A 771 -48.62 -11.17 48.65
N PHE A 772 -49.84 -11.20 48.11
CA PHE A 772 -50.02 -11.18 46.66
C PHE A 772 -49.55 -9.86 46.07
N TRP A 773 -49.88 -8.75 46.73
CA TRP A 773 -49.49 -7.44 46.20
C TRP A 773 -47.98 -7.31 46.10
N ARG A 774 -47.26 -7.73 47.14
CA ARG A 774 -45.80 -7.61 47.13
C ARG A 774 -45.11 -8.77 46.43
N SER A 775 -45.87 -9.73 45.90
CA SER A 775 -45.26 -10.86 45.20
C SER A 775 -44.64 -10.42 43.87
N PHE A 776 -43.40 -10.84 43.64
CA PHE A 776 -42.76 -10.69 42.33
C PHE A 776 -43.69 -11.20 41.25
N HIS A 777 -44.13 -10.31 40.36
CA HIS A 777 -45.14 -10.71 39.37
C HIS A 777 -44.69 -10.32 37.97
N THR A 778 -44.50 -11.32 37.12
CA THR A 778 -44.40 -11.16 35.67
C THR A 778 -45.53 -11.96 35.04
N GLU A 779 -45.87 -11.63 33.80
CA GLU A 779 -46.94 -12.37 33.13
C GLU A 779 -46.65 -13.85 33.13
N ARG A 780 -45.40 -14.23 32.87
CA ARG A 780 -45.06 -15.65 32.79
C ARG A 780 -44.92 -16.28 34.17
N LYS A 781 -44.33 -15.56 35.15
CA LYS A 781 -44.04 -16.14 36.44
C LYS A 781 -44.55 -15.24 37.57
N THR A 782 -45.03 -15.86 38.64
CA THR A 782 -45.44 -15.14 39.85
C THR A 782 -44.83 -15.83 41.05
N GLU A 783 -44.04 -15.10 41.83
CA GLU A 783 -43.36 -15.67 43.00
C GLU A 783 -43.61 -14.84 44.24
N PRO A 784 -43.50 -15.47 45.41
CA PRO A 784 -43.64 -14.71 46.67
C PRO A 784 -42.40 -13.86 46.96
N ALA A 785 -42.64 -12.74 47.63
CA ALA A 785 -41.55 -11.84 47.99
C ALA A 785 -40.57 -12.53 48.94
N THR A 786 -39.31 -12.13 48.85
CA THR A 786 -38.28 -12.71 49.71
C THR A 786 -37.14 -11.72 49.90
N GLY A 787 -36.60 -11.70 51.11
CA GLY A 787 -35.44 -10.87 51.41
C GLY A 787 -35.72 -9.40 51.54
N PHE A 788 -36.97 -8.99 51.58
CA PHE A 788 -37.34 -7.58 51.63
C PHE A 788 -38.39 -7.37 52.69
N ILE A 789 -38.22 -6.31 53.49
CA ILE A 789 -39.18 -5.92 54.51
C ILE A 789 -39.88 -4.67 54.00
N ASP A 790 -41.21 -4.74 53.88
CA ASP A 790 -41.99 -3.59 53.45
C ASP A 790 -42.01 -2.57 54.59
N GLY A 791 -41.20 -1.52 54.46
CA GLY A 791 -41.15 -0.54 55.51
C GLY A 791 -42.48 0.13 55.76
N ASP A 792 -43.27 0.31 54.71
CA ASP A 792 -44.56 0.95 54.85
C ASP A 792 -45.49 0.13 55.74
N LEU A 793 -45.50 -1.19 55.56
CA LEU A 793 -46.32 -2.03 56.44
C LEU A 793 -45.84 -1.91 57.88
N ILE A 794 -44.52 -1.93 58.09
CA ILE A 794 -43.96 -1.86 59.44
C ILE A 794 -44.23 -0.48 60.05
N GLU A 795 -43.97 0.59 59.30
CA GLU A 795 -44.16 1.93 59.87
C GLU A 795 -45.63 2.26 60.11
N SER A 796 -46.56 1.42 59.65
CA SER A 796 -47.97 1.62 59.96
C SER A 796 -48.34 1.08 61.33
N PHE A 797 -47.46 0.29 61.96
CA PHE A 797 -47.70 -0.16 63.32
C PHE A 797 -47.95 1.01 64.26
N LEU A 798 -47.31 2.15 64.01
CA LEU A 798 -47.47 3.32 64.87
C LEU A 798 -48.80 4.03 64.67
N ASP A 799 -49.63 3.60 63.71
CA ASP A 799 -50.91 4.24 63.43
C ASP A 799 -52.11 3.37 63.77
N ILE A 800 -51.91 2.12 64.14
CA ILE A 800 -53.02 1.24 64.48
C ILE A 800 -53.39 1.45 65.94
N SER A 801 -54.64 1.17 66.29
CA SER A 801 -55.13 1.44 67.64
C SER A 801 -54.41 0.56 68.66
N ARG A 802 -54.45 1.02 69.91
CA ARG A 802 -53.75 0.29 70.97
C ARG A 802 -54.21 -1.16 71.09
N PRO A 803 -55.51 -1.48 71.06
CA PRO A 803 -55.91 -2.89 71.10
C PRO A 803 -55.25 -3.72 70.02
N LYS A 804 -55.10 -3.15 68.82
CA LYS A 804 -54.44 -3.87 67.73
C LYS A 804 -52.94 -4.00 68.01
N MET A 805 -52.32 -2.97 68.58
CA MET A 805 -50.91 -3.03 68.89
C MET A 805 -50.58 -4.20 69.80
N GLN A 806 -51.34 -4.34 70.89
CA GLN A 806 -51.08 -5.41 71.84
C GLN A 806 -51.38 -6.77 71.23
N GLU A 807 -52.41 -6.84 70.37
CA GLU A 807 -52.71 -8.09 69.67
C GLU A 807 -51.56 -8.52 68.78
N VAL A 808 -50.84 -7.55 68.20
CA VAL A 808 -49.74 -7.87 67.30
C VAL A 808 -48.56 -8.45 68.07
N VAL A 809 -48.25 -7.89 69.24
CA VAL A 809 -47.06 -8.28 69.99
C VAL A 809 -47.23 -9.57 70.79
N ALA A 810 -48.42 -10.15 70.81
CA ALA A 810 -48.62 -11.37 71.57
C ALA A 810 -47.74 -12.50 71.06
N ASN A 811 -47.08 -13.19 71.97
CA ASN A 811 -46.23 -14.34 71.65
C ASN A 811 -45.07 -13.97 70.71
N LEU A 812 -44.37 -12.89 71.03
CA LEU A 812 -43.26 -12.44 70.20
C LEU A 812 -41.97 -12.60 71.00
N GLN A 813 -40.95 -13.18 70.37
CA GLN A 813 -39.68 -13.48 71.01
C GLN A 813 -38.52 -12.94 70.19
N TYR A 814 -37.70 -12.08 70.81
CA TYR A 814 -36.48 -11.64 70.17
C TYR A 814 -35.48 -12.80 70.12
N ASP A 815 -34.56 -12.77 69.16
CA ASP A 815 -33.63 -13.88 69.03
C ASP A 815 -32.27 -13.38 68.55
N ASP A 816 -31.28 -14.27 68.62
CA ASP A 816 -29.91 -14.05 68.14
C ASP A 816 -29.30 -12.79 68.74
N GLY A 817 -29.88 -12.29 69.83
CA GLY A 817 -29.44 -11.02 70.41
C GLY A 817 -28.79 -11.24 71.76
N SER A 818 -28.90 -10.26 72.66
CA SER A 818 -28.37 -10.44 74.01
C SER A 818 -29.09 -11.58 74.73
N GLY A 819 -30.39 -11.72 74.48
CA GLY A 819 -31.18 -12.80 75.04
C GLY A 819 -31.74 -13.65 73.92
N MET A 820 -31.65 -14.97 74.04
CA MET A 820 -32.13 -15.84 72.96
C MET A 820 -33.64 -15.69 72.77
N LYS A 821 -34.41 -15.73 73.86
CA LYS A 821 -35.86 -15.49 73.81
C LYS A 821 -36.25 -14.34 74.72
N ARG A 822 -36.90 -13.31 74.15
CA ARG A 822 -37.34 -12.15 74.91
C ARG A 822 -38.74 -11.75 74.51
N GLU A 823 -39.64 -11.66 75.48
CA GLU A 823 -41.00 -11.21 75.21
C GLU A 823 -41.03 -9.74 74.80
N ALA A 824 -41.83 -9.42 73.78
CA ALA A 824 -41.95 -8.06 73.26
C ALA A 824 -43.22 -7.39 73.77
N THR A 825 -43.09 -6.13 74.21
CA THR A 825 -44.24 -5.31 74.59
C THR A 825 -44.62 -4.35 73.46
N ALA A 826 -45.88 -3.89 73.50
CA ALA A 826 -46.34 -2.90 72.53
C ALA A 826 -45.54 -1.61 72.60
N ASP A 827 -45.09 -1.22 73.79
CA ASP A 827 -44.29 0.00 73.92
C ASP A 827 -42.89 -0.19 73.34
N ASP A 828 -42.31 -1.38 73.51
CA ASP A 828 -40.96 -1.63 72.99
C ASP A 828 -40.94 -1.48 71.47
N LEU A 829 -41.92 -2.05 70.78
CA LEU A 829 -41.95 -1.95 69.33
C LEU A 829 -42.19 -0.51 68.88
N ILE A 830 -43.02 0.25 69.61
CA ILE A 830 -43.25 1.65 69.24
C ILE A 830 -41.92 2.39 69.17
N LYS A 831 -41.03 2.15 70.13
CA LYS A 831 -39.71 2.76 70.09
C LYS A 831 -38.88 2.26 68.91
N VAL A 832 -38.95 0.95 68.63
CA VAL A 832 -38.15 0.38 67.56
C VAL A 832 -38.59 0.94 66.21
N VAL A 833 -39.90 0.96 65.96
CA VAL A 833 -40.37 1.46 64.67
C VAL A 833 -40.07 2.94 64.52
N GLU A 834 -40.19 3.71 65.61
CA GLU A 834 -39.89 5.14 65.54
C GLU A 834 -38.43 5.37 65.18
N GLU A 835 -37.52 4.51 65.63
CA GLU A 835 -36.13 4.61 65.18
C GLU A 835 -36.03 4.33 63.67
N LEU A 836 -36.86 3.40 63.16
CA LEU A 836 -36.83 3.11 61.74
C LEU A 836 -37.40 4.25 60.92
N THR A 837 -38.31 5.04 61.49
CA THR A 837 -38.86 6.19 60.77
C THR A 837 -37.86 7.34 60.67
N ARG A 838 -36.72 7.25 61.34
CA ARG A 838 -35.69 8.29 61.30
C ARG A 838 -34.73 8.13 60.13
N ILE A 839 -34.83 7.03 59.38
CA ILE A 839 -33.95 6.83 58.23
C ILE A 839 -34.38 7.67 57.03
N HIS A 840 -35.66 8.03 56.94
CA HIS A 840 -36.18 8.82 55.82
C HIS A 840 -36.71 10.17 56.31
N THR B 7 -8.00 -33.74 8.46
CA THR B 7 -9.19 -33.35 7.73
C THR B 7 -10.27 -32.77 8.65
N GLU B 8 -11.36 -32.31 8.05
CA GLU B 8 -12.46 -31.72 8.81
C GLU B 8 -13.11 -32.73 9.75
N SER B 9 -12.90 -34.03 9.52
CA SER B 9 -13.60 -35.07 10.26
C SER B 9 -12.87 -35.51 11.52
N ASP B 10 -11.58 -35.21 11.67
CA ASP B 10 -10.77 -35.69 12.79
C ASP B 10 -11.05 -34.82 14.02
N TRP B 11 -12.20 -35.08 14.65
CA TRP B 11 -12.61 -34.34 15.82
C TRP B 11 -11.83 -34.80 17.06
N GLY B 12 -11.87 -33.96 18.10
CA GLY B 12 -11.27 -34.27 19.37
C GLY B 12 -9.79 -33.97 19.48
N LYS B 13 -9.13 -33.57 18.40
CA LYS B 13 -7.72 -33.23 18.44
C LYS B 13 -7.47 -31.72 18.50
N ARG B 14 -8.15 -30.94 17.66
CA ARG B 14 -7.93 -29.50 17.65
C ARG B 14 -8.18 -28.92 19.03
N CYS B 15 -7.34 -27.96 19.42
CA CYS B 15 -7.39 -27.37 20.76
C CYS B 15 -8.38 -26.22 20.83
N VAL B 16 -8.86 -25.96 22.06
CA VAL B 16 -9.74 -24.84 22.33
C VAL B 16 -9.01 -23.51 22.27
N ASP B 17 -7.68 -23.52 22.16
CA ASP B 17 -6.94 -22.28 21.98
C ASP B 17 -7.42 -21.53 20.75
N LYS B 18 -7.93 -22.25 19.76
CA LYS B 18 -8.29 -21.66 18.48
C LYS B 18 -9.54 -20.80 18.58
N PHE B 19 -10.22 -20.78 19.71
CA PHE B 19 -11.41 -19.96 19.93
C PHE B 19 -11.12 -18.92 21.01
N ASP B 20 -11.52 -17.68 20.74
CA ASP B 20 -11.42 -16.59 21.70
C ASP B 20 -12.74 -16.48 22.45
N ILE B 21 -12.71 -16.76 23.75
CA ILE B 21 -13.91 -16.79 24.57
C ILE B 21 -14.43 -15.38 24.81
N ILE B 22 -15.73 -15.17 24.62
CA ILE B 22 -16.33 -13.88 24.90
C ILE B 22 -17.00 -13.86 26.27
N GLY B 23 -17.66 -14.95 26.66
CA GLY B 23 -18.17 -15.04 28.02
C GLY B 23 -19.09 -16.23 28.19
N ILE B 24 -19.51 -16.44 29.44
CA ILE B 24 -20.42 -17.54 29.76
C ILE B 24 -21.85 -17.11 29.48
N ILE B 25 -22.62 -18.00 28.85
CA ILE B 25 -24.01 -17.72 28.51
C ILE B 25 -24.98 -18.75 29.10
N GLY B 26 -24.52 -19.76 29.83
CA GLY B 26 -25.44 -20.73 30.40
C GLY B 26 -24.73 -21.84 31.16
N GLU B 27 -25.51 -22.51 32.02
CA GLU B 27 -25.06 -23.72 32.72
C GLU B 27 -26.19 -24.74 32.80
N GLY B 28 -26.07 -25.87 32.08
CA GLY B 28 -27.06 -26.91 32.24
C GLY B 28 -26.61 -28.28 31.77
N THR B 29 -27.31 -29.30 32.29
CA THR B 29 -27.13 -30.71 31.98
C THR B 29 -25.77 -31.25 32.42
N TYR B 30 -24.69 -30.97 31.72
CA TYR B 30 -23.38 -31.46 32.15
C TYR B 30 -22.37 -30.38 32.47
N GLY B 31 -22.27 -29.34 31.63
CA GLY B 31 -21.31 -28.27 31.83
C GLY B 31 -21.81 -26.94 31.30
N GLN B 32 -21.02 -25.91 31.57
CA GLN B 32 -21.38 -24.54 31.23
C GLN B 32 -21.14 -24.26 29.75
N VAL B 33 -21.99 -23.40 29.18
CA VAL B 33 -21.90 -23.00 27.78
C VAL B 33 -21.22 -21.64 27.70
N TYR B 34 -20.27 -21.50 26.78
CA TYR B 34 -19.55 -20.26 26.58
C TYR B 34 -19.78 -19.76 25.15
N LYS B 35 -19.74 -18.45 24.97
CA LYS B 35 -19.78 -17.81 23.65
C LYS B 35 -18.34 -17.52 23.24
N ALA B 36 -17.98 -17.86 22.00
CA ALA B 36 -16.61 -17.72 21.54
C ALA B 36 -16.58 -17.27 20.09
N LYS B 37 -15.40 -16.83 19.65
CA LYS B 37 -15.17 -16.49 18.24
C LYS B 37 -13.95 -17.26 17.76
N ASP B 38 -14.09 -17.96 16.64
CA ASP B 38 -12.96 -18.65 16.03
C ASP B 38 -11.91 -17.63 15.61
N LYS B 39 -10.67 -17.85 16.06
CA LYS B 39 -9.59 -16.93 15.69
C LYS B 39 -9.34 -16.93 14.19
N ASP B 40 -9.40 -18.11 13.56
CA ASP B 40 -9.03 -18.23 12.15
C ASP B 40 -10.09 -17.63 11.24
N THR B 41 -11.36 -17.96 11.48
CA THR B 41 -12.44 -17.55 10.60
C THR B 41 -13.24 -16.36 11.12
N GLY B 42 -13.25 -16.13 12.43
CA GLY B 42 -14.11 -15.11 12.98
C GLY B 42 -15.55 -15.54 13.14
N GLU B 43 -15.84 -16.83 13.00
CA GLU B 43 -17.21 -17.30 13.12
C GLU B 43 -17.55 -17.48 14.60
N LEU B 44 -18.68 -16.91 15.01
CA LEU B 44 -19.15 -17.07 16.37
C LEU B 44 -19.56 -18.52 16.61
N VAL B 45 -19.19 -19.06 17.78
CA VAL B 45 -19.51 -20.43 18.13
C VAL B 45 -19.93 -20.48 19.59
N ALA B 46 -20.61 -21.55 19.97
CA ALA B 46 -20.99 -21.81 21.35
C ALA B 46 -20.35 -23.12 21.80
N LEU B 47 -19.74 -23.09 22.98
CA LEU B 47 -18.89 -24.19 23.48
C LEU B 47 -19.48 -24.77 24.75
N LYS B 48 -19.87 -26.05 24.71
CA LYS B 48 -20.39 -26.76 25.87
C LYS B 48 -19.25 -27.55 26.50
N LYS B 49 -18.79 -27.11 27.67
CA LYS B 49 -17.71 -27.82 28.35
C LYS B 49 -18.27 -29.14 28.86
N VAL B 50 -17.58 -30.24 28.55
CA VAL B 50 -18.01 -31.58 28.95
C VAL B 50 -16.93 -32.10 29.87
N ARG B 51 -17.27 -32.24 31.14
CA ARG B 51 -16.29 -32.59 32.17
C ARG B 51 -16.45 -34.07 32.48
N LEU B 52 -15.39 -34.83 32.19
CA LEU B 52 -15.30 -36.24 32.51
C LEU B 52 -14.53 -36.50 33.79
N ASP B 53 -14.10 -35.44 34.49
CA ASP B 53 -13.30 -35.63 35.68
C ASP B 53 -14.06 -36.39 36.78
N ASN B 54 -15.39 -36.33 36.78
CA ASN B 54 -16.14 -36.99 37.84
C ASN B 54 -15.79 -38.48 37.92
N GLU B 55 -15.68 -39.15 36.78
CA GLU B 55 -15.27 -40.56 36.71
C GLU B 55 -16.25 -41.50 37.39
N LYS B 56 -17.42 -41.02 37.79
CA LYS B 56 -18.48 -41.92 38.24
C LYS B 56 -18.95 -42.79 37.08
N GLU B 57 -19.24 -42.16 35.94
CA GLU B 57 -19.58 -42.85 34.70
C GLU B 57 -18.83 -42.27 33.51
N GLY B 58 -17.71 -41.60 33.75
CA GLY B 58 -16.90 -41.06 32.66
C GLY B 58 -17.63 -39.99 31.87
N PHE B 59 -17.46 -40.04 30.55
CA PHE B 59 -18.06 -39.07 29.65
C PHE B 59 -19.57 -39.07 29.85
N PRO B 60 -20.21 -37.91 30.03
CA PRO B 60 -21.65 -37.90 30.28
C PRO B 60 -22.46 -38.49 29.14
N ILE B 61 -23.42 -39.38 29.49
CA ILE B 61 -24.26 -39.97 28.46
C ILE B 61 -25.15 -38.92 27.82
N THR B 62 -25.52 -37.86 28.56
CA THR B 62 -26.29 -36.78 27.95
C THR B 62 -25.52 -36.15 26.81
N ALA B 63 -24.20 -36.02 26.96
CA ALA B 63 -23.36 -35.51 25.88
C ALA B 63 -23.21 -36.54 24.77
N ILE B 64 -23.10 -37.83 25.14
CA ILE B 64 -22.97 -38.88 24.12
C ILE B 64 -24.18 -38.87 23.18
N ARG B 65 -25.39 -38.73 23.74
CA ARG B 65 -26.58 -38.69 22.90
C ARG B 65 -26.52 -37.51 21.94
N GLU B 66 -26.09 -36.35 22.44
CA GLU B 66 -26.08 -35.14 21.62
C GLU B 66 -24.99 -35.18 20.57
N ILE B 67 -23.91 -35.92 20.82
CA ILE B 67 -22.87 -36.11 19.81
C ILE B 67 -23.33 -37.09 18.75
N LYS B 68 -23.98 -38.19 19.19
CA LYS B 68 -24.40 -39.24 18.27
C LYS B 68 -25.51 -38.77 17.35
N ILE B 69 -26.54 -38.14 17.91
CA ILE B 69 -27.72 -37.77 17.12
C ILE B 69 -27.41 -36.58 16.21
N LEU B 70 -26.79 -35.53 16.74
CA LEU B 70 -26.62 -34.30 15.98
C LEU B 70 -25.56 -34.42 14.89
N ARG B 71 -24.73 -35.46 14.89
CA ARG B 71 -23.90 -35.72 13.72
C ARG B 71 -24.67 -36.43 12.62
N GLN B 72 -25.75 -37.14 12.98
CA GLN B 72 -26.63 -37.74 11.98
C GLN B 72 -27.61 -36.73 11.38
N LEU B 73 -28.13 -35.81 12.19
CA LEU B 73 -29.24 -34.95 11.76
C LEU B 73 -28.69 -33.72 11.05
N ILE B 74 -29.20 -33.48 9.85
CA ILE B 74 -28.82 -32.33 9.03
C ILE B 74 -30.12 -31.62 8.64
N HIS B 75 -30.42 -30.50 9.29
CA HIS B 75 -31.57 -29.71 8.91
C HIS B 75 -31.34 -28.27 9.35
N ARG B 76 -31.90 -27.32 8.60
CA ARG B 76 -31.79 -25.91 8.97
C ARG B 76 -32.53 -25.60 10.26
N SER B 77 -33.41 -26.49 10.70
CA SER B 77 -34.20 -26.30 11.91
C SER B 77 -33.67 -27.12 13.08
N VAL B 78 -32.47 -27.68 12.94
CA VAL B 78 -31.77 -28.41 13.98
C VAL B 78 -30.36 -27.85 14.10
N VAL B 79 -29.90 -27.65 15.34
CA VAL B 79 -28.64 -26.95 15.55
C VAL B 79 -27.46 -27.82 15.15
N ASN B 80 -26.44 -27.20 14.58
CA ASN B 80 -25.28 -27.90 14.05
C ASN B 80 -24.16 -28.01 15.06
N MET B 81 -23.54 -29.18 15.13
CA MET B 81 -22.32 -29.38 15.91
C MET B 81 -21.15 -29.33 14.93
N LYS B 82 -20.40 -28.24 14.97
CA LYS B 82 -19.32 -28.02 14.00
C LYS B 82 -18.15 -28.96 14.27
N GLU B 83 -17.75 -29.13 15.52
CA GLU B 83 -16.66 -30.04 15.87
C GLU B 83 -16.64 -30.22 17.38
N ILE B 84 -15.62 -30.93 17.88
CA ILE B 84 -15.35 -31.07 19.31
C ILE B 84 -13.86 -30.78 19.50
N VAL B 85 -13.53 -29.94 20.49
CA VAL B 85 -12.15 -29.51 20.72
C VAL B 85 -11.80 -29.72 22.18
N THR B 86 -10.48 -29.73 22.46
CA THR B 86 -9.97 -30.19 23.74
C THR B 86 -9.03 -29.18 24.40
N ASP B 87 -9.01 -29.24 25.74
CA ASP B 87 -8.07 -28.50 26.56
C ASP B 87 -6.65 -28.98 26.30
N LYS B 88 -5.66 -28.09 26.50
CA LYS B 88 -4.29 -28.49 26.27
C LYS B 88 -4.04 -29.74 27.12
N GLN B 89 -3.76 -30.85 26.47
CA GLN B 89 -3.70 -32.13 27.16
C GLN B 89 -2.31 -32.35 27.74
N ASP B 90 -2.25 -33.17 28.79
CA ASP B 90 -0.99 -33.43 29.46
C ASP B 90 -0.12 -34.27 28.54
N ALA B 91 1.10 -33.83 28.31
CA ALA B 91 1.99 -34.53 27.39
C ALA B 91 2.57 -35.77 28.07
N LEU B 92 2.49 -36.90 27.35
CA LEU B 92 3.00 -38.20 27.77
C LEU B 92 2.30 -38.76 29.02
N ASP B 93 1.35 -38.02 29.58
CA ASP B 93 0.59 -38.45 30.77
C ASP B 93 -0.89 -38.59 30.44
N PHE B 94 -1.27 -39.67 29.74
CA PHE B 94 -2.69 -39.80 29.39
C PHE B 94 -3.57 -40.02 30.63
N LYS B 95 -3.03 -40.68 31.66
CA LYS B 95 -3.79 -40.90 32.89
C LYS B 95 -3.98 -39.62 33.69
N LYS B 96 -2.91 -38.87 33.92
CA LYS B 96 -3.05 -37.65 34.71
C LYS B 96 -4.03 -36.68 34.07
N ASP B 97 -4.15 -36.70 32.74
CA ASP B 97 -4.97 -35.74 32.03
C ASP B 97 -6.40 -35.75 32.55
N LYS B 98 -6.87 -34.60 33.01
CA LYS B 98 -8.25 -34.39 33.41
C LYS B 98 -8.94 -33.29 32.62
N GLY B 99 -8.31 -32.83 31.52
CA GLY B 99 -8.91 -31.75 30.74
C GLY B 99 -10.27 -32.12 30.21
N ALA B 100 -11.03 -31.08 29.89
CA ALA B 100 -12.41 -31.22 29.45
C ALA B 100 -12.51 -31.02 27.94
N PHE B 101 -13.60 -31.54 27.37
CA PHE B 101 -13.93 -31.33 25.98
C PHE B 101 -14.93 -30.20 25.82
N TYR B 102 -14.91 -29.59 24.64
CA TYR B 102 -15.86 -28.54 24.29
C TYR B 102 -16.60 -28.98 23.03
N LEU B 103 -17.92 -29.09 23.13
CA LEU B 103 -18.75 -29.36 21.96
C LEU B 103 -18.98 -28.02 21.26
N VAL B 104 -18.57 -27.91 20.01
CA VAL B 104 -18.65 -26.66 19.26
C VAL B 104 -19.94 -26.64 18.46
N PHE B 105 -20.82 -25.69 18.80
CA PHE B 105 -22.06 -25.48 18.07
C PHE B 105 -22.01 -24.14 17.35
N GLU B 106 -22.83 -24.05 16.31
CA GLU B 106 -23.16 -22.76 15.72
C GLU B 106 -23.78 -21.87 16.78
N TYR B 107 -23.42 -20.60 16.77
CA TYR B 107 -23.96 -19.64 17.74
C TYR B 107 -25.28 -19.08 17.24
N MET B 108 -26.32 -19.21 18.05
CA MET B 108 -27.64 -18.65 17.77
C MET B 108 -27.84 -17.40 18.61
N ASP B 109 -28.48 -16.39 18.03
CA ASP B 109 -28.50 -15.07 18.66
C ASP B 109 -29.28 -15.07 19.98
N HIS B 110 -30.47 -15.66 20.00
CA HIS B 110 -31.32 -15.57 21.19
C HIS B 110 -31.96 -16.91 21.48
N ASP B 111 -32.60 -17.00 22.65
CA ASP B 111 -33.41 -18.13 23.03
C ASP B 111 -34.81 -17.62 23.27
N LEU B 112 -35.81 -18.44 22.95
CA LEU B 112 -37.18 -17.94 22.95
C LEU B 112 -37.60 -17.45 24.34
N MET B 113 -37.26 -18.20 25.39
CA MET B 113 -37.66 -17.82 26.73
C MET B 113 -37.30 -16.38 27.06
N GLY B 114 -36.04 -16.01 26.89
CA GLY B 114 -35.60 -14.68 27.25
C GLY B 114 -36.36 -13.60 26.51
N LEU B 115 -36.71 -13.87 25.26
CA LEU B 115 -37.44 -12.89 24.46
C LEU B 115 -38.84 -12.71 25.01
N LEU B 116 -39.52 -13.81 25.31
CA LEU B 116 -40.86 -13.73 25.90
C LEU B 116 -40.80 -13.18 27.32
N GLU B 117 -39.84 -13.65 28.12
CA GLU B 117 -39.75 -13.23 29.53
C GLU B 117 -39.53 -11.73 29.65
N SER B 118 -38.54 -11.19 28.94
CA SER B 118 -38.32 -9.75 28.99
C SER B 118 -39.47 -8.98 28.34
N GLY B 119 -40.39 -9.67 27.67
CA GLY B 119 -41.50 -9.00 27.06
C GLY B 119 -41.09 -8.12 25.92
N LEU B 120 -39.89 -8.33 25.40
CA LEU B 120 -39.30 -7.50 24.37
C LEU B 120 -39.64 -7.99 22.97
N VAL B 121 -40.46 -9.03 22.86
CA VAL B 121 -40.78 -9.65 21.58
C VAL B 121 -42.29 -9.63 21.40
N HIS B 122 -42.74 -9.09 20.28
CA HIS B 122 -44.13 -9.16 19.86
C HIS B 122 -44.24 -10.05 18.62
N PHE B 123 -45.19 -10.97 18.64
CA PHE B 123 -45.36 -11.94 17.55
C PHE B 123 -46.69 -11.69 16.84
N SER B 124 -46.61 -11.43 15.54
CA SER B 124 -47.78 -11.33 14.69
C SER B 124 -48.13 -12.73 14.16
N GLU B 125 -49.30 -12.85 13.55
CA GLU B 125 -49.70 -14.15 13.02
C GLU B 125 -48.64 -14.68 12.04
N ASP B 126 -48.20 -13.84 11.12
CA ASP B 126 -47.21 -14.27 10.13
C ASP B 126 -45.91 -14.67 10.81
N HIS B 127 -45.49 -13.92 11.83
CA HIS B 127 -44.29 -14.30 12.57
C HIS B 127 -44.44 -15.69 13.18
N ILE B 128 -45.60 -15.95 13.79
CA ILE B 128 -45.81 -17.25 14.45
C ILE B 128 -45.74 -18.39 13.44
N LYS B 129 -46.26 -18.17 12.22
CA LYS B 129 -46.19 -19.22 11.21
C LYS B 129 -44.75 -19.64 10.92
N SER B 130 -43.90 -18.67 10.57
CA SER B 130 -42.51 -19.00 10.24
C SER B 130 -41.84 -19.76 11.38
N PHE B 131 -42.03 -19.29 12.61
CA PHE B 131 -41.44 -19.96 13.78
C PHE B 131 -41.89 -21.41 13.85
N MET B 132 -43.21 -21.65 13.83
CA MET B 132 -43.73 -23.01 13.94
C MET B 132 -43.35 -23.86 12.73
N LYS B 133 -43.44 -23.28 11.52
CA LYS B 133 -43.13 -24.06 10.33
C LYS B 133 -41.72 -24.64 10.40
N GLN B 134 -40.74 -23.85 10.84
CA GLN B 134 -39.39 -24.36 10.95
C GLN B 134 -39.28 -25.42 12.04
N LEU B 135 -39.80 -25.12 13.23
CA LEU B 135 -39.79 -26.11 14.30
C LEU B 135 -40.41 -27.42 13.85
N MET B 136 -41.53 -27.37 13.13
CA MET B 136 -42.12 -28.61 12.63
C MET B 136 -41.23 -29.24 11.56
N GLU B 137 -40.75 -28.44 10.60
CA GLU B 137 -39.81 -28.98 9.63
C GLU B 137 -38.68 -29.72 10.33
N GLY B 138 -38.15 -29.15 11.41
CA GLY B 138 -37.15 -29.85 12.19
C GLY B 138 -37.73 -31.06 12.89
N LEU B 139 -38.84 -30.86 13.61
CA LEU B 139 -39.43 -31.98 14.35
C LEU B 139 -39.80 -33.12 13.42
N GLU B 140 -40.37 -32.80 12.25
CA GLU B 140 -40.69 -33.84 11.28
C GLU B 140 -39.44 -34.57 10.83
N TYR B 141 -38.42 -33.82 10.41
CA TYR B 141 -37.17 -34.47 10.02
C TYR B 141 -36.69 -35.42 11.11
N CYS B 142 -36.77 -35.00 12.39
CA CYS B 142 -36.31 -35.87 13.47
C CYS B 142 -37.26 -37.03 13.67
N HIS B 143 -38.56 -36.77 13.71
CA HIS B 143 -39.52 -37.86 13.90
C HIS B 143 -39.45 -38.86 12.75
N LYS B 144 -39.09 -38.41 11.54
CA LYS B 144 -38.95 -39.34 10.43
C LYS B 144 -37.72 -40.21 10.60
N LYS B 145 -36.67 -39.67 11.21
CA LYS B 145 -35.47 -40.45 11.52
C LYS B 145 -35.64 -41.29 12.80
N ASN B 146 -36.84 -41.32 13.38
CA ASN B 146 -37.12 -42.14 14.56
C ASN B 146 -36.29 -41.69 15.77
N PHE B 147 -36.20 -40.37 15.95
CA PHE B 147 -35.59 -39.77 17.13
C PHE B 147 -36.62 -38.91 17.82
N LEU B 148 -36.59 -38.89 19.15
CA LEU B 148 -37.54 -38.11 19.94
C LEU B 148 -36.75 -37.12 20.79
N HIS B 149 -37.14 -35.85 20.74
CA HIS B 149 -36.40 -34.83 21.46
C HIS B 149 -36.61 -34.98 22.97
N ARG B 150 -37.85 -35.11 23.40
CA ARG B 150 -38.23 -35.45 24.78
C ARG B 150 -37.98 -34.34 25.79
N ASP B 151 -37.70 -33.12 25.33
CA ASP B 151 -37.61 -32.02 26.28
C ASP B 151 -37.79 -30.67 25.59
N ILE B 152 -38.84 -30.55 24.79
CA ILE B 152 -39.14 -29.32 24.09
C ILE B 152 -39.49 -28.25 25.12
N LYS B 153 -38.85 -27.08 25.02
CA LYS B 153 -39.10 -25.99 25.96
C LYS B 153 -38.74 -24.69 25.26
N CYS B 154 -39.33 -23.59 25.76
CA CYS B 154 -38.95 -22.27 25.26
C CYS B 154 -37.50 -21.99 25.59
N SER B 155 -37.02 -22.57 26.69
CA SER B 155 -35.63 -22.48 27.10
C SER B 155 -34.69 -23.07 26.07
N ASN B 156 -35.17 -23.86 25.10
CA ASN B 156 -34.24 -24.38 24.10
C ASN B 156 -34.77 -24.35 22.66
N ILE B 157 -35.69 -23.44 22.33
CA ILE B 157 -35.93 -23.07 20.94
C ILE B 157 -35.06 -21.84 20.67
N LEU B 158 -34.14 -21.93 19.71
CA LEU B 158 -33.21 -20.83 19.45
C LEU B 158 -33.58 -20.09 18.17
N LEU B 159 -33.27 -18.79 18.15
CA LEU B 159 -33.70 -17.89 17.10
C LEU B 159 -32.56 -16.96 16.71
N ASN B 160 -32.37 -16.77 15.42
CA ASN B 160 -31.49 -15.71 14.96
C ASN B 160 -32.35 -14.51 14.60
N ASN B 161 -31.72 -13.34 14.55
CA ASN B 161 -32.46 -12.13 14.22
C ASN B 161 -33.09 -12.23 12.84
N SER B 162 -32.54 -13.08 11.97
CA SER B 162 -33.08 -13.29 10.63
C SER B 162 -34.42 -14.00 10.64
N GLY B 163 -34.85 -14.57 11.78
CA GLY B 163 -36.06 -15.35 11.85
C GLY B 163 -35.84 -16.83 11.71
N GLN B 164 -34.59 -17.27 11.63
CA GLN B 164 -34.22 -18.67 11.52
C GLN B 164 -34.34 -19.31 12.89
N ILE B 165 -35.13 -20.39 12.99
CA ILE B 165 -35.30 -21.14 14.23
C ILE B 165 -34.49 -22.43 14.16
N LYS B 166 -33.85 -22.79 15.27
CA LYS B 166 -33.23 -24.09 15.42
C LYS B 166 -33.56 -24.70 16.78
N LEU B 167 -33.71 -26.02 16.80
CA LEU B 167 -34.00 -26.83 17.98
C LEU B 167 -32.69 -27.38 18.53
N ALA B 168 -32.60 -27.50 19.87
CA ALA B 168 -31.27 -27.64 20.45
C ALA B 168 -30.92 -28.70 21.50
N ASP B 169 -31.70 -28.83 22.58
CA ASP B 169 -31.24 -29.64 23.71
C ASP B 169 -31.55 -31.13 23.51
N PHE B 170 -30.67 -31.79 22.77
CA PHE B 170 -30.80 -33.22 22.50
C PHE B 170 -30.16 -34.10 23.58
N GLY B 171 -29.97 -33.58 24.78
CA GLY B 171 -29.36 -34.38 25.83
C GLY B 171 -30.17 -35.59 26.22
N LEU B 172 -31.49 -35.49 26.19
CA LEU B 172 -32.37 -36.61 26.52
C LEU B 172 -32.95 -37.34 25.31
N ALA B 173 -32.47 -37.07 24.10
CA ALA B 173 -33.08 -37.66 22.91
C ALA B 173 -32.70 -39.13 22.76
N ARG B 174 -33.68 -39.95 22.35
CA ARG B 174 -33.48 -41.38 22.17
C ARG B 174 -34.28 -41.86 20.96
N LEU B 175 -33.94 -43.06 20.50
CA LEU B 175 -34.61 -43.70 19.38
C LEU B 175 -35.93 -44.34 19.78
N TYR B 176 -36.87 -44.35 18.82
CA TYR B 176 -38.21 -44.90 19.01
C TYR B 176 -38.41 -46.04 18.02
N ASN B 177 -38.82 -47.21 18.53
CA ASN B 177 -39.16 -48.34 17.68
C ASN B 177 -40.65 -48.61 17.79
N SER B 178 -41.36 -48.46 16.66
CA SER B 178 -42.79 -48.69 16.63
C SER B 178 -43.14 -50.16 16.89
N GLU B 179 -42.39 -51.07 16.28
CA GLU B 179 -42.67 -52.50 16.44
C GLU B 179 -42.40 -52.97 17.85
N GLU B 180 -41.27 -52.57 18.43
CA GLU B 180 -40.83 -53.00 19.76
C GLU B 180 -40.82 -51.83 20.72
N SER B 181 -41.97 -51.53 21.32
CA SER B 181 -42.02 -50.48 22.32
C SER B 181 -41.09 -50.85 23.46
N ARG B 182 -40.31 -49.88 23.93
CA ARG B 182 -39.26 -50.15 24.90
C ARG B 182 -39.60 -49.48 26.23
N PRO B 183 -39.15 -50.02 27.36
CA PRO B 183 -39.35 -49.30 28.62
C PRO B 183 -38.56 -48.00 28.57
N TYR B 184 -39.18 -46.92 29.04
CA TYR B 184 -38.56 -45.59 28.97
C TYR B 184 -38.67 -44.82 30.30
N TPO B 185 -38.14 -43.60 30.32
CA TPO B 185 -38.13 -42.73 31.50
CB TPO B 185 -36.79 -41.94 31.58
CG2 TPO B 185 -36.78 -41.09 32.84
OG1 TPO B 185 -35.78 -42.96 31.56
P TPO B 185 -34.67 -42.76 30.41
O1P TPO B 185 -35.30 -43.11 28.97
O2P TPO B 185 -34.12 -41.25 30.39
O3P TPO B 185 -33.49 -43.61 30.74
C TPO B 185 -39.33 -41.79 31.48
O TPO B 185 -39.46 -40.96 30.57
H TPO B 185 -37.77 -43.23 29.63
HA TPO B 185 -38.19 -43.28 32.31
HB TPO B 185 -36.65 -41.23 30.76
HG21 TPO B 185 -35.80 -40.62 32.96
HG22 TPO B 185 -37.00 -41.71 33.71
HG23 TPO B 185 -37.54 -40.30 32.76
N ASN B 186 -40.21 -41.91 32.47
CA ASN B 186 -41.48 -41.17 32.51
C ASN B 186 -41.35 -39.65 32.60
N LYS B 187 -40.44 -39.15 33.45
CA LYS B 187 -40.29 -37.72 33.68
C LYS B 187 -39.34 -37.11 32.65
N VAL B 188 -39.78 -37.13 31.39
CA VAL B 188 -38.88 -36.78 30.27
C VAL B 188 -39.03 -35.32 29.84
N ILE B 189 -40.25 -34.77 29.64
CA ILE B 189 -40.41 -33.38 29.22
C ILE B 189 -40.68 -32.56 30.48
N THR B 190 -40.28 -31.29 30.49
CA THR B 190 -40.45 -30.49 31.71
C THR B 190 -41.93 -30.26 31.98
N LEU B 191 -42.27 -30.10 33.26
CA LEU B 191 -43.67 -30.19 33.67
C LEU B 191 -44.54 -29.19 32.91
N TRP B 192 -44.05 -27.95 32.73
CA TRP B 192 -44.86 -26.96 32.02
C TRP B 192 -45.22 -27.41 30.61
N TYR B 193 -44.38 -28.26 29.99
CA TYR B 193 -44.63 -28.74 28.63
C TYR B 193 -44.81 -30.25 28.62
N ARG B 194 -45.26 -30.84 29.74
CA ARG B 194 -45.33 -32.29 29.80
C ARG B 194 -46.62 -32.80 29.15
N PRO B 195 -46.55 -33.91 28.43
CA PRO B 195 -47.77 -34.48 27.84
C PRO B 195 -48.59 -35.17 28.90
N PRO B 196 -49.93 -35.15 28.78
CA PRO B 196 -50.74 -35.85 29.78
C PRO B 196 -50.31 -37.30 29.95
N GLU B 197 -50.03 -37.98 28.84
CA GLU B 197 -49.66 -39.38 28.92
C GLU B 197 -48.50 -39.61 29.88
N LEU B 198 -47.47 -38.76 29.85
CA LEU B 198 -46.34 -38.96 30.75
C LEU B 198 -46.70 -38.60 32.19
N LEU B 199 -47.59 -37.63 32.39
CA LEU B 199 -48.03 -37.33 33.75
C LEU B 199 -48.65 -38.55 34.40
N LEU B 200 -49.37 -39.36 33.64
CA LEU B 200 -50.03 -40.54 34.18
C LEU B 200 -49.19 -41.80 34.07
N GLY B 201 -47.88 -41.67 33.81
CA GLY B 201 -46.98 -42.81 33.93
C GLY B 201 -46.83 -43.64 32.67
N GLU B 202 -47.06 -43.07 31.49
CA GLU B 202 -47.07 -43.89 30.27
C GLU B 202 -45.79 -44.71 30.13
N GLU B 203 -44.63 -44.07 30.26
CA GLU B 203 -43.36 -44.79 30.27
C GLU B 203 -43.04 -45.50 28.96
N ARG B 204 -43.99 -45.52 28.02
CA ARG B 204 -43.79 -46.12 26.69
C ARG B 204 -44.21 -45.02 25.70
N TYR B 205 -43.36 -44.02 25.48
CA TYR B 205 -43.86 -42.85 24.79
C TYR B 205 -43.73 -42.93 23.28
N THR B 206 -44.67 -42.26 22.62
CA THR B 206 -44.71 -42.09 21.18
C THR B 206 -44.02 -40.80 20.81
N PRO B 207 -43.79 -40.57 19.52
CA PRO B 207 -43.32 -39.25 19.09
C PRO B 207 -44.30 -38.14 19.40
N ALA B 208 -45.57 -38.47 19.70
CA ALA B 208 -46.56 -37.45 19.97
C ALA B 208 -46.18 -36.57 21.15
N ILE B 209 -45.39 -37.09 22.10
CA ILE B 209 -45.02 -36.32 23.29
C ILE B 209 -44.40 -34.98 22.89
N ASP B 210 -43.62 -34.98 21.80
CA ASP B 210 -43.00 -33.73 21.38
C ASP B 210 -44.01 -32.83 20.69
N VAL B 211 -45.07 -33.41 20.13
CA VAL B 211 -46.10 -32.60 19.50
C VAL B 211 -46.87 -31.82 20.56
N TRP B 212 -47.17 -32.46 21.69
CA TRP B 212 -47.90 -31.77 22.75
C TRP B 212 -47.15 -30.52 23.18
N SER B 213 -45.84 -30.66 23.41
CA SER B 213 -45.05 -29.50 23.83
C SER B 213 -45.14 -28.37 22.81
N CYS B 214 -44.95 -28.69 21.52
CA CYS B 214 -45.03 -27.65 20.50
C CYS B 214 -46.39 -26.97 20.48
N GLY B 215 -47.46 -27.71 20.76
CA GLY B 215 -48.76 -27.07 20.86
C GLY B 215 -48.83 -26.09 22.02
N CYS B 216 -48.32 -26.51 23.19
CA CYS B 216 -48.19 -25.60 24.31
C CYS B 216 -47.44 -24.33 23.91
N ILE B 217 -46.37 -24.48 23.13
CA ILE B 217 -45.64 -23.30 22.64
C ILE B 217 -46.53 -22.48 21.71
N LEU B 218 -47.26 -23.14 20.80
CA LEU B 218 -48.16 -22.43 19.90
C LEU B 218 -49.08 -21.50 20.68
N GLY B 219 -49.75 -22.03 21.70
CA GLY B 219 -50.57 -21.17 22.56
C GLY B 219 -49.72 -20.13 23.27
N GLU B 220 -48.51 -20.50 23.68
CA GLU B 220 -47.60 -19.57 24.32
C GLU B 220 -47.18 -18.45 23.38
N LEU B 221 -47.30 -18.64 22.07
CA LEU B 221 -46.97 -17.58 21.14
C LEU B 221 -48.08 -16.57 20.98
N PHE B 222 -49.33 -16.96 21.25
CA PHE B 222 -50.46 -16.04 21.18
C PHE B 222 -50.73 -15.33 22.49
N THR B 223 -50.56 -16.01 23.62
CA THR B 223 -50.71 -15.37 24.93
C THR B 223 -49.39 -14.90 25.51
N LYS B 224 -48.26 -15.41 25.02
CA LYS B 224 -46.91 -15.12 25.53
C LYS B 224 -46.67 -15.73 26.90
N LYS B 225 -47.52 -16.66 27.31
CA LYS B 225 -47.41 -17.38 28.57
C LYS B 225 -47.60 -18.88 28.33
N PRO B 226 -46.79 -19.72 28.97
CA PRO B 226 -47.03 -21.16 28.87
C PRO B 226 -48.45 -21.49 29.27
N ILE B 227 -49.10 -22.32 28.45
CA ILE B 227 -50.52 -22.63 28.67
C ILE B 227 -50.70 -23.31 30.02
N PHE B 228 -49.89 -24.34 30.31
CA PHE B 228 -50.03 -25.13 31.53
C PHE B 228 -48.78 -24.92 32.38
N GLN B 229 -48.95 -24.27 33.54
CA GLN B 229 -47.85 -24.05 34.48
C GLN B 229 -48.21 -24.59 35.85
N ALA B 230 -47.37 -25.47 36.39
CA ALA B 230 -47.56 -25.99 37.73
C ALA B 230 -46.23 -26.52 38.24
N ASN B 231 -46.17 -26.73 39.55
CA ASN B 231 -44.99 -27.32 40.17
C ASN B 231 -45.23 -28.75 40.63
N LEU B 232 -46.44 -29.28 40.45
CA LEU B 232 -46.75 -30.63 40.89
C LEU B 232 -47.40 -31.40 39.76
N GLU B 233 -47.05 -32.69 39.65
CA GLU B 233 -47.52 -33.47 38.50
C GLU B 233 -49.03 -33.56 38.44
N LEU B 234 -49.71 -33.50 39.58
CA LEU B 234 -51.17 -33.56 39.58
C LEU B 234 -51.82 -32.22 39.35
N ALA B 235 -51.20 -31.12 39.79
CA ALA B 235 -51.73 -29.80 39.50
C ALA B 235 -51.69 -29.52 38.00
N GLN B 236 -50.63 -29.97 37.33
CA GLN B 236 -50.56 -29.82 35.89
C GLN B 236 -51.74 -30.51 35.21
N LEU B 237 -52.03 -31.75 35.63
CA LEU B 237 -53.15 -32.48 35.07
C LEU B 237 -54.46 -31.72 35.25
N GLU B 238 -54.62 -31.07 36.41
CA GLU B 238 -55.83 -30.28 36.66
C GLU B 238 -55.94 -29.13 35.65
N LEU B 239 -54.85 -28.39 35.46
CA LEU B 239 -54.88 -27.27 34.54
C LEU B 239 -55.14 -27.76 33.12
N ILE B 240 -54.40 -28.79 32.68
CA ILE B 240 -54.65 -29.37 31.37
C ILE B 240 -56.10 -29.85 31.26
N SER B 241 -56.61 -30.48 32.32
CA SER B 241 -57.96 -31.02 32.27
C SER B 241 -59.01 -29.93 32.13
N ARG B 242 -58.80 -28.78 32.78
CA ARG B 242 -59.79 -27.70 32.66
C ARG B 242 -59.90 -27.21 31.23
N LEU B 243 -58.79 -27.19 30.49
CA LEU B 243 -58.79 -26.68 29.14
C LEU B 243 -59.07 -27.77 28.11
N CYS B 244 -58.35 -28.88 28.21
CA CYS B 244 -58.45 -29.95 27.21
C CYS B 244 -59.49 -31.00 27.55
N GLY B 245 -60.07 -30.95 28.74
CA GLY B 245 -61.01 -31.95 29.20
C GLY B 245 -60.33 -32.99 30.08
N SER B 246 -61.09 -33.51 31.03
CA SER B 246 -60.54 -34.49 31.94
C SER B 246 -60.32 -35.82 31.22
N PRO B 247 -59.22 -36.51 31.50
CA PRO B 247 -59.02 -37.83 30.87
C PRO B 247 -60.16 -38.77 31.21
N CYS B 248 -60.79 -39.33 30.19
CA CYS B 248 -61.91 -40.23 30.36
C CYS B 248 -61.83 -41.30 29.27
N PRO B 249 -62.39 -42.48 29.51
CA PRO B 249 -62.30 -43.54 28.49
C PRO B 249 -62.94 -43.16 27.16
N ALA B 250 -63.91 -42.24 27.17
CA ALA B 250 -64.58 -41.85 25.94
C ALA B 250 -63.62 -41.19 24.95
N VAL B 251 -62.78 -40.28 25.45
CA VAL B 251 -61.83 -39.60 24.56
C VAL B 251 -60.48 -40.30 24.51
N TRP B 252 -60.18 -41.15 25.50
CA TRP B 252 -58.89 -41.84 25.58
C TRP B 252 -59.17 -43.29 25.95
N PRO B 253 -59.40 -44.15 24.94
CA PRO B 253 -59.90 -45.50 25.25
C PRO B 253 -58.95 -46.29 26.13
N ASP B 254 -57.65 -46.09 25.97
CA ASP B 254 -56.62 -46.86 26.67
C ASP B 254 -56.09 -46.14 27.90
N VAL B 255 -56.82 -45.12 28.39
CA VAL B 255 -56.37 -44.40 29.58
C VAL B 255 -56.30 -45.34 30.77
N ILE B 256 -57.13 -46.38 30.79
CA ILE B 256 -57.15 -47.31 31.93
C ILE B 256 -55.85 -48.08 32.05
N ARG B 257 -55.13 -48.29 30.94
CA ARG B 257 -53.89 -49.05 31.01
C ARG B 257 -52.77 -48.28 31.71
N LEU B 258 -52.92 -46.97 31.87
CA LEU B 258 -51.85 -46.16 32.41
C LEU B 258 -51.62 -46.47 33.89
N PRO B 259 -50.36 -46.42 34.35
CA PRO B 259 -50.10 -46.77 35.76
C PRO B 259 -50.86 -45.94 36.77
N TYR B 260 -50.93 -44.62 36.59
CA TYR B 260 -51.46 -43.73 37.62
C TYR B 260 -52.80 -43.10 37.23
N PHE B 261 -53.60 -43.76 36.40
CA PHE B 261 -54.90 -43.21 36.03
C PHE B 261 -55.87 -43.21 37.20
N ASN B 262 -55.95 -44.33 37.93
CA ASN B 262 -56.83 -44.35 39.09
C ASN B 262 -56.27 -43.47 40.20
N THR B 263 -54.97 -43.50 40.40
CA THR B 263 -54.35 -42.72 41.48
C THR B 263 -54.57 -41.23 41.27
N MET B 264 -54.27 -40.73 40.08
CA MET B 264 -54.34 -39.31 39.75
C MET B 264 -55.65 -38.97 39.07
N LYS B 265 -56.57 -38.33 39.81
CA LYS B 265 -57.84 -37.90 39.25
C LYS B 265 -58.04 -36.40 39.39
N PRO B 266 -58.54 -35.71 38.36
CA PRO B 266 -58.87 -34.28 38.50
C PRO B 266 -60.08 -34.06 39.40
N LYS B 267 -60.21 -32.83 39.88
CA LYS B 267 -61.31 -32.49 40.78
C LYS B 267 -62.66 -32.90 40.19
N LYS B 268 -62.89 -32.59 38.92
CA LYS B 268 -64.14 -32.85 38.24
C LYS B 268 -63.82 -33.57 36.95
N GLN B 269 -64.87 -33.98 36.23
CA GLN B 269 -64.72 -34.43 34.84
C GLN B 269 -65.03 -33.22 33.97
N TYR B 270 -64.02 -32.37 33.81
CA TYR B 270 -64.19 -31.12 33.08
C TYR B 270 -64.44 -31.41 31.61
N ARG B 271 -65.26 -30.56 31.00
CA ARG B 271 -65.47 -30.59 29.56
C ARG B 271 -64.39 -29.78 28.86
N ARG B 272 -64.19 -30.08 27.57
CA ARG B 272 -63.19 -29.38 26.80
C ARG B 272 -63.66 -27.96 26.51
N ARG B 273 -62.79 -26.99 26.78
CA ARG B 273 -63.08 -25.57 26.60
C ARG B 273 -62.06 -24.88 25.70
N LEU B 274 -61.17 -25.63 25.05
CA LEU B 274 -60.05 -25.02 24.36
C LEU B 274 -60.52 -23.95 23.37
N ARG B 275 -61.48 -24.30 22.52
CA ARG B 275 -61.93 -23.34 21.52
C ARG B 275 -62.54 -22.09 22.16
N GLU B 276 -63.21 -22.25 23.29
CA GLU B 276 -63.80 -21.09 23.95
C GLU B 276 -62.74 -20.19 24.57
N GLU B 277 -61.83 -20.76 25.37
CA GLU B 277 -60.86 -19.93 26.06
C GLU B 277 -59.84 -19.34 25.09
N PHE B 278 -59.62 -19.98 23.95
CA PHE B 278 -58.74 -19.45 22.91
C PHE B 278 -59.53 -18.85 21.75
N SER B 279 -60.71 -18.30 22.02
CA SER B 279 -61.52 -17.74 20.94
C SER B 279 -60.79 -16.65 20.19
N PHE B 280 -59.86 -15.95 20.86
CA PHE B 280 -59.12 -14.88 20.21
C PHE B 280 -58.09 -15.37 19.21
N ILE B 281 -57.76 -16.67 19.23
CA ILE B 281 -56.80 -17.21 18.27
C ILE B 281 -57.46 -17.33 16.90
N PRO B 282 -56.74 -17.10 15.80
CA PRO B 282 -57.31 -17.30 14.47
C PRO B 282 -57.82 -18.73 14.28
N SER B 283 -58.84 -18.86 13.43
CA SER B 283 -59.51 -20.14 13.29
C SER B 283 -58.57 -21.23 12.77
N ALA B 284 -57.59 -20.85 11.94
CA ALA B 284 -56.68 -21.85 11.39
C ALA B 284 -55.72 -22.36 12.46
N ALA B 285 -55.24 -21.47 13.33
CA ALA B 285 -54.37 -21.90 14.42
C ALA B 285 -55.16 -22.63 15.49
N LEU B 286 -56.38 -22.15 15.78
CA LEU B 286 -57.19 -22.79 16.81
C LEU B 286 -57.41 -24.26 16.50
N ASP B 287 -57.71 -24.57 15.24
CA ASP B 287 -57.87 -25.97 14.84
C ASP B 287 -56.56 -26.74 15.05
N LEU B 288 -55.43 -26.11 14.71
CA LEU B 288 -54.14 -26.76 14.91
C LEU B 288 -53.89 -27.01 16.40
N LEU B 289 -54.19 -26.02 17.24
CA LEU B 289 -54.03 -26.22 18.68
C LEU B 289 -54.92 -27.35 19.18
N ASP B 290 -56.18 -27.37 18.74
CA ASP B 290 -57.09 -28.42 19.19
C ASP B 290 -56.52 -29.80 18.93
N HIS B 291 -55.89 -29.98 17.76
CA HIS B 291 -55.36 -31.28 17.40
C HIS B 291 -54.04 -31.56 18.11
N MET B 292 -53.14 -30.57 18.17
CA MET B 292 -51.88 -30.79 18.87
C MET B 292 -52.09 -31.07 20.35
N LEU B 293 -53.08 -30.40 20.96
CA LEU B 293 -53.37 -30.59 22.39
C LEU B 293 -54.51 -31.58 22.57
N THR B 294 -54.39 -32.75 21.95
CA THR B 294 -55.35 -33.83 22.09
C THR B 294 -54.87 -34.81 23.15
N LEU B 295 -55.78 -35.20 24.04
CA LEU B 295 -55.39 -36.01 25.19
C LEU B 295 -54.83 -37.35 24.75
N ASP B 296 -55.53 -38.05 23.86
CA ASP B 296 -55.13 -39.38 23.43
C ASP B 296 -53.95 -39.28 22.47
N PRO B 297 -52.80 -39.88 22.79
CA PRO B 297 -51.66 -39.80 21.87
C PRO B 297 -51.94 -40.39 20.49
N SER B 298 -52.80 -41.41 20.41
CA SER B 298 -53.12 -42.01 19.13
C SER B 298 -54.00 -41.11 18.27
N LYS B 299 -54.79 -40.23 18.90
CA LYS B 299 -55.60 -39.26 18.19
C LYS B 299 -54.88 -37.92 18.04
N ARG B 300 -53.76 -37.74 18.74
CA ARG B 300 -52.99 -36.52 18.61
C ARG B 300 -52.34 -36.45 17.23
N CYS B 301 -52.35 -35.27 16.63
CA CYS B 301 -51.81 -35.11 15.29
C CYS B 301 -50.31 -35.36 15.26
N THR B 302 -49.80 -35.66 14.06
CA THR B 302 -48.39 -35.89 13.85
C THR B 302 -47.71 -34.58 13.42
N ALA B 303 -46.38 -34.62 13.35
CA ALA B 303 -45.64 -33.46 12.87
C ALA B 303 -46.01 -33.14 11.42
N GLU B 304 -45.98 -34.15 10.56
CA GLU B 304 -46.31 -33.92 9.16
C GLU B 304 -47.71 -33.35 9.02
N GLN B 305 -48.67 -33.84 9.81
CA GLN B 305 -50.03 -33.34 9.71
C GLN B 305 -50.08 -31.86 10.03
N THR B 306 -49.27 -31.40 10.97
CA THR B 306 -49.20 -29.97 11.26
C THR B 306 -48.65 -29.21 10.06
N LEU B 307 -47.67 -29.80 9.36
CA LEU B 307 -47.20 -29.21 8.12
C LEU B 307 -48.30 -29.17 7.06
N GLN B 308 -49.18 -30.18 7.03
CA GLN B 308 -50.30 -30.20 6.10
C GLN B 308 -51.57 -29.57 6.68
N SER B 309 -51.44 -28.46 7.40
CA SER B 309 -52.58 -27.74 7.97
C SER B 309 -52.77 -26.42 7.24
N ASP B 310 -54.00 -25.91 7.28
CA ASP B 310 -54.28 -24.63 6.64
C ASP B 310 -53.36 -23.54 7.16
N PHE B 311 -52.85 -23.72 8.37
CA PHE B 311 -51.99 -22.73 9.00
C PHE B 311 -50.56 -22.77 8.46
N LEU B 312 -50.01 -23.96 8.20
CA LEU B 312 -48.58 -24.06 7.90
C LEU B 312 -48.22 -24.53 6.50
N LYS B 313 -49.11 -25.22 5.78
CA LYS B 313 -48.68 -25.84 4.53
C LYS B 313 -48.18 -24.81 3.53
N ASP B 314 -48.87 -23.68 3.39
CA ASP B 314 -48.56 -22.70 2.35
C ASP B 314 -47.72 -21.54 2.86
N VAL B 315 -46.96 -21.73 3.93
CA VAL B 315 -45.98 -20.75 4.37
C VAL B 315 -44.71 -20.92 3.54
N GLU B 316 -44.05 -19.80 3.20
CA GLU B 316 -42.89 -19.82 2.32
C GLU B 316 -41.60 -19.56 3.07
N LEU B 317 -40.61 -20.44 2.87
CA LEU B 317 -39.31 -20.26 3.51
C LEU B 317 -38.63 -18.97 3.06
N SER B 318 -38.82 -18.58 1.79
CA SER B 318 -38.16 -17.38 1.28
C SER B 318 -38.50 -16.15 2.12
N LYS B 319 -39.75 -16.03 2.56
CA LYS B 319 -40.17 -14.92 3.40
C LYS B 319 -39.86 -15.26 4.86
N MET B 320 -38.73 -14.77 5.35
CA MET B 320 -38.30 -15.12 6.71
C MET B 320 -39.28 -14.61 7.75
N ALA B 321 -39.79 -13.38 7.57
CA ALA B 321 -40.72 -12.76 8.52
C ALA B 321 -40.10 -12.70 9.90
N PRO B 322 -39.00 -11.95 10.07
CA PRO B 322 -38.30 -11.92 11.37
C PRO B 322 -39.17 -11.29 12.45
N PRO B 323 -39.09 -11.79 13.69
CA PRO B 323 -39.84 -11.18 14.78
C PRO B 323 -39.32 -9.80 15.12
N ASP B 324 -40.23 -8.95 15.59
CA ASP B 324 -39.89 -7.56 15.89
C ASP B 324 -39.32 -7.42 17.29
N LEU B 325 -38.15 -6.79 17.40
CA LEU B 325 -37.55 -6.49 18.70
C LEU B 325 -37.36 -4.97 18.82
N PRO B 326 -38.01 -4.31 19.78
CA PRO B 326 -37.81 -2.86 19.91
C PRO B 326 -36.35 -2.45 20.12
N HIS B 327 -35.63 -3.14 21.00
CA HIS B 327 -34.21 -2.87 21.27
C HIS B 327 -34.12 -1.42 21.74
N TRP B 328 -33.36 -0.57 21.05
CA TRP B 328 -33.06 0.79 21.46
C TRP B 328 -34.31 1.63 21.67
N GLN B 329 -35.35 1.40 20.86
CA GLN B 329 -36.56 2.21 20.96
C GLN B 329 -37.08 2.22 22.39
N ASP B 330 -37.24 1.03 22.98
CA ASP B 330 -37.75 0.91 24.34
C ASP B 330 -36.67 1.01 25.41
N CYS B 331 -35.39 1.11 25.03
CA CYS B 331 -34.35 1.35 26.02
C CYS B 331 -34.72 2.53 26.92
N HIS B 332 -35.13 3.64 26.31
CA HIS B 332 -35.60 4.80 27.05
C HIS B 332 -37.12 4.74 27.19
N GLU B 333 -37.60 5.10 28.38
CA GLU B 333 -39.03 5.09 28.64
C GLU B 333 -39.73 6.08 27.69
N LEU B 334 -40.92 5.69 27.24
CA LEU B 334 -41.61 6.41 26.17
C LEU B 334 -42.51 7.49 26.74
N TRP B 335 -42.20 8.74 26.44
CA TRP B 335 -43.03 9.87 26.82
C TRP B 335 -44.12 10.09 25.77
N THR C 24 -16.29 -33.79 6.43
CA THR C 24 -17.51 -34.08 7.16
C THR C 24 -17.38 -35.33 8.04
N LYS C 25 -17.51 -36.53 7.44
CA LYS C 25 -17.40 -37.79 8.18
C LYS C 25 -16.12 -38.56 7.82
N PRO C 26 -15.53 -39.27 8.78
CA PRO C 26 -14.25 -39.93 8.53
C PRO C 26 -14.42 -41.22 7.73
N CYS C 27 -13.31 -41.67 7.16
CA CYS C 27 -13.25 -42.92 6.41
C CYS C 27 -12.76 -44.02 7.34
N TRP C 28 -13.57 -45.07 7.51
CA TRP C 28 -13.24 -46.14 8.45
C TRP C 28 -12.92 -47.47 7.77
N TYR C 29 -12.49 -47.45 6.53
CA TYR C 29 -12.23 -48.68 5.79
C TYR C 29 -10.85 -48.64 5.15
N TRP C 30 -10.11 -49.73 5.31
CA TRP C 30 -8.76 -49.87 4.77
C TRP C 30 -8.74 -51.03 3.78
N ASP C 31 -7.63 -51.14 3.05
CA ASP C 31 -7.38 -52.27 2.16
C ASP C 31 -6.61 -53.35 2.91
N LYS C 32 -6.87 -54.61 2.53
CA LYS C 32 -6.17 -55.73 3.15
C LYS C 32 -4.66 -55.49 3.19
N LYS C 33 -4.11 -54.98 2.07
CA LYS C 33 -2.67 -54.74 2.00
C LYS C 33 -2.21 -53.76 3.08
N ASP C 34 -3.09 -52.88 3.54
CA ASP C 34 -2.70 -51.88 4.52
C ASP C 34 -2.49 -52.49 5.90
N LEU C 35 -3.12 -53.64 6.19
CA LEU C 35 -2.99 -54.23 7.52
C LEU C 35 -1.59 -54.75 7.81
N ALA C 36 -0.71 -54.77 6.81
CA ALA C 36 0.70 -55.05 7.04
C ALA C 36 1.44 -53.89 7.68
N HIS C 37 0.76 -52.75 7.90
CA HIS C 37 1.40 -51.54 8.40
C HIS C 37 0.62 -50.93 9.57
N THR C 38 -0.05 -51.75 10.37
CA THR C 38 -0.61 -51.24 11.61
C THR C 38 0.51 -50.94 12.59
N PRO C 39 0.28 -50.07 13.56
CA PRO C 39 1.31 -49.83 14.59
C PRO C 39 1.83 -51.12 15.20
N SER C 40 0.95 -52.09 15.42
CA SER C 40 1.37 -53.36 16.01
C SER C 40 2.39 -54.07 15.12
N GLN C 41 2.11 -54.13 13.81
CA GLN C 41 3.02 -54.79 12.89
C GLN C 41 4.40 -54.14 12.93
N LEU C 42 4.46 -52.82 12.91
CA LEU C 42 5.73 -52.11 12.80
C LEU C 42 6.52 -52.10 14.09
N GLU C 43 5.93 -52.50 15.21
CA GLU C 43 6.66 -52.67 16.45
C GLU C 43 7.17 -54.10 16.63
N GLY C 44 7.18 -54.89 15.56
CA GLY C 44 7.73 -56.23 15.58
C GLY C 44 6.72 -57.34 15.75
N LEU C 45 5.43 -57.00 15.91
CA LEU C 45 4.39 -58.02 16.01
C LEU C 45 4.14 -58.62 14.63
N ASP C 46 4.04 -59.97 14.55
CA ASP C 46 3.86 -60.60 13.25
C ASP C 46 2.37 -60.68 12.91
N PRO C 47 2.05 -60.93 11.64
CA PRO C 47 0.63 -60.89 11.25
C PRO C 47 -0.24 -61.87 12.03
N ALA C 48 0.25 -63.09 12.24
CA ALA C 48 -0.54 -64.08 12.96
C ALA C 48 -0.87 -63.62 14.38
N THR C 49 0.10 -63.02 15.06
CA THR C 49 -0.12 -62.63 16.45
C THR C 49 -1.20 -61.55 16.54
N GLU C 50 -1.09 -60.50 15.73
CA GLU C 50 -2.10 -59.46 15.78
C GLU C 50 -3.47 -60.02 15.44
N ALA C 51 -3.56 -60.84 14.39
CA ALA C 51 -4.84 -61.39 13.98
C ALA C 51 -5.47 -62.21 15.10
N ARG C 52 -4.68 -63.11 15.71
CA ARG C 52 -5.21 -63.89 16.82
C ARG C 52 -5.59 -63.00 18.00
N TYR C 53 -4.77 -61.99 18.30
CA TYR C 53 -5.12 -61.07 19.37
C TYR C 53 -6.44 -60.38 19.09
N ARG C 54 -6.73 -60.08 17.83
CA ARG C 54 -7.99 -59.43 17.51
C ARG C 54 -9.16 -60.37 17.77
N ARG C 55 -9.02 -61.64 17.41
CA ARG C 55 -10.08 -62.60 17.68
C ARG C 55 -10.30 -62.72 19.19
N GLU C 56 -9.20 -62.90 19.94
CA GLU C 56 -9.27 -63.05 21.39
C GLU C 56 -9.83 -61.80 22.05
N GLY C 57 -9.41 -60.63 21.60
CA GLY C 57 -9.94 -59.40 22.16
C GLY C 57 -11.41 -59.21 21.83
N ALA C 58 -11.77 -59.40 20.56
CA ALA C 58 -13.17 -59.34 20.17
C ALA C 58 -13.99 -60.33 21.00
N ARG C 59 -13.52 -61.58 21.09
CA ARG C 59 -14.26 -62.59 21.83
C ARG C 59 -14.39 -62.22 23.31
N PHE C 60 -13.36 -61.59 23.87
CA PHE C 60 -13.46 -61.07 25.23
C PHE C 60 -14.63 -60.09 25.35
N ILE C 61 -14.70 -59.13 24.41
CA ILE C 61 -15.82 -58.20 24.43
C ILE C 61 -17.14 -58.93 24.27
N PHE C 62 -17.19 -59.89 23.34
CA PHE C 62 -18.41 -60.63 23.10
C PHE C 62 -18.85 -61.40 24.34
N ASP C 63 -17.91 -62.12 24.95
CA ASP C 63 -18.25 -62.95 26.11
C ASP C 63 -18.63 -62.10 27.30
N VAL C 64 -17.89 -61.03 27.57
CA VAL C 64 -18.20 -60.17 28.71
C VAL C 64 -19.60 -59.60 28.59
N GLY C 65 -19.92 -59.01 27.44
CA GLY C 65 -21.23 -58.43 27.24
C GLY C 65 -22.34 -59.46 27.25
N THR C 66 -22.07 -60.65 26.72
CA THR C 66 -23.07 -61.71 26.74
C THR C 66 -23.40 -62.11 28.18
N ARG C 67 -22.39 -62.20 29.04
CA ARG C 67 -22.65 -62.52 30.43
C ARG C 67 -23.51 -61.45 31.08
N LEU C 68 -23.29 -60.19 30.71
CA LEU C 68 -24.07 -59.07 31.23
C LEU C 68 -25.41 -58.90 30.54
N GLY C 69 -25.73 -59.74 29.56
CA GLY C 69 -27.03 -59.68 28.91
C GLY C 69 -27.21 -58.52 27.95
N LEU C 70 -26.17 -58.15 27.21
CA LEU C 70 -26.23 -56.99 26.34
C LEU C 70 -26.74 -57.32 24.96
N HIS C 71 -27.50 -56.38 24.39
CA HIS C 71 -28.01 -56.49 23.03
C HIS C 71 -26.87 -56.76 22.04
N TYR C 72 -27.17 -57.46 20.96
CA TYR C 72 -26.12 -57.85 20.03
C TYR C 72 -25.48 -56.64 19.37
N ASP C 73 -26.25 -55.59 19.12
CA ASP C 73 -25.67 -54.37 18.56
C ASP C 73 -24.63 -53.78 19.50
N THR C 74 -24.90 -53.82 20.82
CA THR C 74 -23.96 -53.25 21.77
C THR C 74 -22.63 -54.00 21.71
N LEU C 75 -22.66 -55.32 21.61
CA LEU C 75 -21.44 -56.10 21.48
C LEU C 75 -20.68 -55.70 20.21
N ALA C 76 -21.40 -55.61 19.09
CA ALA C 76 -20.75 -55.30 17.83
C ALA C 76 -20.12 -53.92 17.86
N THR C 77 -20.84 -52.92 18.37
CA THR C 77 -20.29 -51.56 18.43
C THR C 77 -18.98 -51.54 19.20
N GLY C 78 -18.94 -52.21 20.35
CA GLY C 78 -17.70 -52.30 21.09
C GLY C 78 -16.60 -52.97 20.29
N ILE C 79 -16.96 -54.02 19.54
CA ILE C 79 -15.96 -54.72 18.74
C ILE C 79 -15.46 -53.83 17.62
N ILE C 80 -16.32 -52.99 17.05
CA ILE C 80 -15.91 -52.11 15.97
C ILE C 80 -14.99 -51.02 16.50
N TYR C 81 -15.34 -50.42 17.64
CA TYR C 81 -14.42 -49.52 18.31
C TYR C 81 -13.07 -50.19 18.53
N PHE C 82 -13.10 -51.42 19.06
CA PHE C 82 -11.86 -52.13 19.36
C PHE C 82 -11.02 -52.33 18.10
N HIS C 83 -11.62 -52.84 17.03
CA HIS C 83 -10.87 -53.05 15.79
C HIS C 83 -10.31 -51.73 15.25
N ARG C 84 -11.13 -50.69 15.24
CA ARG C 84 -10.65 -49.40 14.76
C ARG C 84 -9.53 -48.88 15.64
N PHE C 85 -9.65 -49.06 16.96
CA PHE C 85 -8.63 -48.56 17.88
C PHE C 85 -7.23 -49.03 17.48
N TYR C 86 -7.09 -50.33 17.21
CA TYR C 86 -5.78 -50.91 16.93
C TYR C 86 -5.35 -50.75 15.48
N MET C 87 -6.06 -49.92 14.72
CA MET C 87 -5.51 -49.32 13.51
C MET C 87 -4.73 -48.05 13.80
N PHE C 88 -4.86 -47.49 15.00
CA PHE C 88 -4.16 -46.27 15.37
C PHE C 88 -3.19 -46.45 16.52
N HIS C 89 -3.14 -47.61 17.16
CA HIS C 89 -2.24 -47.84 18.28
C HIS C 89 -1.70 -49.26 18.20
N SER C 90 -0.68 -49.54 19.01
CA SER C 90 -0.02 -50.83 19.02
C SER C 90 -0.51 -51.68 20.18
N PHE C 91 -0.66 -52.99 19.93
CA PHE C 91 -1.06 -53.89 21.00
C PHE C 91 -0.02 -53.98 22.11
N LYS C 92 1.24 -53.65 21.83
CA LYS C 92 2.26 -53.74 22.87
C LYS C 92 2.19 -52.62 23.89
N GLN C 93 1.56 -51.49 23.55
CA GLN C 93 1.46 -50.37 24.47
C GLN C 93 0.09 -50.22 25.09
N PHE C 94 -0.93 -50.88 24.55
CA PHE C 94 -2.29 -50.84 25.11
C PHE C 94 -2.78 -52.27 25.29
N PRO C 95 -2.85 -52.77 26.51
CA PRO C 95 -3.40 -54.12 26.73
C PRO C 95 -4.76 -54.31 26.09
N ARG C 96 -4.91 -55.43 25.35
CA ARG C 96 -6.10 -55.60 24.54
C ARG C 96 -7.35 -55.70 25.42
N TYR C 97 -7.26 -56.42 26.53
CA TYR C 97 -8.45 -56.66 27.35
C TYR C 97 -8.93 -55.37 28.04
N VAL C 98 -8.00 -54.54 28.52
CA VAL C 98 -8.41 -53.25 29.07
C VAL C 98 -9.13 -52.44 27.98
N THR C 99 -8.51 -52.33 26.81
CA THR C 99 -9.16 -51.66 25.70
C THR C 99 -10.54 -52.25 25.43
N GLY C 100 -10.61 -53.58 25.34
CA GLY C 100 -11.90 -54.22 25.11
C GLY C 100 -12.93 -53.82 26.14
N ALA C 101 -12.57 -53.90 27.43
CA ALA C 101 -13.50 -53.51 28.48
C ALA C 101 -13.93 -52.05 28.31
N CYS C 102 -12.99 -51.18 27.96
CA CYS C 102 -13.32 -49.77 27.74
C CYS C 102 -14.27 -49.61 26.56
N CYS C 103 -13.98 -50.30 25.45
CA CYS C 103 -14.86 -50.24 24.29
C CYS C 103 -16.28 -50.65 24.65
N LEU C 104 -16.42 -51.78 25.34
CA LEU C 104 -17.76 -52.24 25.73
C LEU C 104 -18.43 -51.22 26.63
N PHE C 105 -17.68 -50.66 27.59
CA PHE C 105 -18.22 -49.64 28.47
C PHE C 105 -18.83 -48.49 27.67
N LEU C 106 -18.03 -47.89 26.79
CA LEU C 106 -18.55 -46.82 25.96
C LEU C 106 -19.73 -47.29 25.11
N ALA C 107 -19.58 -48.46 24.47
CA ALA C 107 -20.62 -48.96 23.58
C ALA C 107 -21.97 -49.02 24.30
N GLY C 108 -21.96 -49.41 25.57
CA GLY C 108 -23.21 -49.46 26.32
C GLY C 108 -23.90 -48.11 26.37
N LYS C 109 -23.15 -47.04 26.63
CA LYS C 109 -23.75 -45.71 26.67
C LYS C 109 -24.21 -45.27 25.28
N VAL C 110 -23.41 -45.56 24.25
CA VAL C 110 -23.77 -45.12 22.90
C VAL C 110 -25.09 -45.77 22.47
N GLU C 111 -25.19 -47.09 22.65
CA GLU C 111 -26.35 -47.85 22.19
C GLU C 111 -27.47 -47.89 23.21
N GLU C 112 -27.39 -47.10 24.28
CA GLU C 112 -28.46 -47.01 25.28
C GLU C 112 -28.67 -48.33 26.00
N THR C 113 -27.59 -49.08 26.20
CA THR C 113 -27.60 -50.30 27.02
C THR C 113 -26.51 -50.15 28.08
N PRO C 114 -26.59 -49.10 28.91
CA PRO C 114 -25.46 -48.75 29.76
C PRO C 114 -25.20 -49.76 30.87
N LYS C 115 -23.92 -49.86 31.24
CA LYS C 115 -23.49 -50.68 32.37
C LYS C 115 -22.49 -49.90 33.20
N LYS C 116 -22.48 -50.15 34.50
CA LYS C 116 -21.51 -49.51 35.36
C LYS C 116 -20.13 -50.14 35.14
N CYS C 117 -19.09 -49.31 35.15
CA CYS C 117 -17.75 -49.83 34.91
C CYS C 117 -17.39 -50.93 35.90
N LYS C 118 -17.82 -50.82 37.15
CA LYS C 118 -17.48 -51.83 38.15
C LYS C 118 -18.06 -53.20 37.78
N ASP C 119 -19.22 -53.23 37.11
CA ASP C 119 -19.80 -54.52 36.73
C ASP C 119 -19.02 -55.16 35.59
N ILE C 120 -18.52 -54.35 34.66
CA ILE C 120 -17.72 -54.89 33.56
C ILE C 120 -16.43 -55.49 34.12
N ILE C 121 -15.80 -54.79 35.06
CA ILE C 121 -14.60 -55.32 35.71
C ILE C 121 -14.93 -56.61 36.44
N LYS C 122 -16.03 -56.62 37.18
CA LYS C 122 -16.45 -57.84 37.87
C LYS C 122 -16.57 -59.00 36.89
N THR C 123 -17.25 -58.79 35.77
CA THR C 123 -17.41 -59.86 34.79
C THR C 123 -16.07 -60.21 34.15
N ALA C 124 -15.27 -59.19 33.83
CA ALA C 124 -13.98 -59.44 33.20
C ALA C 124 -13.11 -60.31 34.11
N ARG C 125 -13.12 -60.04 35.41
CA ARG C 125 -12.33 -60.85 36.33
C ARG C 125 -12.83 -62.29 36.36
N SER C 126 -14.15 -62.48 36.26
CA SER C 126 -14.71 -63.83 36.27
C SER C 126 -14.20 -64.64 35.09
N LEU C 127 -14.03 -64.01 33.93
CA LEU C 127 -13.70 -64.73 32.71
C LEU C 127 -12.20 -64.75 32.40
N LEU C 128 -11.40 -63.94 33.07
CA LEU C 128 -9.97 -63.88 32.83
C LEU C 128 -9.23 -64.60 33.95
N ASN C 129 -8.12 -65.25 33.58
CA ASN C 129 -7.27 -65.87 34.59
C ASN C 129 -6.47 -64.78 35.31
N ASP C 130 -5.58 -65.21 36.20
CA ASP C 130 -4.81 -64.23 36.98
C ASP C 130 -3.82 -63.49 36.10
N VAL C 131 -3.14 -64.19 35.20
CA VAL C 131 -2.19 -63.53 34.31
C VAL C 131 -2.88 -62.51 33.43
N GLN C 132 -4.02 -62.88 32.84
CA GLN C 132 -4.72 -62.01 31.91
C GLN C 132 -5.23 -60.76 32.63
N PHE C 133 -5.84 -60.94 33.80
CA PHE C 133 -6.35 -59.80 34.54
C PHE C 133 -5.23 -58.89 35.03
N GLY C 134 -3.98 -59.33 34.99
CA GLY C 134 -2.87 -58.46 35.34
C GLY C 134 -2.77 -57.22 34.48
N GLN C 135 -3.30 -57.28 33.25
CA GLN C 135 -3.28 -56.11 32.38
C GLN C 135 -4.01 -54.94 33.01
N PHE C 136 -5.07 -55.22 33.78
CA PHE C 136 -5.83 -54.16 34.43
C PHE C 136 -5.04 -53.50 35.55
N GLY C 137 -3.93 -54.10 35.95
CA GLY C 137 -3.06 -53.46 36.91
C GLY C 137 -3.66 -53.47 38.30
N ASP C 138 -3.18 -52.53 39.11
CA ASP C 138 -3.57 -52.51 40.51
C ASP C 138 -5.01 -52.06 40.68
N ASP C 139 -5.45 -51.07 39.89
CA ASP C 139 -6.80 -50.52 39.94
C ASP C 139 -7.48 -50.75 38.60
N PRO C 140 -8.21 -51.86 38.44
CA PRO C 140 -8.84 -52.13 37.13
C PRO C 140 -9.77 -51.02 36.65
N LYS C 141 -10.69 -50.57 37.49
CA LYS C 141 -11.65 -49.54 37.05
C LYS C 141 -10.93 -48.32 36.50
N GLU C 142 -9.91 -47.84 37.23
CA GLU C 142 -9.19 -46.65 36.79
C GLU C 142 -8.56 -46.84 35.42
N GLU C 143 -7.86 -47.96 35.23
CA GLU C 143 -7.20 -48.20 33.95
C GLU C 143 -8.20 -48.13 32.79
N VAL C 144 -9.44 -48.57 33.03
CA VAL C 144 -10.45 -48.54 31.98
C VAL C 144 -11.02 -47.13 31.82
N MET C 145 -11.47 -46.51 32.92
CA MET C 145 -12.07 -45.18 32.82
C MET C 145 -11.11 -44.17 32.20
N VAL C 146 -9.82 -44.27 32.55
CA VAL C 146 -8.83 -43.35 31.99
C VAL C 146 -8.79 -43.49 30.47
N LEU C 147 -8.85 -44.73 29.97
CA LEU C 147 -8.70 -44.97 28.54
C LEU C 147 -9.83 -44.36 27.72
N GLU C 148 -10.99 -44.09 28.33
CA GLU C 148 -12.13 -43.58 27.58
C GLU C 148 -11.75 -42.32 26.79
N ARG C 149 -10.96 -41.44 27.41
CA ARG C 149 -10.52 -40.23 26.70
C ARG C 149 -9.83 -40.59 25.40
N ILE C 150 -8.82 -41.47 25.47
CA ILE C 150 -8.07 -41.85 24.27
C ILE C 150 -9.00 -42.50 23.26
N LEU C 151 -9.88 -43.40 23.71
CA LEU C 151 -10.77 -44.08 22.78
C LEU C 151 -11.60 -43.07 21.99
N LEU C 152 -12.23 -42.11 22.67
CA LEU C 152 -13.08 -41.15 21.99
C LEU C 152 -12.29 -40.35 20.95
N GLN C 153 -11.13 -39.83 21.33
CA GLN C 153 -10.31 -39.12 20.35
C GLN C 153 -9.92 -40.04 19.20
N THR C 154 -9.61 -41.31 19.49
CA THR C 154 -9.13 -42.21 18.45
C THR C 154 -10.22 -42.46 17.41
N ILE C 155 -11.44 -42.78 17.85
CA ILE C 155 -12.54 -43.05 16.92
C ILE C 155 -13.12 -41.72 16.42
N LYS C 156 -12.47 -40.62 16.74
CA LYS C 156 -12.81 -39.32 16.17
C LYS C 156 -14.24 -38.91 16.50
N PHE C 157 -14.76 -39.41 17.63
CA PHE C 157 -16.12 -39.10 18.10
C PHE C 157 -17.19 -39.51 17.11
N ASP C 158 -16.88 -40.41 16.18
CA ASP C 158 -17.88 -40.98 15.27
C ASP C 158 -18.47 -42.21 15.95
N LEU C 159 -19.45 -41.96 16.82
CA LEU C 159 -20.01 -43.03 17.65
C LEU C 159 -21.05 -43.86 16.91
N GLN C 160 -21.79 -43.28 15.95
CA GLN C 160 -22.83 -44.03 15.28
C GLN C 160 -22.21 -45.09 14.38
N VAL C 161 -22.58 -46.34 14.58
CA VAL C 161 -22.08 -47.46 13.80
C VAL C 161 -23.25 -48.33 13.36
N GLU C 162 -23.22 -48.75 12.09
CA GLU C 162 -24.18 -49.70 11.54
C GLU C 162 -23.52 -51.07 11.44
N HIS C 163 -24.33 -52.11 11.53
CA HIS C 163 -23.82 -53.48 11.62
C HIS C 163 -24.52 -54.36 10.60
N PRO C 164 -23.88 -55.47 10.19
CA PRO C 164 -24.50 -56.34 9.19
C PRO C 164 -25.87 -56.87 9.60
N TYR C 165 -26.17 -56.92 10.90
CA TYR C 165 -27.40 -57.56 11.35
C TYR C 165 -28.62 -56.88 10.74
N GLN C 166 -28.71 -55.55 10.81
CA GLN C 166 -29.91 -54.89 10.32
C GLN C 166 -30.12 -55.11 8.83
N PHE C 167 -29.04 -55.20 8.06
CA PHE C 167 -29.19 -55.42 6.63
C PHE C 167 -29.54 -56.87 6.31
N LEU C 168 -29.02 -57.82 7.10
CA LEU C 168 -29.40 -59.21 6.89
C LEU C 168 -30.90 -59.39 7.05
N LEU C 169 -31.51 -58.66 8.00
CA LEU C 169 -32.95 -58.75 8.19
C LEU C 169 -33.71 -57.91 7.16
N LYS C 170 -33.27 -56.68 6.92
CA LYS C 170 -33.94 -55.84 5.92
C LYS C 170 -33.98 -56.53 4.56
N TYR C 171 -32.89 -57.18 4.17
CA TYR C 171 -32.85 -57.86 2.88
C TYR C 171 -33.64 -59.16 2.91
N ALA C 172 -33.53 -59.92 4.01
CA ALA C 172 -34.27 -61.17 4.11
C ALA C 172 -35.78 -60.92 4.05
N LYS C 173 -36.25 -59.80 4.60
CA LYS C 173 -37.67 -59.52 4.62
C LYS C 173 -38.23 -59.40 3.20
N GLN C 174 -37.40 -59.04 2.24
CA GLN C 174 -37.83 -58.93 0.85
C GLN C 174 -37.75 -60.26 0.11
N LEU C 175 -37.32 -61.32 0.79
CA LEU C 175 -37.32 -62.66 0.22
C LEU C 175 -38.64 -63.36 0.54
N LYS C 176 -39.30 -63.89 -0.48
CA LYS C 176 -40.53 -64.65 -0.33
C LYS C 176 -40.34 -66.06 -0.88
N GLY C 177 -40.91 -67.03 -0.20
CA GLY C 177 -40.75 -68.42 -0.55
C GLY C 177 -40.87 -69.30 0.68
N ASP C 178 -40.22 -70.46 0.62
CA ASP C 178 -40.25 -71.42 1.71
C ASP C 178 -39.75 -70.78 3.00
N LYS C 179 -40.65 -70.69 3.99
CA LYS C 179 -40.30 -70.04 5.25
C LYS C 179 -39.12 -70.73 5.95
N ASN C 180 -39.11 -72.06 5.98
CA ASN C 180 -38.03 -72.73 6.70
C ASN C 180 -36.70 -72.60 5.95
N LYS C 181 -36.72 -72.66 4.62
CA LYS C 181 -35.47 -72.50 3.89
C LYS C 181 -34.87 -71.12 4.10
N ILE C 182 -35.71 -70.08 4.10
CA ILE C 182 -35.19 -68.73 4.31
C ILE C 182 -34.71 -68.54 5.74
N GLN C 183 -35.41 -69.14 6.70
CA GLN C 183 -34.99 -68.96 8.09
C GLN C 183 -33.67 -69.67 8.34
N LYS C 184 -33.47 -70.84 7.74
CA LYS C 184 -32.17 -71.50 7.83
C LYS C 184 -31.07 -70.61 7.23
N LEU C 185 -31.38 -69.94 6.11
CA LEU C 185 -30.41 -69.02 5.52
C LEU C 185 -30.07 -67.90 6.48
N VAL C 186 -31.09 -67.31 7.13
CA VAL C 186 -30.85 -66.19 8.01
C VAL C 186 -29.96 -66.60 9.19
N GLN C 187 -30.35 -67.66 9.90
CA GLN C 187 -29.57 -68.05 11.08
C GLN C 187 -28.14 -68.38 10.70
N MET C 188 -27.95 -69.16 9.62
CA MET C 188 -26.59 -69.50 9.21
C MET C 188 -25.79 -68.23 8.88
N ALA C 189 -26.39 -67.31 8.14
CA ALA C 189 -25.75 -66.04 7.87
C ALA C 189 -25.51 -65.27 9.17
N TRP C 190 -26.51 -65.24 10.05
CA TRP C 190 -26.35 -64.57 11.33
C TRP C 190 -25.14 -65.12 12.09
N THR C 191 -24.97 -66.44 12.09
CA THR C 191 -23.79 -67.02 12.71
C THR C 191 -22.52 -66.50 12.05
N PHE C 192 -22.52 -66.38 10.73
CA PHE C 192 -21.35 -65.89 10.03
C PHE C 192 -21.05 -64.44 10.39
N VAL C 193 -22.08 -63.63 10.61
CA VAL C 193 -21.85 -62.26 11.04
C VAL C 193 -21.14 -62.23 12.38
N ASN C 194 -21.64 -63.00 13.35
CA ASN C 194 -20.99 -63.06 14.66
C ASN C 194 -19.53 -63.46 14.53
N ASP C 195 -19.23 -64.39 13.61
CA ASP C 195 -17.86 -64.86 13.44
C ASP C 195 -16.98 -63.83 12.75
N SER C 196 -17.55 -63.03 11.85
CA SER C 196 -16.78 -62.00 11.17
C SER C 196 -16.36 -60.87 12.10
N LEU C 197 -16.91 -60.81 13.31
CA LEU C 197 -16.50 -59.79 14.26
C LEU C 197 -15.10 -60.05 14.81
N CYS C 198 -14.63 -61.29 14.73
CA CYS C 198 -13.27 -61.62 15.14
C CYS C 198 -12.23 -61.26 14.09
N THR C 199 -12.66 -60.77 12.92
CA THR C 199 -11.77 -60.51 11.80
C THR C 199 -11.75 -59.02 11.47
N THR C 200 -10.82 -58.64 10.59
CA THR C 200 -10.68 -57.27 10.14
C THR C 200 -11.64 -56.92 9.01
N LEU C 201 -12.60 -57.80 8.70
CA LEU C 201 -13.60 -57.49 7.69
C LEU C 201 -14.37 -56.23 8.06
N SER C 202 -14.64 -56.04 9.35
CA SER C 202 -15.27 -54.81 9.81
C SER C 202 -14.50 -53.57 9.37
N LEU C 203 -13.21 -53.72 9.10
CA LEU C 203 -12.38 -52.60 8.69
C LEU C 203 -12.16 -52.55 7.19
N GLN C 204 -12.63 -53.55 6.44
CA GLN C 204 -12.44 -53.61 5.00
C GLN C 204 -13.68 -53.28 4.19
N TRP C 205 -14.87 -53.64 4.67
CA TRP C 205 -16.07 -53.55 3.87
C TRP C 205 -17.21 -52.99 4.69
N GLU C 206 -18.02 -52.13 4.07
CA GLU C 206 -19.20 -51.60 4.74
C GLU C 206 -20.09 -52.75 5.21
N PRO C 207 -20.88 -52.53 6.26
CA PRO C 207 -21.75 -53.62 6.75
C PRO C 207 -22.71 -54.15 5.70
N GLU C 208 -23.23 -53.30 4.82
CA GLU C 208 -24.16 -53.77 3.81
C GLU C 208 -23.56 -54.90 2.98
N ILE C 209 -22.31 -54.75 2.57
CA ILE C 209 -21.66 -55.80 1.80
C ILE C 209 -21.53 -57.07 2.63
N ILE C 210 -21.19 -56.90 3.91
CA ILE C 210 -21.05 -58.06 4.79
C ILE C 210 -22.36 -58.85 4.85
N ALA C 211 -23.48 -58.14 5.04
CA ALA C 211 -24.76 -58.83 5.11
C ALA C 211 -25.02 -59.62 3.84
N VAL C 212 -24.75 -59.01 2.68
CA VAL C 212 -24.92 -59.72 1.42
C VAL C 212 -23.97 -60.91 1.34
N ALA C 213 -22.71 -60.70 1.72
CA ALA C 213 -21.72 -61.77 1.62
C ALA C 213 -22.15 -62.99 2.43
N VAL C 214 -22.65 -62.78 3.65
CA VAL C 214 -23.05 -63.92 4.47
C VAL C 214 -24.27 -64.61 3.89
N MET C 215 -25.21 -63.84 3.33
CA MET C 215 -26.32 -64.43 2.60
C MET C 215 -25.79 -65.25 1.43
N TYR C 216 -24.85 -64.68 0.67
CA TYR C 216 -24.21 -65.38 -0.42
C TYR C 216 -23.58 -66.68 0.05
N LEU C 217 -22.81 -66.63 1.14
CA LEU C 217 -22.15 -67.83 1.64
C LEU C 217 -23.17 -68.87 2.07
N ALA C 218 -24.14 -68.48 2.90
CA ALA C 218 -25.15 -69.43 3.36
C ALA C 218 -25.88 -70.07 2.18
N GLY C 219 -26.16 -69.29 1.14
CA GLY C 219 -26.81 -69.84 -0.04
C GLY C 219 -26.01 -70.95 -0.69
N ARG C 220 -24.70 -70.72 -0.84
CA ARG C 220 -23.84 -71.75 -1.43
C ARG C 220 -23.83 -73.02 -0.58
N LEU C 221 -23.68 -72.85 0.74
CA LEU C 221 -23.59 -74.02 1.62
C LEU C 221 -24.92 -74.79 1.67
N CYS C 222 -26.04 -74.08 1.67
CA CYS C 222 -27.35 -74.73 1.71
C CYS C 222 -27.85 -75.13 0.32
N LYS C 223 -27.08 -74.85 -0.74
CA LYS C 223 -27.50 -75.19 -2.11
C LYS C 223 -28.84 -74.53 -2.45
N PHE C 224 -29.01 -73.28 -2.00
CA PHE C 224 -30.20 -72.50 -2.30
C PHE C 224 -29.86 -71.51 -3.42
N GLU C 225 -30.85 -71.22 -4.25
CA GLU C 225 -30.72 -70.23 -5.32
C GLU C 225 -31.57 -69.02 -4.94
N ILE C 226 -30.92 -68.05 -4.27
CA ILE C 226 -31.65 -66.95 -3.63
C ILE C 226 -32.42 -66.11 -4.64
N GLN C 227 -31.96 -66.04 -5.89
CA GLN C 227 -32.63 -65.19 -6.86
C GLN C 227 -34.11 -65.54 -6.93
N GLU C 228 -34.44 -66.83 -6.80
CA GLU C 228 -35.82 -67.27 -6.96
C GLU C 228 -36.74 -66.60 -5.95
N TRP C 229 -36.21 -66.25 -4.78
CA TRP C 229 -37.03 -65.61 -3.75
C TRP C 229 -37.13 -64.09 -3.92
N THR C 230 -36.30 -63.49 -4.78
CA THR C 230 -36.32 -62.05 -4.97
C THR C 230 -37.49 -61.66 -5.87
N SER C 231 -37.75 -60.34 -5.93
CA SER C 231 -38.76 -59.83 -6.85
C SER C 231 -38.33 -59.99 -8.31
N LYS C 232 -37.03 -60.19 -8.58
CA LYS C 232 -36.50 -60.37 -9.93
C LYS C 232 -35.94 -61.78 -10.03
N PRO C 233 -36.80 -62.79 -10.19
CA PRO C 233 -36.33 -64.18 -10.10
C PRO C 233 -35.38 -64.56 -11.22
N MET C 234 -35.34 -63.79 -12.31
CA MET C 234 -34.45 -64.07 -13.42
C MET C 234 -33.25 -63.13 -13.42
N TYR C 235 -32.89 -62.61 -12.26
CA TYR C 235 -31.76 -61.72 -12.06
C TYR C 235 -30.76 -62.52 -11.22
N ARG C 236 -29.81 -63.18 -11.90
CA ARG C 236 -28.81 -63.95 -11.17
C ARG C 236 -28.16 -63.11 -10.08
N ARG C 237 -28.06 -61.80 -10.29
CA ARG C 237 -27.45 -60.89 -9.32
C ARG C 237 -28.50 -60.33 -8.38
N TRP C 238 -28.91 -61.13 -7.40
CA TRP C 238 -29.87 -60.64 -6.43
C TRP C 238 -29.26 -59.54 -5.57
N TRP C 239 -27.94 -59.59 -5.33
CA TRP C 239 -27.32 -58.58 -4.49
C TRP C 239 -27.43 -57.19 -5.09
N GLU C 240 -27.51 -57.08 -6.42
CA GLU C 240 -27.49 -55.76 -7.03
C GLU C 240 -28.71 -54.94 -6.63
N GLN C 241 -29.85 -55.60 -6.38
CA GLN C 241 -31.03 -54.86 -5.94
C GLN C 241 -30.93 -54.47 -4.47
N PHE C 242 -30.05 -55.12 -3.70
CA PHE C 242 -29.80 -54.69 -2.32
C PHE C 242 -28.61 -53.74 -2.24
N VAL C 243 -27.44 -54.18 -2.72
CA VAL C 243 -26.21 -53.40 -2.66
C VAL C 243 -25.70 -53.17 -4.08
N GLN C 244 -25.62 -51.91 -4.49
CA GLN C 244 -25.15 -51.58 -5.83
C GLN C 244 -23.62 -51.58 -5.87
N ASP C 245 -23.08 -51.82 -7.06
CA ASP C 245 -21.64 -51.75 -7.30
C ASP C 245 -20.89 -52.78 -6.45
N VAL C 246 -21.49 -53.95 -6.29
CA VAL C 246 -20.86 -55.05 -5.56
C VAL C 246 -20.43 -56.10 -6.58
N PRO C 247 -19.13 -56.22 -6.88
CA PRO C 247 -18.69 -57.31 -7.73
C PRO C 247 -18.76 -58.63 -7.00
N VAL C 248 -18.99 -59.72 -7.75
CA VAL C 248 -19.02 -61.03 -7.13
C VAL C 248 -17.69 -61.29 -6.46
N ASP C 249 -16.61 -60.72 -7.01
CA ASP C 249 -15.27 -60.87 -6.47
C ASP C 249 -15.22 -60.52 -4.99
N VAL C 250 -15.78 -59.37 -4.62
CA VAL C 250 -15.76 -58.92 -3.24
C VAL C 250 -16.36 -59.99 -2.33
N LEU C 251 -17.51 -60.52 -2.73
CA LEU C 251 -18.19 -61.51 -1.90
C LEU C 251 -17.33 -62.76 -1.71
N GLU C 252 -16.57 -63.16 -2.73
CA GLU C 252 -15.73 -64.33 -2.58
C GLU C 252 -14.60 -64.09 -1.59
N ASP C 253 -13.94 -62.93 -1.68
CA ASP C 253 -12.89 -62.60 -0.73
C ASP C 253 -13.41 -62.66 0.70
N ILE C 254 -14.60 -62.11 0.92
CA ILE C 254 -15.19 -62.15 2.26
C ILE C 254 -15.49 -63.58 2.67
N CYS C 255 -16.14 -64.35 1.79
CA CYS C 255 -16.44 -65.74 2.10
C CYS C 255 -15.17 -66.50 2.44
N HIS C 256 -14.11 -66.33 1.65
CA HIS C 256 -12.87 -67.06 1.89
C HIS C 256 -12.38 -66.82 3.32
N GLN C 257 -12.39 -65.56 3.74
CA GLN C 257 -11.89 -65.22 5.07
C GLN C 257 -12.75 -65.84 6.16
N ILE C 258 -14.07 -65.83 5.99
CA ILE C 258 -14.94 -66.44 6.99
C ILE C 258 -14.67 -67.94 7.08
N LEU C 259 -14.58 -68.60 5.91
CA LEU C 259 -14.33 -70.03 5.90
C LEU C 259 -12.96 -70.39 6.48
N ASP C 260 -11.97 -69.49 6.33
CA ASP C 260 -10.65 -69.77 6.88
C ASP C 260 -10.71 -69.90 8.39
N LEU C 261 -11.52 -69.07 9.04
CA LEU C 261 -11.67 -69.16 10.49
C LEU C 261 -12.23 -70.51 10.90
N TYR C 262 -13.20 -71.03 10.15
CA TYR C 262 -13.78 -72.33 10.46
C TYR C 262 -12.80 -73.46 10.18
N SER C 263 -12.04 -73.37 9.08
CA SER C 263 -11.10 -74.44 8.77
C SER C 263 -9.99 -74.51 9.81
N GLN C 264 -9.49 -73.36 10.27
CA GLN C 264 -8.41 -73.34 11.25
C GLN C 264 -8.87 -73.93 12.58
N GLY C 265 -10.06 -73.54 13.06
CA GLY C 265 -10.55 -74.07 14.31
C GLY C 265 -11.09 -75.48 14.16
N LYS C 266 -11.54 -76.04 15.29
CA LYS C 266 -12.13 -77.37 15.26
C LYS C 266 -13.59 -77.31 14.84
N GLN C 267 -14.28 -76.22 15.13
CA GLN C 267 -15.67 -76.08 14.75
C GLN C 267 -15.78 -76.07 13.23
N GLN C 268 -16.88 -76.61 12.72
CA GLN C 268 -17.12 -76.72 11.29
C GLN C 268 -18.33 -75.87 10.93
N MET C 269 -18.55 -75.71 9.62
CA MET C 269 -19.62 -74.86 9.14
C MET C 269 -20.92 -75.22 9.88
N PRO C 270 -21.73 -74.24 10.28
CA PRO C 270 -22.88 -74.58 11.13
C PRO C 270 -23.85 -75.56 10.49
N HIS C 271 -24.27 -75.31 9.26
CA HIS C 271 -25.27 -76.13 8.57
C HIS C 271 -26.28 -76.76 9.53
N MET D 5 57.84 -26.87 0.87
CA MET D 5 57.06 -28.15 1.00
C MET D 5 56.75 -28.43 2.47
N SER D 6 55.89 -29.42 2.71
CA SER D 6 55.49 -29.82 4.05
C SER D 6 55.78 -31.29 4.25
N TYR D 7 56.03 -31.67 5.51
CA TYR D 7 56.48 -33.01 5.87
C TYR D 7 55.60 -33.52 7.01
N ASN D 8 54.98 -34.68 6.79
CA ASN D 8 54.02 -35.22 7.76
C ASN D 8 54.21 -36.73 7.88
N TYR D 9 53.63 -37.27 8.95
CA TYR D 9 53.80 -38.67 9.37
C TYR D 9 52.43 -39.22 9.73
N VAL D 10 52.10 -40.39 9.19
CA VAL D 10 50.79 -41.01 9.38
C VAL D 10 50.96 -42.41 9.96
N VAL D 11 50.26 -42.67 11.06
CA VAL D 11 50.35 -43.95 11.77
C VAL D 11 48.93 -44.44 12.05
N THR D 12 48.78 -45.77 12.15
CA THR D 12 47.51 -46.41 12.43
C THR D 12 47.43 -46.71 13.92
N ALA D 13 46.60 -45.94 14.64
CA ALA D 13 46.43 -46.20 16.07
C ALA D 13 45.56 -47.43 16.32
N GLN D 14 44.44 -47.55 15.61
CA GLN D 14 43.59 -48.72 15.68
C GLN D 14 43.40 -49.24 14.26
N LYS D 15 43.65 -50.53 14.06
CA LYS D 15 43.51 -51.12 12.73
C LYS D 15 42.04 -51.18 12.33
N PRO D 16 41.76 -51.36 11.04
CA PRO D 16 40.37 -51.47 10.60
C PRO D 16 39.66 -52.59 11.35
N THR D 17 38.44 -52.30 11.80
CA THR D 17 37.66 -53.27 12.55
C THR D 17 36.46 -53.82 11.80
N ALA D 18 36.05 -53.18 10.70
CA ALA D 18 34.88 -53.62 9.97
C ALA D 18 35.20 -54.83 9.11
N VAL D 19 34.20 -55.69 8.93
CA VAL D 19 34.37 -56.92 8.19
C VAL D 19 33.88 -56.67 6.78
N ASN D 20 34.81 -56.70 5.82
CA ASN D 20 34.49 -56.52 4.41
C ASN D 20 34.11 -57.83 3.74
N GLY D 21 34.73 -58.93 4.13
CA GLY D 21 34.40 -60.23 3.58
C GLY D 21 35.01 -61.34 4.41
N CYS D 22 34.47 -62.55 4.22
CA CYS D 22 34.97 -63.71 4.96
C CYS D 22 34.63 -64.96 4.16
N VAL D 23 35.53 -65.94 4.18
CA VAL D 23 35.34 -67.21 3.50
C VAL D 23 35.80 -68.35 4.41
N THR D 24 35.32 -69.55 4.12
CA THR D 24 35.71 -70.75 4.84
C THR D 24 36.33 -71.76 3.89
N GLY D 25 37.41 -72.41 4.34
CA GLY D 25 38.14 -73.33 3.48
C GLY D 25 39.23 -74.03 4.26
N HIS D 26 39.97 -74.85 3.53
CA HIS D 26 41.11 -75.61 4.08
C HIS D 26 42.41 -75.00 3.59
N PHE D 27 42.68 -73.77 4.07
CA PHE D 27 43.84 -73.00 3.61
C PHE D 27 45.14 -73.43 4.28
N THR D 28 45.17 -73.46 5.62
CA THR D 28 46.42 -73.76 6.31
C THR D 28 46.79 -75.23 6.19
N SER D 29 45.81 -76.13 6.31
CA SER D 29 46.06 -77.55 6.14
C SER D 29 44.81 -78.19 5.56
N ALA D 30 45.02 -79.30 4.85
CA ALA D 30 43.88 -80.03 4.31
C ALA D 30 42.96 -80.49 5.43
N GLU D 31 43.51 -80.69 6.62
CA GLU D 31 42.73 -81.12 7.77
C GLU D 31 42.00 -79.96 8.43
N ASP D 32 42.64 -78.80 8.54
CA ASP D 32 42.08 -77.71 9.32
C ASP D 32 40.92 -77.05 8.57
N LEU D 33 39.89 -76.65 9.32
CA LEU D 33 38.84 -75.80 8.78
C LEU D 33 39.19 -74.36 9.13
N ASN D 34 39.25 -73.51 8.10
CA ASN D 34 39.75 -72.15 8.25
C ASN D 34 38.67 -71.13 7.94
N LEU D 35 38.58 -70.12 8.80
CA LEU D 35 37.80 -68.92 8.54
C LEU D 35 38.77 -67.78 8.26
N LEU D 36 38.68 -67.21 7.06
CA LEU D 36 39.48 -66.07 6.66
C LEU D 36 38.60 -64.83 6.65
N ILE D 37 38.94 -63.85 7.49
CA ILE D 37 38.18 -62.62 7.62
C ILE D 37 39.00 -61.49 7.02
N ALA D 38 38.35 -60.65 6.20
CA ALA D 38 39.02 -59.59 5.46
C ALA D 38 38.52 -58.24 5.95
N LYS D 39 39.45 -57.44 6.46
CA LYS D 39 39.30 -56.03 6.81
C LYS D 39 40.09 -55.24 5.78
N ASN D 40 39.77 -53.96 5.66
CA ASN D 40 40.16 -53.20 4.48
C ASN D 40 41.55 -53.55 3.97
N THR D 41 42.55 -53.50 4.85
CA THR D 41 43.93 -53.80 4.50
C THR D 41 44.49 -54.99 5.29
N ARG D 42 43.67 -55.68 6.07
CA ARG D 42 44.13 -56.72 6.96
C ARG D 42 43.45 -58.04 6.62
N LEU D 43 44.23 -59.12 6.63
CA LEU D 43 43.71 -60.47 6.45
C LEU D 43 43.97 -61.25 7.73
N GLU D 44 42.90 -61.85 8.27
CA GLU D 44 42.95 -62.57 9.53
C GLU D 44 42.57 -64.02 9.27
N ILE D 45 43.48 -64.94 9.62
CA ILE D 45 43.28 -66.37 9.44
C ILE D 45 42.95 -67.00 10.80
N TYR D 46 41.90 -67.83 10.82
CA TYR D 46 41.43 -68.48 12.04
C TYR D 46 41.22 -69.97 11.76
N VAL D 47 41.26 -70.76 12.85
CA VAL D 47 40.97 -72.19 12.80
C VAL D 47 39.74 -72.48 13.66
N VAL D 48 38.78 -73.20 13.07
CA VAL D 48 37.50 -73.49 13.72
C VAL D 48 37.66 -74.59 14.76
N THR D 49 37.31 -74.27 16.01
CA THR D 49 37.23 -75.22 17.10
C THR D 49 35.79 -75.29 17.60
N ALA D 50 35.50 -76.30 18.42
CA ALA D 50 34.17 -76.38 19.03
C ALA D 50 33.92 -75.18 19.93
N GLU D 51 34.99 -74.60 20.48
CA GLU D 51 34.89 -73.48 21.41
C GLU D 51 34.66 -72.14 20.72
N GLY D 52 35.35 -71.92 19.61
CA GLY D 52 35.38 -70.60 18.99
C GLY D 52 36.41 -70.60 17.88
N LEU D 53 36.96 -69.42 17.61
CA LEU D 53 37.98 -69.25 16.59
C LEU D 53 39.35 -69.22 17.24
N ARG D 54 40.30 -69.98 16.67
CA ARG D 54 41.68 -69.96 17.14
C ARG D 54 42.55 -69.22 16.14
N PRO D 55 43.19 -68.12 16.57
CA PRO D 55 43.98 -67.30 15.63
C PRO D 55 45.36 -67.90 15.31
N VAL D 56 45.67 -67.99 14.03
CA VAL D 56 46.93 -68.54 13.55
C VAL D 56 47.89 -67.46 13.04
N LYS D 57 47.39 -66.54 12.20
CA LYS D 57 48.26 -65.59 11.52
C LYS D 57 47.46 -64.38 11.06
N GLU D 58 48.10 -63.21 11.07
CA GLU D 58 47.53 -61.98 10.53
C GLU D 58 48.56 -61.22 9.71
N VAL D 59 48.28 -61.05 8.43
CA VAL D 59 49.15 -60.30 7.51
C VAL D 59 48.45 -59.02 7.07
N GLY D 60 49.26 -58.01 6.77
CA GLY D 60 48.78 -56.77 6.17
C GLY D 60 49.23 -56.70 4.73
N MET D 61 48.37 -56.15 3.87
CA MET D 61 48.66 -56.04 2.45
C MET D 61 48.71 -54.58 2.03
N TYR D 62 49.50 -54.31 0.99
CA TYR D 62 49.60 -52.96 0.44
C TYR D 62 48.48 -52.74 -0.59
N GLY D 63 47.25 -52.88 -0.12
CA GLY D 63 46.09 -52.77 -1.00
C GLY D 63 44.78 -53.02 -0.28
N LYS D 64 43.70 -52.42 -0.79
CA LYS D 64 42.35 -52.67 -0.28
C LYS D 64 41.86 -53.99 -0.85
N ILE D 65 41.52 -54.94 0.02
CA ILE D 65 41.11 -56.26 -0.45
C ILE D 65 39.74 -56.14 -1.11
N ALA D 66 39.67 -56.47 -2.39
CA ALA D 66 38.41 -56.41 -3.13
C ALA D 66 37.79 -57.80 -3.32
N VAL D 67 38.55 -58.76 -3.82
CA VAL D 67 38.10 -60.13 -4.01
C VAL D 67 38.92 -61.03 -3.11
N MET D 68 38.25 -61.96 -2.43
CA MET D 68 38.93 -62.94 -1.59
C MET D 68 38.17 -64.26 -1.70
N GLU D 69 38.81 -65.27 -2.28
CA GLU D 69 38.19 -66.57 -2.49
C GLU D 69 39.21 -67.68 -2.32
N LEU D 70 38.75 -68.82 -1.78
CA LEU D 70 39.59 -69.99 -1.61
C LEU D 70 39.24 -71.00 -2.70
N PHE D 71 40.26 -71.56 -3.34
CA PHE D 71 40.06 -72.54 -4.41
C PHE D 71 41.19 -73.56 -4.34
N ARG D 72 40.89 -74.79 -4.74
CA ARG D 72 41.86 -75.89 -4.73
C ARG D 72 42.02 -76.48 -6.13
N PRO D 73 43.06 -76.10 -6.87
CA PRO D 73 43.21 -76.63 -8.23
C PRO D 73 43.68 -78.09 -8.24
N LYS D 74 43.29 -78.78 -9.31
CA LYS D 74 43.66 -80.19 -9.47
C LYS D 74 45.16 -80.35 -9.28
N GLY D 75 45.54 -81.27 -8.37
CA GLY D 75 46.93 -81.53 -8.08
C GLY D 75 47.43 -80.93 -6.77
N GLU D 76 46.69 -80.02 -6.15
CA GLU D 76 47.11 -79.39 -4.92
C GLU D 76 46.67 -80.18 -3.69
N SER D 77 47.50 -80.09 -2.64
CA SER D 77 47.18 -80.76 -1.38
C SER D 77 46.12 -80.00 -0.59
N LYS D 78 46.14 -78.67 -0.60
CA LYS D 78 45.24 -77.88 0.21
C LYS D 78 44.79 -76.65 -0.59
N ASP D 79 43.80 -75.95 -0.05
CA ASP D 79 43.25 -74.79 -0.74
C ASP D 79 44.28 -73.66 -0.85
N LEU D 80 44.21 -72.95 -1.98
CA LEU D 80 44.95 -71.72 -2.20
C LEU D 80 44.00 -70.52 -2.09
N LEU D 81 44.58 -69.34 -1.93
CA LEU D 81 43.82 -68.12 -1.71
C LEU D 81 44.07 -67.16 -2.86
N PHE D 82 42.98 -66.63 -3.45
CA PHE D 82 43.06 -65.58 -4.45
C PHE D 82 42.59 -64.26 -3.85
N ILE D 83 43.34 -63.20 -4.10
CA ILE D 83 42.98 -61.86 -3.63
C ILE D 83 43.24 -60.84 -4.74
N LEU D 84 42.31 -59.91 -4.89
CA LEU D 84 42.42 -58.80 -5.83
C LEU D 84 42.15 -57.51 -5.08
N THR D 85 43.08 -56.56 -5.17
CA THR D 85 42.93 -55.29 -4.49
C THR D 85 42.13 -54.29 -5.33
N ALA D 86 41.70 -53.20 -4.69
CA ALA D 86 40.96 -52.15 -5.37
C ALA D 86 41.81 -51.43 -6.42
N LYS D 87 43.14 -51.45 -6.27
CA LYS D 87 44.04 -50.92 -7.29
C LYS D 87 44.36 -51.95 -8.37
N TYR D 88 43.67 -53.09 -8.35
CA TYR D 88 43.79 -54.12 -9.39
C TYR D 88 45.08 -54.93 -9.24
N ASN D 89 45.61 -55.03 -8.02
CA ASN D 89 46.69 -55.95 -7.75
C ASN D 89 46.12 -57.33 -7.46
N ALA D 90 46.52 -58.32 -8.25
CA ALA D 90 46.02 -59.69 -8.11
C ALA D 90 47.15 -60.61 -7.66
N CYS D 91 46.80 -61.63 -6.88
CA CYS D 91 47.80 -62.56 -6.40
C CYS D 91 47.14 -63.84 -5.93
N ILE D 92 47.89 -64.93 -6.03
CA ILE D 92 47.51 -66.22 -5.46
C ILE D 92 48.47 -66.51 -4.30
N LEU D 93 47.93 -66.83 -3.14
CA LEU D 93 48.71 -67.00 -1.93
C LEU D 93 48.61 -68.43 -1.40
N GLU D 94 49.67 -68.85 -0.72
CA GLU D 94 49.76 -70.16 -0.12
C GLU D 94 50.26 -70.05 1.31
N TYR D 95 49.57 -70.73 2.22
CA TYR D 95 50.04 -70.86 3.59
C TYR D 95 51.12 -71.93 3.65
N LYS D 96 52.25 -71.60 4.27
CA LYS D 96 53.33 -72.58 4.44
C LYS D 96 53.95 -72.36 5.82
N GLN D 97 54.00 -73.43 6.61
CA GLN D 97 54.52 -73.37 7.97
C GLN D 97 55.49 -74.51 8.21
N SER D 98 56.67 -74.16 8.71
CA SER D 98 57.71 -75.14 9.09
C SER D 98 58.01 -74.88 10.56
N GLY D 99 57.37 -75.66 11.43
CA GLY D 99 57.47 -75.46 12.86
C GLY D 99 56.78 -74.17 13.28
N GLU D 100 57.53 -73.27 13.91
CA GLU D 100 56.96 -72.00 14.37
C GLU D 100 57.06 -70.89 13.33
N SER D 101 57.76 -71.11 12.22
CA SER D 101 57.93 -70.08 11.22
C SER D 101 56.75 -70.13 10.26
N ILE D 102 56.02 -69.03 10.16
CA ILE D 102 54.83 -68.93 9.31
C ILE D 102 55.09 -67.85 8.26
N ASP D 103 54.90 -68.22 7.00
CA ASP D 103 55.06 -67.31 5.89
C ASP D 103 53.87 -67.46 4.95
N ILE D 104 53.53 -66.39 4.25
CA ILE D 104 52.50 -66.41 3.23
C ILE D 104 53.22 -66.21 1.89
N ILE D 105 53.19 -67.24 1.05
CA ILE D 105 53.96 -67.29 -0.18
C ILE D 105 53.14 -66.74 -1.34
N THR D 106 53.79 -65.95 -2.19
CA THR D 106 53.16 -65.40 -3.39
C THR D 106 53.43 -66.35 -4.56
N ARG D 107 52.44 -67.17 -4.90
CA ARG D 107 52.60 -68.11 -6.01
C ARG D 107 52.46 -67.42 -7.36
N ALA D 108 51.56 -66.45 -7.48
CA ALA D 108 51.37 -65.72 -8.72
C ALA D 108 50.93 -64.30 -8.38
N HIS D 109 51.36 -63.33 -9.18
CA HIS D 109 51.00 -61.94 -8.92
C HIS D 109 51.05 -61.13 -10.20
N GLY D 110 50.17 -60.13 -10.29
CA GLY D 110 50.14 -59.25 -11.43
C GLY D 110 49.04 -58.22 -11.27
N ASN D 111 49.19 -57.11 -12.00
CA ASN D 111 48.20 -56.04 -12.03
C ASN D 111 47.28 -56.25 -13.23
N VAL D 112 45.98 -56.39 -12.98
CA VAL D 112 45.03 -56.78 -14.02
C VAL D 112 44.28 -55.58 -14.60
N GLN D 113 44.74 -54.37 -14.31
CA GLN D 113 44.07 -53.16 -14.79
C GLN D 113 44.16 -53.05 -16.32
N ASP D 114 43.07 -52.63 -16.94
CA ASP D 114 43.01 -52.38 -18.37
C ASP D 114 43.26 -50.90 -18.66
N ARG D 115 43.91 -50.63 -19.80
CA ARG D 115 44.16 -49.24 -20.17
C ARG D 115 42.85 -48.48 -20.36
N ILE D 116 41.85 -49.13 -20.96
CA ILE D 116 40.60 -48.50 -21.31
C ILE D 116 39.46 -49.37 -20.78
N GLY D 117 38.59 -48.78 -19.98
CA GLY D 117 37.42 -49.46 -19.47
C GLY D 117 36.64 -48.59 -18.50
N ARG D 118 35.34 -48.81 -18.39
CA ARG D 118 34.52 -48.06 -17.45
C ARG D 118 34.32 -48.90 -16.21
N PRO D 119 34.76 -48.45 -15.03
CA PRO D 119 34.47 -49.21 -13.80
C PRO D 119 32.99 -49.44 -13.61
N SER D 120 32.63 -50.68 -13.26
CA SER D 120 31.23 -51.06 -13.15
C SER D 120 30.56 -50.40 -11.95
N GLU D 121 29.25 -50.20 -12.08
CA GLU D 121 28.49 -49.53 -11.03
C GLU D 121 28.46 -50.36 -9.74
N THR D 122 28.19 -51.65 -9.85
CA THR D 122 28.08 -52.52 -8.68
C THR D 122 29.43 -52.93 -8.10
N GLY D 123 30.54 -52.59 -8.77
CA GLY D 123 31.87 -52.80 -8.22
C GLY D 123 32.49 -54.10 -8.70
N ILE D 124 33.74 -54.31 -8.25
CA ILE D 124 34.49 -55.49 -8.68
C ILE D 124 33.79 -56.75 -8.20
N ILE D 125 33.67 -57.72 -9.10
CA ILE D 125 33.17 -59.05 -8.80
C ILE D 125 34.22 -60.07 -9.21
N GLY D 126 34.49 -61.03 -8.33
CA GLY D 126 35.44 -62.09 -8.62
C GLY D 126 34.84 -63.46 -8.37
N ILE D 127 35.01 -64.36 -9.34
CA ILE D 127 34.46 -65.71 -9.25
C ILE D 127 35.48 -66.67 -9.84
N ILE D 128 35.38 -67.93 -9.41
CA ILE D 128 36.28 -68.99 -9.86
C ILE D 128 35.46 -70.20 -10.27
N ASP D 129 35.92 -70.88 -11.32
CA ASP D 129 35.22 -72.04 -11.84
C ASP D 129 35.15 -73.14 -10.80
N PRO D 130 34.06 -73.91 -10.73
CA PRO D 130 34.02 -75.02 -9.77
C PRO D 130 35.12 -76.04 -9.99
N GLU D 131 35.54 -76.25 -11.23
CA GLU D 131 36.66 -77.13 -11.54
C GLU D 131 38.00 -76.41 -11.47
N CYS D 132 38.00 -75.17 -10.98
CA CYS D 132 39.23 -74.39 -10.82
C CYS D 132 40.01 -74.29 -12.12
N ARG D 133 39.28 -74.10 -13.23
CA ARG D 133 39.90 -73.91 -14.52
C ARG D 133 40.31 -72.46 -14.76
N MET D 134 39.54 -71.50 -14.25
CA MET D 134 39.77 -70.10 -14.56
C MET D 134 39.27 -69.23 -13.43
N ILE D 135 39.80 -68.00 -13.37
CA ILE D 135 39.30 -66.96 -12.48
C ILE D 135 38.53 -65.94 -13.33
N GLY D 136 37.29 -65.67 -12.95
CA GLY D 136 36.46 -64.71 -13.65
C GLY D 136 36.43 -63.39 -12.91
N LEU D 137 36.65 -62.30 -13.66
CA LEU D 137 36.68 -60.96 -13.10
C LEU D 137 35.76 -60.04 -13.88
N ARG D 138 34.90 -59.32 -13.19
CA ARG D 138 34.07 -58.27 -13.80
C ARG D 138 34.57 -56.93 -13.26
N LEU D 139 35.54 -56.35 -13.99
CA LEU D 139 36.12 -55.07 -13.60
C LEU D 139 35.48 -53.87 -14.30
N TYR D 140 35.04 -54.03 -15.55
CA TYR D 140 34.54 -52.91 -16.33
C TYR D 140 33.22 -53.29 -17.00
N ASP D 141 32.40 -52.28 -17.25
CA ASP D 141 31.15 -52.51 -17.97
C ASP D 141 31.48 -53.05 -19.36
N GLY D 142 30.77 -54.09 -19.78
CA GLY D 142 30.91 -54.63 -21.11
C GLY D 142 32.14 -55.49 -21.35
N LEU D 143 32.94 -55.75 -20.32
CA LEU D 143 34.12 -56.58 -20.48
C LEU D 143 34.18 -57.60 -19.36
N PHE D 144 34.53 -58.83 -19.71
CA PHE D 144 34.70 -59.93 -18.78
C PHE D 144 36.13 -60.43 -18.91
N LYS D 145 36.89 -60.39 -17.81
CA LYS D 145 38.29 -60.76 -17.82
C LYS D 145 38.46 -62.17 -17.27
N VAL D 146 39.26 -62.97 -17.95
CA VAL D 146 39.48 -64.37 -17.59
C VAL D 146 40.95 -64.58 -17.31
N ILE D 147 41.26 -65.04 -16.09
CA ILE D 147 42.60 -65.48 -15.73
C ILE D 147 42.59 -67.01 -15.73
N PRO D 148 43.18 -67.67 -16.72
CA PRO D 148 43.19 -69.15 -16.71
C PRO D 148 44.07 -69.68 -15.60
N LEU D 149 43.56 -70.71 -14.92
CA LEU D 149 44.28 -71.31 -13.78
C LEU D 149 45.23 -72.38 -14.30
N ASP D 150 46.22 -71.92 -15.05
CA ASP D 150 47.30 -72.75 -15.55
C ASP D 150 48.43 -72.82 -14.53
N ARG D 151 49.15 -73.94 -14.53
CA ARG D 151 50.25 -74.10 -13.58
C ARG D 151 51.35 -73.08 -13.83
N ASP D 152 51.54 -72.69 -15.09
CA ASP D 152 52.60 -71.77 -15.48
C ASP D 152 52.18 -70.31 -15.47
N ASN D 153 50.88 -70.02 -15.33
CA ASN D 153 50.40 -68.65 -15.42
C ASN D 153 50.79 -67.89 -14.14
N LYS D 154 52.10 -67.75 -13.92
CA LYS D 154 52.64 -67.11 -12.72
C LYS D 154 52.51 -65.59 -12.75
N GLU D 155 52.25 -65.00 -13.92
CA GLU D 155 52.00 -63.57 -14.04
C GLU D 155 50.52 -63.24 -14.04
N LEU D 156 49.65 -64.24 -13.94
CA LEU D 156 48.21 -64.01 -13.96
C LEU D 156 47.80 -63.22 -15.21
N LYS D 157 48.33 -63.66 -16.35
CA LYS D 157 47.93 -63.09 -17.64
C LYS D 157 46.46 -63.41 -17.89
N ALA D 158 45.78 -62.49 -18.56
CA ALA D 158 44.34 -62.62 -18.76
C ALA D 158 43.95 -62.03 -20.10
N PHE D 159 42.75 -62.41 -20.55
CA PHE D 159 42.15 -61.89 -21.77
C PHE D 159 40.72 -61.46 -21.45
N ASN D 160 40.19 -60.56 -22.28
CA ASN D 160 38.85 -60.05 -22.12
C ASN D 160 37.92 -60.66 -23.17
N ILE D 161 36.70 -60.97 -22.76
CA ILE D 161 35.63 -61.43 -23.66
C ILE D 161 34.60 -60.32 -23.70
N ARG D 162 34.27 -59.84 -24.90
CA ARG D 162 33.29 -58.77 -25.00
C ARG D 162 31.95 -59.24 -24.47
N LEU D 163 31.28 -58.38 -23.71
CA LEU D 163 30.00 -58.70 -23.10
C LEU D 163 28.95 -57.69 -23.57
N GLU D 164 27.88 -58.20 -24.17
CA GLU D 164 26.84 -57.30 -24.70
C GLU D 164 26.12 -56.58 -23.56
N GLU D 165 25.82 -57.27 -22.46
CA GLU D 165 25.07 -56.69 -21.35
C GLU D 165 26.01 -55.78 -20.58
N LEU D 166 25.84 -54.47 -20.73
CA LEU D 166 26.79 -53.52 -20.18
C LEU D 166 26.63 -53.37 -18.67
N HIS D 167 25.39 -53.39 -18.20
CA HIS D 167 25.08 -53.18 -16.79
C HIS D 167 24.75 -54.53 -16.14
N VAL D 168 25.74 -55.13 -15.47
CA VAL D 168 25.58 -56.41 -14.82
C VAL D 168 25.43 -56.20 -13.32
N ILE D 169 24.40 -56.83 -12.74
CA ILE D 169 24.14 -56.69 -11.31
C ILE D 169 24.98 -57.67 -10.51
N ASP D 170 25.00 -58.94 -10.93
CA ASP D 170 25.75 -59.96 -10.22
C ASP D 170 26.00 -61.12 -11.18
N VAL D 171 27.03 -61.91 -10.88
CA VAL D 171 27.40 -63.04 -11.72
C VAL D 171 28.06 -64.10 -10.86
N LYS D 172 27.86 -65.36 -11.24
CA LYS D 172 28.47 -66.50 -10.57
C LYS D 172 28.75 -67.59 -11.60
N PHE D 173 29.76 -68.42 -11.33
CA PHE D 173 29.94 -69.66 -12.08
C PHE D 173 28.97 -70.70 -11.57
N LEU D 174 28.41 -71.49 -12.49
CA LEU D 174 27.39 -72.47 -12.15
C LEU D 174 27.99 -73.85 -11.93
N TYR D 175 27.28 -74.65 -11.13
CA TYR D 175 27.65 -76.03 -10.84
C TYR D 175 26.91 -76.98 -11.78
N GLY D 176 27.53 -78.13 -12.02
CA GLY D 176 26.88 -79.20 -12.75
C GLY D 176 26.78 -78.98 -14.23
N CYS D 177 27.72 -78.25 -14.82
CA CYS D 177 27.75 -78.00 -16.26
C CYS D 177 29.01 -78.62 -16.83
N GLN D 178 28.91 -79.18 -18.04
CA GLN D 178 30.05 -79.82 -18.67
C GLN D 178 31.11 -78.80 -19.07
N ALA D 179 30.71 -77.57 -19.36
CA ALA D 179 31.65 -76.51 -19.70
C ALA D 179 31.47 -75.32 -18.76
N PRO D 180 32.52 -74.52 -18.55
CA PRO D 180 32.39 -73.35 -17.66
C PRO D 180 31.21 -72.48 -18.04
N THR D 181 30.28 -72.28 -17.12
CA THR D 181 29.06 -71.54 -17.37
C THR D 181 28.92 -70.42 -16.34
N ILE D 182 28.72 -69.20 -16.82
CA ILE D 182 28.42 -68.06 -15.96
C ILE D 182 26.93 -67.79 -16.03
N CYS D 183 26.33 -67.49 -14.87
CA CYS D 183 24.95 -67.05 -14.79
C CYS D 183 24.94 -65.71 -14.08
N PHE D 184 24.23 -64.74 -14.66
CA PHE D 184 24.27 -63.39 -14.12
C PHE D 184 22.94 -62.69 -14.33
N VAL D 185 22.66 -61.74 -13.44
CA VAL D 185 21.52 -60.84 -13.58
C VAL D 185 22.04 -59.52 -14.11
N TYR D 186 21.38 -59.00 -15.14
CA TYR D 186 21.78 -57.76 -15.77
C TYR D 186 20.55 -56.87 -15.90
N GLN D 187 20.79 -55.58 -16.15
CA GLN D 187 19.73 -54.60 -16.25
C GLN D 187 19.84 -53.89 -17.60
N ASP D 188 18.71 -53.80 -18.30
CA ASP D 188 18.61 -53.06 -19.55
C ASP D 188 17.32 -52.26 -19.47
N PRO D 189 16.98 -51.46 -20.49
CA PRO D 189 15.75 -50.65 -20.39
C PRO D 189 14.49 -51.47 -20.22
N GLN D 190 14.53 -52.77 -20.52
CA GLN D 190 13.36 -53.63 -20.45
C GLN D 190 13.15 -54.25 -19.08
N GLY D 191 13.94 -53.86 -18.09
CA GLY D 191 13.88 -54.45 -16.76
C GLY D 191 15.16 -55.16 -16.41
N ARG D 192 15.12 -56.08 -15.44
CA ARG D 192 16.28 -56.90 -15.09
C ARG D 192 16.00 -58.34 -15.50
N HIS D 193 17.04 -59.00 -15.99
CA HIS D 193 16.91 -60.33 -16.56
C HIS D 193 18.07 -61.19 -16.08
N VAL D 194 17.88 -62.51 -16.18
CA VAL D 194 18.92 -63.47 -15.87
C VAL D 194 19.30 -64.19 -17.16
N LYS D 195 20.59 -64.42 -17.36
CA LYS D 195 21.11 -64.97 -18.60
C LYS D 195 22.35 -65.80 -18.29
N THR D 196 22.66 -66.72 -19.21
CA THR D 196 23.82 -67.59 -19.05
C THR D 196 24.68 -67.55 -20.32
N TYR D 197 25.99 -67.73 -20.11
CA TYR D 197 26.96 -67.90 -21.18
C TYR D 197 27.86 -69.06 -20.80
N GLU D 198 28.52 -69.63 -21.81
CA GLU D 198 29.57 -70.59 -21.59
C GLU D 198 30.91 -69.99 -22.00
N VAL D 199 31.92 -70.19 -21.16
CA VAL D 199 33.24 -69.61 -21.35
C VAL D 199 34.15 -70.69 -21.91
N SER D 200 34.70 -70.46 -23.10
CA SER D 200 35.64 -71.37 -23.74
C SER D 200 37.03 -70.76 -23.61
N LEU D 201 37.87 -71.38 -22.77
CA LEU D 201 39.24 -70.92 -22.63
C LEU D 201 40.02 -71.12 -23.93
N ARG D 202 39.68 -72.15 -24.69
CA ARG D 202 40.38 -72.43 -25.94
C ARG D 202 40.10 -71.36 -26.98
N GLU D 203 38.83 -70.98 -27.13
CA GLU D 203 38.43 -69.98 -28.12
C GLU D 203 38.56 -68.56 -27.60
N LYS D 204 38.67 -68.38 -26.28
CA LYS D 204 38.72 -67.04 -25.68
C LYS D 204 37.49 -66.22 -26.08
N GLU D 205 36.32 -66.82 -25.92
CA GLU D 205 35.07 -66.12 -26.20
C GLU D 205 33.91 -66.86 -25.53
N PHE D 206 32.73 -66.25 -25.59
CA PHE D 206 31.51 -66.85 -25.08
C PHE D 206 30.86 -67.73 -26.13
N ASN D 207 30.20 -68.80 -25.66
CA ASN D 207 29.32 -69.62 -26.47
C ASN D 207 27.93 -69.63 -25.84
N LYS D 208 26.96 -70.09 -26.64
CA LYS D 208 25.57 -70.10 -26.22
C LYS D 208 25.41 -70.75 -24.85
N GLY D 209 24.56 -70.15 -24.02
CA GLY D 209 24.40 -70.60 -22.65
C GLY D 209 23.46 -71.77 -22.51
N PRO D 210 23.53 -72.48 -21.37
CA PRO D 210 22.70 -73.69 -21.22
C PRO D 210 21.21 -73.44 -21.19
N TRP D 211 20.74 -72.38 -20.53
CA TRP D 211 19.30 -72.13 -20.45
C TRP D 211 18.98 -70.68 -20.79
N LYS D 212 17.75 -70.48 -21.24
CA LYS D 212 17.34 -69.24 -21.88
C LYS D 212 17.26 -68.10 -20.87
N GLN D 213 17.22 -66.89 -21.41
CA GLN D 213 17.03 -65.72 -20.57
C GLN D 213 15.63 -65.75 -19.95
N GLU D 214 15.51 -65.23 -18.74
CA GLU D 214 14.22 -65.08 -18.09
C GLU D 214 14.12 -63.67 -17.54
N ASN D 215 12.94 -63.06 -17.68
CA ASN D 215 12.69 -61.77 -17.05
C ASN D 215 12.46 -61.99 -15.56
N VAL D 216 13.16 -61.23 -14.72
CA VAL D 216 13.13 -61.42 -13.27
C VAL D 216 12.75 -60.11 -12.58
N GLU D 217 12.69 -60.17 -11.26
CA GLU D 217 12.30 -59.02 -10.45
C GLU D 217 13.18 -57.81 -10.73
N ALA D 218 12.56 -56.62 -10.70
CA ALA D 218 13.29 -55.39 -10.97
C ALA D 218 14.38 -55.12 -9.95
N GLU D 219 14.18 -55.56 -8.70
CA GLU D 219 15.16 -55.34 -7.64
C GLU D 219 15.94 -56.61 -7.31
N ALA D 220 16.06 -57.52 -8.26
CA ALA D 220 16.91 -58.70 -8.09
C ALA D 220 18.36 -58.29 -7.85
N SER D 221 18.94 -58.76 -6.76
CA SER D 221 20.25 -58.30 -6.31
C SER D 221 21.35 -59.34 -6.38
N MET D 222 21.08 -60.59 -5.99
CA MET D 222 22.15 -61.57 -5.81
C MET D 222 21.85 -62.88 -6.51
N VAL D 223 22.92 -63.50 -7.02
CA VAL D 223 22.88 -64.79 -7.72
C VAL D 223 23.59 -65.83 -6.87
N ILE D 224 22.92 -66.96 -6.64
CA ILE D 224 23.46 -68.07 -5.88
C ILE D 224 23.60 -69.26 -6.81
N ALA D 225 24.80 -69.83 -6.89
CA ALA D 225 25.04 -71.02 -7.68
C ALA D 225 24.81 -72.24 -6.78
N VAL D 226 23.76 -73.00 -7.07
CA VAL D 226 23.40 -74.16 -6.24
C VAL D 226 24.25 -75.35 -6.66
N PRO D 227 24.69 -76.20 -5.71
CA PRO D 227 25.62 -77.28 -6.08
C PRO D 227 25.00 -78.36 -6.95
N GLU D 228 25.82 -79.33 -7.34
CA GLU D 228 25.41 -80.30 -8.35
C GLU D 228 24.15 -81.08 -8.00
N PRO D 229 23.92 -81.53 -6.77
CA PRO D 229 22.70 -82.32 -6.51
C PRO D 229 21.42 -81.64 -6.99
N PHE D 230 21.30 -80.32 -6.81
CA PHE D 230 20.18 -79.57 -7.38
C PHE D 230 20.54 -78.89 -8.70
N GLY D 231 21.66 -78.16 -8.74
CA GLY D 231 22.03 -77.43 -9.92
C GLY D 231 21.27 -76.13 -10.07
N GLY D 232 21.55 -75.43 -11.16
CA GLY D 232 20.86 -74.19 -11.45
C GLY D 232 21.34 -73.05 -10.58
N ALA D 233 20.45 -72.06 -10.41
CA ALA D 233 20.79 -70.86 -9.65
C ALA D 233 19.55 -70.33 -8.94
N ILE D 234 19.79 -69.61 -7.85
CA ILE D 234 18.75 -68.91 -7.11
C ILE D 234 19.00 -67.42 -7.26
N ILE D 235 17.93 -66.66 -7.43
CA ILE D 235 18.01 -65.22 -7.60
C ILE D 235 17.28 -64.58 -6.43
N ILE D 236 17.97 -63.75 -5.67
CA ILE D 236 17.42 -63.11 -4.47
C ILE D 236 16.99 -61.70 -4.86
N GLY D 237 15.76 -61.34 -4.51
CA GLY D 237 15.29 -59.99 -4.74
C GLY D 237 14.79 -59.38 -3.45
N GLN D 238 14.14 -58.22 -3.54
CA GLN D 238 13.62 -57.60 -2.32
C GLN D 238 12.30 -58.24 -1.91
N GLU D 239 11.46 -58.63 -2.89
CA GLU D 239 10.15 -59.20 -2.60
C GLU D 239 9.99 -60.66 -3.04
N SER D 240 10.91 -61.21 -3.84
CA SER D 240 10.71 -62.57 -4.34
C SER D 240 12.05 -63.28 -4.48
N ILE D 241 12.01 -64.60 -4.34
CA ILE D 241 13.15 -65.48 -4.54
C ILE D 241 12.80 -66.47 -5.65
N THR D 242 13.70 -66.63 -6.61
CA THR D 242 13.43 -67.47 -7.77
C THR D 242 14.59 -68.43 -8.01
N TYR D 243 14.25 -69.66 -8.43
CA TYR D 243 15.20 -70.68 -8.84
C TYR D 243 15.02 -70.95 -10.32
N HIS D 244 16.12 -70.93 -11.08
CA HIS D 244 16.10 -71.18 -12.51
C HIS D 244 17.10 -72.28 -12.81
N ASN D 245 16.67 -73.32 -13.55
CA ASN D 245 17.58 -74.37 -14.00
C ASN D 245 16.94 -75.01 -15.24
N GLY D 246 17.38 -74.59 -16.41
CA GLY D 246 16.82 -75.13 -17.64
C GLY D 246 15.33 -74.85 -17.70
N ASP D 247 14.53 -75.91 -17.77
CA ASP D 247 13.09 -75.76 -17.85
C ASP D 247 12.44 -75.47 -16.50
N LYS D 248 13.10 -75.84 -15.41
CA LYS D 248 12.50 -75.68 -14.09
C LYS D 248 12.48 -74.21 -13.69
N TYR D 249 11.38 -73.80 -13.07
CA TYR D 249 11.22 -72.43 -12.58
C TYR D 249 10.32 -72.42 -11.35
N LEU D 250 10.85 -71.91 -10.24
CA LEU D 250 10.12 -71.78 -9.00
C LEU D 250 10.22 -70.34 -8.51
N ALA D 251 9.11 -69.84 -7.96
CA ALA D 251 9.05 -68.47 -7.46
C ALA D 251 8.32 -68.48 -6.13
N ILE D 252 8.98 -68.00 -5.08
CA ILE D 252 8.42 -67.86 -3.75
C ILE D 252 8.45 -66.39 -3.37
N ALA D 253 7.34 -65.89 -2.81
CA ALA D 253 7.21 -64.49 -2.43
C ALA D 253 6.70 -64.42 -0.99
N PRO D 254 7.55 -64.74 -0.01
CA PRO D 254 7.11 -64.67 1.38
C PRO D 254 6.91 -63.24 1.82
N PRO D 255 5.95 -62.98 2.70
CA PRO D 255 5.68 -61.57 3.08
C PRO D 255 6.74 -60.99 3.99
N ILE D 256 7.57 -61.81 4.63
CA ILE D 256 8.54 -61.31 5.59
C ILE D 256 9.71 -60.64 4.90
N ILE D 257 10.16 -61.18 3.76
CA ILE D 257 11.37 -60.64 3.15
C ILE D 257 11.13 -59.23 2.62
N LYS D 258 9.88 -58.89 2.29
CA LYS D 258 9.59 -57.56 1.78
C LYS D 258 9.90 -56.47 2.81
N GLN D 259 9.78 -56.79 4.11
CA GLN D 259 9.90 -55.76 5.13
C GLN D 259 11.29 -55.14 5.16
N SER D 260 12.32 -55.92 4.84
CA SER D 260 13.69 -55.41 4.84
C SER D 260 14.47 -56.10 3.73
N THR D 261 15.39 -55.35 3.12
CA THR D 261 16.16 -55.86 1.99
C THR D 261 17.17 -56.90 2.44
N ILE D 262 17.25 -58.02 1.70
CA ILE D 262 18.18 -59.09 1.98
C ILE D 262 19.50 -58.78 1.28
N VAL D 263 20.61 -58.86 2.03
CA VAL D 263 21.88 -58.36 1.53
C VAL D 263 23.01 -59.40 1.55
N CYS D 264 22.83 -60.56 2.17
CA CYS D 264 23.91 -61.55 2.20
C CYS D 264 23.35 -62.97 2.20
N HIS D 265 24.12 -63.88 1.60
CA HIS D 265 23.75 -65.28 1.54
C HIS D 265 24.98 -66.16 1.78
N ASN D 266 24.78 -67.30 2.42
CA ASN D 266 25.84 -68.29 2.58
C ASN D 266 25.25 -69.69 2.47
N ARG D 267 26.04 -70.63 1.94
CA ARG D 267 25.59 -72.01 1.80
C ARG D 267 25.92 -72.77 3.09
N VAL D 268 24.93 -73.47 3.62
CA VAL D 268 25.08 -74.22 4.86
C VAL D 268 25.39 -75.68 4.57
N ASP D 269 24.52 -76.32 3.81
CA ASP D 269 24.68 -77.73 3.46
C ASP D 269 25.44 -77.85 2.14
N PRO D 270 26.54 -78.59 2.08
CA PRO D 270 27.30 -78.65 0.82
C PRO D 270 26.48 -79.09 -0.38
N ASN D 271 25.44 -79.88 -0.17
CA ASN D 271 24.55 -80.31 -1.26
C ASN D 271 23.51 -79.26 -1.63
N GLY D 272 23.48 -78.12 -0.93
CA GLY D 272 22.61 -77.03 -1.33
C GLY D 272 21.22 -77.05 -0.71
N SER D 273 20.97 -77.92 0.27
CA SER D 273 19.61 -78.04 0.77
C SER D 273 19.19 -76.85 1.62
N ARG D 274 20.15 -76.14 2.22
CA ARG D 274 19.84 -75.04 3.11
C ARG D 274 20.82 -73.90 2.88
N TYR D 275 20.30 -72.67 2.90
CA TYR D 275 21.08 -71.46 2.74
C TYR D 275 20.70 -70.46 3.83
N LEU D 276 21.64 -69.60 4.20
CA LEU D 276 21.40 -68.56 5.20
C LEU D 276 21.25 -67.22 4.51
N LEU D 277 20.25 -66.44 4.92
CA LEU D 277 20.02 -65.11 4.38
C LEU D 277 19.98 -64.08 5.50
N GLY D 278 20.57 -62.91 5.24
CA GLY D 278 20.51 -61.81 6.17
C GLY D 278 20.05 -60.55 5.48
N ASP D 279 19.37 -59.69 6.25
CA ASP D 279 18.78 -58.47 5.74
C ASP D 279 19.19 -57.28 6.60
N MET D 280 18.85 -56.08 6.13
CA MET D 280 19.33 -54.86 6.76
C MET D 280 18.79 -54.66 8.18
N GLU D 281 17.72 -55.35 8.55
CA GLU D 281 17.21 -55.26 9.91
C GLU D 281 17.87 -56.25 10.85
N GLY D 282 18.87 -56.98 10.39
CA GLY D 282 19.54 -57.96 11.23
C GLY D 282 18.85 -59.29 11.27
N ARG D 283 17.74 -59.45 10.57
CA ARG D 283 17.00 -60.70 10.61
C ARG D 283 17.78 -61.78 9.88
N LEU D 284 17.80 -62.97 10.46
CA LEU D 284 18.50 -64.12 9.89
C LEU D 284 17.47 -65.15 9.48
N PHE D 285 17.50 -65.54 8.22
CA PHE D 285 16.56 -66.51 7.67
C PHE D 285 17.28 -67.80 7.28
N MET D 286 16.47 -68.80 6.94
CA MET D 286 16.95 -70.08 6.45
C MET D 286 16.19 -70.38 5.17
N LEU D 287 16.91 -70.48 4.05
CA LEU D 287 16.33 -70.82 2.76
C LEU D 287 16.42 -72.33 2.57
N LEU D 288 15.27 -72.99 2.55
CA LEU D 288 15.20 -74.43 2.45
C LEU D 288 14.86 -74.85 1.03
N LEU D 289 15.64 -75.77 0.47
CA LEU D 289 15.37 -76.38 -0.83
C LEU D 289 14.82 -77.78 -0.60
N GLU D 290 13.54 -77.97 -0.88
CA GLU D 290 12.88 -79.26 -0.66
C GLU D 290 13.07 -80.17 -1.88
N LYS D 291 13.83 -81.23 -1.70
CA LYS D 291 14.19 -82.13 -2.78
C LYS D 291 13.07 -83.13 -3.06
N GLU D 292 12.93 -83.50 -4.33
CA GLU D 292 12.01 -84.54 -4.76
C GLU D 292 12.75 -85.55 -5.63
N GLU D 293 12.85 -86.79 -5.16
CA GLU D 293 13.52 -87.82 -5.95
C GLU D 293 12.53 -88.36 -6.98
N GLN D 294 13.02 -88.56 -8.19
CA GLN D 294 12.24 -89.11 -9.28
C GLN D 294 12.44 -90.62 -9.35
N MET D 295 11.50 -91.29 -10.03
CA MET D 295 11.64 -92.72 -10.24
C MET D 295 12.94 -93.05 -10.97
N ASP D 296 13.47 -92.10 -11.75
CA ASP D 296 14.76 -92.28 -12.38
C ASP D 296 15.89 -92.50 -11.37
N GLY D 297 15.68 -92.06 -10.13
CA GLY D 297 16.73 -92.00 -9.14
C GLY D 297 17.42 -90.65 -9.10
N THR D 298 17.07 -89.75 -10.00
CA THR D 298 17.58 -88.39 -10.03
C THR D 298 16.79 -87.53 -9.03
N VAL D 299 17.34 -86.37 -8.71
CA VAL D 299 16.75 -85.47 -7.72
C VAL D 299 16.47 -84.11 -8.37
N THR D 300 15.22 -83.66 -8.27
CA THR D 300 14.77 -82.37 -8.76
C THR D 300 14.25 -81.53 -7.58
N LEU D 301 14.28 -80.21 -7.76
CA LEU D 301 13.80 -79.30 -6.73
C LEU D 301 12.29 -79.17 -6.77
N LYS D 302 11.65 -79.44 -5.62
CA LYS D 302 10.20 -79.42 -5.52
C LYS D 302 9.65 -78.06 -5.08
N ASP D 303 10.23 -77.47 -4.05
CA ASP D 303 9.69 -76.21 -3.53
C ASP D 303 10.75 -75.50 -2.70
N LEU D 304 10.49 -74.22 -2.42
CA LEU D 304 11.36 -73.37 -1.64
C LEU D 304 10.61 -72.87 -0.41
N ARG D 305 11.32 -72.74 0.71
CA ARG D 305 10.72 -72.28 1.96
C ARG D 305 11.71 -71.38 2.68
N VAL D 306 11.18 -70.33 3.32
CA VAL D 306 11.97 -69.39 4.10
C VAL D 306 11.47 -69.41 5.54
N GLU D 307 12.40 -69.54 6.49
CA GLU D 307 12.09 -69.63 7.90
C GLU D 307 12.94 -68.62 8.66
N LEU D 308 12.27 -67.80 9.49
CA LEU D 308 12.98 -66.84 10.32
C LEU D 308 13.67 -67.54 11.48
N LEU D 309 14.97 -67.27 11.65
CA LEU D 309 15.74 -67.87 12.73
C LEU D 309 15.87 -66.94 13.93
N GLY D 310 16.10 -65.65 13.71
CA GLY D 310 16.24 -64.72 14.82
C GLY D 310 16.85 -63.42 14.35
N GLU D 311 17.55 -62.76 15.28
CA GLU D 311 18.22 -61.50 15.04
C GLU D 311 19.72 -61.63 15.25
N THR D 312 20.49 -61.04 14.35
CA THR D 312 21.93 -60.92 14.47
C THR D 312 22.29 -59.45 14.27
N SER D 313 23.58 -59.15 14.28
CA SER D 313 24.01 -57.82 13.87
C SER D 313 23.85 -57.68 12.37
N ILE D 314 23.65 -56.44 11.92
CA ILE D 314 23.53 -56.18 10.49
C ILE D 314 24.77 -56.75 9.81
N ALA D 315 24.55 -57.67 8.87
CA ALA D 315 25.62 -58.53 8.37
C ALA D 315 26.00 -58.12 6.95
N GLU D 316 27.29 -57.79 6.77
CA GLU D 316 27.82 -57.64 5.42
C GLU D 316 27.96 -58.98 4.73
N CYS D 317 28.43 -59.99 5.47
CA CYS D 317 28.62 -61.32 4.95
C CYS D 317 28.35 -62.33 6.06
N LEU D 318 27.81 -63.48 5.65
CA LEU D 318 27.56 -64.57 6.59
C LEU D 318 28.42 -65.75 6.19
N THR D 319 28.83 -66.56 7.16
CA THR D 319 29.53 -67.79 6.84
C THR D 319 29.21 -68.83 7.91
N TYR D 320 28.73 -69.98 7.47
CA TYR D 320 28.43 -71.08 8.38
C TYR D 320 29.73 -71.85 8.62
N LEU D 321 30.01 -72.15 9.88
CA LEU D 321 31.27 -72.79 10.21
C LEU D 321 31.01 -74.28 10.41
N ASP D 322 30.45 -74.66 11.55
CA ASP D 322 30.09 -76.05 11.79
C ASP D 322 29.42 -76.16 13.14
N ASN D 323 28.66 -77.24 13.31
CA ASN D 323 27.96 -77.53 14.56
C ASN D 323 27.04 -76.38 14.98
N GLY D 324 26.36 -75.80 14.00
CA GLY D 324 25.37 -74.77 14.25
C GLY D 324 25.95 -73.39 14.48
N VAL D 325 27.26 -73.25 14.48
CA VAL D 325 27.93 -71.98 14.72
C VAL D 325 28.01 -71.21 13.41
N VAL D 326 27.72 -69.91 13.46
CA VAL D 326 27.75 -69.03 12.29
C VAL D 326 28.47 -67.75 12.65
N PHE D 327 29.44 -67.36 11.82
CA PHE D 327 30.11 -66.09 11.98
C PHE D 327 29.36 -65.00 11.22
N VAL D 328 29.07 -63.90 11.91
CA VAL D 328 28.35 -62.76 11.34
C VAL D 328 29.36 -61.64 11.15
N GLY D 329 29.74 -61.38 9.91
CA GLY D 329 30.66 -60.30 9.59
C GLY D 329 29.95 -59.00 9.31
N SER D 330 30.12 -58.02 10.19
CA SER D 330 29.38 -56.77 10.12
C SER D 330 30.30 -55.60 9.78
N ARG D 331 29.81 -54.70 8.93
CA ARG D 331 30.49 -53.44 8.64
C ARG D 331 29.89 -52.26 9.37
N LEU D 332 28.66 -52.39 9.87
CA LEU D 332 27.97 -51.31 10.56
C LEU D 332 27.89 -51.50 12.06
N GLY D 333 28.15 -52.70 12.57
CA GLY D 333 28.10 -52.95 13.99
C GLY D 333 29.06 -54.04 14.40
N ASP D 334 28.95 -54.52 15.63
CA ASP D 334 29.85 -55.57 16.10
C ASP D 334 29.61 -56.87 15.36
N SER D 335 30.70 -57.54 14.99
CA SER D 335 30.63 -58.86 14.38
C SER D 335 30.30 -59.90 15.46
N GLN D 336 30.01 -61.13 15.03
CA GLN D 336 29.45 -62.08 15.98
C GLN D 336 29.82 -63.51 15.63
N LEU D 337 29.87 -64.36 16.67
CA LEU D 337 29.71 -65.80 16.56
C LEU D 337 28.35 -66.14 17.17
N VAL D 338 27.53 -66.90 16.45
CA VAL D 338 26.19 -67.21 16.93
C VAL D 338 25.93 -68.70 16.80
N LYS D 339 25.15 -69.24 17.74
CA LYS D 339 24.75 -70.64 17.75
C LYS D 339 23.32 -70.79 17.23
N LEU D 340 23.15 -71.67 16.26
CA LEU D 340 21.84 -72.01 15.72
C LEU D 340 21.33 -73.29 16.37
N ASN D 341 20.23 -73.19 17.11
CA ASN D 341 19.66 -74.31 17.83
C ASN D 341 18.51 -74.91 17.04
N VAL D 342 18.22 -76.18 17.32
CA VAL D 342 17.09 -76.84 16.66
C VAL D 342 15.78 -76.41 17.29
N ASP D 343 15.76 -76.24 18.61
CA ASP D 343 14.59 -75.78 19.33
C ASP D 343 14.71 -74.28 19.61
N SER D 344 13.60 -73.57 19.45
CA SER D 344 13.57 -72.15 19.76
C SER D 344 13.54 -71.92 21.28
N ASN D 345 13.98 -70.75 21.70
CA ASN D 345 13.98 -70.38 23.10
C ASN D 345 12.60 -69.82 23.48
N GLU D 346 12.50 -69.24 24.69
CA GLU D 346 11.22 -68.76 25.17
C GLU D 346 10.70 -67.57 24.37
N GLN D 347 11.56 -66.92 23.59
CA GLN D 347 11.18 -65.75 22.80
C GLN D 347 10.81 -66.09 21.37
N GLY D 348 10.96 -67.34 20.95
CA GLY D 348 10.71 -67.73 19.59
C GLY D 348 11.92 -67.69 18.69
N SER D 349 13.10 -67.45 19.25
CA SER D 349 14.34 -67.32 18.49
C SER D 349 15.12 -68.63 18.51
N TYR D 350 15.74 -68.94 17.38
CA TYR D 350 16.64 -70.09 17.27
C TYR D 350 18.12 -69.67 17.34
N VAL D 351 18.39 -68.39 17.55
CA VAL D 351 19.75 -67.85 17.48
C VAL D 351 20.17 -67.38 18.87
N VAL D 352 21.36 -67.79 19.29
CA VAL D 352 21.93 -67.38 20.58
C VAL D 352 23.35 -66.88 20.33
N ALA D 353 23.64 -65.67 20.78
CA ALA D 353 24.95 -65.09 20.58
C ALA D 353 25.99 -65.79 21.45
N MET D 354 27.12 -66.16 20.84
CA MET D 354 28.25 -66.70 21.59
C MET D 354 29.29 -65.62 21.89
N GLU D 355 29.90 -65.06 20.85
CA GLU D 355 30.96 -64.08 21.01
C GLU D 355 30.65 -62.82 20.23
N THR D 356 31.14 -61.69 20.74
CA THR D 356 31.00 -60.39 20.09
C THR D 356 32.38 -59.83 19.83
N PHE D 357 32.61 -59.37 18.61
CA PHE D 357 33.89 -58.83 18.17
C PHE D 357 33.73 -57.33 17.97
N THR D 358 34.51 -56.56 18.72
CA THR D 358 34.35 -55.11 18.67
C THR D 358 34.61 -54.59 17.27
N ASN D 359 33.64 -53.86 16.73
CA ASN D 359 33.76 -53.16 15.47
C ASN D 359 33.41 -51.70 15.74
N LEU D 360 34.39 -50.82 15.59
CA LEU D 360 34.13 -49.40 15.75
C LEU D 360 33.22 -48.86 14.66
N GLY D 361 32.82 -49.70 13.70
CA GLY D 361 31.83 -49.35 12.70
C GLY D 361 32.18 -48.08 11.98
N PRO D 362 31.24 -47.55 11.20
CA PRO D 362 31.44 -46.22 10.60
C PRO D 362 31.58 -45.18 11.71
N ILE D 363 32.70 -44.46 11.71
CA ILE D 363 32.93 -43.40 12.68
C ILE D 363 32.44 -42.12 12.04
N VAL D 364 31.21 -41.72 12.38
CA VAL D 364 30.63 -40.54 11.75
C VAL D 364 31.25 -39.27 12.32
N ASP D 365 31.52 -39.26 13.64
CA ASP D 365 32.12 -38.11 14.30
C ASP D 365 32.82 -38.61 15.56
N MET D 366 33.65 -37.74 16.14
CA MET D 366 34.34 -38.09 17.38
C MET D 366 34.91 -36.83 18.01
N CYS D 367 35.07 -36.88 19.33
CA CYS D 367 35.68 -35.79 20.08
C CYS D 367 36.62 -36.35 21.14
N VAL D 368 37.66 -35.58 21.46
CA VAL D 368 38.65 -35.97 22.46
C VAL D 368 38.41 -35.17 23.74
N VAL D 369 38.28 -35.87 24.85
CA VAL D 369 38.03 -35.25 26.15
C VAL D 369 38.84 -35.99 27.21
N ASP D 370 39.37 -35.24 28.18
CA ASP D 370 40.06 -35.82 29.32
C ASP D 370 39.01 -35.98 30.43
N LEU D 371 38.42 -37.18 30.51
CA LEU D 371 37.35 -37.40 31.49
C LEU D 371 37.90 -37.38 32.91
N GLU D 372 39.08 -37.95 33.13
CA GLU D 372 39.75 -37.86 34.41
C GLU D 372 40.58 -36.59 34.52
N ARG D 373 40.58 -35.77 33.46
CA ARG D 373 41.30 -34.50 33.44
C ARG D 373 42.78 -34.67 33.72
N GLN D 374 43.26 -35.90 33.65
CA GLN D 374 44.69 -36.17 33.66
C GLN D 374 45.21 -35.88 32.26
N GLY D 375 46.50 -36.00 32.05
CA GLY D 375 47.01 -35.74 30.72
C GLY D 375 46.65 -36.88 29.77
N GLN D 376 45.70 -37.72 30.18
CA GLN D 376 45.29 -38.89 29.41
C GLN D 376 44.05 -38.49 28.61
N GLY D 377 44.14 -38.63 27.28
CA GLY D 377 43.02 -38.29 26.42
C GLY D 377 42.15 -39.51 26.13
N GLN D 378 40.84 -39.29 26.07
CA GLN D 378 39.88 -40.34 25.78
C GLN D 378 39.05 -39.94 24.57
N LEU D 379 38.84 -40.89 23.65
CA LEU D 379 38.17 -40.64 22.39
C LEU D 379 36.75 -41.23 22.40
N VAL D 380 35.75 -40.37 22.41
CA VAL D 380 34.35 -40.78 22.31
C VAL D 380 33.86 -40.60 20.88
N THR D 381 33.39 -41.69 20.26
CA THR D 381 33.07 -41.70 18.85
C THR D 381 31.61 -42.07 18.60
N CYS D 382 31.01 -41.40 17.62
CA CYS D 382 29.72 -41.82 17.08
C CYS D 382 29.96 -42.93 16.08
N SER D 383 29.57 -44.16 16.43
CA SER D 383 29.91 -45.33 15.64
C SER D 383 28.65 -46.11 15.28
N GLY D 384 28.70 -46.74 14.11
CA GLY D 384 27.62 -47.60 13.68
C GLY D 384 26.48 -46.87 13.00
N ALA D 385 25.49 -47.65 12.58
CA ALA D 385 24.29 -47.11 11.96
C ALA D 385 23.10 -47.99 12.35
N PHE D 386 21.92 -47.38 12.35
CA PHE D 386 20.64 -48.07 12.60
C PHE D 386 20.70 -48.72 13.98
N LYS D 387 20.24 -49.97 14.12
CA LYS D 387 20.19 -50.59 15.44
C LYS D 387 21.58 -50.74 16.04
N GLU D 388 22.61 -50.79 15.22
CA GLU D 388 23.98 -50.93 15.71
C GLU D 388 24.60 -49.61 16.14
N GLY D 389 23.85 -48.51 16.07
CA GLY D 389 24.39 -47.23 16.49
C GLY D 389 24.85 -47.29 17.94
N SER D 390 25.99 -46.65 18.21
CA SER D 390 26.59 -46.71 19.53
C SER D 390 27.52 -45.52 19.73
N LEU D 391 27.82 -45.26 20.99
CA LEU D 391 28.92 -44.37 21.37
C LEU D 391 30.04 -45.25 21.90
N ARG D 392 31.26 -45.01 21.41
CA ARG D 392 32.41 -45.82 21.78
C ARG D 392 33.45 -44.92 22.42
N ILE D 393 33.73 -45.18 23.70
CA ILE D 393 34.75 -44.44 24.44
C ILE D 393 36.02 -45.26 24.40
N ILE D 394 37.08 -44.67 23.84
CA ILE D 394 38.34 -45.36 23.62
C ILE D 394 39.43 -44.62 24.39
N ARG D 395 40.21 -45.37 25.14
CA ARG D 395 41.30 -44.82 25.94
C ARG D 395 42.52 -45.71 25.79
N ASN D 396 43.69 -45.09 25.90
CA ASN D 396 44.96 -45.80 25.81
C ASN D 396 45.27 -46.42 27.17
N GLY D 397 45.20 -47.75 27.26
CA GLY D 397 45.43 -48.43 28.50
C GLY D 397 46.88 -48.37 28.98
N ILE D 398 47.09 -48.94 30.17
CA ILE D 398 48.41 -48.99 30.79
C ILE D 398 48.60 -50.33 31.49
N GLN D 408 49.76 -54.50 25.17
CA GLN D 408 49.34 -53.16 24.79
C GLN D 408 48.08 -53.22 23.93
N LYS D 409 47.02 -52.57 24.39
CA LYS D 409 45.75 -52.55 23.67
C LYS D 409 44.97 -51.30 24.08
N LEU D 410 44.01 -50.93 23.24
CA LEU D 410 43.08 -49.85 23.55
C LEU D 410 41.89 -50.44 24.30
N HIS D 411 41.49 -49.80 25.40
CA HIS D 411 40.33 -50.24 26.16
C HIS D 411 39.12 -49.47 25.63
N ILE D 412 38.09 -50.21 25.23
CA ILE D 412 36.94 -49.67 24.53
C ILE D 412 35.68 -49.99 25.31
N ARG D 413 34.98 -48.95 25.73
CA ARG D 413 33.65 -49.09 26.32
C ARG D 413 32.61 -48.74 25.26
N THR D 414 31.52 -49.50 25.24
CA THR D 414 30.48 -49.33 24.23
C THR D 414 29.18 -48.91 24.90
N VAL D 415 28.58 -47.85 24.36
CA VAL D 415 27.27 -47.38 24.84
C VAL D 415 26.26 -47.60 23.73
N PRO D 416 25.40 -48.62 23.84
CA PRO D 416 24.44 -48.88 22.75
C PRO D 416 23.37 -47.80 22.71
N LEU D 417 23.08 -47.32 21.50
CA LEU D 417 22.03 -46.34 21.26
C LEU D 417 20.84 -46.89 20.51
N TYR D 418 21.03 -47.96 19.72
CA TYR D 418 19.97 -48.59 18.94
C TYR D 418 19.34 -47.66 17.91
N GLU D 419 19.98 -46.53 17.63
CA GLU D 419 19.59 -45.65 16.53
C GLU D 419 20.88 -45.03 15.99
N SER D 420 20.77 -44.41 14.83
CA SER D 420 21.97 -43.95 14.14
C SER D 420 22.52 -42.67 14.76
N PRO D 421 23.75 -42.66 15.26
CA PRO D 421 24.36 -41.40 15.73
C PRO D 421 25.09 -40.69 14.59
N ARG D 422 24.99 -39.36 14.60
CA ARG D 422 25.56 -38.56 13.50
C ARG D 422 26.65 -37.60 13.96
N LYS D 423 26.42 -36.82 15.00
CA LYS D 423 27.45 -35.90 15.49
C LYS D 423 27.45 -35.87 17.01
N ILE D 424 28.62 -35.59 17.58
CA ILE D 424 28.80 -35.53 19.03
C ILE D 424 29.60 -34.30 19.39
N CYS D 425 29.21 -33.67 20.50
CA CYS D 425 29.89 -32.50 21.02
C CYS D 425 29.98 -32.66 22.53
N TYR D 426 31.00 -32.05 23.12
CA TYR D 426 31.27 -32.17 24.55
C TYR D 426 31.05 -30.82 25.20
N GLN D 427 30.28 -30.80 26.28
CA GLN D 427 29.97 -29.59 27.04
C GLN D 427 30.46 -29.82 28.48
N GLU D 428 31.66 -29.33 28.79
CA GLU D 428 32.21 -29.55 30.12
C GLU D 428 31.32 -28.96 31.21
N VAL D 429 30.77 -27.76 30.98
CA VAL D 429 30.00 -27.07 32.01
C VAL D 429 28.91 -27.97 32.56
N SER D 430 28.31 -28.80 31.70
CA SER D 430 27.21 -29.67 32.09
C SER D 430 27.65 -31.12 32.28
N GLN D 431 28.96 -31.38 32.22
CA GLN D 431 29.48 -32.73 32.38
C GLN D 431 28.73 -33.73 31.50
N CYS D 432 28.45 -33.34 30.26
CA CYS D 432 27.64 -34.16 29.39
C CYS D 432 28.05 -33.97 27.94
N PHE D 433 27.60 -34.89 27.10
CA PHE D 433 27.85 -34.86 25.66
C PHE D 433 26.52 -34.60 24.96
N GLY D 434 26.57 -33.82 23.88
CA GLY D 434 25.43 -33.67 22.99
C GLY D 434 25.64 -34.53 21.75
N VAL D 435 24.63 -35.34 21.44
CA VAL D 435 24.71 -36.26 20.31
C VAL D 435 23.47 -36.04 19.45
N LEU D 436 23.69 -35.84 18.15
CA LEU D 436 22.62 -35.80 17.17
C LEU D 436 22.40 -37.21 16.65
N SER D 437 21.15 -37.66 16.66
CA SER D 437 20.83 -39.03 16.29
C SER D 437 19.59 -39.04 15.40
N SER D 438 19.47 -40.08 14.60
CA SER D 438 18.30 -40.30 13.76
C SER D 438 17.86 -41.75 13.87
N ARG D 439 16.55 -41.95 13.93
CA ARG D 439 15.94 -43.27 13.96
C ARG D 439 14.96 -43.38 12.81
N ILE D 440 14.73 -44.60 12.35
CA ILE D 440 13.87 -44.86 11.21
C ILE D 440 12.48 -45.25 11.72
N GLU D 441 11.48 -44.47 11.35
CA GLU D 441 10.09 -44.83 11.56
C GLU D 441 9.43 -45.06 10.19
N VAL D 442 8.32 -45.78 10.21
CA VAL D 442 7.63 -46.20 9.01
C VAL D 442 6.18 -45.73 9.03
N GLN D 443 5.69 -45.30 7.87
CA GLN D 443 4.30 -44.86 7.75
C GLN D 443 3.36 -45.99 8.13
N ASP D 444 2.45 -45.70 9.06
CA ASP D 444 1.53 -46.70 9.58
C ASP D 444 0.09 -46.33 9.19
N THR D 445 -0.84 -47.22 9.55
CA THR D 445 -2.23 -47.04 9.16
C THR D 445 -2.88 -45.84 9.82
N SER D 446 -2.32 -45.33 10.92
CA SER D 446 -2.89 -44.17 11.60
C SER D 446 -2.60 -42.86 10.88
N GLY D 447 -1.73 -42.87 9.87
CA GLY D 447 -1.28 -41.67 9.22
C GLY D 447 0.03 -41.13 9.75
N GLY D 448 0.40 -41.50 10.97
CA GLY D 448 1.69 -41.15 11.53
C GLY D 448 2.76 -42.15 11.16
N THR D 449 3.77 -42.26 12.03
CA THR D 449 4.86 -43.19 11.82
C THR D 449 5.10 -43.95 13.12
N THR D 450 5.72 -45.12 12.98
CA THR D 450 6.00 -46.01 14.11
C THR D 450 7.47 -46.43 14.07
N ALA D 451 8.12 -46.40 15.23
CA ALA D 451 9.51 -46.79 15.31
C ALA D 451 9.63 -48.31 15.28
N LEU D 452 10.60 -48.80 14.49
CA LEU D 452 10.75 -50.25 14.36
C LEU D 452 11.17 -50.89 15.67
N ARG D 453 11.84 -50.14 16.54
CA ARG D 453 12.35 -50.65 17.80
C ARG D 453 12.55 -49.48 18.75
N PRO D 454 12.53 -49.73 20.06
CA PRO D 454 12.87 -48.67 21.01
C PRO D 454 14.36 -48.37 20.95
N SER D 455 14.68 -47.09 21.15
CA SER D 455 16.06 -46.64 21.05
C SER D 455 16.25 -45.44 21.97
N ALA D 456 17.48 -44.90 21.96
CA ALA D 456 17.86 -43.89 22.94
C ALA D 456 16.89 -42.72 22.94
N SER D 457 16.50 -42.24 21.76
CA SER D 457 15.64 -41.07 21.70
C SER D 457 14.22 -41.35 22.18
N THR D 458 13.78 -42.61 22.14
CA THR D 458 12.44 -42.97 22.59
C THR D 458 12.40 -43.45 24.02
N GLN D 459 13.55 -43.82 24.60
CA GLN D 459 13.63 -44.33 25.95
C GLN D 459 14.30 -43.33 26.87
N ALA D 460 14.40 -42.07 26.46
CA ALA D 460 15.03 -41.05 27.27
C ALA D 460 14.19 -40.74 28.50
N LEU D 461 14.88 -40.33 29.56
CA LEU D 461 14.20 -39.97 30.81
C LEU D 461 13.27 -38.78 30.60
N SER D 462 13.83 -37.66 30.13
CA SER D 462 13.04 -36.50 29.75
C SER D 462 13.06 -36.35 28.24
N SER D 463 11.97 -35.82 27.69
CA SER D 463 11.84 -35.70 26.24
C SER D 463 11.07 -34.43 25.91
N SER D 464 11.30 -33.93 24.70
CA SER D 464 10.62 -32.75 24.18
C SER D 464 10.52 -32.86 22.68
N VAL D 465 9.58 -32.12 22.10
CA VAL D 465 9.37 -32.07 20.66
C VAL D 465 9.30 -30.61 20.26
N SER D 466 10.03 -30.23 19.20
CA SER D 466 10.06 -28.84 18.80
C SER D 466 8.65 -28.38 18.40
N SER D 467 8.30 -27.17 18.83
CA SER D 467 7.02 -26.55 18.48
C SER D 467 7.21 -25.35 17.58
N SER D 468 8.35 -25.26 16.88
CA SER D 468 8.64 -24.11 16.03
C SER D 468 7.58 -23.99 14.94
N LYS D 469 7.12 -22.76 14.72
CA LYS D 469 6.15 -22.46 13.69
C LYS D 469 6.79 -21.79 12.49
N LEU D 470 8.12 -21.80 12.44
CA LEU D 470 8.84 -21.00 11.44
C LEU D 470 8.45 -21.47 10.05
N PHE D 471 8.54 -22.78 9.80
CA PHE D 471 8.11 -23.42 8.56
C PHE D 471 6.70 -23.99 8.68
N SER D 472 5.83 -23.38 9.49
CA SER D 472 4.48 -23.94 9.65
C SER D 472 3.86 -24.20 8.27
N SER D 473 3.61 -23.14 7.50
CA SER D 473 3.02 -23.33 6.18
C SER D 473 3.92 -24.21 5.29
N SER D 474 5.23 -23.88 5.23
CA SER D 474 6.22 -24.64 4.50
C SER D 474 5.73 -24.95 3.08
N THR D 475 5.68 -26.23 2.70
CA THR D 475 5.18 -26.65 1.40
C THR D 475 3.82 -27.28 1.61
N ALA D 476 3.11 -27.57 0.52
CA ALA D 476 1.86 -28.31 0.64
C ALA D 476 2.19 -29.70 1.17
N PRO D 477 1.31 -30.30 1.99
CA PRO D 477 1.67 -31.59 2.57
C PRO D 477 2.00 -32.59 1.48
N HIS D 478 3.16 -33.23 1.62
CA HIS D 478 3.62 -34.19 0.62
C HIS D 478 2.92 -35.53 0.76
N GLU D 479 2.82 -36.22 -0.37
CA GLU D 479 2.08 -37.47 -0.42
C GLU D 479 2.85 -38.53 0.36
N THR D 480 2.14 -39.23 1.25
CA THR D 480 2.74 -40.27 2.07
C THR D 480 2.03 -41.60 1.80
N SER D 481 2.82 -42.65 1.59
CA SER D 481 2.30 -43.99 1.32
C SER D 481 2.68 -44.91 2.48
N PHE D 482 1.75 -45.77 2.88
CA PHE D 482 2.02 -46.69 3.97
C PHE D 482 3.24 -47.55 3.65
N GLY D 483 4.10 -47.73 4.65
CA GLY D 483 5.28 -48.55 4.51
C GLY D 483 6.56 -47.81 4.17
N GLU D 484 6.47 -46.54 3.76
CA GLU D 484 7.67 -45.78 3.45
C GLU D 484 8.42 -45.42 4.72
N GLU D 485 9.74 -45.38 4.61
CA GLU D 485 10.61 -45.03 5.73
C GLU D 485 10.84 -43.53 5.79
N VAL D 486 10.97 -43.02 7.02
CA VAL D 486 11.32 -41.62 7.24
C VAL D 486 12.29 -41.56 8.41
N GLU D 487 13.14 -40.52 8.40
CA GLU D 487 14.10 -40.30 9.46
C GLU D 487 13.56 -39.28 10.45
N VAL D 488 13.75 -39.56 11.74
CA VAL D 488 13.38 -38.67 12.83
C VAL D 488 14.65 -38.30 13.57
N HIS D 489 14.95 -37.01 13.64
CA HIS D 489 16.19 -36.53 14.21
C HIS D 489 15.97 -35.97 15.61
N ASN D 490 16.92 -36.23 16.50
CA ASN D 490 16.81 -35.86 17.90
C ASN D 490 18.14 -35.30 18.38
N LEU D 491 18.09 -34.59 19.50
CA LEU D 491 19.26 -34.15 20.23
C LEU D 491 19.31 -34.91 21.55
N LEU D 492 20.37 -35.68 21.77
CA LEU D 492 20.52 -36.48 22.97
C LEU D 492 21.50 -35.78 23.91
N ILE D 493 21.09 -35.60 25.16
CA ILE D 493 21.97 -35.12 26.22
C ILE D 493 22.37 -36.31 27.05
N ILE D 494 23.68 -36.59 27.12
CA ILE D 494 24.21 -37.82 27.70
C ILE D 494 25.24 -37.47 28.77
N ASP D 495 25.10 -38.08 29.94
CA ASP D 495 26.03 -37.83 31.04
C ASP D 495 27.40 -38.40 30.70
N GLN D 496 28.45 -37.65 31.07
CA GLN D 496 29.80 -38.03 30.65
C GLN D 496 30.37 -39.22 31.40
N HIS D 497 29.82 -39.56 32.57
CA HIS D 497 30.30 -40.70 33.34
C HIS D 497 29.38 -41.91 33.21
N THR D 498 28.08 -41.73 33.44
CA THR D 498 27.14 -42.85 33.34
C THR D 498 26.74 -43.13 31.90
N PHE D 499 26.82 -42.14 31.03
CA PHE D 499 26.36 -42.27 29.64
C PHE D 499 24.89 -42.68 29.59
N GLU D 500 24.09 -42.07 30.46
CA GLU D 500 22.65 -42.25 30.48
C GLU D 500 22.02 -41.11 29.71
N VAL D 501 21.01 -41.42 28.91
CA VAL D 501 20.33 -40.39 28.13
C VAL D 501 19.49 -39.55 29.09
N LEU D 502 19.90 -38.31 29.30
CA LEU D 502 19.22 -37.44 30.26
C LEU D 502 18.01 -36.76 29.62
N HIS D 503 18.14 -36.35 28.37
CA HIS D 503 17.06 -35.66 27.69
C HIS D 503 17.18 -35.94 26.20
N ALA D 504 16.04 -36.01 25.52
CA ALA D 504 16.00 -36.20 24.08
C ALA D 504 15.00 -35.22 23.47
N HIS D 505 15.46 -34.43 22.52
CA HIS D 505 14.65 -33.43 21.85
C HIS D 505 14.43 -33.84 20.40
N GLN D 506 13.18 -34.09 20.04
CA GLN D 506 12.82 -34.47 18.68
C GLN D 506 12.57 -33.20 17.86
N PHE D 507 13.16 -33.14 16.68
CA PHE D 507 13.04 -31.97 15.82
C PHE D 507 11.77 -32.06 14.97
N LEU D 508 11.52 -31.00 14.20
CA LEU D 508 10.30 -30.92 13.42
C LEU D 508 10.25 -32.03 12.38
N GLN D 509 9.04 -32.29 11.88
CA GLN D 509 8.87 -33.34 10.89
C GLN D 509 9.67 -33.00 9.63
N ASN D 510 10.41 -33.99 9.13
CA ASN D 510 11.25 -33.81 7.96
C ASN D 510 12.35 -32.78 8.20
N GLU D 511 12.86 -32.73 9.43
CA GLU D 511 13.96 -31.85 9.79
C GLU D 511 15.16 -32.74 10.10
N TYR D 512 16.26 -32.52 9.38
CA TYR D 512 17.48 -33.30 9.54
C TYR D 512 18.50 -32.42 10.27
N ALA D 513 19.07 -32.96 11.35
CA ALA D 513 20.09 -32.27 12.11
C ALA D 513 21.45 -32.63 11.54
N LEU D 514 22.24 -31.60 11.22
CA LEU D 514 23.51 -31.78 10.54
C LEU D 514 24.72 -31.25 11.29
N SER D 515 24.56 -30.20 12.10
CA SER D 515 25.70 -29.58 12.77
C SER D 515 25.37 -29.36 14.23
N LEU D 516 26.40 -29.45 15.08
CA LEU D 516 26.24 -29.28 16.51
C LEU D 516 27.52 -28.69 17.08
N VAL D 517 27.35 -27.69 17.95
CA VAL D 517 28.46 -27.06 18.66
C VAL D 517 28.04 -26.76 20.09
N SER D 518 29.04 -26.69 20.97
CA SER D 518 28.89 -26.31 22.37
C SER D 518 29.87 -25.19 22.64
N CYS D 519 29.35 -24.03 23.05
CA CYS D 519 30.22 -22.87 23.19
C CYS D 519 29.48 -21.76 23.92
N LYS D 520 30.26 -20.77 24.35
CA LYS D 520 29.76 -19.49 24.80
C LYS D 520 29.82 -18.53 23.62
N LEU D 521 28.87 -17.59 23.57
CA LEU D 521 28.82 -16.61 22.48
C LEU D 521 28.71 -15.20 23.05
N GLY D 522 29.32 -14.26 22.33
CA GLY D 522 29.21 -12.86 22.69
C GLY D 522 29.59 -12.60 24.12
N LYS D 523 28.79 -11.77 24.80
CA LYS D 523 28.97 -11.49 26.21
C LYS D 523 28.07 -12.37 27.09
N ASP D 524 27.47 -13.39 26.52
CA ASP D 524 26.61 -14.29 27.28
C ASP D 524 27.47 -15.35 27.99
N PRO D 525 27.47 -15.40 29.32
CA PRO D 525 28.27 -16.43 30.01
C PRO D 525 27.67 -17.82 29.93
N ASN D 526 26.42 -17.96 29.51
CA ASN D 526 25.80 -19.28 29.43
C ASN D 526 26.40 -20.08 28.29
N THR D 527 26.62 -21.38 28.54
CA THR D 527 27.12 -22.30 27.52
C THR D 527 25.96 -23.04 26.89
N TYR D 528 25.86 -22.96 25.57
CA TYR D 528 24.70 -23.47 24.84
C TYR D 528 25.09 -24.63 23.93
N PHE D 529 24.11 -25.48 23.65
CA PHE D 529 24.16 -26.42 22.54
C PHE D 529 23.45 -25.76 21.36
N ILE D 530 24.13 -25.64 20.23
CA ILE D 530 23.57 -25.03 19.03
C ILE D 530 23.53 -26.10 17.95
N VAL D 531 22.38 -26.24 17.29
CA VAL D 531 22.14 -27.28 16.31
C VAL D 531 21.77 -26.63 14.99
N GLY D 532 22.36 -27.09 13.90
CA GLY D 532 22.03 -26.64 12.55
C GLY D 532 21.24 -27.70 11.82
N THR D 533 20.09 -27.29 11.28
CA THR D 533 19.13 -28.22 10.68
C THR D 533 18.83 -27.86 9.24
N ALA D 534 18.25 -28.84 8.52
CA ALA D 534 17.80 -28.68 7.15
C ALA D 534 16.43 -29.34 6.98
N MET D 535 15.57 -28.71 6.19
CA MET D 535 14.26 -29.29 5.87
C MET D 535 14.38 -30.15 4.61
N VAL D 536 14.28 -31.46 4.78
CA VAL D 536 14.48 -32.41 3.69
C VAL D 536 13.13 -32.87 3.15
N TYR D 537 12.84 -32.54 1.90
CA TYR D 537 11.69 -33.02 1.15
C TYR D 537 12.12 -33.86 -0.04
N PRO D 538 11.47 -34.99 -0.30
CA PRO D 538 11.96 -35.88 -1.37
C PRO D 538 12.09 -35.21 -2.73
N GLU D 539 11.29 -34.17 -3.00
CA GLU D 539 11.31 -33.54 -4.32
C GLU D 539 12.51 -32.62 -4.52
N GLU D 540 12.92 -31.90 -3.48
CA GLU D 540 13.99 -30.93 -3.59
C GLU D 540 15.35 -31.64 -3.66
N ALA D 541 16.06 -31.45 -4.77
CA ALA D 541 17.43 -31.96 -4.86
C ALA D 541 18.31 -31.33 -3.79
N GLU D 542 18.17 -30.03 -3.56
CA GLU D 542 18.93 -29.33 -2.53
C GLU D 542 18.00 -28.64 -1.55
N PRO D 543 18.18 -28.84 -0.24
CA PRO D 543 17.29 -28.19 0.73
C PRO D 543 17.32 -26.67 0.61
N LYS D 544 16.14 -26.05 0.77
CA LYS D 544 16.03 -24.60 0.66
C LYS D 544 15.52 -23.94 1.94
N GLN D 545 15.41 -24.70 3.03
CA GLN D 545 15.00 -24.16 4.32
C GLN D 545 15.80 -24.80 5.45
N GLY D 546 16.01 -24.05 6.52
CA GLY D 546 16.74 -24.59 7.64
C GLY D 546 16.55 -23.72 8.87
N ARG D 547 17.03 -24.25 9.98
CA ARG D 547 16.93 -23.59 11.28
C ARG D 547 18.25 -23.77 12.00
N ILE D 548 18.69 -22.70 12.67
CA ILE D 548 19.77 -22.78 13.66
C ILE D 548 19.13 -22.57 15.02
N VAL D 549 19.22 -23.57 15.88
CA VAL D 549 18.54 -23.55 17.17
C VAL D 549 19.57 -23.56 18.29
N VAL D 550 19.38 -22.69 19.27
CA VAL D 550 20.24 -22.58 20.43
C VAL D 550 19.49 -23.16 21.63
N PHE D 551 20.08 -24.17 22.26
CA PHE D 551 19.52 -24.81 23.43
C PHE D 551 20.41 -24.53 24.64
N GLN D 552 19.80 -24.55 25.83
CA GLN D 552 20.54 -24.53 27.09
C GLN D 552 20.10 -25.69 27.95
N TYR D 553 21.05 -26.54 28.34
CA TYR D 553 20.77 -27.62 29.29
C TYR D 553 21.20 -27.16 30.67
N SER D 554 20.23 -26.93 31.56
CA SER D 554 20.52 -26.44 32.90
C SER D 554 19.50 -27.05 33.86
N ASP D 555 20.00 -27.61 34.97
CA ASP D 555 19.14 -28.19 36.01
C ASP D 555 18.25 -29.28 35.45
N GLY D 556 18.86 -30.20 34.70
CA GLY D 556 18.16 -31.38 34.22
C GLY D 556 17.18 -31.15 33.09
N LYS D 557 16.99 -29.91 32.64
CA LYS D 557 16.02 -29.60 31.59
C LYS D 557 16.70 -28.84 30.45
N LEU D 558 16.21 -29.08 29.24
CA LEU D 558 16.73 -28.43 28.04
C LEU D 558 15.76 -27.35 27.58
N GLN D 559 16.26 -26.13 27.49
CA GLN D 559 15.43 -24.98 27.14
C GLN D 559 15.80 -24.50 25.75
N THR D 560 14.79 -24.20 24.93
CA THR D 560 15.02 -23.61 23.62
C THR D 560 15.27 -22.11 23.83
N VAL D 561 16.47 -21.66 23.49
CA VAL D 561 16.84 -20.28 23.79
C VAL D 561 16.54 -19.35 22.63
N ALA D 562 16.81 -19.79 21.40
CA ALA D 562 16.58 -18.97 20.23
C ALA D 562 16.63 -19.84 18.98
N GLU D 563 15.92 -19.41 17.95
CA GLU D 563 15.86 -20.13 16.68
C GLU D 563 15.97 -19.11 15.56
N LYS D 564 16.77 -19.45 14.55
CA LYS D 564 16.99 -18.59 13.39
C LYS D 564 16.71 -19.36 12.11
N GLU D 565 15.87 -18.81 11.25
CA GLU D 565 15.51 -19.44 9.99
C GLU D 565 16.51 -19.04 8.93
N VAL D 566 17.03 -20.04 8.22
CA VAL D 566 17.93 -19.83 7.09
C VAL D 566 17.29 -20.46 5.85
N LYS D 567 17.84 -20.12 4.69
CA LYS D 567 17.31 -20.59 3.41
C LYS D 567 18.11 -21.77 2.86
N GLY D 568 18.47 -22.73 3.71
CA GLY D 568 19.27 -23.84 3.25
C GLY D 568 19.66 -24.74 4.41
N ALA D 569 20.62 -25.62 4.13
CA ALA D 569 21.06 -26.63 5.10
C ALA D 569 22.29 -26.13 5.83
N VAL D 570 22.24 -26.19 7.16
CA VAL D 570 23.37 -25.73 8.00
C VAL D 570 24.29 -26.93 8.13
N TYR D 571 25.14 -27.12 7.10
CA TYR D 571 25.99 -28.31 7.08
C TYR D 571 27.02 -28.27 8.22
N SER D 572 27.65 -27.11 8.45
CA SER D 572 28.73 -27.04 9.44
C SER D 572 28.67 -25.75 10.23
N MET D 573 28.93 -25.85 11.53
CA MET D 573 29.08 -24.68 12.40
C MET D 573 30.32 -24.84 13.26
N VAL D 574 30.89 -23.71 13.66
CA VAL D 574 32.10 -23.70 14.49
C VAL D 574 32.19 -22.35 15.18
N GLU D 575 32.62 -22.38 16.45
CA GLU D 575 32.75 -21.14 17.21
C GLU D 575 33.93 -20.34 16.71
N PHE D 576 33.71 -19.04 16.49
CA PHE D 576 34.70 -18.14 15.88
C PHE D 576 34.79 -16.88 16.75
N ASN D 577 35.72 -16.89 17.70
CA ASN D 577 36.03 -15.72 18.52
C ASN D 577 34.74 -15.09 19.06
N GLY D 578 33.98 -15.89 19.79
CA GLY D 578 32.76 -15.42 20.39
C GLY D 578 31.60 -15.26 19.43
N LYS D 579 31.81 -15.51 18.14
CA LYS D 579 30.75 -15.45 17.14
C LYS D 579 30.53 -16.84 16.57
N LEU D 580 29.40 -17.02 15.90
CA LEU D 580 29.02 -18.32 15.34
C LEU D 580 29.26 -18.31 13.83
N LEU D 581 30.13 -19.20 13.37
CA LEU D 581 30.40 -19.38 11.95
C LEU D 581 29.60 -20.59 11.46
N ALA D 582 28.71 -20.37 10.49
CA ALA D 582 27.83 -21.41 9.96
C ALA D 582 27.86 -21.41 8.45
N SER D 583 27.76 -22.60 7.87
CA SER D 583 27.69 -22.79 6.41
C SER D 583 26.27 -23.19 6.05
N ILE D 584 25.58 -22.32 5.31
CA ILE D 584 24.24 -22.58 4.79
C ILE D 584 24.36 -22.77 3.27
N ASN D 585 24.29 -24.02 2.82
CA ASN D 585 24.43 -24.37 1.41
C ASN D 585 25.71 -23.76 0.84
N SER D 586 25.59 -22.90 -0.18
CA SER D 586 26.76 -22.26 -0.76
C SER D 586 27.33 -21.14 0.10
N THR D 587 26.62 -20.69 1.12
CA THR D 587 26.95 -19.47 1.85
C THR D 587 27.68 -19.79 3.15
N VAL D 588 28.72 -19.01 3.42
CA VAL D 588 29.40 -19.00 4.73
C VAL D 588 29.06 -17.69 5.43
N ARG D 589 28.56 -17.79 6.67
CA ARG D 589 28.09 -16.63 7.41
C ARG D 589 28.68 -16.60 8.81
N LEU D 590 28.89 -15.38 9.32
CA LEU D 590 29.30 -15.16 10.70
C LEU D 590 28.13 -14.49 11.41
N TYR D 591 27.64 -15.13 12.48
CA TYR D 591 26.51 -14.62 13.25
C TYR D 591 27.04 -14.05 14.57
N GLU D 592 26.53 -12.90 14.96
CA GLU D 592 26.81 -12.30 16.26
C GLU D 592 25.67 -12.58 17.23
N TRP D 593 26.03 -12.79 18.50
CA TRP D 593 25.08 -13.07 19.56
C TRP D 593 24.75 -11.78 20.30
N THR D 594 23.53 -11.27 20.10
CA THR D 594 23.16 -9.97 20.63
C THR D 594 22.86 -10.06 22.12
N THR D 595 22.73 -8.89 22.75
CA THR D 595 22.31 -8.84 24.15
C THR D 595 20.86 -9.27 24.33
N GLU D 596 20.08 -9.36 23.25
CA GLU D 596 18.71 -9.88 23.30
C GLU D 596 18.66 -11.39 23.07
N LYS D 597 19.80 -12.07 23.11
CA LYS D 597 19.87 -13.53 22.98
C LYS D 597 19.23 -14.02 21.68
N GLU D 598 19.69 -13.48 20.56
CA GLU D 598 19.26 -13.95 19.25
C GLU D 598 20.38 -13.77 18.23
N LEU D 599 20.53 -14.76 17.35
CA LEU D 599 21.59 -14.75 16.36
C LEU D 599 21.32 -13.67 15.32
N ARG D 600 22.36 -12.90 14.99
CA ARG D 600 22.27 -11.81 14.03
C ARG D 600 23.37 -11.94 12.99
N THR D 601 22.99 -11.91 11.71
CA THR D 601 23.98 -12.01 10.63
C THR D 601 24.90 -10.80 10.65
N GLU D 602 26.18 -11.05 10.36
CA GLU D 602 27.17 -9.97 10.24
C GLU D 602 27.76 -9.88 8.84
N CYS D 603 28.47 -10.91 8.39
CA CYS D 603 29.12 -10.89 7.08
C CYS D 603 28.95 -12.24 6.42
N ASN D 604 28.92 -12.25 5.09
CA ASN D 604 28.67 -13.46 4.34
C ASN D 604 29.68 -13.61 3.22
N HIS D 605 29.90 -14.86 2.83
CA HIS D 605 30.76 -15.23 1.70
C HIS D 605 30.01 -16.26 0.87
N TYR D 606 29.99 -16.06 -0.45
CA TYR D 606 29.12 -16.86 -1.32
C TYR D 606 29.84 -17.72 -2.33
N ASN D 607 31.17 -17.65 -2.44
CA ASN D 607 31.86 -18.38 -3.50
C ASN D 607 32.16 -19.82 -3.06
N ASN D 608 31.11 -20.61 -2.92
CA ASN D 608 31.26 -22.04 -2.68
C ASN D 608 30.15 -22.78 -3.42
N ILE D 609 30.42 -24.03 -3.79
CA ILE D 609 29.38 -24.88 -4.36
C ILE D 609 28.54 -25.52 -3.26
N MET D 610 29.22 -26.13 -2.29
CA MET D 610 28.56 -26.61 -1.08
C MET D 610 29.61 -26.57 0.03
N ALA D 611 29.48 -25.63 0.95
CA ALA D 611 30.46 -25.48 2.04
C ALA D 611 30.16 -26.53 3.10
N LEU D 612 30.71 -27.72 2.90
CA LEU D 612 30.38 -28.86 3.74
C LEU D 612 31.08 -28.81 5.08
N TYR D 613 32.36 -28.43 5.12
CA TYR D 613 33.16 -28.56 6.33
C TYR D 613 33.84 -27.25 6.69
N LEU D 614 33.91 -26.95 7.99
CA LEU D 614 34.49 -25.71 8.49
C LEU D 614 35.46 -25.99 9.63
N LYS D 615 36.58 -25.27 9.63
CA LYS D 615 37.59 -25.31 10.67
C LYS D 615 38.19 -23.92 10.83
N THR D 616 38.57 -23.57 12.06
CA THR D 616 39.06 -22.23 12.34
C THR D 616 40.32 -22.25 13.19
N LYS D 617 41.24 -21.32 12.91
CA LYS D 617 42.39 -21.04 13.77
C LYS D 617 42.56 -19.53 13.80
N GLY D 618 42.33 -18.92 14.95
CA GLY D 618 42.42 -17.47 15.05
C GLY D 618 41.33 -16.80 14.24
N ASP D 619 41.72 -15.82 13.43
CA ASP D 619 40.78 -15.16 12.53
C ASP D 619 40.80 -15.76 11.12
N PHE D 620 41.40 -16.94 10.95
CA PHE D 620 41.44 -17.64 9.67
C PHE D 620 40.46 -18.80 9.64
N ILE D 621 39.76 -18.96 8.52
CA ILE D 621 38.76 -20.01 8.35
C ILE D 621 39.16 -20.90 7.18
N LEU D 622 39.04 -22.21 7.38
CA LEU D 622 39.27 -23.20 6.33
C LEU D 622 37.93 -23.81 5.92
N VAL D 623 37.58 -23.70 4.65
CA VAL D 623 36.31 -24.17 4.13
C VAL D 623 36.57 -25.37 3.23
N GLY D 624 35.87 -26.47 3.48
CA GLY D 624 35.89 -27.63 2.62
C GLY D 624 34.63 -27.70 1.79
N ASP D 625 34.78 -28.02 0.51
CA ASP D 625 33.70 -27.92 -0.46
C ASP D 625 33.50 -29.27 -1.14
N LEU D 626 32.28 -29.49 -1.64
CA LEU D 626 31.95 -30.77 -2.25
C LEU D 626 32.84 -31.09 -3.43
N MET D 627 33.25 -30.08 -4.22
CA MET D 627 34.09 -30.38 -5.38
C MET D 627 35.25 -29.41 -5.56
N ARG D 628 35.28 -28.27 -4.88
CA ARG D 628 36.27 -27.24 -5.12
C ARG D 628 37.38 -27.27 -4.06
N SER D 629 37.52 -28.39 -3.34
CA SER D 629 38.64 -28.57 -2.43
C SER D 629 38.55 -27.55 -1.30
N VAL D 630 39.69 -27.01 -0.87
CA VAL D 630 39.77 -26.24 0.37
C VAL D 630 40.03 -24.77 0.04
N LEU D 631 39.29 -23.88 0.70
CA LEU D 631 39.49 -22.44 0.59
C LEU D 631 39.96 -21.93 1.95
N LEU D 632 40.97 -21.06 1.94
CA LEU D 632 41.40 -20.35 3.15
C LEU D 632 40.72 -18.98 3.17
N LEU D 633 39.80 -18.81 4.12
CA LEU D 633 39.09 -17.55 4.34
C LEU D 633 39.75 -16.81 5.49
N ALA D 634 39.48 -15.50 5.56
CA ALA D 634 39.98 -14.70 6.65
C ALA D 634 38.95 -13.64 7.02
N TYR D 635 38.76 -13.46 8.32
CA TYR D 635 37.91 -12.40 8.84
C TYR D 635 38.78 -11.16 9.07
N LYS D 636 38.50 -10.10 8.35
CA LYS D 636 39.20 -8.84 8.58
C LYS D 636 38.40 -7.98 9.55
N PRO D 637 38.81 -7.91 10.82
CA PRO D 637 37.94 -7.24 11.82
C PRO D 637 37.75 -5.75 11.57
N MET D 638 38.73 -5.06 10.98
CA MET D 638 38.56 -3.64 10.73
C MET D 638 37.37 -3.36 9.84
N GLU D 639 37.13 -4.21 8.84
CA GLU D 639 36.03 -3.97 7.91
C GLU D 639 34.78 -4.77 8.25
N GLY D 640 34.89 -5.84 9.03
CA GLY D 640 33.73 -6.64 9.36
C GLY D 640 33.23 -7.50 8.22
N ASN D 641 34.15 -8.03 7.41
CA ASN D 641 33.79 -8.86 6.27
C ASN D 641 34.87 -9.89 6.02
N PHE D 642 34.54 -10.91 5.23
CA PHE D 642 35.51 -11.94 4.86
C PHE D 642 36.37 -11.48 3.68
N GLU D 643 37.57 -12.05 3.60
CA GLU D 643 38.46 -11.86 2.45
C GLU D 643 39.06 -13.21 2.08
N GLU D 644 39.03 -13.54 0.79
CA GLU D 644 39.61 -14.81 0.35
C GLU D 644 41.13 -14.72 0.33
N ILE D 645 41.79 -15.56 1.14
CA ILE D 645 43.25 -15.57 1.16
C ILE D 645 43.79 -16.44 0.03
N ALA D 646 43.39 -17.71 -0.02
CA ALA D 646 43.94 -18.62 -1.02
C ALA D 646 43.04 -19.84 -1.14
N ARG D 647 42.81 -20.28 -2.39
CA ARG D 647 42.01 -21.46 -2.66
C ARG D 647 42.87 -22.50 -3.36
N ASP D 648 42.65 -23.77 -3.02
CA ASP D 648 43.21 -24.87 -3.79
C ASP D 648 42.34 -25.04 -5.02
N PHE D 649 42.91 -24.78 -6.21
CA PHE D 649 42.12 -24.85 -7.42
C PHE D 649 42.11 -26.23 -8.02
N ASN D 650 42.69 -27.21 -7.32
CA ASN D 650 42.66 -28.58 -7.80
C ASN D 650 41.36 -29.23 -7.36
N PRO D 651 40.63 -29.86 -8.28
CA PRO D 651 39.29 -30.38 -7.95
C PRO D 651 39.31 -31.72 -7.22
N ASN D 652 38.88 -31.68 -5.95
CA ASN D 652 38.84 -32.82 -5.05
C ASN D 652 37.48 -32.86 -4.38
N TRP D 653 36.95 -34.07 -4.19
CA TRP D 653 35.66 -34.27 -3.52
C TRP D 653 35.98 -34.54 -2.06
N MET D 654 35.59 -33.61 -1.19
CA MET D 654 36.10 -33.58 0.17
C MET D 654 35.23 -34.41 1.11
N SER D 655 35.91 -35.09 2.04
CA SER D 655 35.24 -35.80 3.14
C SER D 655 35.50 -35.19 4.50
N ALA D 656 36.62 -34.47 4.66
CA ALA D 656 36.94 -33.82 5.92
C ALA D 656 38.18 -32.96 5.72
N VAL D 657 38.30 -31.90 6.51
CA VAL D 657 39.43 -31.00 6.45
C VAL D 657 39.91 -30.70 7.86
N GLU D 658 41.16 -30.27 7.97
CA GLU D 658 41.73 -29.86 9.25
C GLU D 658 42.86 -28.88 9.01
N ILE D 659 43.08 -28.01 10.00
CA ILE D 659 44.17 -27.04 9.99
C ILE D 659 45.29 -27.58 10.86
N LEU D 660 46.45 -27.82 10.25
CA LEU D 660 47.61 -28.30 10.98
C LEU D 660 48.30 -27.15 11.72
N ASP D 661 48.56 -26.05 11.00
CA ASP D 661 49.14 -24.86 11.59
C ASP D 661 48.71 -23.67 10.74
N ASP D 662 49.18 -22.48 11.12
CA ASP D 662 48.81 -21.28 10.39
C ASP D 662 49.09 -21.42 8.90
N ASP D 663 50.05 -22.28 8.51
CA ASP D 663 50.44 -22.43 7.12
C ASP D 663 50.04 -23.76 6.50
N ASN D 664 49.76 -24.80 7.29
CA ASN D 664 49.44 -26.12 6.77
C ASN D 664 47.99 -26.53 7.03
N PHE D 665 47.35 -27.11 6.01
CA PHE D 665 45.96 -27.57 6.08
C PHE D 665 45.84 -28.98 5.52
N LEU D 666 45.08 -29.83 6.21
CA LEU D 666 44.97 -31.25 5.88
C LEU D 666 43.60 -31.53 5.28
N GLY D 667 43.57 -32.32 4.22
CA GLY D 667 42.31 -32.66 3.55
C GLY D 667 42.24 -34.14 3.20
N ALA D 668 41.01 -34.63 3.14
CA ALA D 668 40.72 -36.02 2.80
C ALA D 668 39.73 -36.09 1.66
N GLU D 669 40.05 -36.91 0.65
CA GLU D 669 39.25 -37.07 -0.55
C GLU D 669 38.43 -38.36 -0.51
N ASN D 670 37.36 -38.39 -1.30
CA ASN D 670 36.55 -39.60 -1.44
C ASN D 670 37.32 -40.72 -2.12
N ALA D 671 38.46 -40.43 -2.74
CA ALA D 671 39.27 -41.47 -3.35
C ALA D 671 40.18 -42.18 -2.34
N PHE D 672 39.94 -41.98 -1.05
CA PHE D 672 40.77 -42.57 0.00
C PHE D 672 42.16 -41.96 0.02
N ASN D 673 42.24 -40.67 -0.29
CA ASN D 673 43.51 -39.96 -0.36
C ASN D 673 43.53 -38.85 0.69
N LEU D 674 44.72 -38.57 1.21
CA LEU D 674 44.95 -37.45 2.11
C LEU D 674 45.91 -36.48 1.43
N PHE D 675 45.64 -35.18 1.57
CA PHE D 675 46.55 -34.18 1.03
C PHE D 675 46.68 -33.03 2.02
N VAL D 676 47.83 -32.36 1.96
CA VAL D 676 48.16 -31.23 2.83
C VAL D 676 48.46 -30.02 1.95
N CYS D 677 47.82 -28.90 2.27
CA CYS D 677 47.96 -27.66 1.52
C CYS D 677 48.64 -26.57 2.33
N GLN D 678 49.63 -25.90 1.73
CA GLN D 678 50.28 -24.76 2.34
C GLN D 678 50.30 -23.60 1.37
N LYS D 679 50.16 -22.40 1.92
CA LYS D 679 50.35 -21.17 1.15
C LYS D 679 51.74 -21.13 0.53
N ASP D 680 51.83 -20.63 -0.71
CA ASP D 680 53.13 -20.57 -1.37
C ASP D 680 54.04 -19.53 -0.73
N SER D 681 53.50 -18.34 -0.46
CA SER D 681 54.24 -17.26 0.20
C SER D 681 55.58 -16.97 -0.49
N ALA D 682 55.66 -17.25 -1.80
CA ALA D 682 56.86 -16.97 -2.59
C ALA D 682 56.48 -16.33 -3.92
N ALA D 683 57.49 -15.76 -4.59
CA ALA D 683 57.42 -15.07 -5.87
C ALA D 683 56.80 -13.68 -5.81
N THR D 684 56.42 -13.18 -4.64
CA THR D 684 55.94 -11.80 -4.46
C THR D 684 54.81 -11.46 -5.44
N THR D 685 54.04 -12.46 -5.86
CA THR D 685 52.91 -12.27 -6.76
C THR D 685 51.61 -12.45 -5.99
N ASP D 686 50.66 -11.53 -6.18
CA ASP D 686 49.34 -11.75 -5.61
C ASP D 686 48.72 -13.01 -6.17
N GLU D 687 49.02 -13.33 -7.43
CA GLU D 687 48.47 -14.53 -8.06
C GLU D 687 48.98 -15.79 -7.37
N GLU D 688 50.27 -15.82 -7.03
CA GLU D 688 50.83 -16.96 -6.31
C GLU D 688 50.25 -17.05 -4.90
N ARG D 689 50.08 -15.89 -4.24
CA ARG D 689 49.48 -15.88 -2.90
C ARG D 689 48.08 -16.49 -2.89
N GLN D 690 47.27 -16.19 -3.90
CA GLN D 690 45.92 -16.74 -3.95
C GLN D 690 45.88 -18.23 -4.26
N HIS D 691 47.02 -18.82 -4.65
CA HIS D 691 47.10 -20.23 -5.03
C HIS D 691 47.58 -21.02 -3.81
N LEU D 692 46.66 -21.78 -3.20
CA LEU D 692 47.07 -22.80 -2.24
C LEU D 692 47.69 -23.97 -3.00
N GLN D 693 48.77 -24.50 -2.48
CA GLN D 693 49.51 -25.55 -3.15
C GLN D 693 49.49 -26.84 -2.35
N GLU D 694 49.11 -27.92 -3.04
CA GLU D 694 49.14 -29.28 -2.47
C GLU D 694 50.59 -29.74 -2.36
N VAL D 695 51.14 -29.61 -1.15
CA VAL D 695 52.51 -30.07 -0.90
C VAL D 695 52.56 -31.54 -0.50
N GLY D 696 51.43 -32.13 -0.08
CA GLY D 696 51.42 -33.52 0.35
C GLY D 696 50.36 -34.37 -0.30
N LEU D 697 50.76 -35.51 -0.86
CA LEU D 697 49.82 -36.47 -1.46
C LEU D 697 50.12 -37.85 -0.89
N PHE D 698 49.08 -38.58 -0.52
CA PHE D 698 49.24 -39.87 0.13
C PHE D 698 47.93 -40.64 0.03
N HIS D 699 48.01 -41.88 -0.45
CA HIS D 699 46.84 -42.75 -0.54
C HIS D 699 46.70 -43.47 0.79
N LEU D 700 45.67 -43.10 1.56
CA LEU D 700 45.48 -43.67 2.88
C LEU D 700 44.90 -45.07 2.80
N GLY D 701 43.95 -45.29 1.90
CA GLY D 701 43.23 -46.54 1.84
C GLY D 701 41.98 -46.56 2.69
N GLU D 702 41.68 -45.48 3.39
CA GLU D 702 40.52 -45.41 4.28
C GLU D 702 39.74 -44.15 3.97
N PHE D 703 38.44 -44.19 4.27
CA PHE D 703 37.56 -43.04 4.10
C PHE D 703 37.50 -42.24 5.40
N VAL D 704 38.05 -41.03 5.38
CA VAL D 704 38.14 -40.19 6.57
C VAL D 704 36.87 -39.36 6.71
N ASN D 705 36.12 -39.61 7.78
CA ASN D 705 34.95 -38.80 8.09
C ASN D 705 35.23 -37.59 8.98
N VAL D 706 36.19 -37.67 9.91
CA VAL D 706 36.37 -36.61 10.90
C VAL D 706 37.85 -36.44 11.22
N PHE D 707 38.30 -35.18 11.27
CA PHE D 707 39.62 -34.84 11.79
C PHE D 707 39.45 -34.20 13.17
N CYS D 708 40.24 -34.65 14.14
CA CYS D 708 40.15 -34.17 15.51
C CYS D 708 41.54 -33.97 16.08
N HIS D 709 41.83 -32.76 16.54
CA HIS D 709 43.09 -32.48 17.23
C HIS D 709 43.10 -33.16 18.60
N GLY D 710 44.25 -33.71 18.98
CA GLY D 710 44.38 -34.39 20.25
C GLY D 710 45.14 -35.69 20.19
N SER D 711 45.52 -36.25 21.34
CA SER D 711 46.29 -37.49 21.40
C SER D 711 45.79 -38.34 22.55
N LEU D 712 45.78 -39.66 22.35
CA LEU D 712 45.34 -40.58 23.40
C LEU D 712 46.45 -40.90 24.40
N VAL D 713 47.71 -40.70 24.04
CA VAL D 713 48.81 -41.00 24.94
C VAL D 713 48.89 -39.92 26.02
N MET D 714 49.39 -40.30 27.19
CA MET D 714 49.53 -39.35 28.29
C MET D 714 50.42 -38.18 27.87
N GLN D 715 49.97 -36.97 28.21
CA GLN D 715 50.67 -35.74 27.85
C GLN D 715 51.24 -35.14 29.14
N ASN D 716 52.56 -35.13 29.25
CA ASN D 716 53.25 -34.55 30.40
C ASN D 716 53.67 -33.13 30.10
N LEU D 717 53.56 -32.25 31.10
CA LEU D 717 53.86 -30.84 30.91
C LEU D 717 55.37 -30.59 30.82
N GLY D 718 56.18 -31.61 31.08
CA GLY D 718 57.61 -31.44 30.90
C GLY D 718 57.93 -31.31 29.43
N GLU D 719 58.71 -30.29 29.08
CA GLU D 719 59.00 -29.96 27.69
C GLU D 719 59.95 -31.00 27.12
N THR D 720 59.41 -32.19 26.87
CA THR D 720 60.18 -33.29 26.32
C THR D 720 60.24 -33.15 24.81
N SER D 721 61.45 -33.19 24.25
CA SER D 721 61.66 -32.92 22.83
C SER D 721 61.31 -34.12 21.97
N THR D 722 60.06 -34.16 21.48
CA THR D 722 59.70 -35.27 20.60
C THR D 722 60.07 -34.93 19.16
N PRO D 723 60.41 -35.94 18.34
CA PRO D 723 60.61 -35.66 16.90
C PRO D 723 59.35 -35.18 16.20
N THR D 724 58.20 -35.72 16.58
CA THR D 724 56.94 -35.35 15.96
C THR D 724 56.39 -34.07 16.57
N GLN D 725 55.76 -33.26 15.73
CA GLN D 725 55.12 -32.00 16.12
C GLN D 725 53.66 -32.06 15.71
N GLY D 726 52.77 -31.81 16.66
CA GLY D 726 51.35 -31.84 16.40
C GLY D 726 50.77 -33.23 16.46
N SER D 727 49.46 -33.29 16.68
CA SER D 727 48.75 -34.56 16.82
C SER D 727 47.32 -34.37 16.34
N VAL D 728 46.96 -35.01 15.22
CA VAL D 728 45.60 -35.00 14.68
C VAL D 728 45.10 -36.43 14.53
N LEU D 729 44.01 -36.74 15.23
CA LEU D 729 43.36 -38.04 15.08
C LEU D 729 42.27 -37.99 14.03
N PHE D 730 42.03 -39.10 13.35
CA PHE D 730 40.96 -39.20 12.39
C PHE D 730 40.27 -40.56 12.48
N GLY D 731 38.95 -40.56 12.28
CA GLY D 731 38.15 -41.77 12.25
C GLY D 731 37.65 -42.04 10.85
N THR D 732 37.45 -43.32 10.54
CA THR D 732 37.14 -43.75 9.18
C THR D 732 35.91 -44.65 9.18
N VAL D 733 35.52 -45.08 7.97
CA VAL D 733 34.32 -45.88 7.79
C VAL D 733 34.50 -47.31 8.25
N ASN D 734 35.73 -47.82 8.18
CA ASN D 734 36.04 -49.18 8.57
C ASN D 734 36.47 -49.31 10.02
N GLY D 735 36.30 -48.27 10.82
CA GLY D 735 36.68 -48.31 12.22
C GLY D 735 38.11 -47.92 12.47
N MET D 736 38.93 -47.84 11.43
CA MET D 736 40.33 -47.49 11.59
C MET D 736 40.47 -46.10 12.19
N ILE D 737 41.37 -45.97 13.16
CA ILE D 737 41.70 -44.69 13.79
C ILE D 737 43.18 -44.44 13.56
N GLY D 738 43.51 -43.24 13.08
CA GLY D 738 44.86 -42.91 12.73
C GLY D 738 45.27 -41.54 13.25
N LEU D 739 46.58 -41.31 13.27
CA LEU D 739 47.17 -40.09 13.80
C LEU D 739 48.02 -39.45 12.71
N VAL D 740 47.88 -38.15 12.54
CA VAL D 740 48.69 -37.37 11.59
C VAL D 740 49.51 -36.37 12.38
N THR D 741 50.81 -36.32 12.10
CA THR D 741 51.70 -35.36 12.75
C THR D 741 52.71 -34.87 11.72
N SER D 742 53.24 -33.68 11.97
CA SER D 742 54.21 -33.06 11.08
C SER D 742 55.63 -33.38 11.53
N LEU D 743 56.58 -33.21 10.61
CA LEU D 743 57.98 -33.50 10.87
C LEU D 743 58.83 -32.30 10.49
N SER D 744 60.01 -32.22 11.10
CA SER D 744 61.01 -31.27 10.64
C SER D 744 61.67 -31.81 9.37
N GLU D 745 62.20 -30.89 8.55
CA GLU D 745 62.81 -31.31 7.30
C GLU D 745 63.91 -32.35 7.55
N SER D 746 64.67 -32.17 8.63
CA SER D 746 65.75 -33.10 8.93
C SER D 746 65.22 -34.52 9.16
N TRP D 747 64.09 -34.64 9.87
CA TRP D 747 63.53 -35.96 10.19
C TRP D 747 62.84 -36.62 9.01
N TYR D 748 62.15 -35.83 8.18
CA TYR D 748 61.48 -36.41 7.01
C TYR D 748 62.47 -37.15 6.12
N ASN D 749 63.59 -36.50 5.79
CA ASN D 749 64.58 -37.14 4.93
C ASN D 749 65.08 -38.46 5.52
N LEU D 750 65.36 -38.50 6.83
CA LEU D 750 65.77 -39.74 7.45
C LEU D 750 64.71 -40.82 7.28
N LEU D 751 63.46 -40.50 7.63
CA LEU D 751 62.41 -41.50 7.58
C LEU D 751 62.09 -41.91 6.15
N LEU D 752 62.18 -40.98 5.20
CA LEU D 752 61.97 -41.34 3.80
C LEU D 752 63.08 -42.25 3.31
N ASP D 753 64.33 -41.94 3.64
CA ASP D 753 65.44 -42.79 3.25
C ASP D 753 65.27 -44.22 3.74
N MET D 754 64.74 -44.38 4.96
CA MET D 754 64.54 -45.72 5.51
C MET D 754 63.42 -46.46 4.78
N GLN D 755 62.36 -45.74 4.41
CA GLN D 755 61.29 -46.39 3.66
C GLN D 755 61.84 -47.07 2.41
N ASN D 756 62.61 -46.32 1.61
CA ASN D 756 63.21 -46.90 0.42
C ASN D 756 64.12 -48.07 0.78
N ARG D 757 64.76 -48.03 1.96
CA ARG D 757 65.57 -49.14 2.42
C ARG D 757 64.73 -50.30 2.92
N LEU D 758 63.68 -50.01 3.69
CA LEU D 758 62.81 -51.07 4.20
C LEU D 758 62.09 -51.77 3.05
N ASN D 759 61.73 -51.03 2.00
CA ASN D 759 60.99 -51.64 0.90
C ASN D 759 61.79 -52.70 0.19
N LYS D 760 63.12 -52.53 0.11
CA LYS D 760 63.96 -53.55 -0.50
C LYS D 760 64.11 -54.78 0.38
N VAL D 761 63.89 -54.65 1.69
CA VAL D 761 64.10 -55.74 2.61
C VAL D 761 62.84 -56.55 2.84
N ILE D 762 61.71 -55.89 3.03
CA ILE D 762 60.49 -56.56 3.48
C ILE D 762 59.76 -57.18 2.30
N LYS D 763 59.35 -58.44 2.46
CA LYS D 763 58.53 -59.13 1.48
C LYS D 763 57.07 -58.80 1.76
N SER D 764 56.35 -58.34 0.75
CA SER D 764 54.95 -57.98 0.90
C SER D 764 54.07 -59.11 0.37
N VAL D 765 52.92 -59.32 1.03
CA VAL D 765 51.98 -60.31 0.56
C VAL D 765 51.51 -59.93 -0.83
N GLY D 766 51.60 -60.88 -1.76
CA GLY D 766 51.29 -60.61 -3.14
C GLY D 766 52.37 -59.86 -3.90
N LYS D 767 53.48 -59.54 -3.24
CA LYS D 767 54.58 -58.81 -3.86
C LYS D 767 54.10 -57.51 -4.51
N ILE D 768 53.33 -56.74 -3.75
CA ILE D 768 52.83 -55.45 -4.20
C ILE D 768 53.85 -54.37 -3.81
N GLU D 769 54.28 -53.61 -4.81
CA GLU D 769 55.23 -52.51 -4.57
C GLU D 769 54.62 -51.48 -3.64
N HIS D 770 55.35 -51.14 -2.58
CA HIS D 770 54.84 -50.17 -1.61
C HIS D 770 54.62 -48.81 -2.25
N SER D 771 55.56 -48.36 -3.08
CA SER D 771 55.43 -47.04 -3.69
C SER D 771 54.12 -46.93 -4.46
N PHE D 772 53.71 -48.01 -5.14
CA PHE D 772 52.46 -48.00 -5.89
C PHE D 772 51.25 -47.91 -4.95
N TRP D 773 51.28 -48.66 -3.84
CA TRP D 773 50.14 -48.70 -2.93
C TRP D 773 49.82 -47.32 -2.36
N ARG D 774 50.84 -46.61 -1.89
CA ARG D 774 50.63 -45.30 -1.29
C ARG D 774 50.58 -44.18 -2.31
N SER D 775 50.68 -44.48 -3.60
CA SER D 775 50.60 -43.44 -4.61
C SER D 775 49.19 -42.86 -4.67
N PHE D 776 49.11 -41.53 -4.65
CA PHE D 776 47.85 -40.82 -4.87
C PHE D 776 47.11 -41.36 -6.07
N HIS D 777 45.92 -41.93 -5.85
CA HIS D 777 45.17 -42.57 -6.92
C HIS D 777 43.71 -42.11 -6.93
N THR D 778 43.32 -41.47 -8.04
CA THR D 778 41.94 -41.26 -8.43
C THR D 778 41.76 -41.96 -9.77
N GLU D 779 40.50 -42.22 -10.15
CA GLU D 779 40.28 -42.89 -11.43
C GLU D 779 40.99 -42.16 -12.57
N ARG D 780 40.97 -40.82 -12.55
CA ARG D 780 41.59 -40.04 -13.61
C ARG D 780 43.10 -39.93 -13.48
N LYS D 781 43.63 -39.77 -12.26
CA LYS D 781 45.06 -39.53 -12.09
C LYS D 781 45.68 -40.45 -11.04
N THR D 782 46.94 -40.80 -11.29
CA THR D 782 47.79 -41.55 -10.36
C THR D 782 49.12 -40.80 -10.26
N GLU D 783 49.46 -40.36 -9.05
CA GLU D 783 50.66 -39.60 -8.77
C GLU D 783 51.45 -40.28 -7.67
N PRO D 784 52.77 -40.09 -7.64
CA PRO D 784 53.55 -40.65 -6.54
C PRO D 784 53.31 -39.87 -5.26
N ALA D 785 53.36 -40.58 -4.13
CA ALA D 785 53.17 -39.94 -2.85
C ALA D 785 54.30 -38.95 -2.57
N THR D 786 53.99 -37.90 -1.84
CA THR D 786 54.99 -36.89 -1.51
C THR D 786 54.60 -36.20 -0.21
N GLY D 787 55.60 -35.92 0.62
CA GLY D 787 55.37 -35.22 1.87
C GLY D 787 54.76 -36.05 2.97
N PHE D 788 54.69 -37.37 2.82
CA PHE D 788 54.07 -38.24 3.81
C PHE D 788 54.96 -39.44 4.07
N ILE D 789 55.13 -39.78 5.35
CA ILE D 789 55.88 -40.95 5.79
C ILE D 789 54.89 -41.98 6.32
N ASP D 790 54.91 -43.18 5.74
CA ASP D 790 54.04 -44.27 6.19
C ASP D 790 54.56 -44.78 7.53
N GLY D 791 53.87 -44.40 8.61
CA GLY D 791 54.32 -44.77 9.94
C GLY D 791 54.36 -46.28 10.17
N ASP D 792 53.40 -47.00 9.59
CA ASP D 792 53.37 -48.45 9.79
C ASP D 792 54.62 -49.10 9.21
N LEU D 793 55.07 -48.64 8.04
CA LEU D 793 56.31 -49.16 7.48
C LEU D 793 57.50 -48.86 8.39
N ILE D 794 57.57 -47.65 8.93
CA ILE D 794 58.67 -47.30 9.81
C ILE D 794 58.61 -48.14 11.08
N GLU D 795 57.41 -48.24 11.67
CA GLU D 795 57.23 -48.99 12.91
C GLU D 795 57.37 -50.50 12.71
N SER D 796 57.45 -50.99 11.48
CA SER D 796 57.74 -52.39 11.26
C SER D 796 59.23 -52.71 11.31
N PHE D 797 60.09 -51.68 11.27
CA PHE D 797 61.52 -51.89 11.43
C PHE D 797 61.83 -52.64 12.72
N LEU D 798 61.03 -52.42 13.77
CA LEU D 798 61.22 -53.06 15.05
C LEU D 798 60.80 -54.53 15.04
N ASP D 799 60.23 -55.03 13.95
CA ASP D 799 59.75 -56.40 13.89
C ASP D 799 60.51 -57.28 12.92
N ILE D 800 61.43 -56.73 12.13
CA ILE D 800 62.23 -57.55 11.22
C ILE D 800 63.42 -58.10 11.99
N SER D 801 63.95 -59.22 11.51
CA SER D 801 65.03 -59.90 12.22
C SER D 801 66.28 -59.02 12.26
N ARG D 802 67.15 -59.31 13.23
CA ARG D 802 68.38 -58.54 13.37
C ARG D 802 69.21 -58.53 12.10
N PRO D 803 69.40 -59.64 11.38
CA PRO D 803 70.14 -59.57 10.11
C PRO D 803 69.58 -58.55 9.13
N LYS D 804 68.25 -58.46 9.03
CA LYS D 804 67.64 -57.51 8.12
C LYS D 804 67.80 -56.07 8.60
N MET D 805 67.72 -55.86 9.92
CA MET D 805 67.95 -54.51 10.45
C MET D 805 69.32 -54.00 10.02
N GLN D 806 70.35 -54.84 10.14
CA GLN D 806 71.70 -54.44 9.75
C GLN D 806 71.79 -54.19 8.25
N GLU D 807 71.06 -54.96 7.46
CA GLU D 807 71.02 -54.71 6.02
C GLU D 807 70.41 -53.34 5.71
N VAL D 808 69.43 -52.90 6.52
CA VAL D 808 68.76 -51.63 6.26
C VAL D 808 69.71 -50.46 6.49
N VAL D 809 70.49 -50.52 7.58
CA VAL D 809 71.37 -49.40 7.95
C VAL D 809 72.67 -49.35 7.17
N ALA D 810 72.91 -50.29 6.26
CA ALA D 810 74.17 -50.28 5.52
C ALA D 810 74.30 -49.00 4.72
N ASN D 811 75.47 -48.38 4.81
CA ASN D 811 75.77 -47.14 4.10
C ASN D 811 74.76 -46.06 4.47
N LEU D 812 74.42 -46.00 5.75
CA LEU D 812 73.47 -45.05 6.31
C LEU D 812 74.22 -44.14 7.27
N GLN D 813 73.84 -42.87 7.32
CA GLN D 813 74.51 -41.91 8.17
C GLN D 813 73.49 -41.35 9.15
N TYR D 814 73.71 -41.62 10.42
CA TYR D 814 72.85 -41.14 11.50
C TYR D 814 73.42 -39.86 12.09
N ASP D 815 72.53 -39.02 12.60
CA ASP D 815 72.91 -37.75 13.21
C ASP D 815 72.82 -37.94 14.72
N ASP D 816 73.97 -38.00 15.38
CA ASP D 816 73.99 -38.11 16.84
C ASP D 816 73.21 -37.00 17.51
N GLY D 817 72.97 -35.89 16.82
CA GLY D 817 72.46 -34.69 17.43
C GLY D 817 73.53 -33.81 18.02
N SER D 818 74.76 -34.33 18.11
CA SER D 818 75.91 -33.55 18.55
C SER D 818 76.61 -32.87 17.41
N GLY D 819 75.90 -32.54 16.33
CA GLY D 819 76.50 -31.94 15.16
C GLY D 819 77.32 -32.88 14.33
N MET D 820 77.59 -34.10 14.81
CA MET D 820 78.35 -35.10 14.09
C MET D 820 77.42 -36.04 13.33
N LYS D 821 77.86 -36.47 12.15
CA LYS D 821 77.12 -37.41 11.32
C LYS D 821 78.00 -38.66 11.24
N ARG D 822 77.44 -39.81 11.66
CA ARG D 822 78.20 -41.04 11.78
C ARG D 822 77.41 -42.20 11.19
N GLU D 823 78.14 -43.20 10.69
CA GLU D 823 77.48 -44.40 10.16
C GLU D 823 76.51 -44.95 11.19
N ALA D 824 75.34 -45.37 10.72
CA ALA D 824 74.24 -45.75 11.60
C ALA D 824 74.26 -47.23 11.95
N THR D 825 74.04 -47.52 13.22
CA THR D 825 73.87 -48.88 13.73
C THR D 825 72.39 -49.21 13.90
N ALA D 826 72.09 -50.51 13.91
CA ALA D 826 70.72 -50.95 14.14
C ALA D 826 70.17 -50.43 15.45
N ASP D 827 71.04 -50.24 16.45
CA ASP D 827 70.58 -49.73 17.74
C ASP D 827 70.17 -48.26 17.63
N ASP D 828 70.87 -47.48 16.82
CA ASP D 828 70.54 -46.07 16.66
C ASP D 828 69.12 -45.90 16.12
N LEU D 829 68.79 -46.63 15.06
CA LEU D 829 67.45 -46.53 14.48
C LEU D 829 66.40 -47.12 15.40
N ILE D 830 66.71 -48.21 16.10
CA ILE D 830 65.76 -48.80 17.03
C ILE D 830 65.33 -47.78 18.08
N LYS D 831 66.26 -46.98 18.58
CA LYS D 831 65.89 -45.94 19.53
C LYS D 831 64.97 -44.92 18.86
N VAL D 832 65.27 -44.54 17.62
CA VAL D 832 64.46 -43.54 16.92
C VAL D 832 63.05 -44.07 16.67
N VAL D 833 62.94 -45.31 16.17
CA VAL D 833 61.62 -45.85 15.87
C VAL D 833 60.81 -46.04 17.14
N GLU D 834 61.45 -46.49 18.22
CA GLU D 834 60.72 -46.66 19.48
C GLU D 834 60.18 -45.33 19.97
N GLU D 835 60.89 -44.22 19.71
CA GLU D 835 60.34 -42.91 20.04
C GLU D 835 59.08 -42.62 19.22
N LEU D 836 59.06 -43.05 17.96
CA LEU D 836 57.88 -42.80 17.12
C LEU D 836 56.69 -43.64 17.54
N THR D 837 56.93 -44.81 18.15
CA THR D 837 55.81 -45.62 18.62
C THR D 837 55.12 -45.01 19.84
N ARG D 838 55.69 -43.95 20.43
CA ARG D 838 55.08 -43.31 21.58
C ARG D 838 54.07 -42.24 21.21
N ILE D 839 53.94 -41.88 19.93
CA ILE D 839 52.97 -40.84 19.58
C ILE D 839 51.56 -41.40 19.59
N HIS D 840 51.41 -42.70 19.37
CA HIS D 840 50.10 -43.35 19.32
C HIS D 840 49.97 -44.36 20.46
N THR E 7 24.84 3.73 -24.54
CA THR E 7 24.13 2.62 -25.15
C THR E 7 24.81 1.29 -24.82
N GLU E 8 24.18 0.19 -25.23
CA GLU E 8 24.71 -1.14 -24.97
C GLU E 8 26.05 -1.40 -25.63
N SER E 9 26.41 -0.64 -26.68
CA SER E 9 27.59 -0.95 -27.47
C SER E 9 28.87 -0.26 -27.00
N ASP E 10 28.77 0.78 -26.19
CA ASP E 10 29.93 1.59 -25.81
C ASP E 10 30.74 0.88 -24.71
N TRP E 11 31.53 -0.11 -25.12
CA TRP E 11 32.36 -0.87 -24.21
C TRP E 11 33.60 -0.10 -23.79
N GLY E 12 34.21 -0.55 -22.68
CA GLY E 12 35.44 0.02 -22.17
C GLY E 12 35.28 1.27 -21.34
N LYS E 13 34.07 1.81 -21.22
CA LYS E 13 33.81 3.04 -20.48
C LYS E 13 33.29 2.76 -19.08
N ARG E 14 32.27 1.90 -18.98
CA ARG E 14 31.67 1.58 -17.69
C ARG E 14 32.70 1.02 -16.72
N CYS E 15 32.55 1.42 -15.45
CA CYS E 15 33.50 1.03 -14.41
C CYS E 15 33.16 -0.35 -13.84
N VAL E 16 34.18 -1.03 -13.32
CA VAL E 16 33.98 -2.31 -12.66
C VAL E 16 33.34 -2.18 -11.29
N ASP E 17 33.25 -0.96 -10.73
CA ASP E 17 32.53 -0.76 -9.49
C ASP E 17 31.08 -1.22 -9.59
N LYS E 18 30.54 -1.28 -10.82
CA LYS E 18 29.16 -1.69 -11.03
C LYS E 18 28.95 -3.17 -10.77
N PHE E 19 30.02 -3.94 -10.58
CA PHE E 19 29.96 -5.36 -10.28
C PHE E 19 30.50 -5.63 -8.89
N ASP E 20 29.80 -6.49 -8.15
CA ASP E 20 30.23 -6.94 -6.83
C ASP E 20 31.00 -8.24 -6.95
N ILE E 21 32.28 -8.22 -6.59
CA ILE E 21 33.11 -9.41 -6.71
C ILE E 21 32.69 -10.40 -5.62
N ILE E 22 32.44 -11.64 -6.03
CA ILE E 22 32.09 -12.73 -5.12
C ILE E 22 33.29 -13.60 -4.78
N GLY E 23 34.20 -13.82 -5.72
CA GLY E 23 35.45 -14.47 -5.39
C GLY E 23 36.22 -14.82 -6.64
N ILE E 24 37.43 -15.31 -6.43
CA ILE E 24 38.30 -15.75 -7.53
C ILE E 24 37.95 -17.21 -7.86
N ILE E 25 37.82 -17.52 -9.14
CA ILE E 25 37.47 -18.86 -9.58
C ILE E 25 38.47 -19.44 -10.57
N GLY E 26 39.52 -18.72 -10.90
CA GLY E 26 40.53 -19.27 -11.78
C GLY E 26 41.70 -18.32 -11.97
N GLU E 27 42.85 -18.88 -12.28
CA GLU E 27 44.05 -18.11 -12.60
C GLU E 27 44.64 -18.78 -13.84
N GLY E 28 44.32 -18.18 -14.99
CA GLY E 28 44.72 -18.62 -16.31
C GLY E 28 44.58 -17.47 -17.28
N THR E 29 45.23 -17.64 -18.45
CA THR E 29 45.24 -16.68 -19.55
C THR E 29 46.21 -15.52 -19.25
N TYR E 30 45.69 -14.30 -19.04
CA TYR E 30 46.48 -13.10 -18.77
C TYR E 30 46.34 -12.59 -17.35
N GLY E 31 45.12 -12.64 -16.86
CA GLY E 31 44.83 -12.24 -15.50
C GLY E 31 43.78 -13.19 -14.96
N GLN E 32 43.56 -13.10 -13.66
CA GLN E 32 42.74 -14.07 -12.96
C GLN E 32 41.26 -13.79 -13.20
N VAL E 33 40.47 -14.87 -13.16
CA VAL E 33 39.03 -14.79 -13.39
C VAL E 33 38.29 -14.72 -12.07
N TYR E 34 37.32 -13.81 -11.99
CA TYR E 34 36.51 -13.61 -10.80
C TYR E 34 35.05 -13.87 -11.14
N LYS E 35 34.29 -14.31 -10.13
CA LYS E 35 32.84 -14.42 -10.20
C LYS E 35 32.23 -13.18 -9.56
N ALA E 36 31.28 -12.55 -10.25
CA ALA E 36 30.69 -11.31 -9.77
C ALA E 36 29.21 -11.26 -10.11
N LYS E 37 28.50 -10.33 -9.49
CA LYS E 37 27.10 -10.07 -9.78
C LYS E 37 26.89 -8.59 -10.07
N ASP E 38 26.25 -8.30 -11.19
CA ASP E 38 25.90 -6.91 -11.51
C ASP E 38 24.97 -6.34 -10.47
N LYS E 39 25.33 -5.16 -9.94
CA LYS E 39 24.49 -4.53 -8.94
C LYS E 39 23.13 -4.15 -9.52
N ASP E 40 23.11 -3.63 -10.75
CA ASP E 40 21.87 -3.11 -11.32
C ASP E 40 20.92 -4.24 -11.71
N THR E 41 21.43 -5.29 -12.35
CA THR E 41 20.57 -6.34 -12.89
C THR E 41 20.45 -7.56 -11.98
N GLY E 42 21.44 -7.80 -11.12
CA GLY E 42 21.45 -8.99 -10.30
C GLY E 42 21.93 -10.23 -11.02
N GLU E 43 22.50 -10.07 -12.22
CA GLU E 43 22.93 -11.17 -13.04
C GLU E 43 24.36 -11.60 -12.71
N LEU E 44 24.55 -12.90 -12.52
CA LEU E 44 25.89 -13.44 -12.33
C LEU E 44 26.71 -13.34 -13.61
N VAL E 45 27.97 -12.95 -13.45
CA VAL E 45 28.92 -12.83 -14.56
C VAL E 45 30.27 -13.34 -14.08
N ALA E 46 31.16 -13.62 -15.02
CA ALA E 46 32.54 -13.96 -14.72
C ALA E 46 33.43 -12.88 -15.32
N LEU E 47 34.34 -12.32 -14.52
CA LEU E 47 35.12 -11.16 -14.91
C LEU E 47 36.58 -11.60 -15.00
N LYS E 48 37.13 -11.56 -16.22
CA LYS E 48 38.51 -11.97 -16.49
C LYS E 48 39.40 -10.73 -16.55
N LYS E 49 40.27 -10.58 -15.55
CA LYS E 49 41.14 -9.41 -15.45
C LYS E 49 42.22 -9.43 -16.53
N VAL E 50 42.39 -8.29 -17.21
CA VAL E 50 43.37 -8.13 -18.28
C VAL E 50 44.30 -6.98 -17.90
N ARG E 51 45.59 -7.28 -17.73
CA ARG E 51 46.57 -6.35 -17.19
C ARG E 51 47.41 -5.72 -18.29
N LEU E 52 47.39 -4.39 -18.38
CA LEU E 52 48.28 -3.66 -19.26
C LEU E 52 49.49 -3.10 -18.53
N ASP E 53 49.59 -3.34 -17.21
CA ASP E 53 50.68 -2.76 -16.42
C ASP E 53 52.04 -3.27 -16.86
N ASN E 54 52.10 -4.48 -17.43
CA ASN E 54 53.40 -5.03 -17.84
C ASN E 54 54.14 -4.08 -18.78
N GLU E 55 53.42 -3.51 -19.75
CA GLU E 55 53.96 -2.55 -20.72
C GLU E 55 55.03 -3.17 -21.59
N LYS E 56 55.18 -4.50 -21.52
CA LYS E 56 56.09 -5.20 -22.43
C LYS E 56 55.63 -5.02 -23.87
N GLU E 57 54.37 -5.36 -24.14
CA GLU E 57 53.76 -5.11 -25.44
C GLU E 57 52.32 -4.60 -25.27
N GLY E 58 52.03 -3.97 -24.13
CA GLY E 58 50.70 -3.40 -23.91
C GLY E 58 49.63 -4.47 -23.77
N PHE E 59 48.47 -4.19 -24.38
CA PHE E 59 47.32 -5.06 -24.22
C PHE E 59 47.65 -6.47 -24.68
N PRO E 60 47.37 -7.50 -23.87
CA PRO E 60 47.74 -8.86 -24.27
C PRO E 60 47.04 -9.28 -25.55
N ILE E 61 47.82 -9.86 -26.46
CA ILE E 61 47.25 -10.28 -27.75
C ILE E 61 46.23 -11.40 -27.56
N THR E 62 46.42 -12.25 -26.55
CA THR E 62 45.42 -13.29 -26.30
C THR E 62 44.07 -12.66 -25.99
N ALA E 63 44.07 -11.54 -25.26
CA ALA E 63 42.83 -10.84 -24.98
C ALA E 63 42.26 -10.21 -26.24
N ILE E 64 43.15 -9.66 -27.09
CA ILE E 64 42.68 -9.08 -28.35
C ILE E 64 41.98 -10.14 -29.20
N ARG E 65 42.56 -11.34 -29.27
CA ARG E 65 41.95 -12.39 -30.08
C ARG E 65 40.58 -12.77 -29.55
N GLU E 66 40.46 -12.91 -28.23
CA GLU E 66 39.22 -13.38 -27.63
C GLU E 66 38.14 -12.30 -27.70
N ILE E 67 38.53 -11.03 -27.74
CA ILE E 67 37.55 -9.96 -27.91
C ILE E 67 37.08 -9.90 -29.36
N LYS E 68 38.02 -10.00 -30.29
CA LYS E 68 37.69 -9.90 -31.71
C LYS E 68 36.88 -11.10 -32.17
N ILE E 69 37.31 -12.30 -31.80
CA ILE E 69 36.64 -13.51 -32.27
C ILE E 69 35.27 -13.66 -31.61
N LEU E 70 35.21 -13.49 -30.29
CA LEU E 70 33.94 -13.74 -29.60
C LEU E 70 32.91 -12.63 -29.78
N ARG E 71 33.33 -11.44 -30.24
CA ARG E 71 32.34 -10.44 -30.62
C ARG E 71 31.78 -10.69 -32.01
N GLN E 72 32.49 -11.44 -32.84
CA GLN E 72 31.97 -11.87 -34.13
C GLN E 72 31.02 -13.07 -33.97
N LEU E 73 31.37 -14.00 -33.08
CA LEU E 73 30.64 -15.25 -32.97
C LEU E 73 29.49 -15.13 -31.98
N ILE E 74 28.29 -15.48 -32.44
CA ILE E 74 27.09 -15.53 -31.59
C ILE E 74 26.48 -16.91 -31.80
N HIS E 75 26.61 -17.76 -30.79
CA HIS E 75 26.05 -19.10 -30.85
C HIS E 75 25.74 -19.56 -29.44
N ARG E 76 24.71 -20.40 -29.33
CA ARG E 76 24.32 -20.89 -28.01
C ARG E 76 25.39 -21.75 -27.37
N SER E 77 26.31 -22.28 -28.18
CA SER E 77 27.39 -23.14 -27.72
C SER E 77 28.73 -22.43 -27.70
N VAL E 78 28.74 -21.10 -27.76
CA VAL E 78 29.95 -20.30 -27.68
C VAL E 78 29.73 -19.28 -26.58
N VAL E 79 30.77 -19.06 -25.77
CA VAL E 79 30.59 -18.26 -24.57
C VAL E 79 30.34 -16.81 -24.97
N ASN E 80 29.45 -16.16 -24.25
CA ASN E 80 29.04 -14.79 -24.56
C ASN E 80 29.91 -13.82 -23.78
N MET E 81 30.39 -12.78 -24.45
CA MET E 81 31.08 -11.68 -23.80
C MET E 81 30.11 -10.51 -23.68
N LYS E 82 29.66 -10.22 -22.46
CA LYS E 82 28.61 -9.23 -22.31
C LYS E 82 29.14 -7.82 -22.60
N GLU E 83 30.27 -7.45 -22.02
CA GLU E 83 30.93 -6.18 -22.33
C GLU E 83 32.33 -6.21 -21.71
N ILE E 84 33.00 -5.06 -21.71
CA ILE E 84 34.31 -4.88 -21.08
C ILE E 84 34.27 -3.64 -20.21
N VAL E 85 34.82 -3.76 -18.99
CA VAL E 85 34.78 -2.68 -18.01
C VAL E 85 36.18 -2.43 -17.46
N THR E 86 36.35 -1.26 -16.84
CA THR E 86 37.66 -0.75 -16.50
C THR E 86 37.73 -0.39 -15.02
N ASP E 87 38.94 -0.52 -14.45
CA ASP E 87 39.22 -0.06 -13.10
C ASP E 87 39.14 1.47 -13.05
N LYS E 88 38.73 2.00 -11.90
CA LYS E 88 38.44 3.43 -11.81
C LYS E 88 39.64 4.29 -12.18
N GLN E 89 39.47 5.09 -13.24
CA GLN E 89 40.55 5.96 -13.73
C GLN E 89 40.47 7.31 -13.02
N ASP E 90 40.87 7.29 -11.74
CA ASP E 90 40.81 8.48 -10.89
C ASP E 90 41.92 9.50 -11.19
N ALA E 91 42.90 9.17 -12.02
CA ALA E 91 43.91 10.12 -12.44
C ALA E 91 43.40 10.95 -13.62
N LEU E 92 43.64 12.26 -13.59
CA LEU E 92 43.20 13.10 -14.70
C LEU E 92 44.03 12.91 -15.97
N ASP E 93 45.19 12.28 -15.86
CA ASP E 93 46.10 12.13 -16.99
C ASP E 93 46.09 10.66 -17.41
N PHE E 94 45.75 10.41 -18.67
CA PHE E 94 45.76 9.04 -19.17
C PHE E 94 47.16 8.44 -19.06
N LYS E 95 48.20 9.27 -19.03
CA LYS E 95 49.55 8.76 -18.84
C LYS E 95 49.68 8.16 -17.45
N LYS E 96 49.17 8.85 -16.43
CA LYS E 96 49.22 8.34 -15.07
C LYS E 96 48.47 7.01 -14.93
N ASP E 97 47.36 6.85 -15.66
CA ASP E 97 46.52 5.66 -15.49
C ASP E 97 47.29 4.39 -15.75
N LYS E 98 47.29 3.49 -14.76
CA LYS E 98 47.81 2.14 -14.92
C LYS E 98 46.73 1.10 -14.64
N GLY E 99 45.46 1.52 -14.53
CA GLY E 99 44.40 0.59 -14.24
C GLY E 99 44.22 -0.45 -15.33
N ALA E 100 43.59 -1.56 -14.95
CA ALA E 100 43.39 -2.69 -15.83
C ALA E 100 41.96 -2.78 -16.31
N PHE E 101 41.77 -3.46 -17.45
CA PHE E 101 40.43 -3.76 -17.97
C PHE E 101 40.01 -5.16 -17.54
N TYR E 102 38.69 -5.37 -17.44
CA TYR E 102 38.09 -6.67 -17.13
C TYR E 102 37.10 -7.05 -18.21
N LEU E 103 37.26 -8.23 -18.79
CA LEU E 103 36.31 -8.77 -19.75
C LEU E 103 35.11 -9.38 -19.02
N VAL E 104 33.90 -8.92 -19.32
CA VAL E 104 32.70 -9.44 -18.67
C VAL E 104 32.13 -10.56 -19.52
N PHE E 105 32.11 -11.78 -18.97
CA PHE E 105 31.49 -12.93 -19.59
C PHE E 105 30.24 -13.32 -18.80
N GLU E 106 29.30 -13.99 -19.46
CA GLU E 106 28.27 -14.71 -18.73
C GLU E 106 28.88 -15.79 -17.86
N TYR E 107 28.28 -15.99 -16.68
CA TYR E 107 28.76 -17.00 -15.74
C TYR E 107 28.20 -18.37 -16.08
N MET E 108 29.09 -19.35 -16.20
CA MET E 108 28.71 -20.75 -16.39
C MET E 108 28.89 -21.48 -15.07
N ASP E 109 27.94 -22.36 -14.74
CA ASP E 109 27.90 -22.91 -13.38
C ASP E 109 29.12 -23.79 -13.11
N HIS E 110 29.48 -24.66 -14.08
CA HIS E 110 30.51 -25.67 -13.88
C HIS E 110 31.42 -25.76 -15.11
N ASP E 111 32.52 -26.51 -14.97
CA ASP E 111 33.42 -26.86 -16.06
C ASP E 111 33.58 -28.37 -16.11
N LEU E 112 33.79 -28.91 -17.32
CA LEU E 112 33.80 -30.37 -17.46
C LEU E 112 34.91 -30.98 -16.60
N MET E 113 36.13 -30.42 -16.68
CA MET E 113 37.22 -30.92 -15.85
C MET E 113 36.77 -30.98 -14.39
N GLY E 114 36.17 -29.89 -13.91
CA GLY E 114 35.81 -29.82 -12.51
C GLY E 114 34.90 -30.95 -12.08
N LEU E 115 33.98 -31.35 -12.96
CA LEU E 115 33.03 -32.41 -12.62
C LEU E 115 33.67 -33.78 -12.69
N LEU E 116 34.38 -34.08 -13.77
CA LEU E 116 35.00 -35.40 -13.90
C LEU E 116 36.12 -35.61 -12.89
N GLU E 117 36.94 -34.58 -12.65
CA GLU E 117 38.06 -34.74 -11.74
C GLU E 117 37.58 -35.16 -10.35
N SER E 118 36.56 -34.47 -9.84
CA SER E 118 36.00 -34.81 -8.55
C SER E 118 35.24 -36.13 -8.56
N GLY E 119 34.97 -36.71 -9.72
CA GLY E 119 34.23 -37.96 -9.77
C GLY E 119 32.78 -37.82 -9.41
N LEU E 120 32.24 -36.61 -9.51
CA LEU E 120 30.86 -36.31 -9.12
C LEU E 120 29.85 -36.39 -10.25
N VAL E 121 30.23 -36.76 -11.47
CA VAL E 121 29.29 -36.75 -12.59
C VAL E 121 29.26 -38.12 -13.25
N HIS E 122 28.06 -38.65 -13.44
CA HIS E 122 27.84 -39.83 -14.26
C HIS E 122 27.07 -39.43 -15.50
N PHE E 123 27.59 -39.82 -16.68
CA PHE E 123 27.01 -39.42 -17.96
C PHE E 123 26.44 -40.65 -18.64
N SER E 124 25.14 -40.61 -18.92
CA SER E 124 24.45 -41.65 -19.68
C SER E 124 24.55 -41.38 -21.17
N GLU E 125 24.12 -42.37 -21.98
CA GLU E 125 24.20 -42.21 -23.41
C GLU E 125 23.46 -40.95 -23.87
N ASP E 126 22.22 -40.77 -23.39
CA ASP E 126 21.45 -39.60 -23.80
C ASP E 126 22.13 -38.31 -23.35
N HIS E 127 22.67 -38.27 -22.14
CA HIS E 127 23.41 -37.09 -21.71
C HIS E 127 24.58 -36.80 -22.64
N ILE E 128 25.38 -37.84 -22.96
CA ILE E 128 26.53 -37.62 -23.82
C ILE E 128 26.09 -37.17 -25.21
N LYS E 129 24.98 -37.72 -25.72
CA LYS E 129 24.45 -37.25 -27.00
C LYS E 129 24.18 -35.75 -26.96
N SER E 130 23.40 -35.30 -25.96
CA SER E 130 23.11 -33.88 -25.84
C SER E 130 24.39 -33.07 -25.74
N PHE E 131 25.32 -33.53 -24.92
CA PHE E 131 26.58 -32.81 -24.73
C PHE E 131 27.34 -32.66 -26.06
N MET E 132 27.55 -33.78 -26.76
CA MET E 132 28.35 -33.72 -27.99
C MET E 132 27.66 -32.89 -29.06
N LYS E 133 26.35 -33.10 -29.27
CA LYS E 133 25.67 -32.34 -30.32
C LYS E 133 25.81 -30.85 -30.08
N GLN E 134 25.71 -30.40 -28.82
CA GLN E 134 25.91 -28.99 -28.53
C GLN E 134 27.37 -28.61 -28.78
N LEU E 135 28.31 -29.38 -28.22
CA LEU E 135 29.73 -29.10 -28.42
C LEU E 135 30.07 -29.02 -29.89
N MET E 136 29.61 -29.99 -30.68
CA MET E 136 29.92 -30.00 -32.11
C MET E 136 29.22 -28.86 -32.84
N GLU E 137 27.92 -28.70 -32.61
CA GLU E 137 27.19 -27.61 -33.26
C GLU E 137 27.91 -26.28 -33.07
N GLY E 138 28.41 -26.02 -31.86
CA GLY E 138 29.18 -24.80 -31.65
C GLY E 138 30.48 -24.82 -32.42
N LEU E 139 31.24 -25.91 -32.30
CA LEU E 139 32.52 -26.01 -33.00
C LEU E 139 32.35 -25.85 -34.51
N GLU E 140 31.29 -26.44 -35.08
CA GLU E 140 31.07 -26.29 -36.52
C GLU E 140 30.83 -24.83 -36.89
N TYR E 141 29.94 -24.15 -36.14
CA TYR E 141 29.71 -22.72 -36.37
C TYR E 141 31.03 -21.97 -36.47
N CYS E 142 31.99 -22.31 -35.61
CA CYS E 142 33.29 -21.65 -35.67
C CYS E 142 34.05 -22.06 -36.93
N HIS E 143 34.06 -23.36 -37.24
CA HIS E 143 34.76 -23.82 -38.43
C HIS E 143 34.17 -23.24 -39.72
N LYS E 144 32.85 -22.99 -39.76
CA LYS E 144 32.27 -22.41 -40.96
C LYS E 144 32.64 -20.92 -41.08
N LYS E 145 32.78 -20.23 -39.96
CA LYS E 145 33.29 -18.86 -39.96
C LYS E 145 34.82 -18.83 -40.12
N ASN E 146 35.44 -19.98 -40.38
CA ASN E 146 36.88 -20.07 -40.60
C ASN E 146 37.68 -19.65 -39.36
N PHE E 147 37.25 -20.11 -38.19
CA PHE E 147 37.98 -19.89 -36.95
C PHE E 147 38.32 -21.24 -36.30
N LEU E 148 39.48 -21.30 -35.66
CA LEU E 148 39.96 -22.50 -34.98
C LEU E 148 40.20 -22.20 -33.51
N HIS E 149 39.69 -23.06 -32.63
CA HIS E 149 39.84 -22.81 -31.20
C HIS E 149 41.29 -22.97 -30.76
N ARG E 150 41.89 -24.10 -31.11
CA ARG E 150 43.30 -24.43 -30.93
C ARG E 150 43.68 -24.77 -29.50
N ASP E 151 42.73 -25.02 -28.60
CA ASP E 151 43.04 -25.49 -27.26
C ASP E 151 41.84 -26.12 -26.56
N ILE E 152 41.09 -26.97 -27.26
CA ILE E 152 39.94 -27.62 -26.65
C ILE E 152 40.39 -28.64 -25.61
N LYS E 153 39.82 -28.54 -24.42
CA LYS E 153 40.15 -29.41 -23.30
C LYS E 153 38.96 -29.34 -22.34
N CYS E 154 38.91 -30.29 -21.41
CA CYS E 154 37.79 -30.34 -20.49
C CYS E 154 37.65 -29.08 -19.63
N SER E 155 38.77 -28.44 -19.27
CA SER E 155 38.65 -27.20 -18.49
C SER E 155 38.02 -26.07 -19.30
N ASN E 156 38.16 -26.09 -20.63
CA ASN E 156 37.64 -25.03 -21.46
C ASN E 156 36.23 -25.28 -21.94
N ILE E 157 35.72 -26.50 -21.83
CA ILE E 157 34.32 -26.78 -22.10
C ILE E 157 33.52 -26.55 -20.84
N LEU E 158 32.64 -25.55 -20.91
CA LEU E 158 31.87 -25.11 -19.76
C LEU E 158 30.44 -25.62 -19.89
N LEU E 159 29.85 -25.89 -18.75
CA LEU E 159 28.55 -26.54 -18.67
C LEU E 159 27.83 -25.95 -17.48
N ASN E 160 26.60 -25.49 -17.69
CA ASN E 160 25.76 -25.01 -16.59
C ASN E 160 24.67 -26.02 -16.27
N ASN E 161 24.02 -25.78 -15.11
CA ASN E 161 23.04 -26.72 -14.57
C ASN E 161 21.90 -27.04 -15.53
N SER E 162 21.59 -26.15 -16.47
CA SER E 162 20.51 -26.44 -17.41
C SER E 162 20.86 -27.57 -18.38
N GLY E 163 22.14 -27.93 -18.49
CA GLY E 163 22.58 -28.88 -19.49
C GLY E 163 23.13 -28.22 -20.74
N GLN E 164 23.22 -26.91 -20.76
CA GLN E 164 23.76 -26.18 -21.90
C GLN E 164 25.28 -26.16 -21.86
N ILE E 165 25.89 -26.54 -23.00
CA ILE E 165 27.34 -26.58 -23.12
C ILE E 165 27.76 -25.30 -23.84
N LYS E 166 28.82 -24.66 -23.37
CA LYS E 166 29.45 -23.56 -24.10
C LYS E 166 30.96 -23.75 -24.07
N LEU E 167 31.61 -23.35 -25.15
CA LEU E 167 33.06 -23.46 -25.29
C LEU E 167 33.73 -22.11 -25.02
N ALA E 168 34.86 -22.15 -24.32
CA ALA E 168 35.50 -20.92 -23.86
C ALA E 168 37.01 -21.00 -24.04
N ASP E 169 37.66 -19.84 -23.93
CA ASP E 169 39.08 -19.61 -24.15
C ASP E 169 39.47 -19.64 -25.63
N PHE E 170 39.10 -18.59 -26.36
CA PHE E 170 39.51 -18.44 -27.74
C PHE E 170 40.78 -17.63 -27.86
N GLY E 171 41.59 -17.58 -26.79
CA GLY E 171 42.76 -16.73 -26.75
C GLY E 171 43.81 -17.07 -27.79
N LEU E 172 43.96 -18.35 -28.10
CA LEU E 172 44.91 -18.80 -29.12
C LEU E 172 44.24 -19.02 -30.46
N ALA E 173 42.97 -18.62 -30.59
CA ALA E 173 42.20 -18.90 -31.79
C ALA E 173 42.64 -18.01 -32.94
N ARG E 174 42.63 -18.58 -34.15
CA ARG E 174 43.08 -17.86 -35.33
C ARG E 174 42.18 -18.18 -36.51
N LEU E 175 42.23 -17.31 -37.53
CA LEU E 175 41.51 -17.54 -38.77
C LEU E 175 42.31 -18.45 -39.68
N TYR E 176 41.62 -19.32 -40.41
CA TYR E 176 42.25 -20.30 -41.28
C TYR E 176 41.83 -20.09 -42.73
N ASN E 177 42.80 -19.92 -43.61
CA ASN E 177 42.59 -19.84 -45.06
C ASN E 177 43.33 -21.00 -45.72
N SER E 178 42.60 -21.83 -46.47
CA SER E 178 43.24 -22.92 -47.20
C SER E 178 44.24 -22.36 -48.21
N GLU E 179 43.82 -21.36 -48.99
CA GLU E 179 44.73 -20.70 -49.91
C GLU E 179 45.71 -19.82 -49.12
N GLU E 180 46.82 -19.49 -49.75
CA GLU E 180 47.87 -18.68 -49.15
C GLU E 180 48.11 -19.13 -47.72
N SER E 181 48.57 -20.37 -47.59
CA SER E 181 48.84 -20.94 -46.28
C SER E 181 50.02 -20.25 -45.61
N ARG E 182 49.86 -19.90 -44.34
CA ARG E 182 50.85 -19.17 -43.55
C ARG E 182 51.23 -19.94 -42.28
N PRO E 183 52.43 -19.70 -41.75
CA PRO E 183 52.85 -20.40 -40.52
C PRO E 183 51.97 -20.10 -39.32
N TYR E 184 51.83 -21.11 -38.46
CA TYR E 184 51.03 -21.02 -37.24
C TYR E 184 51.92 -21.52 -36.07
N TPO E 185 51.34 -21.67 -34.89
CA TPO E 185 52.07 -22.11 -33.68
CB TPO E 185 51.56 -21.30 -32.44
CG2 TPO E 185 52.67 -20.61 -31.66
OG1 TPO E 185 50.52 -20.44 -32.97
P TPO E 185 50.91 -18.91 -33.32
O1P TPO E 185 52.42 -18.80 -33.88
O2P TPO E 185 49.92 -18.42 -34.32
O3P TPO E 185 50.73 -17.96 -32.04
C TPO E 185 51.89 -23.61 -33.44
O TPO E 185 50.80 -24.06 -33.14
H TPO E 185 50.50 -21.52 -34.74
HA TPO E 185 53.02 -21.93 -33.79
HB TPO E 185 51.16 -21.92 -31.64
HG21 TPO E 185 52.24 -19.89 -30.96
HG22 TPO E 185 53.33 -20.09 -32.35
HG23 TPO E 185 53.24 -21.35 -31.11
N ASN E 186 52.97 -24.39 -33.59
CA ASN E 186 52.84 -25.85 -33.50
C ASN E 186 52.57 -26.31 -32.07
N LYS E 187 51.90 -27.45 -31.94
CA LYS E 187 51.53 -28.03 -30.64
C LYS E 187 50.75 -27.01 -29.79
N VAL E 188 49.54 -26.72 -30.25
CA VAL E 188 48.74 -25.66 -29.65
C VAL E 188 47.92 -26.17 -28.46
N ILE E 189 47.38 -27.39 -28.56
CA ILE E 189 46.46 -27.93 -27.57
C ILE E 189 47.23 -28.70 -26.49
N THR E 190 46.62 -28.79 -25.30
CA THR E 190 47.28 -29.44 -24.17
C THR E 190 47.49 -30.93 -24.46
N LEU E 191 48.55 -31.48 -23.88
CA LEU E 191 49.07 -32.76 -24.36
C LEU E 191 48.02 -33.87 -24.26
N TRP E 192 47.29 -33.96 -23.14
CA TRP E 192 46.31 -35.04 -23.01
C TRP E 192 45.30 -35.06 -24.16
N TYR E 193 45.01 -33.89 -24.76
CA TYR E 193 44.04 -33.81 -25.85
C TYR E 193 44.67 -33.29 -27.14
N ARG E 194 45.98 -33.39 -27.31
CA ARG E 194 46.61 -32.77 -28.46
C ARG E 194 46.46 -33.66 -29.70
N PRO E 195 46.28 -33.09 -30.89
CA PRO E 195 46.16 -33.93 -32.09
C PRO E 195 47.51 -34.50 -32.48
N PRO E 196 47.52 -35.74 -33.00
CA PRO E 196 48.79 -36.36 -33.38
C PRO E 196 49.61 -35.58 -34.39
N GLU E 197 48.98 -35.04 -35.43
CA GLU E 197 49.71 -34.39 -36.51
C GLU E 197 50.61 -33.28 -35.98
N LEU E 198 50.14 -32.54 -34.98
CA LEU E 198 50.97 -31.48 -34.40
C LEU E 198 52.15 -32.04 -33.65
N LEU E 199 52.01 -33.23 -33.05
CA LEU E 199 53.15 -33.86 -32.40
C LEU E 199 54.27 -34.10 -33.41
N LEU E 200 53.91 -34.42 -34.65
CA LEU E 200 54.87 -34.71 -35.71
C LEU E 200 55.28 -33.45 -36.49
N GLY E 201 54.98 -32.27 -35.96
CA GLY E 201 55.52 -31.03 -36.47
C GLY E 201 54.73 -30.29 -37.53
N GLU E 202 53.43 -30.53 -37.65
CA GLU E 202 52.64 -29.81 -38.64
C GLU E 202 52.65 -28.32 -38.27
N GLU E 203 53.22 -27.47 -39.14
CA GLU E 203 53.22 -26.04 -38.89
C GLU E 203 52.08 -25.29 -39.57
N ARG E 204 51.35 -25.93 -40.49
CA ARG E 204 50.21 -25.34 -41.19
C ARG E 204 49.05 -26.34 -41.08
N TYR E 205 48.32 -26.27 -39.97
CA TYR E 205 47.32 -27.28 -39.64
C TYR E 205 45.92 -26.91 -40.10
N THR E 206 45.08 -27.93 -40.22
CA THR E 206 43.68 -27.81 -40.61
C THR E 206 42.81 -27.60 -39.38
N PRO E 207 41.52 -27.30 -39.59
CA PRO E 207 40.58 -27.29 -38.46
C PRO E 207 40.46 -28.64 -37.76
N ALA E 208 41.01 -29.72 -38.32
CA ALA E 208 40.87 -31.03 -37.71
C ALA E 208 41.39 -31.06 -36.27
N ILE E 209 42.34 -30.18 -35.93
CA ILE E 209 42.91 -30.21 -34.59
C ILE E 209 41.82 -30.16 -33.52
N ASP E 210 40.77 -29.38 -33.77
CA ASP E 210 39.72 -29.22 -32.78
C ASP E 210 38.73 -30.38 -32.75
N VAL E 211 38.59 -31.12 -33.84
CA VAL E 211 37.71 -32.29 -33.82
C VAL E 211 38.35 -33.40 -33.01
N TRP E 212 39.67 -33.57 -33.12
CA TRP E 212 40.36 -34.62 -32.35
C TRP E 212 40.15 -34.46 -30.86
N SER E 213 40.38 -33.24 -30.33
CA SER E 213 40.21 -33.03 -28.89
C SER E 213 38.80 -33.40 -28.46
N CYS E 214 37.80 -32.92 -29.19
CA CYS E 214 36.41 -33.24 -28.85
C CYS E 214 36.20 -34.75 -28.88
N GLY E 215 36.84 -35.44 -29.83
CA GLY E 215 36.75 -36.89 -29.85
C GLY E 215 37.37 -37.52 -28.63
N CYS E 216 38.56 -37.04 -28.23
CA CYS E 216 39.13 -37.47 -26.95
C CYS E 216 38.14 -37.26 -25.81
N ILE E 217 37.46 -36.11 -25.80
CA ILE E 217 36.45 -35.86 -24.76
C ILE E 217 35.31 -36.85 -24.87
N LEU E 218 34.85 -37.13 -26.10
CA LEU E 218 33.86 -38.19 -26.30
C LEU E 218 34.29 -39.48 -25.62
N GLY E 219 35.50 -39.95 -25.92
CA GLY E 219 35.98 -41.16 -25.26
C GLY E 219 36.11 -41.00 -23.77
N GLU E 220 36.56 -39.82 -23.33
CA GLU E 220 36.67 -39.55 -21.90
C GLU E 220 35.31 -39.54 -21.21
N LEU E 221 34.22 -39.34 -21.96
CA LEU E 221 32.90 -39.35 -21.36
C LEU E 221 32.33 -40.76 -21.20
N PHE E 222 32.81 -41.72 -21.98
CA PHE E 222 32.38 -43.11 -21.80
C PHE E 222 33.24 -43.86 -20.80
N THR E 223 34.53 -43.55 -20.73
CA THR E 223 35.40 -44.19 -19.76
C THR E 223 35.53 -43.40 -18.45
N LYS E 224 35.19 -42.10 -18.46
CA LYS E 224 35.34 -41.19 -17.33
C LYS E 224 36.80 -40.92 -17.02
N LYS E 225 37.72 -41.34 -17.89
CA LYS E 225 39.16 -41.15 -17.74
C LYS E 225 39.71 -40.68 -19.08
N PRO E 226 40.60 -39.69 -19.09
CA PRO E 226 41.20 -39.26 -20.35
C PRO E 226 41.84 -40.41 -21.12
N ILE E 227 41.58 -40.43 -22.43
CA ILE E 227 42.06 -41.54 -23.27
C ILE E 227 43.59 -41.58 -23.29
N PHE E 228 44.22 -40.43 -23.58
CA PHE E 228 45.68 -40.36 -23.67
C PHE E 228 46.22 -39.45 -22.58
N GLN E 229 47.00 -40.02 -21.67
CA GLN E 229 47.67 -39.25 -20.61
C GLN E 229 49.16 -39.49 -20.74
N ALA E 230 49.92 -38.42 -20.92
CA ALA E 230 51.37 -38.52 -21.08
C ALA E 230 52.02 -37.20 -20.72
N ASN E 231 53.34 -37.24 -20.57
CA ASN E 231 54.14 -36.08 -20.16
C ASN E 231 55.01 -35.47 -21.24
N LEU E 232 55.43 -36.25 -22.24
CA LEU E 232 56.28 -35.77 -23.33
C LEU E 232 55.73 -36.29 -24.66
N GLU E 233 55.94 -35.49 -25.71
CA GLU E 233 55.24 -35.71 -26.97
C GLU E 233 55.55 -37.08 -27.57
N LEU E 234 56.70 -37.67 -27.28
CA LEU E 234 56.98 -38.98 -27.87
C LEU E 234 56.25 -40.08 -27.11
N ALA E 235 56.05 -39.88 -25.80
CA ALA E 235 55.19 -40.80 -25.06
C ALA E 235 53.73 -40.68 -25.52
N GLN E 236 53.27 -39.45 -25.75
CA GLN E 236 51.90 -39.26 -26.24
C GLN E 236 51.71 -39.92 -27.61
N LEU E 237 52.65 -39.70 -28.53
CA LEU E 237 52.57 -40.35 -29.84
C LEU E 237 52.48 -41.86 -29.69
N GLU E 238 53.22 -42.43 -28.73
CA GLU E 238 53.20 -43.87 -28.53
C GLU E 238 51.80 -44.35 -28.12
N LEU E 239 51.16 -43.66 -27.18
CA LEU E 239 49.83 -44.07 -26.76
C LEU E 239 48.85 -44.00 -27.93
N ILE E 240 48.89 -42.91 -28.70
CA ILE E 240 48.04 -42.80 -29.87
C ILE E 240 48.27 -43.99 -30.80
N SER E 241 49.54 -44.37 -31.01
CA SER E 241 49.83 -45.46 -31.94
C SER E 241 49.28 -46.78 -31.45
N ARG E 242 49.32 -47.03 -30.13
CA ARG E 242 48.82 -48.28 -29.59
C ARG E 242 47.34 -48.45 -29.87
N LEU E 243 46.58 -47.35 -29.83
CA LEU E 243 45.14 -47.40 -30.02
C LEU E 243 44.73 -47.21 -31.49
N CYS E 244 45.25 -46.16 -32.12
CA CYS E 244 44.82 -45.81 -33.47
C CYS E 244 45.70 -46.40 -34.56
N GLY E 245 46.81 -47.03 -34.22
CA GLY E 245 47.74 -47.49 -35.22
C GLY E 245 48.87 -46.51 -35.43
N SER E 246 50.04 -47.02 -35.78
CA SER E 246 51.20 -46.15 -35.94
C SER E 246 51.04 -45.29 -37.18
N PRO E 247 51.40 -44.01 -37.12
CA PRO E 247 51.37 -43.19 -38.34
C PRO E 247 52.31 -43.77 -39.39
N CYS E 248 51.75 -44.11 -40.54
CA CYS E 248 52.52 -44.69 -41.64
C CYS E 248 51.88 -44.29 -42.94
N PRO E 249 52.64 -44.26 -44.04
CA PRO E 249 52.06 -43.86 -45.33
C PRO E 249 50.88 -44.72 -45.76
N ALA E 250 50.75 -45.94 -45.24
CA ALA E 250 49.67 -46.82 -45.67
C ALA E 250 48.31 -46.18 -45.38
N VAL E 251 48.13 -45.66 -44.18
CA VAL E 251 46.88 -44.99 -43.81
C VAL E 251 46.97 -43.47 -43.94
N TRP E 252 48.18 -42.90 -43.98
CA TRP E 252 48.40 -41.46 -43.94
C TRP E 252 49.42 -41.10 -45.01
N PRO E 253 48.97 -40.89 -46.25
CA PRO E 253 49.93 -40.75 -47.36
C PRO E 253 50.91 -39.60 -47.20
N ASP E 254 50.51 -38.49 -46.59
CA ASP E 254 51.37 -37.31 -46.49
C ASP E 254 52.09 -37.22 -45.15
N VAL E 255 52.11 -38.29 -44.36
CA VAL E 255 52.82 -38.25 -43.10
C VAL E 255 54.32 -38.08 -43.32
N ILE E 256 54.81 -38.57 -44.46
CA ILE E 256 56.25 -38.51 -44.76
C ILE E 256 56.72 -37.07 -44.86
N ARG E 257 55.82 -36.14 -45.18
CA ARG E 257 56.21 -34.74 -45.30
C ARG E 257 56.51 -34.10 -43.94
N LEU E 258 56.05 -34.69 -42.83
CA LEU E 258 56.14 -34.02 -41.55
C LEU E 258 57.56 -34.00 -41.00
N PRO E 259 57.91 -32.94 -40.24
CA PRO E 259 59.28 -32.83 -39.69
C PRO E 259 59.74 -34.01 -38.86
N TYR E 260 58.91 -34.54 -37.97
CA TYR E 260 59.34 -35.58 -37.04
C TYR E 260 58.73 -36.94 -37.36
N PHE E 261 58.45 -37.22 -38.63
CA PHE E 261 57.98 -38.55 -38.98
C PHE E 261 59.07 -39.57 -38.70
N ASN E 262 60.29 -39.30 -39.16
CA ASN E 262 61.43 -40.16 -38.86
C ASN E 262 61.93 -39.94 -37.44
N THR E 263 62.07 -38.69 -37.01
CA THR E 263 62.62 -38.41 -35.69
C THR E 263 61.75 -39.01 -34.59
N MET E 264 60.44 -38.75 -34.64
CA MET E 264 59.51 -39.31 -33.66
C MET E 264 58.92 -40.57 -34.29
N LYS E 265 59.41 -41.73 -33.87
CA LYS E 265 58.91 -43.00 -34.36
C LYS E 265 58.34 -43.78 -33.18
N PRO E 266 57.19 -44.43 -33.35
CA PRO E 266 56.65 -45.26 -32.26
C PRO E 266 57.50 -46.51 -32.07
N LYS E 267 57.37 -47.09 -30.88
CA LYS E 267 58.16 -48.28 -30.55
C LYS E 267 57.97 -49.37 -31.60
N LYS E 268 56.73 -49.58 -32.04
CA LYS E 268 56.41 -50.55 -33.06
C LYS E 268 55.54 -49.89 -34.13
N GLN E 269 55.26 -50.65 -35.19
CA GLN E 269 54.25 -50.28 -36.18
C GLN E 269 52.95 -50.97 -35.79
N TYR E 270 52.26 -50.35 -34.83
CA TYR E 270 51.04 -50.93 -34.28
C TYR E 270 49.89 -50.91 -35.28
N ARG E 271 49.04 -51.92 -35.19
CA ARG E 271 47.79 -51.93 -35.94
C ARG E 271 46.73 -51.18 -35.13
N ARG E 272 45.68 -50.74 -35.82
CA ARG E 272 44.60 -50.03 -35.15
C ARG E 272 43.78 -51.00 -34.31
N ARG E 273 43.53 -50.63 -33.04
CA ARG E 273 42.76 -51.47 -32.15
C ARG E 273 41.59 -50.71 -31.52
N LEU E 274 41.26 -49.53 -32.02
CA LEU E 274 40.28 -48.67 -31.37
C LEU E 274 38.95 -49.40 -31.15
N ARG E 275 38.41 -49.99 -32.21
CA ARG E 275 37.11 -50.62 -32.09
C ARG E 275 37.12 -51.75 -31.07
N GLU E 276 38.24 -52.46 -30.98
CA GLU E 276 38.34 -53.55 -30.01
C GLU E 276 38.37 -52.98 -28.59
N GLU E 277 39.20 -51.98 -28.35
CA GLU E 277 39.39 -51.45 -27.00
C GLU E 277 38.15 -50.74 -26.47
N PHE E 278 37.33 -50.17 -27.34
CA PHE E 278 36.11 -49.47 -26.93
C PHE E 278 34.85 -50.26 -27.23
N SER E 279 34.92 -51.60 -27.15
CA SER E 279 33.77 -52.43 -27.51
C SER E 279 32.54 -52.11 -26.68
N PHE E 280 32.72 -51.63 -25.44
CA PHE E 280 31.57 -51.34 -24.58
C PHE E 280 30.81 -50.08 -25.01
N ILE E 281 31.36 -49.28 -25.90
CA ILE E 281 30.64 -48.08 -26.35
C ILE E 281 29.53 -48.50 -27.31
N PRO E 282 28.37 -47.85 -27.29
CA PRO E 282 27.33 -48.20 -28.27
C PRO E 282 27.83 -48.04 -29.69
N SER E 283 27.29 -48.88 -30.58
CA SER E 283 27.81 -48.95 -31.94
C SER E 283 27.67 -47.62 -32.67
N ALA E 284 26.64 -46.84 -32.34
CA ALA E 284 26.45 -45.57 -33.02
C ALA E 284 27.51 -44.56 -32.59
N ALA E 285 27.85 -44.55 -31.30
CA ALA E 285 28.88 -43.65 -30.80
C ALA E 285 30.27 -44.14 -31.18
N LEU E 286 30.49 -45.46 -31.12
CA LEU E 286 31.80 -46.01 -31.47
C LEU E 286 32.19 -45.60 -32.89
N ASP E 287 31.25 -45.64 -33.82
CA ASP E 287 31.53 -45.23 -35.19
C ASP E 287 31.95 -43.76 -35.23
N LEU E 288 31.29 -42.91 -34.44
CA LEU E 288 31.70 -41.51 -34.36
C LEU E 288 33.13 -41.39 -33.83
N LEU E 289 33.45 -42.15 -32.78
CA LEU E 289 34.81 -42.10 -32.24
C LEU E 289 35.83 -42.53 -33.29
N ASP E 290 35.53 -43.60 -34.02
CA ASP E 290 36.47 -44.10 -35.01
C ASP E 290 36.85 -43.02 -36.02
N HIS E 291 35.87 -42.22 -36.46
CA HIS E 291 36.13 -41.21 -37.48
C HIS E 291 36.82 -39.98 -36.90
N MET E 292 36.37 -39.51 -35.73
CA MET E 292 37.03 -38.36 -35.13
C MET E 292 38.48 -38.66 -34.80
N LEU E 293 38.78 -39.89 -34.38
CA LEU E 293 40.15 -40.27 -34.05
C LEU E 293 40.84 -40.99 -35.20
N THR E 294 40.78 -40.40 -36.39
CA THR E 294 41.47 -40.92 -37.56
C THR E 294 42.79 -40.18 -37.70
N LEU E 295 43.85 -40.94 -37.97
CA LEU E 295 45.20 -40.38 -37.92
C LEU E 295 45.36 -39.26 -38.95
N ASP E 296 45.03 -39.52 -40.20
CA ASP E 296 45.26 -38.55 -41.25
C ASP E 296 44.26 -37.41 -41.15
N PRO E 297 44.69 -36.16 -40.96
CA PRO E 297 43.71 -35.06 -40.88
C PRO E 297 42.86 -34.93 -42.12
N SER E 298 43.39 -35.30 -43.29
CA SER E 298 42.59 -35.24 -44.50
C SER E 298 41.49 -36.28 -44.53
N LYS E 299 41.65 -37.37 -43.78
CA LYS E 299 40.62 -38.40 -43.63
C LYS E 299 39.78 -38.22 -42.37
N ARG E 300 40.19 -37.37 -41.44
CA ARG E 300 39.41 -37.13 -40.24
C ARG E 300 38.10 -36.43 -40.55
N CYS E 301 37.03 -36.88 -39.90
CA CYS E 301 35.73 -36.29 -40.15
C CYS E 301 35.70 -34.84 -39.70
N THR E 302 34.80 -34.07 -40.30
CA THR E 302 34.66 -32.66 -39.95
C THR E 302 33.58 -32.48 -38.89
N ALA E 303 33.44 -31.25 -38.40
CA ALA E 303 32.38 -30.96 -37.44
C ALA E 303 31.01 -31.20 -38.06
N GLU E 304 30.80 -30.68 -39.28
CA GLU E 304 29.52 -30.89 -39.94
C GLU E 304 29.21 -32.38 -40.08
N GLN E 305 30.22 -33.18 -40.41
CA GLN E 305 29.98 -34.60 -40.61
C GLN E 305 29.54 -35.30 -39.33
N THR E 306 30.08 -34.88 -38.17
CA THR E 306 29.68 -35.48 -36.91
C THR E 306 28.21 -35.18 -36.59
N LEU E 307 27.75 -33.97 -36.92
CA LEU E 307 26.33 -33.67 -36.75
C LEU E 307 25.45 -34.55 -37.64
N GLN E 308 25.94 -34.89 -38.83
CA GLN E 308 25.28 -35.85 -39.69
C GLN E 308 25.72 -37.25 -39.35
N SER E 309 25.85 -37.51 -38.05
CA SER E 309 26.25 -38.83 -37.58
C SER E 309 25.06 -39.53 -36.98
N ASP E 310 25.12 -40.85 -37.07
CA ASP E 310 24.10 -41.73 -36.54
C ASP E 310 23.93 -41.59 -35.05
N PHE E 311 24.99 -41.18 -34.36
CA PHE E 311 24.90 -40.95 -32.92
C PHE E 311 24.20 -39.63 -32.61
N LEU E 312 24.41 -38.61 -33.44
CA LEU E 312 23.95 -37.25 -33.16
C LEU E 312 22.86 -36.77 -34.10
N LYS E 313 22.65 -37.45 -35.23
CA LYS E 313 21.79 -36.92 -36.29
C LYS E 313 20.39 -36.63 -35.76
N ASP E 314 19.80 -37.57 -35.02
CA ASP E 314 18.42 -37.43 -34.58
C ASP E 314 18.32 -37.00 -33.12
N VAL E 315 19.37 -36.45 -32.55
CA VAL E 315 19.30 -35.90 -31.21
C VAL E 315 18.63 -34.54 -31.28
N GLU E 316 17.73 -34.28 -30.33
CA GLU E 316 16.93 -33.06 -30.35
C GLU E 316 17.40 -32.18 -29.19
N LEU E 317 17.84 -30.97 -29.52
CA LEU E 317 18.29 -30.06 -28.47
C LEU E 317 17.13 -29.64 -27.57
N SER E 318 15.90 -29.61 -28.10
CA SER E 318 14.76 -29.19 -27.29
C SER E 318 14.72 -29.95 -25.98
N LYS E 319 15.06 -31.24 -26.02
CA LYS E 319 15.22 -32.06 -24.81
C LYS E 319 16.66 -31.89 -24.32
N MET E 320 16.86 -31.04 -23.33
CA MET E 320 18.22 -30.76 -22.85
C MET E 320 18.89 -31.98 -22.25
N ALA E 321 18.16 -32.78 -21.46
CA ALA E 321 18.74 -33.97 -20.84
C ALA E 321 19.91 -33.60 -19.93
N PRO E 322 19.68 -32.86 -18.85
CA PRO E 322 20.79 -32.38 -17.99
C PRO E 322 21.54 -33.51 -17.32
N PRO E 323 22.86 -33.38 -17.15
CA PRO E 323 23.63 -34.41 -16.44
C PRO E 323 23.28 -34.49 -14.96
N ASP E 324 23.42 -35.69 -14.40
CA ASP E 324 23.05 -35.97 -13.02
C ASP E 324 24.18 -35.65 -12.04
N LEU E 325 23.86 -34.92 -10.98
CA LEU E 325 24.79 -34.55 -9.92
C LEU E 325 24.32 -35.08 -8.56
N PRO E 326 25.16 -35.84 -7.83
CA PRO E 326 24.70 -36.41 -6.56
C PRO E 326 24.11 -35.40 -5.56
N HIS E 327 24.80 -34.27 -5.35
CA HIS E 327 24.38 -33.20 -4.43
C HIS E 327 24.15 -33.73 -3.01
N TRP E 328 23.00 -33.46 -2.40
CA TRP E 328 22.80 -33.69 -0.98
C TRP E 328 22.85 -35.17 -0.59
N GLN E 329 22.27 -36.04 -1.41
CA GLN E 329 22.20 -37.46 -1.06
C GLN E 329 23.60 -38.03 -0.77
N ASP E 330 24.55 -37.82 -1.69
CA ASP E 330 25.89 -38.36 -1.52
C ASP E 330 26.81 -37.46 -0.69
N CYS E 331 26.34 -36.28 -0.28
CA CYS E 331 27.11 -35.44 0.63
C CYS E 331 27.63 -36.25 1.81
N THR F 24 23.63 -3.98 -30.17
CA THR F 24 24.68 -4.99 -30.20
C THR F 24 26.03 -4.35 -30.52
N LYS F 25 26.24 -4.00 -31.80
CA LYS F 25 27.48 -3.39 -32.27
C LYS F 25 27.28 -1.90 -32.53
N PRO F 26 28.28 -1.07 -32.30
CA PRO F 26 28.10 0.37 -32.42
C PRO F 26 28.10 0.81 -33.88
N CYS F 27 27.56 2.01 -34.10
CA CYS F 27 27.48 2.59 -35.44
C CYS F 27 28.68 3.48 -35.67
N TRP F 28 29.44 3.18 -36.72
CA TRP F 28 30.70 3.85 -37.01
C TRP F 28 30.60 4.72 -38.25
N TYR F 29 29.40 5.20 -38.59
CA TYR F 29 29.19 5.98 -39.79
C TYR F 29 28.46 7.28 -39.46
N TRP F 30 28.95 8.37 -40.01
CA TRP F 30 28.40 9.71 -39.84
C TRP F 30 27.99 10.26 -41.21
N ASP F 31 27.26 11.37 -41.19
CA ASP F 31 26.95 12.12 -42.40
C ASP F 31 28.00 13.19 -42.60
N LYS F 32 28.29 13.51 -43.87
CA LYS F 32 29.28 14.55 -44.16
C LYS F 32 28.97 15.83 -43.40
N LYS F 33 27.70 16.23 -43.36
CA LYS F 33 27.33 17.46 -42.67
C LYS F 33 27.76 17.44 -41.21
N ASP F 34 27.88 16.23 -40.63
CA ASP F 34 28.30 16.12 -39.23
C ASP F 34 29.79 16.42 -39.06
N LEU F 35 30.60 16.27 -40.11
CA LEU F 35 32.02 16.51 -39.98
C LEU F 35 32.35 17.98 -39.74
N ALA F 36 31.37 18.88 -39.88
CA ALA F 36 31.55 20.26 -39.48
C ALA F 36 31.49 20.43 -37.98
N HIS F 37 31.25 19.34 -37.22
CA HIS F 37 31.06 19.40 -35.78
C HIS F 37 31.93 18.37 -35.06
N THR F 38 33.09 18.05 -35.62
CA THR F 38 34.04 17.22 -34.90
C THR F 38 34.67 18.03 -33.76
N PRO F 39 35.18 17.36 -32.73
CA PRO F 39 35.91 18.09 -31.69
C PRO F 39 36.96 19.04 -32.25
N SER F 40 37.67 18.61 -33.29
CA SER F 40 38.70 19.47 -33.90
C SER F 40 38.09 20.75 -34.44
N GLN F 41 36.99 20.63 -35.19
CA GLN F 41 36.33 21.81 -35.73
C GLN F 41 35.91 22.76 -34.61
N LEU F 42 35.33 22.22 -33.55
CA LEU F 42 34.77 23.04 -32.49
C LEU F 42 35.85 23.65 -31.60
N GLU F 43 37.09 23.19 -31.70
CA GLU F 43 38.20 23.85 -31.03
C GLU F 43 38.90 24.88 -31.92
N GLY F 44 38.25 25.29 -33.00
CA GLY F 44 38.78 26.36 -33.84
C GLY F 44 39.54 25.91 -35.07
N LEU F 45 39.71 24.61 -35.27
CA LEU F 45 40.36 24.11 -36.48
C LEU F 45 39.42 24.24 -37.67
N ASP F 46 39.92 24.75 -38.78
CA ASP F 46 39.05 24.98 -39.93
C ASP F 46 38.94 23.71 -40.78
N PRO F 47 37.95 23.64 -41.67
CA PRO F 47 37.73 22.39 -42.40
C PRO F 47 38.94 21.92 -43.18
N ALA F 48 39.63 22.83 -43.86
CA ALA F 48 40.77 22.41 -44.66
C ALA F 48 41.85 21.78 -43.79
N THR F 49 42.12 22.37 -42.63
CA THR F 49 43.21 21.89 -41.79
C THR F 49 42.95 20.47 -41.30
N GLU F 50 41.74 20.22 -40.79
CA GLU F 50 41.45 18.87 -40.30
C GLU F 50 41.57 17.85 -41.42
N ALA F 51 41.06 18.17 -42.61
CA ALA F 51 41.16 17.23 -43.72
C ALA F 51 42.61 16.87 -43.98
N ARG F 52 43.49 17.87 -43.99
CA ARG F 52 44.92 17.62 -44.16
C ARG F 52 45.49 16.78 -43.03
N TYR F 53 45.09 17.06 -41.78
CA TYR F 53 45.58 16.26 -40.67
C TYR F 53 45.20 14.79 -40.86
N ARG F 54 44.03 14.53 -41.44
CA ARG F 54 43.64 13.15 -41.71
C ARG F 54 44.48 12.57 -42.84
N ARG F 55 44.74 13.35 -43.89
CA ARG F 55 45.60 12.86 -44.96
C ARG F 55 47.01 12.58 -44.46
N GLU F 56 47.60 13.54 -43.73
CA GLU F 56 48.97 13.35 -43.24
C GLU F 56 49.03 12.15 -42.31
N GLY F 57 48.06 12.01 -41.42
CA GLY F 57 48.05 10.86 -40.52
C GLY F 57 47.87 9.56 -41.27
N ALA F 58 46.89 9.51 -42.17
CA ALA F 58 46.68 8.31 -42.96
C ALA F 58 47.97 7.92 -43.70
N ARG F 59 48.55 8.87 -44.45
CA ARG F 59 49.74 8.55 -45.21
C ARG F 59 50.91 8.17 -44.32
N PHE F 60 51.03 8.82 -43.15
CA PHE F 60 52.05 8.45 -42.18
C PHE F 60 51.90 6.98 -41.78
N ILE F 61 50.68 6.58 -41.43
CA ILE F 61 50.44 5.17 -41.09
C ILE F 61 50.75 4.30 -42.30
N PHE F 62 50.30 4.72 -43.48
CA PHE F 62 50.51 3.92 -44.69
C PHE F 62 51.99 3.72 -44.96
N ASP F 63 52.75 4.82 -44.96
CA ASP F 63 54.17 4.73 -45.27
C ASP F 63 54.94 4.01 -44.18
N VAL F 64 54.63 4.30 -42.92
CA VAL F 64 55.33 3.64 -41.82
C VAL F 64 55.14 2.13 -41.90
N GLY F 65 53.88 1.69 -42.07
CA GLY F 65 53.62 0.27 -42.18
C GLY F 65 54.19 -0.32 -43.45
N THR F 66 54.19 0.43 -44.55
CA THR F 66 54.79 -0.07 -45.78
C THR F 66 56.27 -0.33 -45.59
N ARG F 67 56.97 0.60 -44.92
CA ARG F 67 58.38 0.41 -44.64
C ARG F 67 58.60 -0.82 -43.77
N LEU F 68 57.70 -1.09 -42.83
CA LEU F 68 57.79 -2.25 -41.96
C LEU F 68 57.30 -3.53 -42.64
N GLY F 69 56.88 -3.46 -43.90
CA GLY F 69 56.49 -4.66 -44.63
C GLY F 69 55.15 -5.23 -44.21
N LEU F 70 54.19 -4.39 -43.88
CA LEU F 70 52.92 -4.85 -43.33
C LEU F 70 51.89 -5.14 -44.42
N HIS F 71 51.08 -6.16 -44.15
CA HIS F 71 49.96 -6.52 -45.02
C HIS F 71 49.02 -5.33 -45.20
N TYR F 72 48.36 -5.29 -46.37
CA TYR F 72 47.55 -4.12 -46.69
C TYR F 72 46.37 -3.97 -45.73
N ASP F 73 45.79 -5.08 -45.27
CA ASP F 73 44.71 -4.99 -44.28
C ASP F 73 45.20 -4.31 -43.00
N THR F 74 46.43 -4.62 -42.59
CA THR F 74 46.95 -4.03 -41.36
C THR F 74 47.04 -2.51 -41.47
N LEU F 75 47.50 -2.02 -42.62
CA LEU F 75 47.58 -0.57 -42.81
C LEU F 75 46.20 0.06 -42.70
N ALA F 76 45.22 -0.52 -43.39
CA ALA F 76 43.88 0.04 -43.40
C ALA F 76 43.27 0.05 -42.01
N THR F 77 43.40 -1.07 -41.28
CA THR F 77 42.82 -1.13 -39.94
C THR F 77 43.33 0.01 -39.08
N GLY F 78 44.65 0.23 -39.08
CA GLY F 78 45.20 1.35 -38.33
C GLY F 78 44.64 2.69 -38.78
N ILE F 79 44.47 2.86 -40.09
CA ILE F 79 43.98 4.13 -40.59
C ILE F 79 42.54 4.36 -40.16
N ILE F 80 41.73 3.30 -40.14
CA ILE F 80 40.33 3.46 -39.73
C ILE F 80 40.24 3.70 -38.23
N TYR F 81 41.05 2.99 -37.43
CA TYR F 81 41.14 3.36 -36.03
C TYR F 81 41.47 4.84 -35.90
N PHE F 82 42.47 5.28 -36.67
CA PHE F 82 42.91 6.67 -36.63
C PHE F 82 41.77 7.61 -36.98
N HIS F 83 41.08 7.35 -38.09
CA HIS F 83 39.97 8.22 -38.47
C HIS F 83 38.90 8.25 -37.39
N ARG F 84 38.54 7.09 -36.84
CA ARG F 84 37.52 7.05 -35.80
C ARG F 84 37.97 7.81 -34.56
N PHE F 85 39.25 7.68 -34.19
CA PHE F 85 39.76 8.34 -33.00
C PHE F 85 39.42 9.83 -33.00
N TYR F 86 39.65 10.50 -34.12
CA TYR F 86 39.45 11.94 -34.21
C TYR F 86 38.02 12.34 -34.53
N MET F 87 37.08 11.41 -34.40
CA MET F 87 35.67 11.75 -34.23
C MET F 87 35.32 11.97 -32.77
N PHE F 88 36.19 11.58 -31.85
CA PHE F 88 35.95 11.70 -30.43
C PHE F 88 36.95 12.60 -29.72
N HIS F 89 37.99 13.06 -30.41
CA HIS F 89 39.01 13.89 -29.80
C HIS F 89 39.46 14.95 -30.80
N SER F 90 40.20 15.93 -30.30
CA SER F 90 40.67 17.03 -31.12
C SER F 90 42.11 16.81 -31.52
N PHE F 91 42.45 17.22 -32.75
CA PHE F 91 43.83 17.17 -33.20
C PHE F 91 44.72 18.07 -32.35
N LYS F 92 44.14 19.06 -31.68
CA LYS F 92 44.91 19.95 -30.83
C LYS F 92 45.31 19.31 -29.51
N GLN F 93 44.62 18.25 -29.09
CA GLN F 93 44.90 17.60 -27.82
C GLN F 93 45.67 16.29 -27.97
N PHE F 94 45.66 15.69 -29.16
CA PHE F 94 46.36 14.43 -29.41
C PHE F 94 47.19 14.56 -30.67
N PRO F 95 48.51 14.65 -30.59
CA PRO F 95 49.32 14.69 -31.81
C PRO F 95 48.97 13.55 -32.75
N ARG F 96 48.72 13.89 -34.01
CA ARG F 96 48.21 12.91 -34.97
C ARG F 96 49.22 11.80 -35.22
N TYR F 97 50.50 12.15 -35.32
CA TYR F 97 51.49 11.12 -35.65
C TYR F 97 51.66 10.15 -34.48
N VAL F 98 51.64 10.65 -33.24
CA VAL F 98 51.66 9.76 -32.08
C VAL F 98 50.46 8.83 -32.11
N THR F 99 49.27 9.40 -32.28
CA THR F 99 48.06 8.58 -32.45
C THR F 99 48.24 7.58 -33.59
N GLY F 100 48.75 8.05 -34.73
CA GLY F 100 48.97 7.15 -35.85
C GLY F 100 49.81 5.95 -35.49
N ALA F 101 50.96 6.18 -34.86
CA ALA F 101 51.82 5.07 -34.46
C ALA F 101 51.07 4.11 -33.54
N CYS F 102 50.28 4.65 -32.61
CA CYS F 102 49.50 3.81 -31.71
C CYS F 102 48.47 2.98 -32.48
N CYS F 103 47.77 3.61 -33.43
CA CYS F 103 46.82 2.89 -34.25
C CYS F 103 47.49 1.74 -34.99
N LEU F 104 48.64 2.02 -35.63
CA LEU F 104 49.34 0.96 -36.34
C LEU F 104 49.79 -0.13 -35.38
N PHE F 105 50.32 0.25 -34.22
CA PHE F 105 50.74 -0.72 -33.23
C PHE F 105 49.61 -1.68 -32.88
N LEU F 106 48.48 -1.13 -32.44
CA LEU F 106 47.32 -1.97 -32.13
C LEU F 106 46.89 -2.77 -33.36
N ALA F 107 46.81 -2.12 -34.52
CA ALA F 107 46.35 -2.80 -35.72
C ALA F 107 47.16 -4.07 -35.95
N GLY F 108 48.48 -4.01 -35.73
CA GLY F 108 49.32 -5.18 -35.91
C GLY F 108 48.87 -6.35 -35.04
N LYS F 109 48.55 -6.08 -33.78
CA LYS F 109 48.07 -7.15 -32.91
C LYS F 109 46.70 -7.66 -33.35
N VAL F 110 45.81 -6.75 -33.75
CA VAL F 110 44.47 -7.16 -34.16
C VAL F 110 44.55 -8.08 -35.39
N GLU F 111 45.31 -7.66 -36.40
CA GLU F 111 45.35 -8.38 -37.67
C GLU F 111 46.39 -9.49 -37.69
N GLU F 112 47.01 -9.80 -36.55
CA GLU F 112 47.98 -10.90 -36.45
C GLU F 112 49.21 -10.66 -37.32
N THR F 113 49.60 -9.40 -37.47
CA THR F 113 50.85 -9.03 -38.12
C THR F 113 51.62 -8.13 -37.15
N PRO F 114 51.94 -8.64 -35.97
CA PRO F 114 52.46 -7.76 -34.91
C PRO F 114 53.87 -7.27 -35.20
N LYS F 115 54.15 -6.06 -34.71
CA LYS F 115 55.47 -5.47 -34.74
C LYS F 115 55.73 -4.84 -33.38
N LYS F 116 57.00 -4.81 -32.98
CA LYS F 116 57.35 -4.23 -31.69
C LYS F 116 57.23 -2.72 -31.75
N CYS F 117 56.76 -2.13 -30.65
CA CYS F 117 56.55 -0.69 -30.62
C CYS F 117 57.86 0.06 -30.95
N LYS F 118 59.00 -0.47 -30.50
CA LYS F 118 60.27 0.20 -30.75
C LYS F 118 60.57 0.27 -32.24
N ASP F 119 60.11 -0.72 -33.01
CA ASP F 119 60.36 -0.70 -34.46
C ASP F 119 59.53 0.38 -35.13
N ILE F 120 58.29 0.58 -34.67
CA ILE F 120 57.44 1.62 -35.26
C ILE F 120 58.06 2.99 -35.02
N ILE F 121 58.55 3.23 -33.80
CA ILE F 121 59.18 4.51 -33.49
C ILE F 121 60.41 4.73 -34.37
N LYS F 122 61.25 3.70 -34.50
CA LYS F 122 62.43 3.82 -35.36
C LYS F 122 62.02 4.25 -36.77
N THR F 123 61.00 3.61 -37.32
CA THR F 123 60.54 3.96 -38.67
C THR F 123 59.95 5.36 -38.70
N ALA F 124 59.18 5.73 -37.67
CA ALA F 124 58.58 7.06 -37.65
C ALA F 124 59.66 8.14 -37.65
N ARG F 125 60.74 7.93 -36.91
CA ARG F 125 61.81 8.92 -36.89
C ARG F 125 62.42 9.03 -38.29
N SER F 126 62.50 7.91 -39.00
CA SER F 126 63.04 7.93 -40.35
C SER F 126 62.21 8.81 -41.28
N LEU F 127 60.88 8.80 -41.10
CA LEU F 127 60.00 9.50 -42.02
C LEU F 127 59.57 10.90 -41.55
N LEU F 128 59.76 11.23 -40.29
CA LEU F 128 59.34 12.53 -39.76
C LEU F 128 60.56 13.43 -39.59
N ASN F 129 60.35 14.73 -39.83
CA ASN F 129 61.40 15.70 -39.57
C ASN F 129 61.50 15.97 -38.07
N ASP F 130 62.38 16.90 -37.69
CA ASP F 130 62.59 17.17 -36.28
C ASP F 130 61.36 17.83 -35.66
N VAL F 131 60.74 18.76 -36.38
CA VAL F 131 59.53 19.41 -35.85
C VAL F 131 58.43 18.38 -35.64
N GLN F 132 58.23 17.51 -36.62
CA GLN F 132 57.16 16.53 -36.55
C GLN F 132 57.39 15.53 -35.43
N PHE F 133 58.61 14.99 -35.33
CA PHE F 133 58.90 14.02 -34.29
C PHE F 133 58.89 14.61 -32.89
N GLY F 134 58.87 15.94 -32.76
CA GLY F 134 58.74 16.53 -31.44
C GLY F 134 57.46 16.13 -30.73
N GLN F 135 56.44 15.73 -31.49
CA GLN F 135 55.19 15.28 -30.89
C GLN F 135 55.42 14.10 -29.96
N PHE F 136 56.37 13.24 -30.27
CA PHE F 136 56.62 12.07 -29.44
C PHE F 136 57.31 12.42 -28.12
N GLY F 137 57.89 13.61 -28.02
CA GLY F 137 58.45 14.03 -26.75
C GLY F 137 59.74 13.30 -26.39
N ASP F 138 60.03 13.29 -25.09
CA ASP F 138 61.30 12.75 -24.62
C ASP F 138 61.32 11.23 -24.72
N ASP F 139 60.21 10.56 -24.39
CA ASP F 139 60.12 9.10 -24.45
C ASP F 139 59.06 8.71 -25.47
N PRO F 140 59.45 8.52 -26.73
CA PRO F 140 58.44 8.18 -27.75
C PRO F 140 57.64 6.92 -27.44
N LYS F 141 58.32 5.82 -27.12
CA LYS F 141 57.60 4.57 -26.88
C LYS F 141 56.52 4.78 -25.83
N GLU F 142 56.86 5.48 -24.74
CA GLU F 142 55.90 5.70 -23.67
C GLU F 142 54.67 6.44 -24.18
N GLU F 143 54.88 7.54 -24.92
CA GLU F 143 53.74 8.30 -25.42
C GLU F 143 52.81 7.44 -26.26
N VAL F 144 53.36 6.46 -26.99
CA VAL F 144 52.53 5.59 -27.80
C VAL F 144 51.85 4.53 -26.93
N MET F 145 52.63 3.85 -26.09
CA MET F 145 52.07 2.79 -25.25
C MET F 145 50.98 3.33 -24.34
N VAL F 146 51.19 4.54 -23.80
CA VAL F 146 50.19 5.15 -22.94
C VAL F 146 48.88 5.33 -23.71
N LEU F 147 48.96 5.78 -24.96
CA LEU F 147 47.75 6.11 -25.72
C LEU F 147 46.89 4.89 -26.01
N GLU F 148 47.46 3.68 -25.97
CA GLU F 148 46.69 2.50 -26.35
C GLU F 148 45.40 2.38 -25.52
N ARG F 149 45.48 2.67 -24.21
CA ARG F 149 44.28 2.61 -23.38
C ARG F 149 43.18 3.50 -23.97
N ILE F 150 43.50 4.77 -24.23
CA ILE F 150 42.50 5.69 -24.77
C ILE F 150 42.00 5.17 -26.11
N LEU F 151 42.91 4.71 -26.96
CA LEU F 151 42.50 4.19 -28.26
C LEU F 151 41.45 3.08 -28.10
N LEU F 152 41.75 2.08 -27.27
CA LEU F 152 40.83 0.97 -27.10
C LEU F 152 39.48 1.46 -26.59
N GLN F 153 39.47 2.32 -25.56
CA GLN F 153 38.20 2.86 -25.11
C GLN F 153 37.48 3.62 -26.21
N THR F 154 38.22 4.41 -27.00
CA THR F 154 37.57 5.25 -28.02
C THR F 154 36.89 4.41 -29.08
N ILE F 155 37.58 3.38 -29.61
CA ILE F 155 36.99 2.52 -30.63
C ILE F 155 36.04 1.51 -30.01
N LYS F 156 35.78 1.65 -28.70
CA LYS F 156 34.76 0.84 -28.04
C LYS F 156 35.08 -0.65 -28.12
N PHE F 157 36.36 -0.98 -28.22
CA PHE F 157 36.84 -2.36 -28.27
C PHE F 157 36.23 -3.14 -29.44
N ASP F 158 35.69 -2.43 -30.43
CA ASP F 158 35.22 -3.06 -31.66
C ASP F 158 36.41 -3.16 -32.61
N LEU F 159 37.22 -4.19 -32.38
CA LEU F 159 38.49 -4.31 -33.09
C LEU F 159 38.32 -4.86 -34.50
N GLN F 160 37.28 -5.67 -34.74
CA GLN F 160 37.12 -6.25 -36.07
C GLN F 160 36.71 -5.16 -37.07
N VAL F 161 37.49 -4.99 -38.13
CA VAL F 161 37.22 -4.04 -39.18
C VAL F 161 37.42 -4.73 -40.53
N GLU F 162 36.47 -4.55 -41.44
CA GLU F 162 36.60 -4.99 -42.82
C GLU F 162 36.83 -3.80 -43.75
N HIS F 163 37.47 -4.07 -44.88
CA HIS F 163 37.95 -3.04 -45.79
C HIS F 163 37.45 -3.29 -47.19
N PRO F 164 37.38 -2.25 -48.03
CA PRO F 164 36.87 -2.44 -49.39
C PRO F 164 37.63 -3.49 -50.19
N TYR F 165 38.88 -3.80 -49.82
CA TYR F 165 39.68 -4.70 -50.64
C TYR F 165 39.00 -6.05 -50.84
N GLN F 166 38.58 -6.69 -49.74
CA GLN F 166 38.05 -8.05 -49.88
C GLN F 166 36.80 -8.05 -50.75
N PHE F 167 36.00 -6.99 -50.69
CA PHE F 167 34.79 -6.93 -51.51
C PHE F 167 35.11 -6.59 -52.94
N LEU F 168 36.13 -5.77 -53.19
CA LEU F 168 36.55 -5.51 -54.56
C LEU F 168 36.95 -6.81 -55.25
N LEU F 169 37.59 -7.70 -54.51
CA LEU F 169 37.99 -8.99 -55.08
C LEU F 169 36.81 -9.95 -55.15
N LYS F 170 36.00 -10.02 -54.09
CA LYS F 170 34.84 -10.90 -54.09
C LYS F 170 33.96 -10.61 -55.30
N TYR F 171 33.77 -9.33 -55.61
CA TYR F 171 32.92 -8.97 -56.75
C TYR F 171 33.63 -9.23 -58.07
N ALA F 172 34.94 -8.95 -58.13
CA ALA F 172 35.68 -9.16 -59.37
C ALA F 172 35.66 -10.61 -59.82
N LYS F 173 35.72 -11.56 -58.87
CA LYS F 173 35.74 -12.96 -59.26
C LYS F 173 34.46 -13.37 -59.95
N GLN F 174 33.36 -12.67 -59.72
CA GLN F 174 32.10 -12.99 -60.37
C GLN F 174 31.96 -12.35 -61.74
N LEU F 175 32.95 -11.60 -62.20
CA LEU F 175 32.96 -11.06 -63.55
C LEU F 175 33.61 -12.09 -64.47
N LYS F 176 32.94 -12.40 -65.56
CA LYS F 176 33.40 -13.41 -66.50
C LYS F 176 33.66 -12.72 -67.84
N GLY F 177 34.77 -13.06 -68.46
CA GLY F 177 35.16 -12.46 -69.71
C GLY F 177 36.67 -12.42 -69.78
N ASP F 178 37.17 -11.48 -70.58
CA ASP F 178 38.61 -11.35 -70.74
C ASP F 178 39.26 -11.08 -69.39
N LYS F 179 40.08 -12.02 -68.92
CA LYS F 179 40.75 -11.86 -67.64
C LYS F 179 41.56 -10.57 -67.62
N ASN F 180 42.15 -10.22 -68.76
CA ASN F 180 42.98 -9.02 -68.86
C ASN F 180 42.14 -7.75 -68.74
N LYS F 181 40.95 -7.74 -69.32
CA LYS F 181 40.09 -6.57 -69.20
C LYS F 181 39.72 -6.31 -67.74
N ILE F 182 39.40 -7.38 -67.01
CA ILE F 182 38.97 -7.25 -65.63
C ILE F 182 40.14 -6.79 -64.78
N GLN F 183 41.36 -7.20 -65.14
CA GLN F 183 42.52 -6.90 -64.31
C GLN F 183 42.83 -5.40 -64.30
N LYS F 184 42.72 -4.73 -65.44
CA LYS F 184 42.94 -3.29 -65.44
C LYS F 184 41.91 -2.60 -64.55
N LEU F 185 40.65 -3.06 -64.60
CA LEU F 185 39.63 -2.51 -63.71
C LEU F 185 40.02 -2.70 -62.26
N VAL F 186 40.48 -3.89 -61.90
CA VAL F 186 40.78 -4.18 -60.51
C VAL F 186 41.91 -3.27 -60.00
N GLN F 187 43.03 -3.25 -60.71
CA GLN F 187 44.17 -2.48 -60.22
C GLN F 187 43.80 -1.02 -60.04
N MET F 188 43.14 -0.43 -61.03
CA MET F 188 42.73 0.96 -60.89
C MET F 188 41.79 1.15 -59.70
N ALA F 189 40.82 0.25 -59.54
CA ALA F 189 39.95 0.31 -58.38
C ALA F 189 40.75 0.13 -57.09
N TRP F 190 41.67 -0.84 -57.08
CA TRP F 190 42.51 -1.04 -55.89
C TRP F 190 43.27 0.24 -55.54
N THR F 191 43.85 0.91 -56.54
CA THR F 191 44.52 2.18 -56.27
C THR F 191 43.54 3.19 -55.66
N PHE F 192 42.31 3.23 -56.17
CA PHE F 192 41.32 4.18 -55.64
C PHE F 192 41.01 3.88 -54.18
N VAL F 193 41.00 2.60 -53.80
CA VAL F 193 40.81 2.26 -52.39
C VAL F 193 41.94 2.82 -51.55
N ASN F 194 43.18 2.62 -51.99
CA ASN F 194 44.32 3.14 -51.23
C ASN F 194 44.24 4.65 -51.07
N ASP F 195 43.79 5.36 -52.10
CA ASP F 195 43.65 6.80 -51.99
C ASP F 195 42.45 7.19 -51.15
N SER F 196 41.40 6.38 -51.15
CA SER F 196 40.23 6.68 -50.36
C SER F 196 40.50 6.59 -48.86
N LEU F 197 41.65 6.05 -48.46
CA LEU F 197 41.99 5.97 -47.05
C LEU F 197 42.36 7.32 -46.47
N CYS F 198 42.79 8.26 -47.30
CA CYS F 198 43.10 9.60 -46.82
C CYS F 198 41.86 10.46 -46.62
N THR F 199 40.68 9.91 -46.89
CA THR F 199 39.44 10.66 -46.83
C THR F 199 38.55 10.11 -45.72
N THR F 200 37.50 10.85 -45.43
CA THR F 200 36.53 10.45 -44.43
C THR F 200 35.50 9.46 -44.98
N LEU F 201 35.71 8.96 -46.20
CA LEU F 201 34.80 7.98 -46.78
C LEU F 201 34.72 6.73 -45.91
N SER F 202 35.84 6.34 -45.29
CA SER F 202 35.82 5.22 -44.36
C SER F 202 34.78 5.43 -43.25
N LEU F 203 34.44 6.69 -42.96
CA LEU F 203 33.49 7.03 -41.93
C LEU F 203 32.09 7.33 -42.46
N GLN F 204 31.91 7.36 -43.79
CA GLN F 204 30.62 7.69 -44.37
C GLN F 204 29.88 6.48 -44.93
N TRP F 205 30.60 5.49 -45.46
CA TRP F 205 29.99 4.41 -46.21
C TRP F 205 30.61 3.08 -45.84
N GLU F 206 29.78 2.05 -45.78
CA GLU F 206 30.23 0.69 -45.52
C GLU F 206 31.30 0.32 -46.55
N PRO F 207 32.21 -0.59 -46.22
CA PRO F 207 33.27 -0.92 -47.19
C PRO F 207 32.71 -1.46 -48.49
N GLU F 208 31.63 -2.24 -48.43
CA GLU F 208 31.04 -2.79 -49.64
C GLU F 208 30.67 -1.69 -50.63
N ILE F 209 30.06 -0.61 -50.14
CA ILE F 209 29.67 0.48 -51.02
C ILE F 209 30.90 1.11 -51.65
N ILE F 210 31.95 1.30 -50.86
CA ILE F 210 33.19 1.86 -51.39
C ILE F 210 33.74 0.97 -52.50
N ALA F 211 33.76 -0.35 -52.25
CA ALA F 211 34.27 -1.27 -53.26
C ALA F 211 33.51 -1.12 -54.57
N VAL F 212 32.19 -1.03 -54.50
CA VAL F 212 31.41 -0.82 -55.72
C VAL F 212 31.78 0.51 -56.35
N ALA F 213 31.87 1.57 -55.54
CA ALA F 213 32.14 2.89 -56.08
C ALA F 213 33.46 2.93 -56.85
N VAL F 214 34.50 2.29 -56.32
CA VAL F 214 35.78 2.34 -57.01
C VAL F 214 35.71 1.53 -58.30
N MET F 215 35.00 0.40 -58.29
CA MET F 215 34.73 -0.30 -59.53
C MET F 215 33.95 0.59 -60.48
N TYR F 216 32.92 1.27 -59.96
CA TYR F 216 32.11 2.18 -60.75
C TYR F 216 33.00 3.25 -61.38
N LEU F 217 33.88 3.86 -60.58
CA LEU F 217 34.78 4.87 -61.12
C LEU F 217 35.72 4.28 -62.15
N ALA F 218 36.39 3.18 -61.79
CA ALA F 218 37.33 2.56 -62.72
C ALA F 218 36.65 2.21 -64.03
N GLY F 219 35.42 1.72 -63.97
CA GLY F 219 34.69 1.42 -65.19
C GLY F 219 34.51 2.64 -66.08
N ARG F 220 34.12 3.76 -65.48
CA ARG F 220 33.93 4.98 -66.26
C ARG F 220 35.22 5.44 -66.91
N LEU F 221 36.32 5.47 -66.14
CA LEU F 221 37.57 5.98 -66.69
C LEU F 221 38.09 5.07 -67.79
N CYS F 222 37.97 3.76 -67.63
CA CYS F 222 38.44 2.82 -68.65
C CYS F 222 37.44 2.60 -69.78
N LYS F 223 36.30 3.30 -69.76
CA LYS F 223 35.28 3.15 -70.80
C LYS F 223 34.78 1.71 -70.87
N PHE F 224 34.60 1.09 -69.69
CA PHE F 224 34.12 -0.28 -69.60
C PHE F 224 32.63 -0.33 -69.24
N GLU F 225 31.96 -1.37 -69.73
CA GLU F 225 30.57 -1.67 -69.41
C GLU F 225 30.59 -2.89 -68.47
N ILE F 226 30.67 -2.64 -67.17
CA ILE F 226 30.88 -3.73 -66.23
C ILE F 226 29.74 -4.73 -66.31
N GLN F 227 28.55 -4.26 -66.71
CA GLN F 227 27.38 -5.12 -66.72
C GLN F 227 27.59 -6.37 -67.58
N GLU F 228 28.25 -6.23 -68.74
CA GLU F 228 28.36 -7.36 -69.65
C GLU F 228 29.10 -8.53 -69.03
N TRP F 229 30.01 -8.28 -68.08
CA TRP F 229 30.73 -9.38 -67.46
C TRP F 229 29.94 -10.03 -66.33
N THR F 230 28.85 -9.41 -65.89
CA THR F 230 28.05 -9.96 -64.79
C THR F 230 27.20 -11.11 -65.30
N SER F 231 26.57 -11.81 -64.36
CA SER F 231 25.62 -12.85 -64.70
C SER F 231 24.36 -12.29 -65.37
N LYS F 232 24.09 -11.00 -65.19
CA LYS F 232 22.91 -10.34 -65.78
C LYS F 232 23.39 -9.24 -66.72
N PRO F 233 23.82 -9.59 -67.94
CA PRO F 233 24.46 -8.59 -68.80
C PRO F 233 23.53 -7.49 -69.28
N MET F 234 22.22 -7.65 -69.14
CA MET F 234 21.27 -6.63 -69.57
C MET F 234 20.70 -5.86 -68.40
N TYR F 235 21.40 -5.82 -67.28
CA TYR F 235 20.99 -5.11 -66.08
C TYR F 235 21.95 -3.93 -65.94
N ARG F 236 21.56 -2.76 -66.43
CA ARG F 236 22.45 -1.61 -66.37
C ARG F 236 22.97 -1.33 -64.96
N ARG F 237 22.18 -1.60 -63.92
CA ARG F 237 22.62 -1.39 -62.54
C ARG F 237 23.29 -2.68 -62.05
N TRP F 238 24.55 -2.84 -62.47
CA TRP F 238 25.31 -4.02 -62.08
C TRP F 238 25.58 -4.04 -60.59
N TRP F 239 25.74 -2.87 -59.97
CA TRP F 239 26.06 -2.81 -58.56
C TRP F 239 24.95 -3.42 -57.71
N GLU F 240 23.71 -3.42 -58.22
CA GLU F 240 22.60 -3.92 -57.42
C GLU F 240 22.77 -5.40 -57.10
N GLN F 241 23.48 -6.15 -57.95
CA GLN F 241 23.68 -7.56 -57.67
C GLN F 241 24.70 -7.81 -56.57
N PHE F 242 25.62 -6.85 -56.35
CA PHE F 242 26.60 -7.00 -55.29
C PHE F 242 26.13 -6.33 -54.01
N VAL F 243 25.81 -5.05 -54.05
CA VAL F 243 25.34 -4.32 -52.88
C VAL F 243 23.96 -3.76 -53.18
N GLN F 244 22.96 -4.20 -52.42
CA GLN F 244 21.60 -3.75 -52.64
C GLN F 244 21.37 -2.39 -52.00
N ASP F 245 20.40 -1.65 -52.57
CA ASP F 245 19.95 -0.37 -52.03
C ASP F 245 21.04 0.70 -52.08
N VAL F 246 21.80 0.73 -53.17
CA VAL F 246 22.81 1.77 -53.38
C VAL F 246 22.34 2.67 -54.51
N PRO F 247 21.86 3.88 -54.23
CA PRO F 247 21.50 4.81 -55.32
C PRO F 247 22.73 5.33 -56.05
N VAL F 248 22.53 5.68 -57.33
CA VAL F 248 23.63 6.23 -58.10
C VAL F 248 24.18 7.48 -57.44
N ASP F 249 23.32 8.25 -56.75
CA ASP F 249 23.78 9.44 -56.06
C ASP F 249 24.97 9.12 -55.17
N VAL F 250 24.85 8.06 -54.38
CA VAL F 250 25.94 7.69 -53.48
C VAL F 250 27.22 7.42 -54.26
N LEU F 251 27.12 6.59 -55.32
CA LEU F 251 28.30 6.25 -56.10
C LEU F 251 28.93 7.50 -56.72
N GLU F 252 28.10 8.46 -57.13
CA GLU F 252 28.65 9.68 -57.70
C GLU F 252 29.32 10.52 -56.63
N ASP F 253 28.69 10.63 -55.45
CA ASP F 253 29.29 11.36 -54.35
C ASP F 253 30.65 10.78 -53.98
N ILE F 254 30.73 9.46 -53.87
CA ILE F 254 32.00 8.83 -53.51
C ILE F 254 33.03 9.05 -54.60
N CYS F 255 32.66 8.81 -55.85
CA CYS F 255 33.58 9.07 -56.96
C CYS F 255 34.08 10.50 -56.93
N HIS F 256 33.17 11.46 -56.71
CA HIS F 256 33.57 12.86 -56.69
C HIS F 256 34.65 13.11 -55.66
N GLN F 257 34.48 12.59 -54.44
CA GLN F 257 35.46 12.81 -53.38
C GLN F 257 36.81 12.18 -53.73
N ILE F 258 36.79 11.00 -54.34
CA ILE F 258 38.05 10.35 -54.72
C ILE F 258 38.77 11.18 -55.77
N LEU F 259 38.04 11.65 -56.78
CA LEU F 259 38.66 12.45 -57.83
C LEU F 259 39.19 13.78 -57.29
N ASP F 260 38.61 14.30 -56.21
CA ASP F 260 39.07 15.56 -55.66
C ASP F 260 40.53 15.49 -55.21
N LEU F 261 40.94 14.35 -54.64
CA LEU F 261 42.33 14.20 -54.22
C LEU F 261 43.28 14.35 -55.40
N TYR F 262 42.91 13.81 -56.56
CA TYR F 262 43.78 13.84 -57.72
C TYR F 262 43.94 15.26 -58.26
N SER F 263 42.85 16.02 -58.32
CA SER F 263 42.93 17.39 -58.83
C SER F 263 43.70 18.30 -57.87
N GLN F 264 43.46 18.16 -56.56
CA GLN F 264 44.14 19.01 -55.59
C GLN F 264 45.64 18.73 -55.56
N GLY F 265 46.02 17.46 -55.48
CA GLY F 265 47.42 17.07 -55.43
C GLY F 265 48.09 17.12 -56.77
N LYS F 266 49.35 16.70 -56.79
CA LYS F 266 50.09 16.63 -58.05
C LYS F 266 49.74 15.39 -58.85
N GLN F 267 49.38 14.29 -58.18
CA GLN F 267 49.06 13.06 -58.88
C GLN F 267 47.80 13.23 -59.72
N GLN F 268 47.76 12.53 -60.84
CA GLN F 268 46.64 12.55 -61.77
C GLN F 268 46.03 11.16 -61.85
N MET F 269 44.87 11.07 -62.51
CA MET F 269 44.14 9.81 -62.57
C MET F 269 45.09 8.69 -63.02
N PRO F 270 45.01 7.50 -62.41
CA PRO F 270 46.02 6.47 -62.74
C PRO F 270 46.05 6.05 -64.21
N HIS F 271 44.90 5.78 -64.81
CA HIS F 271 44.82 5.28 -66.19
C HIS F 271 46.00 4.41 -66.59
N MET G 5 6.34 63.42 -2.00
CA MET G 5 6.34 62.81 -0.64
C MET G 5 7.69 62.17 -0.34
N SER G 6 8.41 61.77 -1.38
CA SER G 6 9.76 61.20 -1.26
C SER G 6 10.71 62.01 -2.12
N TYR G 7 11.97 62.10 -1.66
CA TYR G 7 12.96 62.97 -2.29
C TYR G 7 14.26 62.19 -2.46
N ASN G 8 14.75 62.12 -3.70
CA ASN G 8 15.94 61.35 -3.99
C ASN G 8 16.79 62.07 -5.04
N TYR G 9 18.05 61.63 -5.13
CA TYR G 9 19.08 62.29 -5.94
C TYR G 9 19.84 61.21 -6.68
N VAL G 10 19.98 61.39 -8.00
CA VAL G 10 20.64 60.41 -8.87
C VAL G 10 21.79 61.11 -9.60
N VAL G 11 22.98 60.52 -9.51
CA VAL G 11 24.19 61.06 -10.11
C VAL G 11 24.87 59.94 -10.89
N THR G 12 25.56 60.33 -11.96
CA THR G 12 26.29 59.39 -12.80
C THR G 12 27.74 59.39 -12.34
N ALA G 13 28.14 58.33 -11.64
CA ALA G 13 29.53 58.22 -11.19
C ALA G 13 30.46 57.88 -12.34
N GLN G 14 30.07 56.90 -13.17
CA GLN G 14 30.83 56.50 -14.35
C GLN G 14 29.91 56.56 -15.56
N LYS G 15 30.36 57.23 -16.61
CA LYS G 15 29.56 57.37 -17.82
C LYS G 15 29.44 56.04 -18.56
N PRO G 16 28.47 55.91 -19.47
CA PRO G 16 28.35 54.68 -20.25
C PRO G 16 29.61 54.36 -21.01
N THR G 17 30.01 53.08 -20.97
CA THR G 17 31.22 52.64 -21.65
C THR G 17 30.97 51.81 -22.90
N ALA G 18 29.76 51.29 -23.08
CA ALA G 18 29.46 50.48 -24.25
C ALA G 18 29.20 51.38 -25.45
N VAL G 19 29.55 50.88 -26.63
CA VAL G 19 29.43 51.65 -27.87
C VAL G 19 28.17 51.19 -28.58
N ASN G 20 27.22 52.11 -28.74
CA ASN G 20 25.99 51.80 -29.46
C ASN G 20 26.17 51.93 -30.96
N GLY G 21 26.98 52.87 -31.42
CA GLY G 21 27.20 53.06 -32.84
C GLY G 21 28.40 53.93 -33.09
N CYS G 22 28.87 53.90 -34.33
CA CYS G 22 30.06 54.64 -34.73
C CYS G 22 29.99 54.97 -36.21
N VAL G 23 30.44 56.19 -36.58
CA VAL G 23 30.45 56.64 -37.96
C VAL G 23 31.75 57.38 -38.25
N THR G 24 32.10 57.47 -39.54
CA THR G 24 33.26 58.20 -40.02
C THR G 24 32.83 59.26 -41.02
N GLY G 25 33.44 60.45 -40.92
CA GLY G 25 33.04 61.56 -41.78
C GLY G 25 33.94 62.75 -41.55
N HIS G 26 33.62 63.83 -42.26
CA HIS G 26 34.34 65.10 -42.16
C HIS G 26 33.47 66.13 -41.45
N PHE G 27 33.22 65.88 -40.16
CA PHE G 27 32.27 66.71 -39.40
C PHE G 27 32.91 68.00 -38.90
N THR G 28 34.06 67.92 -38.22
CA THR G 28 34.63 69.13 -37.63
C THR G 28 35.20 70.06 -38.69
N SER G 29 35.85 69.51 -39.72
CA SER G 29 36.37 70.31 -40.82
C SER G 29 36.29 69.47 -42.08
N ALA G 30 36.19 70.15 -43.23
CA ALA G 30 36.17 69.43 -44.49
C ALA G 30 37.43 68.63 -44.70
N GLU G 31 38.55 69.05 -44.12
CA GLU G 31 39.82 68.36 -44.33
C GLU G 31 40.01 67.16 -43.41
N ASP G 32 39.70 67.30 -42.12
CA ASP G 32 40.03 66.27 -41.16
C ASP G 32 39.04 65.11 -41.24
N LEU G 33 39.53 63.90 -41.03
CA LEU G 33 38.69 62.71 -40.92
C LEU G 33 38.34 62.50 -39.45
N ASN G 34 37.05 62.42 -39.15
CA ASN G 34 36.58 62.41 -37.78
C ASN G 34 35.87 61.10 -37.51
N LEU G 35 36.13 60.52 -36.34
CA LEU G 35 35.40 59.37 -35.86
C LEU G 35 34.42 59.81 -34.78
N LEU G 36 33.13 59.59 -35.03
CA LEU G 36 32.09 59.91 -34.06
C LEU G 36 31.64 58.60 -33.41
N ILE G 37 31.83 58.50 -32.10
CA ILE G 37 31.47 57.33 -31.33
C ILE G 37 30.27 57.70 -30.47
N ALA G 38 29.26 56.85 -30.47
CA ALA G 38 28.03 57.11 -29.74
C ALA G 38 27.89 56.08 -28.64
N LYS G 39 27.93 56.55 -27.40
CA LYS G 39 27.58 55.76 -26.23
C LYS G 39 26.26 56.32 -25.71
N ASN G 40 25.52 55.47 -25.01
CA ASN G 40 24.15 55.85 -24.67
C ASN G 40 24.13 57.24 -24.05
N THR G 41 23.42 58.17 -24.66
CA THR G 41 23.27 59.55 -24.21
C THR G 41 24.56 60.37 -24.33
N ARG G 42 25.64 59.81 -24.85
CA ARG G 42 26.91 60.52 -24.96
C ARG G 42 27.37 60.47 -26.41
N LEU G 43 27.86 61.60 -26.89
CA LEU G 43 28.47 61.67 -28.22
C LEU G 43 29.94 62.03 -28.05
N GLU G 44 30.80 61.21 -28.62
CA GLU G 44 32.25 61.39 -28.51
C GLU G 44 32.78 61.64 -29.91
N ILE G 45 33.42 62.80 -30.10
CA ILE G 45 34.01 63.16 -31.38
C ILE G 45 35.51 62.92 -31.28
N TYR G 46 36.05 62.25 -32.29
CA TYR G 46 37.47 61.90 -32.36
C TYR G 46 38.01 62.31 -33.72
N VAL G 47 39.32 62.52 -33.76
CA VAL G 47 40.04 62.83 -34.99
C VAL G 47 41.00 61.70 -35.32
N VAL G 48 40.86 61.16 -36.53
CA VAL G 48 41.71 60.06 -36.96
C VAL G 48 43.04 60.69 -37.35
N THR G 49 44.09 60.39 -36.60
CA THR G 49 45.44 60.80 -36.95
C THR G 49 46.22 59.52 -37.25
N ALA G 50 47.38 59.67 -37.89
CA ALA G 50 48.17 58.48 -38.20
C ALA G 50 48.59 57.73 -36.95
N GLU G 51 48.79 58.46 -35.83
CA GLU G 51 49.18 57.79 -34.60
C GLU G 51 47.98 57.11 -33.92
N GLY G 52 46.82 57.74 -33.99
CA GLY G 52 45.66 57.21 -33.28
C GLY G 52 44.49 58.18 -33.34
N LEU G 53 43.60 58.04 -32.37
CA LEU G 53 42.42 58.87 -32.25
C LEU G 53 42.70 59.98 -31.24
N ARG G 54 42.35 61.22 -31.60
CA ARG G 54 42.49 62.36 -30.71
C ARG G 54 41.14 62.82 -30.19
N PRO G 55 40.94 62.87 -28.88
CA PRO G 55 39.62 63.24 -28.35
C PRO G 55 39.35 64.73 -28.54
N VAL G 56 38.22 65.02 -29.18
CA VAL G 56 37.82 66.38 -29.51
C VAL G 56 36.82 66.95 -28.51
N LYS G 57 35.73 66.24 -28.28
CA LYS G 57 34.63 66.74 -27.46
C LYS G 57 33.75 65.56 -27.09
N GLU G 58 33.12 65.65 -25.92
CA GLU G 58 32.08 64.71 -25.53
C GLU G 58 30.92 65.56 -25.02
N VAL G 59 29.84 65.55 -25.78
CA VAL G 59 28.64 66.30 -25.44
C VAL G 59 27.62 65.25 -25.00
N GLY G 60 26.75 65.65 -24.09
CA GLY G 60 25.68 64.80 -23.61
C GLY G 60 24.37 65.28 -24.20
N MET G 61 23.51 64.34 -24.53
CA MET G 61 22.21 64.64 -25.10
C MET G 61 21.14 64.15 -24.13
N TYR G 62 20.00 64.84 -24.14
CA TYR G 62 18.87 64.45 -23.32
C TYR G 62 18.01 63.42 -24.06
N GLY G 63 18.65 62.30 -24.41
CA GLY G 63 18.01 61.24 -25.15
C GLY G 63 18.98 60.10 -25.42
N LYS G 64 18.46 58.87 -25.55
CA LYS G 64 19.31 57.73 -25.91
C LYS G 64 19.56 57.77 -27.40
N ILE G 65 20.83 57.82 -27.81
CA ILE G 65 21.15 57.96 -29.22
C ILE G 65 20.79 56.67 -29.94
N ALA G 66 19.83 56.75 -30.86
CA ALA G 66 19.38 55.59 -31.63
C ALA G 66 19.92 55.59 -33.05
N VAL G 67 19.76 56.71 -33.76
CA VAL G 67 20.27 56.87 -35.12
C VAL G 67 21.34 57.94 -35.08
N MET G 68 22.46 57.67 -35.74
CA MET G 68 23.55 58.64 -35.86
C MET G 68 24.13 58.49 -37.26
N GLU G 69 23.99 59.52 -38.08
CA GLU G 69 24.43 59.47 -39.47
C GLU G 69 25.00 60.81 -39.90
N LEU G 70 26.06 60.77 -40.70
CA LEU G 70 26.68 61.97 -41.24
C LEU G 70 26.28 62.15 -42.71
N PHE G 71 25.94 63.38 -43.08
CA PHE G 71 25.51 63.69 -44.44
C PHE G 71 25.96 65.10 -44.80
N ARG G 72 26.26 65.29 -46.09
CA ARG G 72 26.69 66.58 -46.62
C ARG G 72 25.77 67.08 -47.73
N PRO G 73 24.83 67.98 -47.44
CA PRO G 73 23.97 68.51 -48.50
C PRO G 73 24.68 69.50 -49.39
N LYS G 74 24.25 69.55 -50.65
CA LYS G 74 24.85 70.46 -51.62
C LYS G 74 24.89 71.88 -51.08
N GLY G 75 26.06 72.49 -51.12
CA GLY G 75 26.26 73.84 -50.63
C GLY G 75 26.97 73.94 -49.30
N GLU G 76 27.08 72.84 -48.56
CA GLU G 76 27.76 72.85 -47.28
C GLU G 76 29.25 72.58 -47.48
N SER G 77 30.06 73.23 -46.64
CA SER G 77 31.51 73.01 -46.69
C SER G 77 31.90 71.68 -46.07
N LYS G 78 31.20 71.26 -45.01
CA LYS G 78 31.58 70.07 -44.26
C LYS G 78 30.32 69.28 -43.91
N ASP G 79 30.53 68.06 -43.42
CA ASP G 79 29.43 67.18 -43.06
C ASP G 79 28.62 67.71 -41.89
N LEU G 80 27.31 67.46 -41.93
CA LEU G 80 26.40 67.69 -40.83
C LEU G 80 26.05 66.34 -40.17
N LEU G 81 25.50 66.42 -38.96
CA LEU G 81 25.18 65.24 -38.18
C LEU G 81 23.68 65.16 -37.96
N PHE G 82 23.12 63.99 -38.25
CA PHE G 82 21.72 63.70 -37.93
C PHE G 82 21.66 62.73 -36.76
N ILE G 83 20.81 63.02 -35.78
CA ILE G 83 20.61 62.16 -34.62
C ILE G 83 19.13 62.07 -34.32
N LEU G 84 18.67 60.85 -34.00
CA LEU G 84 17.31 60.60 -33.56
C LEU G 84 17.37 59.81 -32.26
N THR G 85 16.75 60.33 -31.22
CA THR G 85 16.77 59.66 -29.93
C THR G 85 15.70 58.57 -29.86
N ALA G 86 15.81 57.73 -28.83
CA ALA G 86 14.84 56.66 -28.64
C ALA G 86 13.44 57.20 -28.36
N LYS G 87 13.33 58.42 -27.86
CA LYS G 87 12.04 59.09 -27.69
C LYS G 87 11.58 59.83 -28.94
N TYR G 88 12.28 59.65 -30.07
CA TYR G 88 11.90 60.23 -31.35
C TYR G 88 12.22 61.72 -31.42
N ASN G 89 13.23 62.15 -30.67
CA ASN G 89 13.75 63.51 -30.81
C ASN G 89 14.74 63.54 -31.98
N ALA G 90 14.46 64.37 -32.98
CA ALA G 90 15.30 64.46 -34.15
C ALA G 90 15.98 65.82 -34.22
N CYS G 91 17.20 65.84 -34.74
CA CYS G 91 17.94 67.08 -34.86
C CYS G 91 19.06 66.91 -35.87
N ILE G 92 19.40 68.02 -36.53
CA ILE G 92 20.57 68.10 -37.38
C ILE G 92 21.55 69.04 -36.71
N LEU G 93 22.79 68.58 -36.53
CA LEU G 93 23.79 69.28 -35.75
C LEU G 93 24.98 69.65 -36.63
N GLU G 94 25.65 70.74 -36.26
CA GLU G 94 26.84 71.18 -36.98
C GLU G 94 27.90 71.55 -35.96
N TYR G 95 29.14 71.10 -36.21
CA TYR G 95 30.26 71.49 -35.38
C TYR G 95 30.64 72.93 -35.69
N LYS G 96 30.84 73.73 -34.64
CA LYS G 96 31.23 75.12 -34.81
C LYS G 96 32.31 75.45 -33.79
N GLN G 97 33.46 75.91 -34.26
CA GLN G 97 34.55 76.27 -33.37
C GLN G 97 35.16 77.59 -33.81
N SER G 98 35.23 78.53 -32.87
CA SER G 98 35.85 79.84 -33.07
C SER G 98 36.91 79.99 -31.99
N GLY G 99 38.17 79.70 -32.35
CA GLY G 99 39.27 79.68 -31.40
C GLY G 99 39.19 78.52 -30.44
N GLU G 100 39.14 78.80 -29.13
CA GLU G 100 39.11 77.75 -28.12
C GLU G 100 37.70 77.30 -27.75
N SER G 101 36.67 77.99 -28.20
CA SER G 101 35.30 77.66 -27.83
C SER G 101 34.76 76.62 -28.81
N ILE G 102 34.27 75.50 -28.27
CA ILE G 102 33.73 74.41 -29.08
C ILE G 102 32.23 74.37 -28.82
N ASP G 103 31.46 74.44 -29.90
CA ASP G 103 30.01 74.45 -29.84
C ASP G 103 29.44 73.50 -30.88
N ILE G 104 28.30 72.90 -30.56
CA ILE G 104 27.55 72.08 -31.49
C ILE G 104 26.22 72.79 -31.72
N ILE G 105 26.00 73.26 -32.94
CA ILE G 105 24.82 74.07 -33.27
C ILE G 105 23.71 73.18 -33.77
N THR G 106 22.50 73.44 -33.29
CA THR G 106 21.31 72.72 -33.73
C THR G 106 20.65 73.50 -34.86
N ARG G 107 20.88 73.07 -36.09
CA ARG G 107 20.30 73.76 -37.24
C ARG G 107 18.82 73.43 -37.42
N ALA G 108 18.40 72.20 -37.10
CA ALA G 108 17.00 71.82 -37.22
C ALA G 108 16.70 70.81 -36.12
N HIS G 109 15.48 70.85 -35.59
CA HIS G 109 15.08 69.93 -34.54
C HIS G 109 13.57 69.72 -34.57
N GLY G 110 13.15 68.53 -34.20
CA GLY G 110 11.74 68.21 -34.13
C GLY G 110 11.54 66.79 -33.64
N ASN G 111 10.35 66.55 -33.10
CA ASN G 111 9.95 65.23 -32.61
C ASN G 111 9.12 64.55 -33.70
N VAL G 112 9.56 63.38 -34.16
CA VAL G 112 8.95 62.72 -35.31
C VAL G 112 7.98 61.61 -34.89
N GLN G 113 7.59 61.56 -33.63
CA GLN G 113 6.69 60.52 -33.17
C GLN G 113 5.31 60.66 -33.81
N ASP G 114 4.73 59.53 -34.19
CA ASP G 114 3.38 59.47 -34.76
C ASP G 114 2.36 59.14 -33.66
N ARG G 115 1.18 59.72 -33.77
CA ARG G 115 0.13 59.47 -32.78
C ARG G 115 -0.27 58.01 -32.75
N ILE G 116 -0.34 57.37 -33.93
CA ILE G 116 -0.78 55.99 -34.05
C ILE G 116 0.26 55.23 -34.88
N GLY G 117 0.76 54.14 -34.31
CA GLY G 117 1.71 53.29 -35.02
C GLY G 117 2.21 52.15 -34.16
N ARG G 118 2.59 51.03 -34.79
CA ARG G 118 3.13 49.90 -34.04
C ARG G 118 4.65 49.94 -34.12
N PRO G 119 5.36 50.04 -32.99
CA PRO G 119 6.83 49.99 -33.05
C PRO G 119 7.30 48.71 -33.73
N SER G 120 8.24 48.86 -34.66
CA SER G 120 8.73 47.73 -35.44
C SER G 120 9.58 46.80 -34.59
N GLU G 121 9.58 45.53 -34.99
CA GLU G 121 10.32 44.50 -34.26
C GLU G 121 11.83 44.73 -34.31
N THR G 122 12.38 45.02 -35.49
CA THR G 122 13.82 45.21 -35.64
C THR G 122 14.32 46.57 -35.15
N GLY G 123 13.42 47.50 -34.82
CA GLY G 123 13.80 48.75 -34.19
C GLY G 123 13.95 49.89 -35.17
N ILE G 124 14.26 51.07 -34.60
CA ILE G 124 14.36 52.28 -35.40
C ILE G 124 15.48 52.11 -36.42
N ILE G 125 15.19 52.46 -37.67
CA ILE G 125 16.17 52.48 -38.74
C ILE G 125 16.19 53.88 -39.34
N GLY G 126 17.39 54.42 -39.51
CA GLY G 126 17.55 55.71 -40.14
C GLY G 126 18.53 55.61 -41.28
N ILE G 127 18.15 56.17 -42.43
CA ILE G 127 18.99 56.14 -43.62
C ILE G 127 18.82 57.49 -44.30
N ILE G 128 19.83 57.86 -45.08
CA ILE G 128 19.85 59.15 -45.76
C ILE G 128 20.18 58.92 -47.23
N ASP G 129 19.53 59.69 -48.09
CA ASP G 129 19.71 59.54 -49.52
C ASP G 129 21.16 59.89 -49.91
N PRO G 130 21.72 59.21 -50.91
CA PRO G 130 23.07 59.58 -51.37
C PRO G 130 23.14 61.01 -51.86
N GLU G 131 22.05 61.54 -52.41
CA GLU G 131 21.97 62.93 -52.85
C GLU G 131 21.56 63.88 -51.73
N CYS G 132 21.45 63.39 -50.49
CA CYS G 132 21.05 64.22 -49.35
C CYS G 132 19.75 64.95 -49.65
N ARG G 133 18.84 64.25 -50.32
CA ARG G 133 17.52 64.77 -50.64
C ARG G 133 16.55 64.60 -49.49
N MET G 134 16.65 63.49 -48.76
CA MET G 134 15.67 63.19 -47.72
C MET G 134 16.31 62.28 -46.68
N ILE G 135 15.71 62.27 -45.49
CA ILE G 135 16.05 61.33 -44.43
C ILE G 135 14.93 60.29 -44.35
N GLY G 136 15.31 59.02 -44.42
CA GLY G 136 14.35 57.92 -44.31
C GLY G 136 14.37 57.33 -42.92
N LEU G 137 13.18 57.15 -42.35
CA LEU G 137 13.02 56.59 -41.03
C LEU G 137 12.01 55.45 -41.08
N ARG G 138 12.36 54.31 -40.52
CA ARG G 138 11.44 53.19 -40.36
C ARG G 138 11.15 53.08 -38.86
N LEU G 139 10.13 53.81 -38.41
CA LEU G 139 9.76 53.83 -37.00
C LEU G 139 8.66 52.83 -36.65
N TYR G 140 7.72 52.58 -37.54
CA TYR G 140 6.56 51.76 -37.24
C TYR G 140 6.36 50.73 -38.35
N ASP G 141 5.73 49.62 -37.98
CA ASP G 141 5.38 48.61 -38.98
C ASP G 141 4.43 49.20 -40.01
N GLY G 142 4.70 48.92 -41.27
CA GLY G 142 3.81 49.34 -42.34
C GLY G 142 3.88 50.80 -42.71
N LEU G 143 4.81 51.56 -42.14
CA LEU G 143 4.93 52.98 -42.44
C LEU G 143 6.39 53.35 -42.67
N PHE G 144 6.61 54.20 -43.68
CA PHE G 144 7.92 54.74 -44.01
C PHE G 144 7.84 56.26 -43.92
N LYS G 145 8.66 56.85 -43.07
CA LYS G 145 8.64 58.29 -42.82
C LYS G 145 9.76 58.98 -43.58
N VAL G 146 9.43 60.10 -44.22
CA VAL G 146 10.38 60.87 -45.02
C VAL G 146 10.45 62.29 -44.46
N ILE G 147 11.64 62.72 -44.08
CA ILE G 147 11.92 64.11 -43.75
C ILE G 147 12.63 64.74 -44.95
N PRO G 148 11.97 65.57 -45.75
CA PRO G 148 12.66 66.18 -46.89
C PRO G 148 13.72 67.17 -46.43
N LEU G 149 14.90 67.08 -47.04
CA LEU G 149 16.04 67.91 -46.64
C LEU G 149 16.05 69.23 -47.41
N ASP G 150 15.05 70.05 -47.10
CA ASP G 150 15.00 71.42 -47.60
C ASP G 150 15.74 72.32 -46.62
N ARG G 151 16.36 73.37 -47.16
CA ARG G 151 17.14 74.27 -46.31
C ARG G 151 16.26 74.94 -45.25
N ASP G 152 14.98 75.16 -45.56
CA ASP G 152 14.06 75.83 -44.66
C ASP G 152 13.39 74.88 -43.68
N ASN G 153 13.53 73.57 -43.86
CA ASN G 153 12.86 72.59 -43.01
C ASN G 153 13.57 72.47 -41.66
N LYS G 154 13.61 73.59 -40.94
CA LYS G 154 14.29 73.64 -39.65
C LYS G 154 13.49 72.99 -38.53
N GLU G 155 12.19 72.73 -38.73
CA GLU G 155 11.39 72.01 -37.76
C GLU G 155 11.31 70.52 -38.06
N LEU G 156 11.97 70.05 -39.13
CA LEU G 156 11.98 68.65 -39.51
C LEU G 156 10.57 68.08 -39.64
N LYS G 157 9.72 68.82 -40.34
CA LYS G 157 8.39 68.30 -40.67
C LYS G 157 8.51 67.13 -41.63
N ALA G 158 7.61 66.16 -41.49
CA ALA G 158 7.73 64.93 -42.24
C ALA G 158 6.35 64.38 -42.59
N PHE G 159 6.33 63.47 -43.56
CA PHE G 159 5.12 62.79 -43.97
C PHE G 159 5.39 61.29 -44.00
N ASN G 160 4.33 60.51 -43.89
CA ASN G 160 4.41 59.06 -43.92
C ASN G 160 3.92 58.53 -45.26
N ILE G 161 4.61 57.51 -45.77
CA ILE G 161 4.19 56.80 -46.97
C ILE G 161 3.78 55.39 -46.53
N ARG G 162 2.58 54.98 -46.89
CA ARG G 162 2.10 53.65 -46.53
C ARG G 162 3.02 52.60 -47.14
N LEU G 163 3.36 51.60 -46.33
CA LEU G 163 4.30 50.55 -46.71
C LEU G 163 3.56 49.23 -46.71
N GLU G 164 3.52 48.58 -47.87
CA GLU G 164 2.73 47.36 -48.00
C GLU G 164 3.30 46.24 -47.14
N GLU G 165 4.61 46.07 -47.13
CA GLU G 165 5.27 45.00 -46.39
C GLU G 165 5.34 45.36 -44.92
N LEU G 166 4.55 44.68 -44.09
CA LEU G 166 4.40 45.11 -42.71
C LEU G 166 5.63 44.78 -41.87
N HIS G 167 6.24 43.62 -42.12
CA HIS G 167 7.39 43.16 -41.32
C HIS G 167 8.66 43.38 -42.12
N VAL G 168 9.32 44.51 -41.89
CA VAL G 168 10.53 44.91 -42.60
C VAL G 168 11.74 44.64 -41.71
N ILE G 169 12.73 43.96 -42.25
CA ILE G 169 13.92 43.59 -41.47
C ILE G 169 14.98 44.68 -41.50
N ASP G 170 15.30 45.21 -42.69
CA ASP G 170 16.34 46.23 -42.82
C ASP G 170 16.13 46.96 -44.13
N VAL G 171 16.68 48.17 -44.20
CA VAL G 171 16.50 49.01 -45.38
C VAL G 171 17.70 49.92 -45.53
N LYS G 172 18.01 50.26 -46.79
CA LYS G 172 19.07 51.19 -47.14
C LYS G 172 18.63 51.95 -48.38
N PHE G 173 19.14 53.17 -48.54
CA PHE G 173 19.02 53.87 -49.81
C PHE G 173 20.05 53.29 -50.77
N LEU G 174 19.69 53.18 -52.05
CA LEU G 174 20.58 52.59 -53.03
C LEU G 174 21.38 53.67 -53.74
N TYR G 175 22.54 53.29 -54.23
CA TYR G 175 23.41 54.16 -55.01
C TYR G 175 23.16 53.96 -56.50
N GLY G 176 23.40 55.01 -57.27
CA GLY G 176 23.40 54.87 -58.72
C GLY G 176 22.04 54.74 -59.34
N CYS G 177 21.03 55.39 -58.76
CA CYS G 177 19.67 55.29 -59.26
C CYS G 177 19.18 56.61 -59.84
N GLN G 178 18.34 56.51 -60.87
CA GLN G 178 17.85 57.70 -61.55
C GLN G 178 17.00 58.54 -60.62
N ALA G 179 16.28 57.90 -59.70
CA ALA G 179 15.51 58.56 -58.66
C ALA G 179 15.86 57.94 -57.31
N PRO G 180 15.67 58.68 -56.22
CA PRO G 180 15.95 58.11 -54.89
C PRO G 180 15.25 56.78 -54.68
N THR G 181 16.02 55.73 -54.40
CA THR G 181 15.50 54.36 -54.31
C THR G 181 15.91 53.70 -53.00
N ILE G 182 14.94 53.05 -52.33
CA ILE G 182 15.21 52.25 -51.14
C ILE G 182 15.16 50.76 -51.51
N CYS G 183 16.04 49.98 -50.90
CA CYS G 183 16.05 48.53 -50.98
C CYS G 183 15.96 47.94 -49.59
N PHE G 184 15.06 46.98 -49.40
CA PHE G 184 14.84 46.45 -48.06
C PHE G 184 14.52 44.96 -48.13
N VAL G 185 14.83 44.26 -47.05
CA VAL G 185 14.43 42.87 -46.85
C VAL G 185 13.26 42.84 -45.89
N TYR G 186 12.21 42.12 -46.25
CA TYR G 186 11.02 42.01 -45.44
C TYR G 186 10.63 40.55 -45.31
N GLN G 187 9.80 40.26 -44.32
CA GLN G 187 9.34 38.91 -44.05
C GLN G 187 7.82 38.84 -44.06
N ASP G 188 7.28 37.87 -44.77
CA ASP G 188 5.86 37.57 -44.78
C ASP G 188 5.73 36.05 -44.65
N PRO G 189 4.51 35.50 -44.62
CA PRO G 189 4.39 34.04 -44.41
C PRO G 189 5.08 33.20 -45.48
N GLN G 190 5.39 33.75 -46.65
CA GLN G 190 5.99 33.00 -47.73
C GLN G 190 7.50 32.94 -47.66
N GLY G 191 8.10 33.46 -46.59
CA GLY G 191 9.55 33.53 -46.49
C GLY G 191 10.02 34.97 -46.41
N ARG G 192 11.29 35.21 -46.74
CA ARG G 192 11.85 36.55 -46.78
C ARG G 192 12.19 36.93 -48.22
N HIS G 193 12.00 38.21 -48.54
CA HIS G 193 12.18 38.72 -49.88
C HIS G 193 12.92 40.05 -49.83
N VAL G 194 13.49 40.42 -50.97
CA VAL G 194 14.10 41.73 -51.17
C VAL G 194 13.28 42.45 -52.23
N LYS G 195 13.04 43.75 -52.02
CA LYS G 195 12.16 44.52 -52.87
C LYS G 195 12.67 45.96 -52.92
N THR G 196 12.30 46.67 -53.98
CA THR G 196 12.72 48.05 -54.16
C THR G 196 11.53 48.96 -54.43
N TYR G 197 11.65 50.22 -54.00
CA TYR G 197 10.69 51.26 -54.30
C TYR G 197 11.44 52.52 -54.71
N GLU G 198 10.75 53.42 -55.40
CA GLU G 198 11.24 54.75 -55.67
C GLU G 198 10.42 55.75 -54.88
N VAL G 199 11.11 56.72 -54.27
CA VAL G 199 10.48 57.70 -53.38
C VAL G 199 10.32 59.01 -54.14
N SER G 200 9.08 59.47 -54.26
CA SER G 200 8.76 60.75 -54.90
C SER G 200 8.41 61.74 -53.81
N LEU G 201 9.30 62.72 -53.60
CA LEU G 201 9.00 63.79 -52.65
C LEU G 201 7.83 64.64 -53.14
N ARG G 202 7.71 64.81 -54.46
CA ARG G 202 6.64 65.62 -55.02
C ARG G 202 5.27 64.96 -54.82
N GLU G 203 5.18 63.66 -55.11
CA GLU G 203 3.93 62.93 -54.96
C GLU G 203 3.69 62.39 -53.56
N LYS G 204 4.73 62.33 -52.73
CA LYS G 204 4.62 61.78 -51.38
C LYS G 204 4.04 60.36 -51.40
N GLU G 205 4.62 59.52 -52.25
CA GLU G 205 4.21 58.12 -52.31
C GLU G 205 5.32 57.31 -52.97
N PHE G 206 5.18 56.00 -52.91
CA PHE G 206 6.11 55.10 -53.57
C PHE G 206 5.70 54.90 -55.02
N ASN G 207 6.69 54.67 -55.87
CA ASN G 207 6.49 54.21 -57.24
C ASN G 207 7.21 52.89 -57.40
N LYS G 208 6.84 52.15 -58.46
CA LYS G 208 7.45 50.84 -58.67
C LYS G 208 8.97 50.97 -58.64
N GLY G 209 9.62 49.99 -58.03
CA GLY G 209 11.05 50.04 -57.81
C GLY G 209 11.84 49.65 -59.04
N PRO G 210 13.14 49.97 -59.06
CA PRO G 210 13.92 49.72 -60.28
C PRO G 210 14.01 48.25 -60.65
N TRP G 211 14.14 47.34 -59.70
CA TRP G 211 14.22 45.93 -60.05
C TRP G 211 13.32 45.06 -59.18
N LYS G 212 13.03 43.88 -59.73
CA LYS G 212 12.02 42.97 -59.24
C LYS G 212 12.44 42.33 -57.91
N GLN G 213 11.44 41.74 -57.26
CA GLN G 213 11.66 41.00 -56.02
C GLN G 213 12.45 39.71 -56.26
N GLU G 214 13.22 39.33 -55.25
CA GLU G 214 13.92 38.05 -55.20
C GLU G 214 13.67 37.42 -53.84
N ASN G 215 13.49 36.10 -53.83
CA ASN G 215 13.43 35.36 -52.58
C ASN G 215 14.83 35.22 -51.99
N VAL G 216 14.94 35.46 -50.68
CA VAL G 216 16.25 35.49 -50.03
C VAL G 216 16.30 34.47 -48.91
N GLU G 217 17.46 34.35 -48.27
CA GLU G 217 17.64 33.41 -47.19
C GLU G 217 16.60 33.65 -46.10
N ALA G 218 16.18 32.57 -45.44
CA ALA G 218 15.16 32.68 -44.42
C ALA G 218 15.58 33.63 -43.31
N GLU G 219 16.88 33.69 -43.01
CA GLU G 219 17.43 34.54 -41.97
C GLU G 219 18.23 35.71 -42.53
N ALA G 220 17.85 36.23 -43.70
CA ALA G 220 18.47 37.43 -44.23
C ALA G 220 18.39 38.55 -43.20
N SER G 221 19.53 39.11 -42.83
CA SER G 221 19.61 40.03 -41.70
C SER G 221 19.92 41.47 -42.08
N MET G 222 20.86 41.71 -43.00
CA MET G 222 21.38 43.05 -43.22
C MET G 222 21.41 43.37 -44.71
N VAL G 223 21.17 44.64 -45.02
CA VAL G 223 21.23 45.15 -46.38
C VAL G 223 22.44 46.07 -46.47
N ILE G 224 23.29 45.83 -47.45
CA ILE G 224 24.49 46.63 -47.69
C ILE G 224 24.26 47.33 -49.03
N ALA G 225 24.37 48.64 -49.05
CA ALA G 225 24.22 49.41 -50.27
C ALA G 225 25.57 49.56 -50.95
N VAL G 226 25.72 48.97 -52.14
CA VAL G 226 27.01 48.99 -52.81
C VAL G 226 27.20 50.31 -53.56
N PRO G 227 28.43 50.89 -53.56
CA PRO G 227 28.62 52.20 -54.20
C PRO G 227 28.55 52.16 -55.72
N GLU G 228 28.76 53.33 -56.32
CA GLU G 228 28.48 53.51 -57.75
C GLU G 228 29.21 52.52 -58.65
N PRO G 229 30.49 52.20 -58.45
CA PRO G 229 31.16 51.32 -59.42
C PRO G 229 30.45 49.99 -59.67
N PHE G 230 29.92 49.36 -58.62
CA PHE G 230 29.14 48.13 -58.77
C PHE G 230 27.65 48.41 -58.77
N GLY G 231 27.17 49.17 -57.78
CA GLY G 231 25.76 49.43 -57.63
C GLY G 231 25.05 48.28 -56.95
N GLY G 232 23.74 48.45 -56.78
CA GLY G 232 22.96 47.39 -56.19
C GLY G 232 23.19 47.28 -54.69
N ALA G 233 22.95 46.08 -54.17
CA ALA G 233 23.05 45.85 -52.74
C ALA G 233 23.48 44.41 -52.48
N ILE G 234 24.09 44.21 -51.30
CA ILE G 234 24.45 42.88 -50.80
C ILE G 234 23.58 42.59 -49.60
N ILE G 235 23.11 41.34 -49.49
CA ILE G 235 22.25 40.91 -48.39
C ILE G 235 22.97 39.82 -47.62
N ILE G 236 23.21 40.06 -46.34
CA ILE G 236 23.96 39.15 -45.48
C ILE G 236 22.98 38.31 -44.66
N GLY G 237 23.20 37.00 -44.65
CA GLY G 237 22.38 36.09 -43.87
C GLY G 237 23.21 35.21 -42.96
N GLN G 238 22.61 34.15 -42.44
CA GLN G 238 23.33 33.21 -41.58
C GLN G 238 24.23 32.28 -42.39
N GLU G 239 23.75 31.80 -43.55
CA GLU G 239 24.51 30.85 -44.35
C GLU G 239 24.97 31.38 -45.69
N SER G 240 24.44 32.50 -46.16
CA SER G 240 24.73 32.93 -47.52
C SER G 240 24.81 34.45 -47.61
N ILE G 241 25.61 34.92 -48.55
CA ILE G 241 25.73 36.33 -48.90
C ILE G 241 25.36 36.45 -50.38
N THR G 242 24.49 37.41 -50.69
CA THR G 242 23.93 37.53 -52.03
C THR G 242 24.02 38.97 -52.51
N TYR G 243 24.29 39.14 -53.81
CA TYR G 243 24.31 40.45 -54.46
C TYR G 243 23.15 40.53 -55.45
N HIS G 244 22.40 41.63 -55.38
CA HIS G 244 21.24 41.84 -56.24
C HIS G 244 21.37 43.18 -56.95
N ASN G 245 21.18 43.17 -58.28
CA ASN G 245 21.08 44.42 -59.02
C ASN G 245 20.42 44.11 -60.37
N GLY G 246 19.12 44.35 -60.45
CA GLY G 246 18.40 44.11 -61.70
C GLY G 246 18.52 42.66 -62.13
N ASP G 247 19.12 42.46 -63.30
CA ASP G 247 19.28 41.11 -63.83
C ASP G 247 20.43 40.36 -63.17
N LYS G 248 21.38 41.07 -62.58
CA LYS G 248 22.54 40.43 -61.96
C LYS G 248 22.15 39.83 -60.61
N TYR G 249 22.68 38.64 -60.34
CA TYR G 249 22.44 37.95 -59.08
C TYR G 249 23.65 37.07 -58.78
N LEU G 250 24.28 37.29 -57.61
CA LEU G 250 25.40 36.48 -57.17
C LEU G 250 25.10 35.95 -55.77
N ALA G 251 25.47 34.70 -55.52
CA ALA G 251 25.27 34.09 -54.22
C ALA G 251 26.47 33.24 -53.84
N ILE G 252 27.11 33.57 -52.73
CA ILE G 252 28.20 32.77 -52.17
C ILE G 252 27.76 32.33 -50.78
N ALA G 253 27.94 31.05 -50.48
CA ALA G 253 27.53 30.46 -49.21
C ALA G 253 28.69 29.67 -48.62
N PRO G 254 29.72 30.35 -48.13
CA PRO G 254 30.85 29.63 -47.56
C PRO G 254 30.46 28.99 -46.24
N PRO G 255 31.02 27.82 -45.91
CA PRO G 255 30.61 27.14 -44.67
C PRO G 255 31.11 27.81 -43.41
N ILE G 256 32.09 28.71 -43.51
CA ILE G 256 32.70 29.28 -42.31
C ILE G 256 31.75 30.28 -41.64
N ILE G 257 31.02 31.07 -42.42
CA ILE G 257 30.15 32.06 -41.81
C ILE G 257 29.00 31.39 -41.07
N LYS G 258 28.62 30.17 -41.48
CA LYS G 258 27.50 29.49 -40.84
C LYS G 258 27.77 29.24 -39.37
N GLN G 259 29.04 29.13 -38.97
CA GLN G 259 29.37 28.79 -37.59
C GLN G 259 28.89 29.85 -36.60
N SER G 260 28.89 31.12 -36.99
CA SER G 260 28.48 32.19 -36.10
C SER G 260 27.77 33.28 -36.89
N THR G 261 26.80 33.91 -36.26
CA THR G 261 25.97 34.91 -36.92
C THR G 261 26.77 36.19 -37.16
N ILE G 262 26.62 36.75 -38.36
CA ILE G 262 27.26 38.01 -38.72
C ILE G 262 26.34 39.14 -38.28
N VAL G 263 26.89 40.10 -37.54
CA VAL G 263 26.06 41.12 -36.90
C VAL G 263 26.44 42.54 -37.28
N CYS G 264 27.54 42.74 -38.00
CA CYS G 264 27.95 44.08 -38.39
C CYS G 264 28.61 44.00 -39.75
N HIS G 265 28.46 45.06 -40.54
CA HIS G 265 29.05 45.14 -41.86
C HIS G 265 29.65 46.53 -42.02
N ASN G 266 30.83 46.58 -42.64
CA ASN G 266 31.52 47.83 -42.89
C ASN G 266 32.23 47.81 -44.24
N ARG G 267 32.24 48.98 -44.88
CA ARG G 267 32.88 49.17 -46.17
C ARG G 267 34.30 49.71 -45.97
N VAL G 268 35.27 49.10 -46.64
CA VAL G 268 36.66 49.53 -46.55
C VAL G 268 37.01 50.46 -47.71
N ASP G 269 36.79 50.01 -48.93
CA ASP G 269 37.12 50.80 -50.12
C ASP G 269 35.92 51.62 -50.57
N PRO G 270 36.06 52.94 -50.74
CA PRO G 270 34.91 53.73 -51.21
C PRO G 270 34.36 53.24 -52.54
N ASN G 271 35.18 52.60 -53.36
CA ASN G 271 34.73 52.06 -54.63
C ASN G 271 33.93 50.76 -54.47
N GLY G 272 33.82 50.26 -53.25
CA GLY G 272 32.98 49.12 -52.95
C GLY G 272 33.63 47.77 -53.10
N SER G 273 34.94 47.72 -53.35
CA SER G 273 35.60 46.45 -53.62
C SER G 273 35.78 45.59 -52.38
N ARG G 274 35.77 46.19 -51.19
CA ARG G 274 36.04 45.45 -49.97
C ARG G 274 35.07 45.89 -48.87
N TYR G 275 34.58 44.91 -48.11
CA TYR G 275 33.70 45.14 -46.98
C TYR G 275 34.20 44.32 -45.80
N LEU G 276 33.94 44.82 -44.59
CA LEU G 276 34.34 44.14 -43.37
C LEU G 276 33.13 43.53 -42.66
N LEU G 277 33.26 42.29 -42.20
CA LEU G 277 32.19 41.59 -41.50
C LEU G 277 32.65 41.10 -40.13
N GLY G 278 31.76 41.19 -39.15
CA GLY G 278 32.01 40.65 -37.83
C GLY G 278 30.86 39.78 -37.37
N ASP G 279 31.19 38.81 -36.50
CA ASP G 279 30.22 37.83 -36.03
C ASP G 279 30.23 37.76 -34.51
N MET G 280 29.23 37.04 -33.95
CA MET G 280 29.03 37.00 -32.51
C MET G 280 30.17 36.32 -31.77
N GLU G 281 30.99 35.53 -32.45
CA GLU G 281 32.14 34.89 -31.82
C GLU G 281 33.41 35.74 -31.87
N GLY G 282 33.31 36.98 -32.34
CA GLY G 282 34.45 37.88 -32.39
C GLY G 282 35.30 37.80 -33.65
N ARG G 283 34.93 36.93 -34.59
CA ARG G 283 35.71 36.79 -35.82
C ARG G 283 35.48 37.96 -36.76
N LEU G 284 36.55 38.40 -37.42
CA LEU G 284 36.53 39.50 -38.38
C LEU G 284 36.85 38.97 -39.76
N PHE G 285 35.95 39.23 -40.72
CA PHE G 285 36.10 38.77 -42.10
C PHE G 285 36.29 39.95 -43.05
N MET G 286 36.60 39.62 -44.29
CA MET G 286 36.73 40.58 -45.37
C MET G 286 35.89 40.10 -46.54
N LEU G 287 34.89 40.89 -46.93
CA LEU G 287 34.05 40.59 -48.07
C LEU G 287 34.62 41.29 -49.31
N LEU G 288 35.13 40.50 -50.25
CA LEU G 288 35.74 41.02 -51.46
C LEU G 288 34.79 40.91 -52.65
N LEU G 289 34.66 41.99 -53.40
CA LEU G 289 33.88 42.02 -54.63
C LEU G 289 34.86 41.93 -55.79
N GLU G 290 34.86 40.80 -56.49
CA GLU G 290 35.80 40.58 -57.57
C GLU G 290 35.24 41.25 -58.81
N LYS G 291 35.81 42.39 -59.17
CA LYS G 291 35.29 43.15 -60.30
C LYS G 291 35.86 42.56 -61.59
N GLU G 292 35.06 42.62 -62.64
CA GLU G 292 35.51 42.24 -63.97
C GLU G 292 35.47 43.55 -64.75
N GLU G 293 36.66 44.10 -65.00
CA GLU G 293 36.75 45.39 -65.65
C GLU G 293 36.67 45.19 -67.15
N GLN G 294 35.83 45.99 -67.79
CA GLN G 294 35.70 45.95 -69.23
C GLN G 294 36.48 47.10 -69.86
N MET G 295 36.83 46.91 -71.13
CA MET G 295 37.46 47.99 -71.86
C MET G 295 36.51 49.17 -71.98
N ASP G 296 35.20 48.91 -72.05
CA ASP G 296 34.19 49.95 -72.04
C ASP G 296 34.20 50.74 -70.73
N GLY G 297 34.70 50.14 -69.65
CA GLY G 297 34.57 50.73 -68.34
C GLY G 297 33.34 50.27 -67.58
N THR G 298 32.51 49.43 -68.19
CA THR G 298 31.29 48.92 -67.58
C THR G 298 31.64 47.84 -66.57
N VAL G 299 32.02 48.30 -65.37
CA VAL G 299 32.37 47.40 -64.28
C VAL G 299 31.21 46.43 -64.06
N THR G 300 31.47 45.14 -64.19
CA THR G 300 30.49 44.11 -63.87
C THR G 300 31.08 43.28 -62.74
N LEU G 301 30.23 42.80 -61.84
CA LEU G 301 30.69 42.02 -60.70
C LEU G 301 30.81 40.55 -61.10
N LYS G 302 32.00 39.98 -60.91
CA LYS G 302 32.25 38.62 -61.36
C LYS G 302 31.92 37.60 -60.26
N ASP G 303 32.40 37.83 -59.05
CA ASP G 303 32.14 36.90 -57.95
C ASP G 303 32.42 37.60 -56.63
N LEU G 304 31.99 36.96 -55.54
CA LEU G 304 32.18 37.45 -54.18
C LEU G 304 33.04 36.46 -53.40
N ARG G 305 33.84 36.98 -52.47
CA ARG G 305 34.73 36.16 -51.66
C ARG G 305 34.76 36.63 -50.22
N VAL G 306 34.81 35.66 -49.30
CA VAL G 306 34.89 35.92 -47.86
C VAL G 306 36.18 35.32 -47.33
N GLU G 307 36.94 36.14 -46.59
CA GLU G 307 38.24 35.74 -46.07
C GLU G 307 38.32 36.10 -44.59
N LEU G 308 38.66 35.12 -43.76
CA LEU G 308 38.81 35.35 -42.33
C LEU G 308 40.11 36.10 -42.05
N LEU G 309 40.03 37.18 -41.29
CA LEU G 309 41.20 37.97 -40.92
C LEU G 309 41.73 37.63 -39.53
N GLY G 310 40.83 37.46 -38.56
CA GLY G 310 41.26 37.19 -37.19
C GLY G 310 40.12 37.38 -36.21
N GLU G 311 40.49 37.71 -34.97
CA GLU G 311 39.55 37.92 -33.89
C GLU G 311 39.67 39.32 -33.31
N THR G 312 38.53 39.92 -33.00
CA THR G 312 38.43 41.18 -32.30
C THR G 312 37.50 40.97 -31.11
N SER G 313 37.22 42.04 -30.36
CA SER G 313 36.16 41.95 -29.37
C SER G 313 34.83 41.84 -30.11
N ILE G 314 33.86 41.18 -29.48
CA ILE G 314 32.55 41.08 -30.09
C ILE G 314 32.07 42.49 -30.41
N ALA G 315 31.80 42.76 -31.68
CA ALA G 315 31.68 44.12 -32.18
C ALA G 315 30.24 44.45 -32.50
N GLU G 316 29.73 45.51 -31.87
CA GLU G 316 28.44 46.06 -32.26
C GLU G 316 28.53 46.82 -33.58
N CYS G 317 29.61 47.58 -33.78
CA CYS G 317 29.81 48.34 -35.00
C CYS G 317 31.27 48.26 -35.41
N LEU G 318 31.51 48.26 -36.72
CA LEU G 318 32.86 48.33 -37.26
C LEU G 318 32.95 49.60 -38.07
N THR G 319 34.12 50.23 -38.09
CA THR G 319 34.35 51.37 -38.95
C THR G 319 35.82 51.38 -39.32
N TYR G 320 36.11 51.39 -40.62
CA TYR G 320 37.48 51.41 -41.09
C TYR G 320 38.03 52.82 -41.16
N LEU G 321 39.22 53.00 -40.59
CA LEU G 321 39.91 54.28 -40.55
C LEU G 321 41.02 54.23 -41.61
N ASP G 322 41.63 55.38 -41.88
CA ASP G 322 42.71 55.37 -42.85
C ASP G 322 43.90 54.56 -42.34
N ASN G 323 44.77 54.18 -43.28
CA ASN G 323 46.00 53.44 -43.00
C ASN G 323 45.76 52.14 -42.25
N GLY G 324 44.80 51.35 -42.76
CA GLY G 324 44.59 50.00 -42.26
C GLY G 324 44.06 49.89 -40.84
N VAL G 325 43.82 51.01 -40.16
CA VAL G 325 43.34 51.00 -38.78
C VAL G 325 41.83 50.84 -38.77
N VAL G 326 41.33 50.01 -37.85
CA VAL G 326 39.90 49.74 -37.73
C VAL G 326 39.49 49.91 -36.27
N PHE G 327 38.44 50.69 -36.04
CA PHE G 327 37.86 50.82 -34.72
C PHE G 327 36.78 49.77 -34.53
N VAL G 328 36.88 49.02 -33.43
CA VAL G 328 35.93 47.98 -33.09
C VAL G 328 35.12 48.45 -31.89
N GLY G 329 33.87 48.83 -32.13
CA GLY G 329 32.97 49.26 -31.08
C GLY G 329 32.20 48.10 -30.49
N SER G 330 32.43 47.80 -29.22
CA SER G 330 31.82 46.64 -28.57
C SER G 330 30.83 47.06 -27.49
N ARG G 331 29.70 46.34 -27.41
CA ARG G 331 28.75 46.51 -26.34
C ARG G 331 28.87 45.43 -25.27
N LEU G 332 29.53 44.32 -25.59
CA LEU G 332 29.69 43.20 -24.67
C LEU G 332 31.09 43.11 -24.09
N GLY G 333 32.07 43.78 -24.68
CA GLY G 333 33.42 43.74 -24.18
C GLY G 333 34.16 45.03 -24.45
N ASP G 334 35.47 45.03 -24.24
CA ASP G 334 36.27 46.23 -24.45
C ASP G 334 36.34 46.58 -25.93
N SER G 335 36.13 47.86 -26.25
CA SER G 335 36.32 48.34 -27.60
C SER G 335 37.81 48.50 -27.88
N GLN G 336 38.16 48.63 -29.15
CA GLN G 336 39.57 48.61 -29.52
C GLN G 336 39.81 49.29 -30.85
N LEU G 337 41.06 49.73 -31.03
CA LEU G 337 41.62 50.01 -32.34
C LEU G 337 42.53 48.86 -32.73
N VAL G 338 42.38 48.37 -33.96
CA VAL G 338 43.12 47.19 -34.40
C VAL G 338 43.81 47.52 -35.71
N LYS G 339 44.96 46.89 -35.92
CA LYS G 339 45.74 47.05 -37.14
C LYS G 339 45.47 45.86 -38.05
N LEU G 340 45.07 46.14 -39.29
CA LEU G 340 44.87 45.12 -40.31
C LEU G 340 46.11 45.06 -41.17
N ASN G 341 46.82 43.95 -41.11
CA ASN G 341 48.06 43.76 -41.81
C ASN G 341 47.88 42.94 -43.09
N VAL G 342 48.83 43.14 -44.01
CA VAL G 342 48.90 42.32 -45.21
C VAL G 342 49.51 40.97 -44.84
N ASP G 343 50.40 40.97 -43.85
CA ASP G 343 51.09 39.77 -43.39
C ASP G 343 50.36 39.13 -42.23
N SER G 344 50.29 37.80 -42.27
CA SER G 344 49.76 37.03 -41.15
C SER G 344 50.81 36.93 -40.05
N ASN G 345 50.35 36.77 -38.81
CA ASN G 345 51.25 36.63 -37.68
C ASN G 345 51.57 35.15 -37.46
N GLU G 346 52.21 34.85 -36.33
CA GLU G 346 52.66 33.49 -36.06
C GLU G 346 51.52 32.51 -35.87
N GLN G 347 50.32 33.00 -35.60
CA GLN G 347 49.14 32.16 -35.43
C GLN G 347 48.27 32.09 -36.67
N GLY G 348 48.61 32.83 -37.72
CA GLY G 348 47.80 32.89 -38.92
C GLY G 348 46.83 34.03 -38.98
N SER G 349 46.89 34.97 -38.04
CA SER G 349 45.96 36.08 -37.95
C SER G 349 46.55 37.33 -38.61
N TYR G 350 45.68 38.10 -39.25
CA TYR G 350 46.06 39.37 -39.86
C TYR G 350 45.70 40.58 -39.00
N VAL G 351 45.19 40.36 -37.79
CA VAL G 351 44.68 41.42 -36.93
C VAL G 351 45.58 41.54 -35.71
N VAL G 352 45.99 42.77 -35.40
CA VAL G 352 46.83 43.06 -34.24
C VAL G 352 46.23 44.23 -33.49
N ALA G 353 46.00 44.04 -32.19
CA ALA G 353 45.42 45.09 -31.36
C ALA G 353 46.42 46.21 -31.13
N MET G 354 45.98 47.45 -31.32
CA MET G 354 46.77 48.63 -30.99
C MET G 354 46.38 49.16 -29.61
N GLU G 355 45.14 49.58 -29.46
CA GLU G 355 44.63 50.19 -28.23
C GLU G 355 43.42 49.44 -27.74
N THR G 356 43.26 49.41 -26.43
CA THR G 356 42.10 48.79 -25.78
C THR G 356 41.40 49.87 -24.97
N PHE G 357 40.10 49.98 -25.15
CA PHE G 357 39.29 51.00 -24.48
C PHE G 357 38.41 50.28 -23.47
N THR G 358 38.60 50.60 -22.19
CA THR G 358 37.87 49.89 -21.15
C THR G 358 36.37 50.05 -21.37
N ASN G 359 35.66 48.94 -21.44
CA ASN G 359 34.21 48.91 -21.49
C ASN G 359 33.74 48.05 -20.33
N LEU G 360 33.06 48.66 -19.38
CA LEU G 360 32.52 47.90 -18.26
C LEU G 360 31.44 46.92 -18.71
N GLY G 361 31.11 46.92 -20.01
CA GLY G 361 30.23 45.93 -20.59
C GLY G 361 28.94 45.82 -19.82
N PRO G 362 28.12 44.83 -20.17
CA PRO G 362 26.93 44.56 -19.36
C PRO G 362 27.35 44.17 -17.95
N ILE G 363 26.86 44.93 -16.97
CA ILE G 363 27.16 44.67 -15.57
C ILE G 363 26.06 43.75 -15.05
N VAL G 364 26.35 42.44 -15.04
CA VAL G 364 25.34 41.47 -14.65
C VAL G 364 25.12 41.50 -13.14
N ASP G 365 26.19 41.67 -12.37
CA ASP G 365 26.11 41.72 -10.91
C ASP G 365 27.32 42.48 -10.40
N MET G 366 27.28 42.84 -9.11
CA MET G 366 28.41 43.51 -8.48
C MET G 366 28.25 43.41 -6.97
N CYS G 367 29.39 43.44 -6.27
CA CYS G 367 29.43 43.44 -4.82
C CYS G 367 30.48 44.43 -4.36
N VAL G 368 30.25 45.02 -3.20
CA VAL G 368 31.15 46.01 -2.62
C VAL G 368 31.88 45.39 -1.44
N VAL G 369 33.21 45.44 -1.47
CA VAL G 369 34.07 44.94 -0.39
C VAL G 369 35.26 45.87 -0.27
N ASP G 370 35.66 46.19 0.97
CA ASP G 370 36.83 47.01 1.23
C ASP G 370 38.03 46.14 1.62
N LEU G 371 38.92 45.91 0.65
CA LEU G 371 40.09 45.08 0.89
C LEU G 371 41.07 45.74 1.86
N GLU G 372 41.20 47.07 1.78
CA GLU G 372 42.16 47.82 2.58
C GLU G 372 41.66 48.15 3.97
N ARG G 373 40.42 47.80 4.33
CA ARG G 373 39.85 48.14 5.64
C ARG G 373 40.00 49.63 5.96
N GLN G 374 40.22 50.44 4.93
CA GLN G 374 40.29 51.89 5.06
C GLN G 374 38.90 52.50 5.14
N GLY G 375 37.88 51.71 4.78
CA GLY G 375 36.51 52.17 4.70
C GLY G 375 36.20 52.85 3.39
N GLN G 376 37.08 52.72 2.40
CA GLN G 376 36.83 53.31 1.08
C GLN G 376 35.94 52.38 0.26
N GLY G 377 36.34 51.11 0.15
CA GLY G 377 35.54 50.13 -0.56
C GLY G 377 35.86 50.04 -2.03
N GLN G 378 35.87 48.82 -2.56
CA GLN G 378 36.14 48.55 -3.96
C GLN G 378 34.96 47.78 -4.54
N LEU G 379 34.61 48.08 -5.79
CA LEU G 379 33.46 47.49 -6.46
C LEU G 379 33.94 46.39 -7.42
N VAL G 380 33.62 45.15 -7.10
CA VAL G 380 33.93 43.99 -7.94
C VAL G 380 32.68 43.66 -8.75
N THR G 381 32.79 43.72 -10.09
CA THR G 381 31.63 43.62 -10.96
C THR G 381 31.77 42.45 -11.92
N CYS G 382 30.65 41.75 -12.15
CA CYS G 382 30.54 40.78 -13.23
C CYS G 382 30.22 41.52 -14.53
N SER G 383 31.20 41.60 -15.44
CA SER G 383 31.05 42.41 -16.64
C SER G 383 31.34 41.59 -17.89
N GLY G 384 30.61 41.92 -18.97
CA GLY G 384 30.81 41.28 -20.26
C GLY G 384 30.04 39.97 -20.40
N ALA G 385 30.19 39.38 -21.58
CA ALA G 385 29.58 38.08 -21.87
C ALA G 385 30.48 37.29 -22.81
N PHE G 386 30.38 35.97 -22.72
CA PHE G 386 31.08 35.02 -23.60
C PHE G 386 32.59 35.27 -23.47
N LYS G 387 33.34 35.35 -24.58
CA LYS G 387 34.78 35.48 -24.50
C LYS G 387 35.19 36.78 -23.80
N GLU G 388 34.35 37.81 -23.85
CA GLU G 388 34.65 39.09 -23.22
C GLU G 388 34.28 39.14 -21.74
N GLY G 389 33.77 38.05 -21.18
CA GLY G 389 33.44 38.07 -19.76
C GLY G 389 34.64 38.42 -18.90
N SER G 390 34.39 39.22 -17.86
CA SER G 390 35.48 39.72 -17.04
C SER G 390 34.95 40.11 -15.66
N LEU G 391 35.88 40.18 -14.70
CA LEU G 391 35.66 40.77 -13.39
C LEU G 391 36.39 42.12 -13.35
N ARG G 392 35.70 43.16 -12.90
CA ARG G 392 36.25 44.52 -12.92
C ARG G 392 36.32 45.10 -11.51
N ILE G 393 37.52 45.43 -11.07
CA ILE G 393 37.77 46.04 -9.77
C ILE G 393 37.84 47.54 -9.96
N ILE G 394 36.95 48.29 -9.30
CA ILE G 394 36.83 49.73 -9.48
C ILE G 394 37.00 50.43 -8.14
N ARG G 395 37.88 51.43 -8.09
CA ARG G 395 38.12 52.23 -6.89
C ARG G 395 38.27 53.70 -7.28
N ASN G 396 37.98 54.58 -6.32
CA ASN G 396 38.12 56.01 -6.55
C ASN G 396 39.57 56.44 -6.39
N GLY G 397 40.04 57.28 -7.32
CA GLY G 397 41.41 57.76 -7.26
C GLY G 397 41.61 58.73 -6.11
N ILE G 398 42.70 58.54 -5.36
CA ILE G 398 43.00 59.39 -4.22
C ILE G 398 44.30 60.14 -4.46
N LYS G 409 39.32 60.64 -11.31
CA LYS G 409 39.02 59.48 -12.14
C LYS G 409 39.08 58.16 -11.37
N LEU G 410 38.45 57.15 -11.94
CA LEU G 410 38.42 55.80 -11.38
C LEU G 410 39.56 54.93 -11.89
N HIS G 411 40.16 54.17 -10.97
CA HIS G 411 41.17 53.17 -11.32
C HIS G 411 40.47 51.83 -11.47
N ILE G 412 40.63 51.19 -12.62
CA ILE G 412 39.89 49.98 -12.97
C ILE G 412 40.87 48.88 -13.30
N ARG G 413 40.81 47.78 -12.53
CA ARG G 413 41.57 46.58 -12.82
C ARG G 413 40.66 45.56 -13.49
N THR G 414 41.19 44.85 -14.48
CA THR G 414 40.41 43.90 -15.28
C THR G 414 40.94 42.48 -15.07
N VAL G 415 40.04 41.56 -14.76
CA VAL G 415 40.35 40.15 -14.62
C VAL G 415 39.57 39.39 -15.69
N PRO G 416 40.23 38.98 -16.78
CA PRO G 416 39.51 38.26 -17.84
C PRO G 416 39.12 36.84 -17.44
N LEU G 417 37.88 36.48 -17.79
CA LEU G 417 37.37 35.14 -17.52
C LEU G 417 37.16 34.29 -18.76
N TYR G 418 36.97 34.91 -19.92
CA TYR G 418 36.72 34.22 -21.18
C TYR G 418 35.44 33.39 -21.15
N GLU G 419 34.60 33.59 -20.15
CA GLU G 419 33.26 33.03 -20.12
C GLU G 419 32.36 34.03 -19.41
N SER G 420 31.06 33.79 -19.47
CA SER G 420 30.09 34.78 -19.02
C SER G 420 30.00 34.80 -17.50
N PRO G 421 30.27 35.93 -16.83
CA PRO G 421 30.03 36.02 -15.39
C PRO G 421 28.60 36.40 -15.12
N ARG G 422 28.02 35.79 -14.09
CA ARG G 422 26.59 35.93 -13.81
C ARG G 422 26.28 36.53 -12.46
N LYS G 423 26.87 36.02 -11.37
CA LYS G 423 26.66 36.55 -10.03
C LYS G 423 27.99 36.54 -9.30
N ILE G 424 28.15 37.45 -8.34
CA ILE G 424 29.36 37.51 -7.53
C ILE G 424 29.00 37.73 -6.06
N CYS G 425 29.70 37.02 -5.19
CA CYS G 425 29.52 37.14 -3.75
C CYS G 425 30.89 37.06 -3.09
N TYR G 426 31.02 37.68 -1.92
CA TYR G 426 32.30 37.75 -1.22
C TYR G 426 32.22 37.03 0.12
N GLN G 427 33.22 36.19 0.39
CA GLN G 427 33.34 35.43 1.63
C GLN G 427 34.65 35.85 2.29
N GLU G 428 34.58 36.81 3.22
CA GLU G 428 35.79 37.28 3.88
C GLU G 428 36.50 36.14 4.58
N VAL G 429 35.74 35.23 5.19
CA VAL G 429 36.34 34.12 5.93
C VAL G 429 37.36 33.39 5.08
N SER G 430 37.09 33.26 3.79
CA SER G 430 37.97 32.54 2.88
C SER G 430 38.82 33.46 2.01
N GLN G 431 38.78 34.77 2.25
CA GLN G 431 39.59 35.71 1.47
C GLN G 431 39.44 35.44 -0.02
N CYS G 432 38.21 35.18 -0.45
CA CYS G 432 37.95 34.79 -1.82
C CYS G 432 36.59 35.34 -2.24
N PHE G 433 36.36 35.31 -3.55
CA PHE G 433 35.08 35.72 -4.13
C PHE G 433 34.42 34.50 -4.75
N GLY G 434 33.10 34.41 -4.60
CA GLY G 434 32.31 33.43 -5.31
C GLY G 434 31.67 34.07 -6.52
N VAL G 435 31.90 33.47 -7.69
CA VAL G 435 31.40 33.98 -8.95
C VAL G 435 30.74 32.83 -9.71
N LEU G 436 29.50 33.05 -10.16
CA LEU G 436 28.79 32.11 -11.02
C LEU G 436 29.07 32.45 -12.47
N SER G 437 29.40 31.43 -13.26
CA SER G 437 29.77 31.63 -14.65
C SER G 437 29.12 30.57 -15.52
N SER G 438 28.99 30.90 -16.81
CA SER G 438 28.50 29.97 -17.82
C SER G 438 29.39 30.04 -19.04
N ARG G 439 29.69 28.90 -19.64
CA ARG G 439 30.46 28.82 -20.87
C ARG G 439 29.65 28.05 -21.91
N ILE G 440 29.86 28.38 -23.18
CA ILE G 440 29.12 27.77 -24.28
C ILE G 440 29.95 26.66 -24.89
N GLU G 441 29.43 25.44 -24.85
CA GLU G 441 29.97 24.31 -25.59
C GLU G 441 28.97 23.91 -26.66
N VAL G 442 29.46 23.16 -27.65
CA VAL G 442 28.65 22.75 -28.80
C VAL G 442 28.67 21.23 -28.87
N GLN G 443 27.51 20.66 -29.17
CA GLN G 443 27.41 19.21 -29.30
C GLN G 443 28.34 18.74 -30.42
N ASP G 444 29.17 17.75 -30.12
CA ASP G 444 30.16 17.27 -31.07
C ASP G 444 29.80 15.87 -31.54
N THR G 445 30.60 15.37 -32.50
CA THR G 445 30.34 14.08 -33.12
C THR G 445 30.51 12.92 -32.15
N SER G 446 31.20 13.13 -31.03
CA SER G 446 31.37 12.07 -30.05
C SER G 446 30.11 11.79 -29.25
N GLY G 447 29.08 12.63 -29.38
CA GLY G 447 27.92 12.57 -28.54
C GLY G 447 27.97 13.49 -27.35
N GLY G 448 29.17 13.88 -26.92
CA GLY G 448 29.35 14.87 -25.88
C GLY G 448 29.35 16.27 -26.45
N THR G 449 30.04 17.17 -25.75
CA THR G 449 30.16 18.55 -26.18
C THR G 449 31.61 18.99 -26.08
N THR G 450 31.94 20.02 -26.86
CA THR G 450 33.30 20.55 -26.93
C THR G 450 33.27 22.05 -26.71
N ALA G 451 34.18 22.53 -25.87
CA ALA G 451 34.28 23.95 -25.57
C ALA G 451 35.02 24.67 -26.69
N LEU G 452 34.50 25.83 -27.09
CA LEU G 452 35.07 26.57 -28.20
C LEU G 452 36.45 27.13 -27.85
N ARG G 453 36.70 27.39 -26.57
CA ARG G 453 37.95 27.98 -26.11
C ARG G 453 38.11 27.66 -24.63
N PRO G 454 39.33 27.64 -24.11
CA PRO G 454 39.50 27.48 -22.66
C PRO G 454 39.09 28.74 -21.93
N SER G 455 38.56 28.55 -20.71
CA SER G 455 38.07 29.66 -19.92
C SER G 455 38.21 29.32 -18.44
N ALA G 456 37.74 30.24 -17.59
CA ALA G 456 38.00 30.15 -16.16
C ALA G 456 37.60 28.80 -15.58
N SER G 457 36.44 28.28 -15.97
CA SER G 457 35.97 27.04 -15.38
C SER G 457 36.83 25.85 -15.77
N THR G 458 37.55 25.92 -16.89
CA THR G 458 38.41 24.83 -17.33
C THR G 458 39.87 25.00 -16.91
N GLN G 459 40.27 26.20 -16.49
CA GLN G 459 41.65 26.49 -16.13
C GLN G 459 41.83 26.75 -14.64
N ALA G 460 40.88 26.32 -13.81
CA ALA G 460 41.02 26.47 -12.37
C ALA G 460 42.11 25.54 -11.85
N LEU G 461 42.72 25.92 -10.72
CA LEU G 461 43.77 25.08 -10.15
C LEU G 461 43.24 23.69 -9.83
N SER G 462 42.21 23.62 -8.98
CA SER G 462 41.46 22.40 -8.73
C SER G 462 40.04 22.59 -9.25
N SER G 463 39.39 21.49 -9.62
CA SER G 463 38.05 21.57 -10.19
C SER G 463 37.24 20.39 -9.70
N SER G 464 35.91 20.54 -9.76
CA SER G 464 35.00 19.50 -9.32
C SER G 464 33.74 19.55 -10.16
N VAL G 465 33.03 18.41 -10.19
CA VAL G 465 31.78 18.28 -10.94
C VAL G 465 30.75 17.64 -10.02
N SER G 466 29.54 18.21 -10.01
CA SER G 466 28.49 17.69 -9.15
C SER G 466 28.15 16.25 -9.55
N SER G 467 27.97 15.40 -8.54
CA SER G 467 27.58 14.01 -8.75
C SER G 467 26.16 13.75 -8.24
N SER G 468 25.35 14.80 -8.11
CA SER G 468 24.01 14.65 -7.56
C SER G 468 23.17 13.71 -8.41
N LYS G 469 22.47 12.79 -7.75
CA LYS G 469 21.52 11.88 -8.38
C LYS G 469 20.07 12.27 -8.09
N LEU G 470 19.84 13.50 -7.59
CA LEU G 470 18.51 13.88 -7.16
C LEU G 470 17.50 13.78 -8.30
N PHE G 471 17.86 14.26 -9.48
CA PHE G 471 16.95 14.14 -10.62
C PHE G 471 17.02 12.77 -11.27
N SER G 472 18.08 12.02 -11.01
CA SER G 472 18.19 10.63 -11.44
C SER G 472 17.58 10.37 -12.82
N SER G 473 16.66 9.41 -12.90
CA SER G 473 16.06 9.05 -14.19
C SER G 473 15.31 10.25 -14.79
N SER G 474 14.50 10.93 -13.98
CA SER G 474 13.78 12.10 -14.46
C SER G 474 13.01 11.80 -15.73
N THR G 475 13.28 12.53 -16.81
CA THR G 475 12.61 12.27 -18.08
C THR G 475 13.56 11.52 -19.00
N ALA G 476 13.00 10.91 -20.05
CA ALA G 476 13.86 10.29 -21.04
C ALA G 476 14.83 11.35 -21.56
N PRO G 477 16.07 11.00 -21.87
CA PRO G 477 17.03 12.02 -22.32
C PRO G 477 16.49 12.74 -23.55
N HIS G 478 16.60 14.07 -23.54
CA HIS G 478 16.10 14.85 -24.66
C HIS G 478 17.06 14.66 -25.83
N GLU G 479 16.50 14.70 -27.04
CA GLU G 479 17.31 14.40 -28.22
C GLU G 479 18.34 15.50 -28.44
N THR G 480 19.57 15.10 -28.71
CA THR G 480 20.68 16.04 -28.93
C THR G 480 21.13 15.93 -30.38
N SER G 481 21.24 17.09 -31.03
CA SER G 481 21.65 17.17 -32.42
C SER G 481 22.97 17.92 -32.54
N PHE G 482 23.85 17.41 -33.41
CA PHE G 482 25.15 18.03 -33.60
C PHE G 482 25.00 19.48 -34.02
N GLY G 483 25.84 20.34 -33.45
CA GLY G 483 25.82 21.75 -33.75
C GLY G 483 25.02 22.59 -32.76
N GLU G 484 24.23 21.95 -31.90
CA GLU G 484 23.46 22.68 -30.91
C GLU G 484 24.38 23.24 -29.84
N GLU G 485 24.08 24.45 -29.38
CA GLU G 485 24.84 25.09 -28.32
C GLU G 485 24.18 24.76 -26.98
N VAL G 486 25.02 24.61 -25.95
CA VAL G 486 24.54 24.40 -24.59
C VAL G 486 25.41 25.21 -23.64
N GLU G 487 24.82 25.62 -22.53
CA GLU G 487 25.53 26.35 -21.49
C GLU G 487 25.94 25.40 -20.39
N VAL G 488 27.17 25.58 -19.90
CA VAL G 488 27.69 24.83 -18.77
C VAL G 488 27.98 25.84 -17.67
N HIS G 489 27.32 25.65 -16.53
CA HIS G 489 27.37 26.61 -15.43
C HIS G 489 28.30 26.10 -14.34
N ASN G 490 29.06 27.02 -13.75
CA ASN G 490 30.06 26.66 -12.76
C ASN G 490 30.05 27.68 -11.63
N LEU G 491 30.62 27.30 -10.50
CA LEU G 491 30.90 28.22 -9.40
C LEU G 491 32.40 28.35 -9.28
N LEU G 492 32.90 29.57 -9.44
CA LEU G 492 34.33 29.86 -9.42
C LEU G 492 34.70 30.48 -8.07
N ILE G 493 35.76 29.96 -7.47
CA ILE G 493 36.36 30.55 -6.28
C ILE G 493 37.60 31.33 -6.71
N ILE G 494 37.64 32.61 -6.39
CA ILE G 494 38.65 33.52 -6.90
C ILE G 494 39.34 34.18 -5.71
N ASP G 495 40.66 34.18 -5.71
CA ASP G 495 41.40 34.81 -4.61
C ASP G 495 41.24 36.32 -4.67
N GLN G 496 41.11 36.94 -3.50
CA GLN G 496 40.82 38.37 -3.45
C GLN G 496 42.03 39.22 -3.79
N HIS G 497 43.24 38.67 -3.72
CA HIS G 497 44.46 39.38 -4.06
C HIS G 497 44.98 39.01 -5.45
N THR G 498 45.15 37.71 -5.72
CA THR G 498 45.66 37.29 -7.01
C THR G 498 44.57 37.29 -8.09
N PHE G 499 43.31 37.15 -7.69
CA PHE G 499 42.21 37.02 -8.64
C PHE G 499 42.45 35.85 -9.58
N GLU G 500 43.01 34.77 -9.03
CA GLU G 500 43.25 33.52 -9.75
C GLU G 500 42.14 32.54 -9.41
N VAL G 501 41.70 31.79 -10.41
CA VAL G 501 40.65 30.80 -10.20
C VAL G 501 41.23 29.66 -9.37
N LEU G 502 40.80 29.57 -8.11
CA LEU G 502 41.32 28.54 -7.20
C LEU G 502 40.57 27.23 -7.36
N HIS G 503 39.26 27.29 -7.55
CA HIS G 503 38.45 26.09 -7.68
C HIS G 503 37.26 26.43 -8.58
N ALA G 504 36.82 25.44 -9.34
CA ALA G 504 35.65 25.56 -10.20
C ALA G 504 34.78 24.34 -10.02
N HIS G 505 33.50 24.56 -9.70
CA HIS G 505 32.54 23.47 -9.53
C HIS G 505 31.54 23.54 -10.68
N GLN G 506 31.51 22.50 -11.50
CA GLN G 506 30.58 22.41 -12.61
C GLN G 506 29.28 21.78 -12.15
N PHE G 507 28.17 22.41 -12.52
CA PHE G 507 26.85 21.94 -12.10
C PHE G 507 26.34 20.86 -13.05
N LEU G 508 25.18 20.30 -12.70
CA LEU G 508 24.65 19.15 -13.42
C LEU G 508 24.30 19.52 -14.86
N GLN G 509 24.22 18.48 -15.69
CA GLN G 509 23.84 18.66 -17.08
C GLN G 509 22.42 19.22 -17.17
N ASN G 510 22.24 20.23 -18.02
CA ASN G 510 20.96 20.93 -18.15
C ASN G 510 20.55 21.61 -16.84
N GLU G 511 21.53 22.05 -16.05
CA GLU G 511 21.29 22.79 -14.82
C GLU G 511 21.88 24.18 -14.92
N TYR G 512 21.05 25.20 -14.70
CA TYR G 512 21.45 26.61 -14.75
C TYR G 512 21.54 27.19 -13.35
N ALA G 513 22.66 27.85 -13.05
CA ALA G 513 22.85 28.52 -11.77
C ALA G 513 22.38 29.96 -11.87
N LEU G 514 21.54 30.39 -10.91
CA LEU G 514 20.91 31.69 -10.97
C LEU G 514 21.17 32.60 -9.77
N SER G 515 21.37 32.05 -8.57
CA SER G 515 21.52 32.85 -7.37
C SER G 515 22.71 32.40 -6.54
N LEU G 516 23.32 33.33 -5.83
CA LEU G 516 24.50 33.06 -5.03
C LEU G 516 24.50 33.92 -3.78
N VAL G 517 24.82 33.31 -2.64
CA VAL G 517 24.97 34.02 -1.37
C VAL G 517 26.13 33.42 -0.61
N SER G 518 26.71 34.22 0.28
CA SER G 518 27.73 33.78 1.22
C SER G 518 27.28 34.22 2.60
N CYS G 519 27.12 33.27 3.52
CA CYS G 519 26.56 33.59 4.82
C CYS G 519 26.72 32.41 5.77
N LYS G 520 26.51 32.70 7.06
CA LYS G 520 26.33 31.70 8.09
C LYS G 520 24.83 31.50 8.32
N LEU G 521 24.45 30.27 8.67
CA LEU G 521 23.05 29.94 8.88
C LEU G 521 22.86 29.30 10.26
N GLY G 522 21.70 29.57 10.86
CA GLY G 522 21.38 28.98 12.15
C GLY G 522 22.47 29.27 13.16
N LYS G 523 22.80 28.24 13.95
CA LYS G 523 23.93 28.31 14.87
C LYS G 523 25.19 27.67 14.30
N ASP G 524 25.22 27.43 13.00
CA ASP G 524 26.39 26.80 12.38
C ASP G 524 27.46 27.86 12.15
N PRO G 525 28.64 27.75 12.77
CA PRO G 525 29.65 28.81 12.60
C PRO G 525 30.34 28.80 11.25
N ASN G 526 30.19 27.75 10.45
CA ASN G 526 30.84 27.72 9.15
C ASN G 526 30.16 28.69 8.19
N THR G 527 30.98 29.35 7.37
CA THR G 527 30.49 30.27 6.35
C THR G 527 30.40 29.51 5.03
N TYR G 528 29.24 29.56 4.40
CA TYR G 528 28.94 28.75 3.24
C TYR G 528 28.76 29.58 1.98
N PHE G 529 28.98 28.92 0.84
CA PHE G 529 28.50 29.38 -0.46
C PHE G 529 27.22 28.60 -0.76
N ILE G 530 26.12 29.31 -0.99
CA ILE G 530 24.84 28.68 -1.30
C ILE G 530 24.42 29.12 -2.70
N VAL G 531 24.03 28.16 -3.53
CA VAL G 531 23.70 28.41 -4.93
C VAL G 531 22.28 27.92 -5.20
N GLY G 532 21.51 28.72 -5.93
CA GLY G 532 20.20 28.30 -6.38
C GLY G 532 20.18 28.01 -7.86
N THR G 533 19.77 26.80 -8.24
CA THR G 533 19.83 26.35 -9.62
C THR G 533 18.45 25.88 -10.07
N ALA G 534 18.29 25.75 -11.39
CA ALA G 534 17.07 25.18 -11.97
C ALA G 534 17.44 24.22 -13.09
N MET G 535 16.68 23.13 -13.20
CA MET G 535 16.85 22.20 -14.31
C MET G 535 16.08 22.74 -15.51
N VAL G 536 16.83 23.21 -16.50
CA VAL G 536 16.26 23.87 -17.66
C VAL G 536 16.22 22.85 -18.80
N TYR G 537 15.01 22.48 -19.21
CA TYR G 537 14.86 21.63 -20.38
C TYR G 537 14.19 22.43 -21.48
N PRO G 538 14.64 22.33 -22.73
CA PRO G 538 14.05 23.17 -23.79
C PRO G 538 12.55 23.02 -23.91
N GLU G 539 12.00 21.84 -23.58
CA GLU G 539 10.57 21.61 -23.71
C GLU G 539 9.75 22.26 -22.60
N GLU G 540 10.31 22.38 -21.39
CA GLU G 540 9.55 23.00 -20.31
C GLU G 540 9.48 24.52 -20.51
N ALA G 541 8.26 25.04 -20.65
CA ALA G 541 8.07 26.49 -20.76
C ALA G 541 8.58 27.21 -19.52
N GLU G 542 8.24 26.69 -18.34
CA GLU G 542 8.72 27.21 -17.08
C GLU G 542 9.41 26.07 -16.32
N PRO G 543 10.64 26.25 -15.83
CA PRO G 543 11.31 25.14 -15.14
C PRO G 543 10.50 24.67 -13.94
N LYS G 544 10.42 23.35 -13.79
CA LYS G 544 9.67 22.74 -12.68
C LYS G 544 10.57 21.93 -11.77
N GLN G 545 11.89 22.02 -11.92
CA GLN G 545 12.84 21.32 -11.08
C GLN G 545 13.98 22.26 -10.73
N GLY G 546 14.55 22.09 -9.54
CA GLY G 546 15.64 22.95 -9.14
C GLY G 546 16.33 22.44 -7.90
N ARG G 547 17.45 23.10 -7.57
CA ARG G 547 18.24 22.74 -6.40
C ARG G 547 18.70 23.98 -5.67
N ILE G 548 18.71 23.91 -4.35
CA ILE G 548 19.49 24.80 -3.50
C ILE G 548 20.62 23.96 -2.91
N VAL G 549 21.86 24.34 -3.20
CA VAL G 549 23.04 23.60 -2.80
C VAL G 549 23.86 24.45 -1.85
N VAL G 550 24.33 23.85 -0.76
CA VAL G 550 25.17 24.52 0.23
C VAL G 550 26.59 23.97 0.08
N PHE G 551 27.54 24.87 -0.19
CA PHE G 551 28.94 24.52 -0.32
C PHE G 551 29.74 25.15 0.81
N GLN G 552 30.87 24.51 1.16
CA GLN G 552 31.86 25.12 2.03
C GLN G 552 33.21 25.06 1.34
N TYR G 553 33.89 26.20 1.24
CA TYR G 553 35.23 26.27 0.69
C TYR G 553 36.23 26.10 1.83
N SER G 554 36.97 25.00 1.82
CA SER G 554 37.93 24.71 2.88
C SER G 554 39.15 24.04 2.30
N ASP G 555 40.33 24.59 2.61
CA ASP G 555 41.62 24.01 2.20
C ASP G 555 41.67 23.83 0.68
N GLY G 556 41.37 24.92 -0.04
CA GLY G 556 41.50 24.97 -1.48
C GLY G 556 40.44 24.22 -2.27
N LYS G 557 39.56 23.46 -1.61
CA LYS G 557 38.49 22.75 -2.27
C LYS G 557 37.19 23.04 -1.55
N LEU G 558 36.09 23.13 -2.31
CA LEU G 558 34.77 23.35 -1.72
C LEU G 558 33.94 22.08 -1.86
N GLN G 559 33.40 21.62 -0.74
CA GLN G 559 32.67 20.36 -0.65
C GLN G 559 31.18 20.62 -0.50
N THR G 560 30.36 19.76 -1.10
CA THR G 560 28.92 19.86 -1.00
C THR G 560 28.44 19.44 0.39
N VAL G 561 27.83 20.37 1.11
CA VAL G 561 27.42 20.15 2.50
C VAL G 561 25.97 19.67 2.59
N ALA G 562 25.08 20.22 1.76
CA ALA G 562 23.68 19.84 1.83
C ALA G 562 23.00 20.25 0.53
N GLU G 563 21.95 19.50 0.18
CA GLU G 563 21.21 19.70 -1.06
C GLU G 563 19.73 19.53 -0.80
N LYS G 564 18.91 20.46 -1.30
CA LYS G 564 17.47 20.42 -1.13
C LYS G 564 16.82 20.58 -2.50
N GLU G 565 15.86 19.70 -2.82
CA GLU G 565 15.19 19.74 -4.11
C GLU G 565 14.01 20.70 -4.07
N VAL G 566 13.92 21.57 -5.08
CA VAL G 566 12.77 22.45 -5.23
C VAL G 566 12.11 22.18 -6.58
N LYS G 567 10.87 22.62 -6.70
CA LYS G 567 10.07 22.38 -7.92
C LYS G 567 10.02 23.62 -8.81
N GLY G 568 11.16 24.26 -9.05
CA GLY G 568 11.18 25.44 -9.87
C GLY G 568 12.56 26.06 -9.87
N ALA G 569 12.62 27.30 -10.34
CA ALA G 569 13.88 28.01 -10.48
C ALA G 569 14.10 28.89 -9.27
N VAL G 570 15.27 28.75 -8.64
CA VAL G 570 15.64 29.57 -7.49
C VAL G 570 16.25 30.87 -8.01
N TYR G 571 15.39 31.80 -8.40
CA TYR G 571 15.86 33.03 -9.01
C TYR G 571 16.70 33.87 -8.05
N SER G 572 16.24 34.03 -6.80
CA SER G 572 16.93 34.92 -5.88
C SER G 572 16.97 34.36 -4.47
N MET G 573 18.11 34.53 -3.80
CA MET G 573 18.26 34.16 -2.40
C MET G 573 18.92 35.29 -1.62
N VAL G 574 18.64 35.34 -0.33
CA VAL G 574 19.18 36.38 0.55
C VAL G 574 19.15 35.86 1.98
N GLU G 575 20.18 36.20 2.75
CA GLU G 575 20.24 35.78 4.15
C GLU G 575 19.22 36.55 4.96
N PHE G 576 18.45 35.84 5.78
CA PHE G 576 17.35 36.44 6.55
C PHE G 576 17.45 35.96 7.99
N ASN G 577 18.16 36.71 8.82
CA ASN G 577 18.23 36.47 10.26
C ASN G 577 18.54 35.00 10.57
N GLY G 578 19.67 34.53 10.04
CA GLY G 578 20.09 33.17 10.24
C GLY G 578 19.34 32.13 9.45
N LYS G 579 18.32 32.54 8.70
CA LYS G 579 17.55 31.66 7.84
C LYS G 579 17.74 32.09 6.39
N LEU G 580 17.38 31.19 5.48
CA LEU G 580 17.58 31.41 4.05
C LEU G 580 16.23 31.73 3.39
N LEU G 581 16.14 32.92 2.80
CA LEU G 581 14.97 33.33 2.03
C LEU G 581 15.26 33.07 0.56
N ALA G 582 14.43 32.24 -0.08
CA ALA G 582 14.63 31.85 -1.46
C ALA G 582 13.34 32.01 -2.25
N SER G 583 13.47 32.41 -3.51
CA SER G 583 12.33 32.54 -4.42
C SER G 583 12.41 31.38 -5.41
N ILE G 584 11.44 30.47 -5.33
CA ILE G 584 11.33 29.35 -6.26
C ILE G 584 10.12 29.67 -7.15
N ASN G 585 10.39 30.09 -8.38
CA ASN G 585 9.34 30.51 -9.31
C ASN G 585 8.38 31.51 -8.67
N SER G 586 7.10 31.15 -8.58
CA SER G 586 6.11 32.04 -7.98
C SER G 586 6.20 32.10 -6.47
N THR G 587 7.01 31.24 -5.84
CA THR G 587 7.00 31.03 -4.40
C THR G 587 8.14 31.79 -3.74
N VAL G 588 7.84 32.43 -2.60
CA VAL G 588 8.85 32.95 -1.69
C VAL G 588 8.83 32.09 -0.44
N ARG G 589 10.00 31.57 -0.06
CA ARG G 589 10.11 30.61 1.03
C ARG G 589 11.24 30.93 1.98
N LEU G 590 11.01 30.61 3.25
CA LEU G 590 12.02 30.72 4.31
C LEU G 590 12.38 29.32 4.80
N TYR G 591 13.67 28.97 4.70
CA TYR G 591 14.20 27.71 5.17
C TYR G 591 14.99 27.94 6.47
N GLU G 592 14.83 27.01 7.41
CA GLU G 592 15.63 27.00 8.63
C GLU G 592 16.83 26.07 8.44
N TRP G 593 17.97 26.46 8.98
CA TRP G 593 19.18 25.65 8.88
C TRP G 593 19.27 24.79 10.14
N THR G 594 18.99 23.50 10.00
CA THR G 594 18.85 22.63 11.15
C THR G 594 20.21 22.26 11.74
N THR G 595 20.15 21.67 12.94
CA THR G 595 21.34 21.11 13.57
C THR G 595 21.88 19.91 12.81
N GLU G 596 21.10 19.37 11.86
CA GLU G 596 21.52 18.28 11.00
C GLU G 596 22.17 18.75 9.72
N LYS G 597 22.49 20.05 9.61
CA LYS G 597 23.09 20.62 8.40
C LYS G 597 22.22 20.32 7.18
N GLU G 598 20.93 20.60 7.31
CA GLU G 598 19.97 20.43 6.21
C GLU G 598 18.85 21.44 6.39
N LEU G 599 18.44 22.05 5.28
CA LEU G 599 17.38 23.06 5.32
C LEU G 599 16.01 22.43 5.53
N ARG G 600 15.22 23.05 6.41
CA ARG G 600 13.87 22.59 6.73
C ARG G 600 12.91 23.75 6.53
N THR G 601 11.84 23.50 5.77
CA THR G 601 10.86 24.53 5.47
C THR G 601 10.14 25.02 6.72
N GLU G 602 9.86 26.32 6.75
CA GLU G 602 9.06 26.92 7.83
C GLU G 602 7.79 27.57 7.31
N CYS G 603 7.87 28.60 6.46
CA CYS G 603 6.71 29.33 5.99
C CYS G 603 6.86 29.69 4.51
N ASN G 604 5.71 29.80 3.82
CA ASN G 604 5.70 30.01 2.37
C ASN G 604 4.71 31.10 1.97
N HIS G 605 5.02 31.78 0.87
CA HIS G 605 4.18 32.80 0.27
C HIS G 605 4.14 32.61 -1.24
N TYR G 606 2.94 32.68 -1.84
CA TYR G 606 2.78 32.32 -3.24
C TYR G 606 2.23 33.40 -4.17
N ASN G 607 1.87 34.58 -3.66
CA ASN G 607 1.16 35.58 -4.47
C ASN G 607 2.14 36.38 -5.31
N ASN G 608 2.74 35.70 -6.29
CA ASN G 608 3.60 36.32 -7.27
C ASN G 608 3.42 35.61 -8.61
N ILE G 609 3.69 36.34 -9.69
CA ILE G 609 3.74 35.69 -11.00
C ILE G 609 5.09 35.03 -11.18
N MET G 610 6.15 35.77 -10.91
CA MET G 610 7.51 35.23 -10.88
C MET G 610 8.32 36.14 -9.98
N ALA G 611 8.70 35.65 -8.79
CA ALA G 611 9.44 36.44 -7.80
C ALA G 611 10.92 36.47 -8.18
N LEU G 612 11.29 37.46 -9.01
CA LEU G 612 12.63 37.49 -9.59
C LEU G 612 13.66 38.02 -8.60
N TYR G 613 13.33 39.07 -7.83
CA TYR G 613 14.31 39.79 -7.03
C TYR G 613 13.89 39.88 -5.58
N LEU G 614 14.86 39.77 -4.67
CA LEU G 614 14.61 39.81 -3.25
C LEU G 614 15.59 40.73 -2.54
N LYS G 615 15.09 41.50 -1.59
CA LYS G 615 15.91 42.35 -0.72
C LYS G 615 15.23 42.36 0.65
N THR G 616 16.05 42.43 1.70
CA THR G 616 15.52 42.36 3.06
C THR G 616 16.15 43.43 3.93
N LYS G 617 15.34 44.01 4.81
CA LYS G 617 15.82 44.91 5.86
C LYS G 617 15.08 44.52 7.13
N GLY G 618 15.82 43.96 8.10
CA GLY G 618 15.18 43.48 9.31
C GLY G 618 14.30 42.30 8.98
N ASP G 619 13.05 42.35 9.47
CA ASP G 619 12.06 41.32 9.16
C ASP G 619 11.17 41.72 7.97
N PHE G 620 11.57 42.73 7.20
CA PHE G 620 10.84 43.19 6.03
C PHE G 620 11.48 42.63 4.76
N ILE G 621 10.65 42.16 3.84
CA ILE G 621 11.11 41.59 2.57
C ILE G 621 10.52 42.42 1.44
N LEU G 622 11.35 42.75 0.46
CA LEU G 622 10.90 43.43 -0.75
C LEU G 622 11.01 42.44 -1.90
N VAL G 623 9.90 42.16 -2.58
CA VAL G 623 9.87 41.18 -3.66
C VAL G 623 9.64 41.92 -4.96
N GLY G 624 10.49 41.64 -5.95
CA GLY G 624 10.31 42.16 -7.30
C GLY G 624 9.79 41.05 -8.21
N ASP G 625 8.84 41.42 -9.07
CA ASP G 625 8.06 40.46 -9.84
C ASP G 625 8.18 40.76 -11.33
N LEU G 626 7.97 39.73 -12.15
CA LEU G 626 8.16 39.88 -13.58
C LEU G 626 7.23 40.95 -14.16
N MET G 627 6.00 41.03 -13.66
CA MET G 627 5.04 41.98 -14.21
C MET G 627 4.22 42.72 -13.17
N ARG G 628 4.20 42.30 -11.92
CA ARG G 628 3.32 42.92 -10.94
C ARG G 628 4.06 43.90 -10.05
N SER G 629 5.25 44.35 -10.47
CA SER G 629 5.99 45.39 -9.76
C SER G 629 6.39 44.85 -8.39
N VAL G 630 6.41 45.70 -7.36
CA VAL G 630 7.06 45.37 -6.10
C VAL G 630 6.04 45.17 -4.98
N LEU G 631 6.26 44.12 -4.18
CA LEU G 631 5.46 43.77 -3.01
C LEU G 631 6.30 43.90 -1.75
N LEU G 632 5.72 44.50 -0.70
CA LEU G 632 6.34 44.57 0.62
C LEU G 632 5.79 43.46 1.52
N LEU G 633 6.66 42.51 1.88
CA LEU G 633 6.35 41.42 2.78
C LEU G 633 6.92 41.66 4.18
N ALA G 634 6.39 40.91 5.16
CA ALA G 634 6.89 40.93 6.53
C ALA G 634 6.75 39.55 7.14
N TYR G 635 7.78 39.14 7.90
CA TYR G 635 7.77 37.89 8.65
C TYR G 635 7.22 38.15 10.05
N LYS G 636 6.11 37.48 10.39
CA LYS G 636 5.54 37.59 11.72
C LYS G 636 6.13 36.52 12.64
N PRO G 637 7.04 36.90 13.54
CA PRO G 637 7.77 35.87 14.29
C PRO G 637 6.86 35.11 15.24
N MET G 638 5.86 35.77 15.81
CA MET G 638 4.96 35.13 16.77
C MET G 638 4.17 34.02 16.10
N GLU G 639 3.77 34.24 14.85
CA GLU G 639 2.90 33.34 14.11
C GLU G 639 3.69 32.39 13.22
N GLY G 640 4.92 32.75 12.89
CA GLY G 640 5.75 31.92 12.04
C GLY G 640 5.33 31.89 10.59
N ASN G 641 4.81 33.01 10.08
CA ASN G 641 4.32 33.07 8.71
C ASN G 641 4.55 34.47 8.15
N PHE G 642 4.50 34.58 6.83
CA PHE G 642 4.61 35.88 6.17
C PHE G 642 3.27 36.62 6.18
N GLU G 643 3.34 37.94 6.10
CA GLU G 643 2.16 38.79 5.96
C GLU G 643 2.41 39.88 4.93
N GLU G 644 1.47 40.06 4.01
CA GLU G 644 1.58 41.08 2.98
C GLU G 644 1.29 42.46 3.58
N ILE G 645 2.28 43.36 3.53
CA ILE G 645 2.09 44.70 4.07
C ILE G 645 1.43 45.61 3.05
N ALA G 646 2.06 45.77 1.88
CA ALA G 646 1.57 46.75 0.90
C ALA G 646 2.12 46.39 -0.47
N ARG G 647 1.26 46.47 -1.49
CA ARG G 647 1.63 46.12 -2.85
C ARG G 647 1.45 47.32 -3.77
N ASP G 648 2.39 47.47 -4.71
CA ASP G 648 2.23 48.41 -5.82
C ASP G 648 1.37 47.78 -6.88
N PHE G 649 0.19 48.33 -7.13
CA PHE G 649 -0.76 47.76 -8.08
C PHE G 649 -0.55 48.29 -9.49
N ASN G 650 0.52 49.06 -9.71
CA ASN G 650 0.87 49.51 -11.05
C ASN G 650 1.67 48.42 -11.75
N PRO G 651 1.35 48.07 -12.99
CA PRO G 651 2.00 46.91 -13.61
C PRO G 651 3.31 47.36 -14.24
N ASN G 652 4.43 46.98 -13.62
CA ASN G 652 5.73 47.36 -14.14
C ASN G 652 6.61 46.12 -14.19
N TRP G 653 7.42 46.00 -15.24
CA TRP G 653 8.28 44.84 -15.44
C TRP G 653 9.65 45.16 -14.85
N MET G 654 10.04 44.39 -13.83
CA MET G 654 11.16 44.75 -12.97
C MET G 654 12.48 44.25 -13.53
N SER G 655 13.52 45.08 -13.36
CA SER G 655 14.89 44.71 -13.61
C SER G 655 15.72 44.64 -12.33
N ALA G 656 15.28 45.31 -11.27
CA ALA G 656 16.00 45.37 -10.00
C ALA G 656 15.14 46.04 -8.94
N VAL G 657 15.41 45.70 -7.67
CA VAL G 657 14.74 46.29 -6.53
C VAL G 657 15.80 46.65 -5.49
N GLU G 658 15.47 47.61 -4.62
CA GLU G 658 16.32 47.96 -3.51
C GLU G 658 15.46 48.58 -2.42
N ILE G 659 15.89 48.43 -1.17
CA ILE G 659 15.21 49.07 -0.04
C ILE G 659 16.04 50.28 0.36
N LEU G 660 15.45 51.47 0.26
CA LEU G 660 16.15 52.69 0.67
C LEU G 660 16.06 52.90 2.17
N ASP G 661 14.86 52.80 2.74
CA ASP G 661 14.65 52.88 4.18
C ASP G 661 13.39 52.10 4.51
N ASP G 662 13.05 52.06 5.79
CA ASP G 662 11.89 51.27 6.22
C ASP G 662 10.61 51.64 5.47
N ASP G 663 10.53 52.88 4.95
CA ASP G 663 9.31 53.32 4.27
C ASP G 663 9.46 53.53 2.77
N ASN G 664 10.68 53.69 2.25
CA ASN G 664 10.90 54.00 0.84
C ASN G 664 11.55 52.82 0.11
N PHE G 665 11.05 52.53 -1.09
CA PHE G 665 11.56 51.43 -1.90
C PHE G 665 11.83 51.87 -3.34
N LEU G 666 12.97 51.42 -3.89
CA LEU G 666 13.43 51.82 -5.21
C LEU G 666 13.33 50.66 -6.19
N GLY G 667 12.84 50.94 -7.39
CA GLY G 667 12.70 49.92 -8.41
C GLY G 667 13.13 50.43 -9.77
N ALA G 668 13.57 49.49 -10.62
CA ALA G 668 13.99 49.79 -11.98
C ALA G 668 13.22 48.89 -12.94
N GLU G 669 12.60 49.50 -13.94
CA GLU G 669 11.80 48.79 -14.92
C GLU G 669 12.53 48.65 -16.25
N ASN G 670 12.05 47.72 -17.08
CA ASN G 670 12.64 47.45 -18.39
C ASN G 670 12.49 48.61 -19.37
N ALA G 671 11.66 49.61 -19.07
CA ALA G 671 11.55 50.77 -19.94
C ALA G 671 12.61 51.82 -19.67
N PHE G 672 13.65 51.48 -18.91
CA PHE G 672 14.71 52.42 -18.54
C PHE G 672 14.23 53.49 -17.57
N ASN G 673 13.27 53.15 -16.70
CA ASN G 673 12.72 54.09 -15.74
C ASN G 673 12.96 53.60 -14.31
N LEU G 674 13.08 54.56 -13.39
CA LEU G 674 13.24 54.31 -11.97
C LEU G 674 12.03 54.87 -11.24
N PHE G 675 11.53 54.13 -10.25
CA PHE G 675 10.39 54.60 -9.47
C PHE G 675 10.59 54.26 -8.00
N VAL G 676 9.98 55.07 -7.14
CA VAL G 676 10.07 54.89 -5.70
C VAL G 676 8.68 54.75 -5.12
N CYS G 677 8.47 53.72 -4.31
CA CYS G 677 7.19 53.46 -3.67
C CYS G 677 7.32 53.68 -2.16
N GLN G 678 6.31 54.32 -1.58
CA GLN G 678 6.27 54.61 -0.14
C GLN G 678 5.04 53.98 0.47
N LYS G 679 5.20 53.38 1.65
CA LYS G 679 4.03 52.97 2.42
C LYS G 679 3.19 54.21 2.71
N ASP G 680 1.87 54.07 2.62
CA ASP G 680 1.01 55.23 2.89
C ASP G 680 1.06 55.56 4.37
N SER G 681 2.24 55.92 4.86
CA SER G 681 2.51 56.30 6.26
C SER G 681 1.93 55.22 7.17
N ALA G 682 1.15 55.58 8.20
CA ALA G 682 0.58 54.63 9.15
C ALA G 682 -0.92 54.93 9.23
N ALA G 683 -1.61 54.65 8.13
CA ALA G 683 -3.00 55.03 7.96
C ALA G 683 -3.91 54.32 8.97
N THR G 684 -5.15 54.81 9.02
CA THR G 684 -6.23 54.19 9.80
C THR G 684 -7.03 53.20 8.98
N THR G 685 -6.92 53.24 7.65
CA THR G 685 -7.66 52.34 6.78
C THR G 685 -6.74 51.24 6.30
N ASP G 686 -7.21 49.99 6.40
CA ASP G 686 -6.42 48.85 5.93
C ASP G 686 -6.15 48.92 4.43
N GLU G 687 -7.08 49.47 3.64
CA GLU G 687 -6.84 49.56 2.20
C GLU G 687 -5.70 50.52 1.89
N GLU G 688 -5.64 51.67 2.56
CA GLU G 688 -4.54 52.59 2.32
C GLU G 688 -3.21 51.99 2.78
N ARG G 689 -3.20 51.29 3.91
CA ARG G 689 -1.95 50.68 4.36
C ARG G 689 -1.44 49.68 3.34
N GLN G 690 -2.35 48.86 2.78
CA GLN G 690 -1.98 47.83 1.81
C GLN G 690 -1.57 48.38 0.44
N HIS G 691 -1.75 49.67 0.19
CA HIS G 691 -1.39 50.29 -1.08
C HIS G 691 -0.04 50.98 -0.99
N LEU G 692 0.93 50.55 -1.81
CA LEU G 692 2.12 51.35 -2.07
C LEU G 692 1.83 52.44 -3.09
N GLN G 693 2.38 53.64 -2.84
CA GLN G 693 2.17 54.82 -3.69
C GLN G 693 3.49 55.14 -4.38
N GLU G 694 3.45 55.23 -5.72
CA GLU G 694 4.63 55.64 -6.48
C GLU G 694 4.84 57.13 -6.25
N VAL G 695 5.74 57.43 -5.31
CA VAL G 695 6.05 58.82 -4.98
C VAL G 695 7.11 59.40 -5.90
N GLY G 696 7.93 58.57 -6.53
CA GLY G 696 9.01 59.03 -7.38
C GLY G 696 9.06 58.39 -8.74
N LEU G 697 9.13 59.19 -9.81
CA LEU G 697 9.23 58.70 -11.18
C LEU G 697 10.38 59.43 -11.87
N PHE G 698 11.21 58.69 -12.60
CA PHE G 698 12.40 59.27 -13.22
C PHE G 698 12.84 58.36 -14.35
N HIS G 699 13.06 58.93 -15.53
CA HIS G 699 13.56 58.18 -16.67
C HIS G 699 15.09 58.21 -16.65
N LEU G 700 15.69 57.07 -16.34
CA LEU G 700 17.15 57.00 -16.28
C LEU G 700 17.79 56.88 -17.66
N GLY G 701 17.21 56.06 -18.53
CA GLY G 701 17.81 55.77 -19.81
C GLY G 701 18.72 54.57 -19.85
N GLU G 702 18.90 53.88 -18.72
CA GLU G 702 19.77 52.71 -18.65
C GLU G 702 19.02 51.57 -17.99
N PHE G 703 19.40 50.35 -18.36
CA PHE G 703 18.82 49.13 -17.81
C PHE G 703 19.63 48.74 -16.58
N VAL G 704 19.01 48.86 -15.41
CA VAL G 704 19.68 48.59 -14.14
C VAL G 704 19.57 47.10 -13.84
N ASN G 705 20.71 46.41 -13.82
CA ASN G 705 20.72 45.00 -13.48
C ASN G 705 20.85 44.76 -11.98
N VAL G 706 21.57 45.61 -11.25
CA VAL G 706 21.89 45.36 -9.85
C VAL G 706 21.94 46.68 -9.08
N PHE G 707 21.30 46.67 -7.91
CA PHE G 707 21.41 47.75 -6.92
C PHE G 707 22.26 47.25 -5.76
N CYS G 708 23.23 48.06 -5.33
CA CYS G 708 24.11 47.65 -4.24
C CYS G 708 24.30 48.80 -3.25
N HIS G 709 23.99 48.55 -1.99
CA HIS G 709 24.26 49.50 -0.92
C HIS G 709 25.76 49.63 -0.67
N GLY G 710 26.19 50.86 -0.43
CA GLY G 710 27.59 51.17 -0.20
C GLY G 710 28.03 52.37 -1.00
N SER G 711 29.23 52.84 -0.69
CA SER G 711 29.79 53.98 -1.40
C SER G 711 31.27 53.77 -1.66
N LEU G 712 31.73 54.27 -2.82
CA LEU G 712 33.13 54.21 -3.20
C LEU G 712 33.97 55.27 -2.53
N VAL G 713 33.36 56.36 -2.07
CA VAL G 713 34.08 57.42 -1.36
C VAL G 713 34.36 56.99 0.06
N MET G 714 35.43 57.53 0.64
CA MET G 714 35.82 57.19 1.99
C MET G 714 34.69 57.54 2.97
N GLN G 715 34.50 56.68 3.96
CA GLN G 715 33.43 56.81 4.95
C GLN G 715 34.05 57.24 6.26
N ASN G 716 33.70 58.44 6.74
CA ASN G 716 34.27 58.93 7.99
C ASN G 716 33.42 58.52 9.19
N LEU G 717 34.09 58.21 10.30
CA LEU G 717 33.43 57.83 11.53
C LEU G 717 32.89 59.03 12.30
N GLY G 718 33.30 60.24 11.92
CA GLY G 718 32.76 61.45 12.52
C GLY G 718 31.46 61.87 11.87
N GLU G 719 30.45 62.14 12.69
CA GLU G 719 29.12 62.49 12.20
C GLU G 719 29.10 63.92 11.69
N THR G 720 28.94 64.07 10.38
CA THR G 720 28.82 65.37 9.71
C THR G 720 27.49 65.47 8.99
N SER G 721 26.80 66.59 9.16
CA SER G 721 25.47 66.72 8.57
C SER G 721 25.57 66.89 7.06
N THR G 722 25.53 65.78 6.33
CA THR G 722 25.58 65.85 4.88
C THR G 722 24.17 66.12 4.34
N PRO G 723 24.06 66.84 3.21
CA PRO G 723 22.73 66.99 2.59
C PRO G 723 22.15 65.67 2.11
N THR G 724 23.00 64.81 1.54
CA THR G 724 22.58 63.50 1.08
C THR G 724 22.60 62.49 2.21
N GLN G 725 21.62 61.58 2.21
CA GLN G 725 21.53 60.52 3.20
C GLN G 725 21.44 59.18 2.48
N GLY G 726 22.34 58.26 2.82
CA GLY G 726 22.33 56.95 2.22
C GLY G 726 23.04 56.90 0.89
N SER G 727 23.45 55.69 0.49
CA SER G 727 24.21 55.51 -0.75
C SER G 727 23.86 54.15 -1.35
N VAL G 728 23.21 54.17 -2.51
CA VAL G 728 22.89 52.98 -3.27
C VAL G 728 23.51 53.12 -4.65
N LEU G 729 24.44 52.22 -4.98
CA LEU G 729 25.08 52.16 -6.29
C LEU G 729 24.33 51.19 -7.19
N PHE G 730 24.31 51.49 -8.50
CA PHE G 730 23.68 50.60 -9.46
C PHE G 730 24.51 50.50 -10.72
N GLY G 731 24.50 49.31 -11.31
CA GLY G 731 25.18 49.04 -12.57
C GLY G 731 24.17 48.77 -13.68
N THR G 732 24.56 49.08 -14.92
CA THR G 732 23.63 49.04 -16.04
C THR G 732 24.21 48.22 -17.19
N VAL G 733 23.42 48.08 -18.25
CA VAL G 733 23.83 47.25 -19.39
C VAL G 733 24.86 47.94 -20.26
N ASN G 734 24.87 49.27 -20.31
CA ASN G 734 25.82 50.02 -21.11
C ASN G 734 27.08 50.40 -20.34
N GLY G 735 27.27 49.84 -19.14
CA GLY G 735 28.44 50.09 -18.34
C GLY G 735 28.34 51.24 -17.37
N MET G 736 27.32 52.08 -17.50
CA MET G 736 27.18 53.23 -16.61
C MET G 736 26.98 52.76 -15.17
N ILE G 737 27.65 53.44 -14.24
CA ILE G 737 27.51 53.19 -12.81
C ILE G 737 26.97 54.47 -12.16
N GLY G 738 25.92 54.33 -11.35
CA GLY G 738 25.26 55.48 -10.78
C GLY G 738 24.97 55.34 -9.30
N LEU G 739 24.66 56.48 -8.68
CA LEU G 739 24.42 56.59 -7.26
C LEU G 739 23.03 57.18 -7.00
N VAL G 740 22.29 56.55 -6.10
CA VAL G 740 20.99 57.03 -5.65
C VAL G 740 21.09 57.34 -4.17
N THR G 741 20.63 58.53 -3.78
CA THR G 741 20.65 58.96 -2.40
C THR G 741 19.40 59.77 -2.09
N SER G 742 19.05 59.81 -0.80
CA SER G 742 17.87 60.52 -0.35
C SER G 742 18.24 61.95 0.04
N LEU G 743 17.24 62.82 0.01
CA LEU G 743 17.41 64.23 0.33
C LEU G 743 16.33 64.67 1.32
N SER G 744 16.62 65.75 2.04
CA SER G 744 15.62 66.42 2.86
C SER G 744 14.73 67.26 1.96
N GLU G 745 13.50 67.49 2.42
CA GLU G 745 12.56 68.26 1.60
C GLU G 745 13.11 69.63 1.25
N SER G 746 13.71 70.32 2.23
CA SER G 746 14.27 71.64 1.96
C SER G 746 15.39 71.54 0.95
N TRP G 747 16.22 70.49 1.05
CA TRP G 747 17.31 70.35 0.10
C TRP G 747 16.77 70.00 -1.27
N TYR G 748 15.73 69.17 -1.32
CA TYR G 748 15.09 68.84 -2.58
C TYR G 748 14.53 70.09 -3.25
N ASN G 749 13.72 70.86 -2.51
CA ASN G 749 13.10 72.05 -3.10
C ASN G 749 14.15 72.99 -3.67
N LEU G 750 15.21 73.23 -2.90
CA LEU G 750 16.29 74.08 -3.40
C LEU G 750 16.88 73.53 -4.68
N LEU G 751 17.22 72.23 -4.67
CA LEU G 751 17.84 71.64 -5.86
C LEU G 751 16.85 71.58 -7.01
N LEU G 752 15.57 71.36 -6.72
CA LEU G 752 14.57 71.35 -7.78
C LEU G 752 14.44 72.74 -8.40
N ASP G 753 14.36 73.77 -7.55
CA ASP G 753 14.29 75.14 -8.06
C ASP G 753 15.50 75.46 -8.91
N MET G 754 16.67 74.94 -8.54
CA MET G 754 17.88 75.18 -9.33
C MET G 754 17.78 74.49 -10.69
N GLN G 755 17.22 73.28 -10.72
CA GLN G 755 17.06 72.58 -11.99
C GLN G 755 16.24 73.39 -12.98
N ASN G 756 15.02 73.77 -12.58
CA ASN G 756 14.17 74.56 -13.47
C ASN G 756 14.83 75.87 -13.86
N ARG G 757 15.66 76.43 -12.97
CA ARG G 757 16.45 77.60 -13.34
C ARG G 757 17.61 77.22 -14.26
N LEU G 758 18.27 76.10 -13.97
CA LEU G 758 19.38 75.65 -14.82
C LEU G 758 18.89 75.31 -16.22
N ASN G 759 17.69 74.74 -16.33
CA ASN G 759 17.20 74.32 -17.64
C ASN G 759 16.99 75.50 -18.57
N LYS G 760 16.55 76.65 -18.02
CA LYS G 760 16.35 77.83 -18.85
C LYS G 760 17.66 78.42 -19.34
N VAL G 761 18.77 78.10 -18.66
CA VAL G 761 20.07 78.66 -18.99
C VAL G 761 20.84 77.77 -19.96
N ILE G 762 20.84 76.46 -19.72
CA ILE G 762 21.73 75.56 -20.43
C ILE G 762 21.12 75.15 -21.77
N LYS G 763 21.91 75.25 -22.83
CA LYS G 763 21.50 74.78 -24.15
C LYS G 763 21.88 73.31 -24.30
N SER G 764 20.91 72.50 -24.69
CA SER G 764 21.10 71.06 -24.90
C SER G 764 21.26 70.76 -26.38
N VAL G 765 22.10 69.76 -26.69
CA VAL G 765 22.25 69.34 -28.08
C VAL G 765 20.92 68.83 -28.60
N GLY G 766 20.52 69.31 -29.78
CA GLY G 766 19.24 68.99 -30.36
C GLY G 766 18.07 69.76 -29.79
N LYS G 767 18.31 70.71 -28.89
CA LYS G 767 17.25 71.52 -28.29
C LYS G 767 16.17 70.64 -27.67
N ILE G 768 16.62 69.64 -26.90
CA ILE G 768 15.73 68.71 -26.22
C ILE G 768 15.42 69.25 -24.82
N GLU G 769 14.13 69.39 -24.52
CA GLU G 769 13.71 69.83 -23.19
C GLU G 769 14.15 68.80 -22.14
N HIS G 770 14.81 69.27 -21.09
CA HIS G 770 15.26 68.36 -20.04
C HIS G 770 14.07 67.66 -19.39
N SER G 771 12.99 68.41 -19.13
CA SER G 771 11.82 67.81 -18.50
C SER G 771 11.31 66.63 -19.32
N PHE G 772 11.34 66.74 -20.65
CA PHE G 772 10.86 65.66 -21.50
C PHE G 772 11.75 64.43 -21.41
N TRP G 773 13.07 64.62 -21.44
CA TRP G 773 13.99 63.50 -21.40
C TRP G 773 13.82 62.69 -20.12
N ARG G 774 13.70 63.36 -18.99
CA ARG G 774 13.57 62.67 -17.71
C ARG G 774 12.15 62.24 -17.39
N SER G 775 11.19 62.51 -18.29
CA SER G 775 9.82 62.07 -18.04
C SER G 775 9.73 60.55 -18.11
N PHE G 776 9.11 59.96 -17.10
CA PHE G 776 8.77 58.53 -17.07
C PHE G 776 8.10 58.15 -18.38
N HIS G 777 8.74 57.28 -19.17
CA HIS G 777 8.24 56.95 -20.50
C HIS G 777 8.19 55.45 -20.72
N THR G 778 6.98 54.94 -20.95
CA THR G 778 6.73 53.63 -21.52
C THR G 778 5.95 53.85 -22.81
N GLU G 779 5.94 52.85 -23.69
CA GLU G 779 5.16 52.99 -24.92
C GLU G 779 3.71 53.37 -24.60
N ARG G 780 3.14 52.79 -23.54
CA ARG G 780 1.76 53.07 -23.22
C ARG G 780 1.57 54.41 -22.51
N LYS G 781 2.44 54.77 -21.55
CA LYS G 781 2.23 56.00 -20.76
C LYS G 781 3.51 56.82 -20.63
N THR G 782 3.33 58.15 -20.58
CA THR G 782 4.40 59.11 -20.33
C THR G 782 3.96 60.11 -19.26
N GLU G 783 4.72 60.20 -18.17
CA GLU G 783 4.43 61.13 -17.08
C GLU G 783 5.67 61.95 -16.75
N PRO G 784 5.50 63.14 -16.20
CA PRO G 784 6.66 63.93 -15.78
C PRO G 784 7.31 63.38 -14.52
N ALA G 785 8.63 63.55 -14.44
CA ALA G 785 9.38 63.06 -13.29
C ALA G 785 8.94 63.75 -12.01
N THR G 786 9.07 63.04 -10.89
CA THR G 786 8.72 63.56 -9.59
C THR G 786 9.56 62.86 -8.53
N GLY G 787 9.99 63.61 -7.52
CA GLY G 787 10.75 63.04 -6.42
C GLY G 787 12.19 62.71 -6.74
N PHE G 788 12.71 63.16 -7.88
CA PHE G 788 14.07 62.84 -8.29
C PHE G 788 14.76 64.10 -8.78
N ILE G 789 16.01 64.28 -8.34
CA ILE G 789 16.86 65.39 -8.77
C ILE G 789 17.95 64.82 -9.67
N ASP G 790 18.03 65.33 -10.89
CA ASP G 790 19.07 64.90 -11.83
C ASP G 790 20.40 65.47 -11.35
N GLY G 791 21.23 64.62 -10.74
CA GLY G 791 22.48 65.10 -10.16
C GLY G 791 23.40 65.72 -11.18
N ASP G 792 23.42 65.17 -12.40
CA ASP G 792 24.29 65.73 -13.45
C ASP G 792 23.90 67.16 -13.78
N LEU G 793 22.59 67.44 -13.83
CA LEU G 793 22.15 68.81 -14.08
C LEU G 793 22.62 69.75 -12.97
N ILE G 794 22.49 69.32 -11.72
CA ILE G 794 22.93 70.15 -10.60
C ILE G 794 24.45 70.32 -10.65
N GLU G 795 25.17 69.22 -10.87
CA GLU G 795 26.62 69.27 -10.91
C GLU G 795 27.16 70.01 -12.12
N SER G 796 26.31 70.38 -13.07
CA SER G 796 26.76 71.20 -14.19
C SER G 796 26.82 72.68 -13.84
N PHE G 797 26.23 73.09 -12.72
CA PHE G 797 26.33 74.48 -12.27
C PHE G 797 27.78 74.93 -12.14
N LEU G 798 28.68 74.02 -11.75
CA LEU G 798 30.07 74.41 -11.56
C LEU G 798 30.81 74.61 -12.88
N ASP G 799 30.16 74.37 -14.02
CA ASP G 799 30.80 74.53 -15.33
C ASP G 799 30.21 75.65 -16.17
N ILE G 800 29.14 76.31 -15.71
CA ILE G 800 28.51 77.38 -16.47
C ILE G 800 29.22 78.69 -16.19
N SER G 801 29.14 79.62 -17.14
CA SER G 801 29.83 80.90 -17.02
C SER G 801 29.21 81.74 -15.89
N ARG G 802 30.02 82.67 -15.39
CA ARG G 802 29.56 83.52 -14.29
C ARG G 802 28.29 84.30 -14.61
N PRO G 803 28.14 84.93 -15.78
CA PRO G 803 26.86 85.60 -16.08
C PRO G 803 25.67 84.68 -15.88
N LYS G 804 25.82 83.41 -16.25
CA LYS G 804 24.73 82.44 -16.08
C LYS G 804 24.52 82.09 -14.61
N MET G 805 25.61 81.96 -13.85
CA MET G 805 25.45 81.72 -12.42
C MET G 805 24.60 82.81 -11.78
N GLN G 806 24.82 84.06 -12.16
CA GLN G 806 24.04 85.16 -11.62
C GLN G 806 22.57 85.04 -11.99
N GLU G 807 22.28 84.57 -13.20
CA GLU G 807 20.89 84.37 -13.58
C GLU G 807 20.22 83.32 -12.71
N VAL G 808 20.97 82.27 -12.33
CA VAL G 808 20.38 81.20 -11.53
C VAL G 808 20.13 81.67 -10.10
N VAL G 809 21.08 82.40 -9.51
CA VAL G 809 20.93 82.82 -8.12
C VAL G 809 20.03 84.04 -7.97
N ALA G 810 19.64 84.66 -9.08
CA ALA G 810 18.74 85.81 -9.04
C ALA G 810 17.37 85.41 -8.52
N ASN G 811 16.82 86.23 -7.62
CA ASN G 811 15.49 86.00 -7.06
C ASN G 811 15.40 84.63 -6.38
N LEU G 812 16.46 84.28 -5.65
CA LEU G 812 16.54 82.99 -4.97
C LEU G 812 16.64 83.17 -3.47
N GLN G 813 15.86 82.41 -2.72
CA GLN G 813 15.92 82.39 -1.26
C GLN G 813 16.03 80.94 -0.82
N TYR G 814 17.15 80.59 -0.20
CA TYR G 814 17.39 79.24 0.32
C TYR G 814 17.61 79.31 1.82
N ASP G 815 17.52 78.14 2.45
CA ASP G 815 17.61 78.06 3.92
C ASP G 815 18.80 78.83 4.48
N ASP G 816 19.95 78.81 3.81
CA ASP G 816 21.12 79.61 4.23
C ASP G 816 21.37 79.47 5.73
N GLY G 817 21.50 78.23 6.18
CA GLY G 817 21.54 77.95 7.59
C GLY G 817 20.15 77.65 8.11
N SER G 818 20.02 77.67 9.44
CA SER G 818 18.73 77.45 10.10
C SER G 818 18.26 78.74 10.76
N GLY G 819 17.06 79.19 10.38
CA GLY G 819 16.45 80.36 10.98
C GLY G 819 16.71 81.67 10.27
N MET G 820 17.76 81.75 9.44
CA MET G 820 18.10 82.96 8.71
C MET G 820 18.03 82.64 7.23
N LYS G 821 17.19 83.37 6.50
CA LYS G 821 17.01 83.15 5.07
C LYS G 821 17.46 84.40 4.34
N ARG G 822 18.43 84.24 3.45
CA ARG G 822 19.05 85.33 2.70
C ARG G 822 19.20 84.89 1.26
N GLU G 823 19.02 85.83 0.33
CA GLU G 823 19.23 85.52 -1.07
C GLU G 823 20.60 84.89 -1.25
N ALA G 824 20.65 83.88 -2.11
CA ALA G 824 21.84 83.06 -2.23
C ALA G 824 22.82 83.77 -3.14
N THR G 825 24.09 83.72 -2.75
CA THR G 825 25.14 84.28 -3.59
C THR G 825 25.62 83.19 -4.52
N ALA G 826 26.20 83.59 -5.65
CA ALA G 826 26.74 82.61 -6.57
C ALA G 826 27.74 81.72 -5.85
N ASP G 827 28.45 82.28 -4.87
CA ASP G 827 29.40 81.48 -4.09
C ASP G 827 28.67 80.52 -3.16
N ASP G 828 27.52 80.93 -2.61
CA ASP G 828 26.79 80.05 -1.71
C ASP G 828 26.39 78.76 -2.42
N LEU G 829 25.86 78.87 -3.64
CA LEU G 829 25.47 77.68 -4.38
C LEU G 829 26.68 76.85 -4.78
N ILE G 830 27.78 77.50 -5.16
CA ILE G 830 28.98 76.76 -5.54
C ILE G 830 29.41 75.82 -4.43
N LYS G 831 29.34 76.29 -3.17
CA LYS G 831 29.68 75.43 -2.05
C LYS G 831 28.71 74.26 -1.94
N VAL G 832 27.42 74.52 -2.17
CA VAL G 832 26.42 73.46 -2.06
C VAL G 832 26.67 72.39 -3.12
N VAL G 833 26.91 72.81 -4.36
CA VAL G 833 27.10 71.86 -5.44
C VAL G 833 28.38 71.05 -5.23
N GLU G 834 29.45 71.73 -4.82
CA GLU G 834 30.72 71.03 -4.61
C GLU G 834 30.63 70.01 -3.48
N GLU G 835 29.89 70.33 -2.43
CA GLU G 835 29.68 69.34 -1.37
C GLU G 835 28.95 68.12 -1.92
N LEU G 836 28.05 68.34 -2.87
CA LEU G 836 27.33 67.24 -3.49
C LEU G 836 28.22 66.41 -4.41
N THR G 837 29.24 67.03 -5.02
CA THR G 837 30.14 66.28 -5.89
C THR G 837 31.04 65.32 -5.11
N ARG G 838 30.99 65.35 -3.78
CA ARG G 838 31.80 64.47 -2.95
C ARG G 838 31.13 63.12 -2.71
N ILE G 839 29.86 62.96 -3.10
CA ILE G 839 29.18 61.70 -2.89
C ILE G 839 29.60 60.66 -3.93
N HIS G 840 30.06 61.09 -5.10
CA HIS G 840 30.44 60.16 -6.16
C HIS G 840 31.94 60.24 -6.40
N THR H 7 -27.74 23.59 0.19
CA THR H 7 -27.82 23.32 -1.24
C THR H 7 -26.91 24.26 -2.03
N GLU H 8 -26.91 24.10 -3.36
CA GLU H 8 -26.06 24.90 -4.23
C GLU H 8 -26.51 26.37 -4.31
N SER H 9 -27.74 26.67 -3.88
CA SER H 9 -28.34 27.97 -4.09
C SER H 9 -28.29 28.88 -2.88
N ASP H 10 -28.06 28.34 -1.67
CA ASP H 10 -28.16 29.10 -0.43
C ASP H 10 -26.86 29.88 -0.22
N TRP H 11 -26.76 31.01 -0.91
CA TRP H 11 -25.57 31.85 -0.83
C TRP H 11 -25.63 32.72 0.43
N GLY H 12 -24.46 33.24 0.80
CA GLY H 12 -24.36 34.13 1.94
C GLY H 12 -24.26 33.45 3.28
N LYS H 13 -24.29 32.11 3.31
CA LYS H 13 -24.21 31.36 4.56
C LYS H 13 -22.83 30.78 4.81
N ARG H 14 -22.21 30.19 3.79
CA ARG H 14 -20.89 29.61 3.94
C ARG H 14 -19.88 30.68 4.36
N CYS H 15 -18.94 30.30 5.22
CA CYS H 15 -17.96 31.22 5.77
C CYS H 15 -16.73 31.31 4.87
N VAL H 16 -16.06 32.46 4.90
CA VAL H 16 -14.83 32.64 4.14
C VAL H 16 -13.70 31.79 4.67
N ASP H 17 -13.89 31.15 5.83
CA ASP H 17 -12.87 30.25 6.37
C ASP H 17 -12.60 29.09 5.43
N LYS H 18 -13.59 28.70 4.62
CA LYS H 18 -13.43 27.58 3.71
C LYS H 18 -12.37 27.88 2.65
N PHE H 19 -12.17 29.15 2.32
CA PHE H 19 -11.17 29.57 1.35
C PHE H 19 -9.89 29.98 2.07
N ASP H 20 -8.75 29.57 1.51
CA ASP H 20 -7.45 29.97 2.02
C ASP H 20 -6.96 31.18 1.22
N ILE H 21 -6.81 32.31 1.91
CA ILE H 21 -6.42 33.55 1.24
C ILE H 21 -4.94 33.46 0.89
N ILE H 22 -4.60 33.83 -0.35
CA ILE H 22 -3.23 33.78 -0.83
C ILE H 22 -2.59 35.15 -0.86
N GLY H 23 -3.33 36.18 -1.29
CA GLY H 23 -2.80 37.53 -1.25
C GLY H 23 -3.68 38.47 -2.04
N ILE H 24 -3.42 39.76 -1.86
CA ILE H 24 -4.23 40.79 -2.50
C ILE H 24 -3.75 40.97 -3.93
N ILE H 25 -4.70 40.97 -4.87
CA ILE H 25 -4.39 41.15 -6.28
C ILE H 25 -5.00 42.41 -6.88
N GLY H 26 -5.87 43.11 -6.17
CA GLY H 26 -6.46 44.31 -6.74
C GLY H 26 -7.01 45.24 -5.68
N GLU H 27 -7.19 46.50 -6.08
CA GLU H 27 -7.82 47.51 -5.24
C GLU H 27 -8.72 48.37 -6.10
N GLY H 28 -9.72 48.97 -5.48
CA GLY H 28 -10.66 49.83 -6.17
C GLY H 28 -12.09 49.29 -6.12
N THR H 29 -12.99 50.06 -6.73
CA THR H 29 -14.44 49.82 -6.71
C THR H 29 -14.87 49.78 -5.24
N TYR H 30 -15.58 48.74 -4.78
CA TYR H 30 -16.16 48.74 -3.45
C TYR H 30 -15.35 47.94 -2.43
N GLY H 31 -14.20 47.38 -2.83
CA GLY H 31 -13.35 46.70 -1.89
C GLY H 31 -12.12 46.16 -2.57
N GLN H 32 -11.37 45.35 -1.83
CA GLN H 32 -10.14 44.73 -2.33
C GLN H 32 -10.45 43.34 -2.88
N VAL H 33 -9.69 42.93 -3.89
CA VAL H 33 -9.83 41.62 -4.51
C VAL H 33 -8.64 40.75 -4.07
N TYR H 34 -8.94 39.59 -3.48
CA TYR H 34 -7.92 38.66 -3.02
C TYR H 34 -7.97 37.40 -3.88
N LYS H 35 -6.80 36.92 -4.31
CA LYS H 35 -6.67 35.56 -4.84
C LYS H 35 -6.81 34.57 -3.69
N ALA H 36 -7.41 33.41 -3.96
CA ALA H 36 -7.66 32.44 -2.90
C ALA H 36 -7.77 31.03 -3.48
N LYS H 37 -7.81 30.05 -2.57
CA LYS H 37 -7.95 28.65 -2.92
C LYS H 37 -8.94 27.99 -1.96
N ASP H 38 -9.86 27.21 -2.52
CA ASP H 38 -10.81 26.45 -1.70
C ASP H 38 -10.13 25.26 -1.04
N LYS H 39 -10.32 25.12 0.27
CA LYS H 39 -9.72 24.01 1.00
C LYS H 39 -10.32 22.68 0.57
N ASP H 40 -11.63 22.65 0.27
CA ASP H 40 -12.29 21.38 -0.02
C ASP H 40 -11.87 20.85 -1.39
N THR H 41 -11.85 21.72 -2.40
CA THR H 41 -11.59 21.30 -3.77
C THR H 41 -10.20 21.67 -4.26
N GLY H 42 -9.64 22.78 -3.80
CA GLY H 42 -8.38 23.26 -4.33
C GLY H 42 -8.51 24.12 -5.57
N GLU H 43 -9.72 24.55 -5.92
CA GLU H 43 -9.91 25.43 -7.06
C GLU H 43 -9.50 26.84 -6.68
N LEU H 44 -8.79 27.50 -7.58
CA LEU H 44 -8.47 28.91 -7.39
C LEU H 44 -9.72 29.76 -7.61
N VAL H 45 -9.92 30.75 -6.75
CA VAL H 45 -11.02 31.69 -6.85
C VAL H 45 -10.48 33.09 -6.63
N ALA H 46 -11.35 34.08 -6.80
CA ALA H 46 -11.02 35.47 -6.54
C ALA H 46 -12.14 36.08 -5.72
N LEU H 47 -11.81 36.60 -4.54
CA LEU H 47 -12.80 37.10 -3.61
C LEU H 47 -12.80 38.63 -3.66
N LYS H 48 -13.97 39.20 -3.94
CA LYS H 48 -14.16 40.65 -4.01
C LYS H 48 -14.83 41.07 -2.71
N LYS H 49 -14.10 41.77 -1.85
CA LYS H 49 -14.57 42.05 -0.50
C LYS H 49 -15.62 43.15 -0.54
N VAL H 50 -16.74 42.92 0.14
CA VAL H 50 -17.83 43.88 0.23
C VAL H 50 -17.94 44.29 1.69
N ARG H 51 -17.56 45.54 1.98
CA ARG H 51 -17.55 46.06 3.33
C ARG H 51 -18.85 46.82 3.58
N LEU H 52 -19.60 46.38 4.58
CA LEU H 52 -20.76 47.12 5.07
C LEU H 52 -20.40 48.01 6.27
N ASP H 53 -19.12 48.03 6.67
CA ASP H 53 -18.73 48.81 7.83
C ASP H 53 -18.89 50.30 7.60
N ASN H 54 -18.69 50.78 6.37
CA ASN H 54 -18.96 52.18 6.08
C ASN H 54 -20.39 52.54 6.47
N GLU H 55 -21.34 51.66 6.16
CA GLU H 55 -22.73 51.80 6.59
C GLU H 55 -23.32 53.16 6.18
N LYS H 56 -22.63 53.86 5.26
CA LYS H 56 -23.15 55.12 4.75
C LYS H 56 -24.54 54.92 4.15
N GLU H 57 -24.66 53.95 3.24
CA GLU H 57 -25.95 53.51 2.71
C GLU H 57 -26.01 51.99 2.69
N GLY H 58 -25.27 51.34 3.61
CA GLY H 58 -25.35 49.90 3.72
C GLY H 58 -24.64 49.19 2.58
N PHE H 59 -25.22 48.07 2.16
CA PHE H 59 -24.65 47.27 1.09
C PHE H 59 -24.47 48.14 -0.16
N PRO H 60 -23.25 48.25 -0.70
CA PRO H 60 -23.05 49.14 -1.84
C PRO H 60 -23.88 48.70 -3.05
N ILE H 61 -24.52 49.68 -3.69
CA ILE H 61 -25.32 49.38 -4.87
C ILE H 61 -24.42 48.90 -6.01
N THR H 62 -23.14 49.29 -6.01
CA THR H 62 -22.22 48.75 -7.01
C THR H 62 -22.10 47.24 -6.87
N ALA H 63 -22.08 46.74 -5.63
CA ALA H 63 -22.09 45.29 -5.43
C ALA H 63 -23.47 44.70 -5.75
N ILE H 64 -24.53 45.41 -5.37
CA ILE H 64 -25.88 44.93 -5.67
C ILE H 64 -26.06 44.76 -7.17
N ARG H 65 -25.58 45.72 -7.96
CA ARG H 65 -25.67 45.59 -9.41
C ARG H 65 -24.91 44.34 -9.88
N GLU H 66 -23.67 44.18 -9.41
CA GLU H 66 -22.85 43.09 -9.91
C GLU H 66 -23.43 41.73 -9.55
N ILE H 67 -24.09 41.63 -8.40
CA ILE H 67 -24.76 40.38 -8.03
C ILE H 67 -25.99 40.16 -8.89
N LYS H 68 -26.88 41.15 -8.93
CA LYS H 68 -28.13 41.04 -9.66
C LYS H 68 -27.90 40.60 -11.10
N ILE H 69 -26.89 41.18 -11.75
CA ILE H 69 -26.72 40.96 -13.19
C ILE H 69 -25.98 39.66 -13.46
N LEU H 70 -24.90 39.38 -12.72
CA LEU H 70 -24.09 38.22 -13.05
C LEU H 70 -24.71 36.90 -12.59
N ARG H 71 -25.77 36.93 -11.79
CA ARG H 71 -26.53 35.70 -11.55
C ARG H 71 -27.55 35.44 -12.65
N GLN H 72 -27.80 36.43 -13.52
CA GLN H 72 -28.61 36.26 -14.70
C GLN H 72 -27.80 35.83 -15.91
N LEU H 73 -26.55 36.27 -16.00
CA LEU H 73 -25.71 36.00 -17.15
C LEU H 73 -24.89 34.74 -16.92
N ILE H 74 -24.88 33.86 -17.92
CA ILE H 74 -24.08 32.64 -17.87
C ILE H 74 -23.45 32.47 -19.24
N HIS H 75 -22.15 32.66 -19.32
CA HIS H 75 -21.44 32.55 -20.59
C HIS H 75 -19.95 32.39 -20.29
N ARG H 76 -19.27 31.60 -21.13
CA ARG H 76 -17.85 31.38 -20.92
C ARG H 76 -17.08 32.69 -21.01
N SER H 77 -17.63 33.69 -21.70
CA SER H 77 -16.97 34.97 -21.93
C SER H 77 -17.37 36.04 -20.92
N VAL H 78 -18.22 35.72 -19.95
CA VAL H 78 -18.63 36.65 -18.91
C VAL H 78 -18.27 36.02 -17.57
N VAL H 79 -17.46 36.74 -16.77
CA VAL H 79 -16.90 36.15 -15.56
C VAL H 79 -18.03 35.59 -14.70
N ASN H 80 -17.78 34.41 -14.14
CA ASN H 80 -18.81 33.67 -13.41
C ASN H 80 -18.66 33.93 -11.92
N MET H 81 -19.75 34.43 -11.31
CA MET H 81 -19.82 34.53 -9.86
C MET H 81 -20.31 33.19 -9.31
N LYS H 82 -19.48 32.54 -8.50
CA LYS H 82 -19.74 31.18 -8.06
C LYS H 82 -20.59 31.11 -6.80
N GLU H 83 -20.31 31.94 -5.80
CA GLU H 83 -21.18 32.07 -4.63
C GLU H 83 -20.76 33.31 -3.85
N ILE H 84 -21.45 33.54 -2.74
CA ILE H 84 -21.14 34.64 -1.82
C ILE H 84 -20.95 34.06 -0.43
N VAL H 85 -19.86 34.45 0.23
CA VAL H 85 -19.51 33.97 1.56
C VAL H 85 -19.37 35.17 2.48
N THR H 86 -19.41 34.91 3.79
CA THR H 86 -19.42 35.95 4.79
C THR H 86 -18.33 35.72 5.82
N ASP H 87 -17.93 36.80 6.49
CA ASP H 87 -17.03 36.68 7.62
C ASP H 87 -17.72 35.97 8.78
N LYS H 88 -16.91 35.34 9.63
CA LYS H 88 -17.46 34.59 10.74
C LYS H 88 -18.36 35.48 11.59
N GLN H 89 -19.64 35.13 11.69
CA GLN H 89 -20.61 35.87 12.49
C GLN H 89 -20.47 35.50 13.98
N ASP H 90 -19.28 35.81 14.52
CA ASP H 90 -18.98 35.41 15.90
C ASP H 90 -19.88 36.12 16.90
N ALA H 91 -20.37 37.31 16.57
CA ALA H 91 -21.23 38.05 17.49
C ALA H 91 -22.58 37.34 17.64
N LEU H 92 -23.03 37.18 18.89
CA LEU H 92 -24.29 36.47 19.13
C LEU H 92 -25.48 37.24 18.58
N ASP H 93 -25.38 38.56 18.50
CA ASP H 93 -26.48 39.41 18.06
C ASP H 93 -26.15 39.98 16.69
N PHE H 94 -27.00 39.67 15.70
CA PHE H 94 -26.77 40.18 14.35
C PHE H 94 -26.61 41.69 14.34
N LYS H 95 -27.18 42.37 15.34
CA LYS H 95 -27.02 43.82 15.46
C LYS H 95 -25.55 44.18 15.71
N LYS H 96 -24.87 43.39 16.56
CA LYS H 96 -23.47 43.65 16.81
C LYS H 96 -22.60 43.36 15.59
N ASP H 97 -22.97 42.36 14.79
CA ASP H 97 -22.10 41.90 13.72
C ASP H 97 -21.81 43.01 12.73
N LYS H 98 -20.52 43.21 12.44
CA LYS H 98 -20.06 44.16 11.42
C LYS H 98 -19.22 43.47 10.35
N GLY H 99 -19.41 42.16 10.17
CA GLY H 99 -18.62 41.44 9.20
C GLY H 99 -18.92 41.85 7.78
N ALA H 100 -17.99 41.52 6.89
CA ALA H 100 -18.10 41.85 5.48
C ALA H 100 -18.33 40.59 4.65
N PHE H 101 -19.04 40.76 3.54
CA PHE H 101 -19.26 39.66 2.60
C PHE H 101 -18.14 39.64 1.55
N TYR H 102 -17.97 38.48 0.93
CA TYR H 102 -17.04 38.31 -0.19
C TYR H 102 -17.78 37.67 -1.35
N LEU H 103 -17.71 38.29 -2.53
CA LEU H 103 -18.23 37.67 -3.74
C LEU H 103 -17.16 36.72 -4.27
N VAL H 104 -17.45 35.42 -4.29
CA VAL H 104 -16.55 34.44 -4.87
C VAL H 104 -16.71 34.45 -6.39
N PHE H 105 -15.59 34.56 -7.10
CA PHE H 105 -15.54 34.47 -8.54
C PHE H 105 -14.54 33.37 -8.90
N GLU H 106 -14.59 32.91 -10.15
CA GLU H 106 -13.50 32.09 -10.66
C GLU H 106 -12.26 32.93 -10.88
N TYR H 107 -11.10 32.29 -10.82
CA TYR H 107 -9.83 32.99 -10.95
C TYR H 107 -9.38 32.99 -12.41
N MET H 108 -8.96 34.16 -12.89
CA MET H 108 -8.37 34.33 -14.20
C MET H 108 -6.89 34.66 -14.03
N ASP H 109 -6.04 34.01 -14.83
CA ASP H 109 -4.61 34.10 -14.54
C ASP H 109 -4.03 35.48 -14.83
N HIS H 110 -4.58 36.22 -15.80
CA HIS H 110 -3.98 37.49 -16.19
C HIS H 110 -5.06 38.48 -16.62
N ASP H 111 -4.63 39.74 -16.79
CA ASP H 111 -5.47 40.82 -17.27
C ASP H 111 -4.79 41.49 -18.47
N LEU H 112 -5.60 42.12 -19.32
CA LEU H 112 -5.06 42.65 -20.58
C LEU H 112 -4.10 43.81 -20.36
N MET H 113 -4.34 44.63 -19.34
CA MET H 113 -3.50 45.79 -19.12
C MET H 113 -2.08 45.40 -18.70
N GLY H 114 -1.96 44.41 -17.82
CA GLY H 114 -0.65 44.02 -17.33
C GLY H 114 0.15 43.23 -18.33
N LEU H 115 -0.52 42.47 -19.19
CA LEU H 115 0.18 41.73 -20.23
C LEU H 115 0.66 42.67 -21.33
N LEU H 116 -0.14 43.68 -21.66
CA LEU H 116 0.25 44.60 -22.73
C LEU H 116 1.35 45.57 -22.28
N GLU H 117 1.44 45.83 -20.97
CA GLU H 117 2.49 46.71 -20.47
C GLU H 117 3.86 46.07 -20.55
N SER H 118 3.96 44.75 -20.36
CA SER H 118 5.26 44.10 -20.38
C SER H 118 5.91 44.19 -21.76
N GLY H 119 5.12 44.07 -22.82
CA GLY H 119 5.60 44.37 -24.15
C GLY H 119 6.41 43.29 -24.83
N LEU H 120 6.53 42.11 -24.23
CA LEU H 120 7.18 40.97 -24.88
C LEU H 120 6.20 40.08 -25.63
N VAL H 121 4.94 40.04 -25.16
CA VAL H 121 3.93 39.19 -25.78
C VAL H 121 3.52 39.78 -27.12
N HIS H 122 3.49 38.92 -28.14
CA HIS H 122 3.04 39.28 -29.48
C HIS H 122 1.76 38.52 -29.78
N PHE H 123 0.79 39.20 -30.39
CA PHE H 123 -0.50 38.62 -30.70
C PHE H 123 -0.63 38.45 -32.20
N SER H 124 -0.83 37.22 -32.65
CA SER H 124 -1.03 36.94 -34.06
C SER H 124 -2.44 37.38 -34.48
N GLU H 125 -2.68 37.41 -35.78
CA GLU H 125 -4.02 37.68 -36.26
C GLU H 125 -5.00 36.66 -35.70
N ASP H 126 -4.65 35.37 -35.80
CA ASP H 126 -5.54 34.33 -35.28
C ASP H 126 -5.78 34.51 -33.79
N HIS H 127 -4.75 34.90 -33.03
CA HIS H 127 -4.95 35.17 -31.61
C HIS H 127 -5.90 36.34 -31.41
N ILE H 128 -5.75 37.40 -32.21
CA ILE H 128 -6.64 38.55 -32.09
C ILE H 128 -8.07 38.18 -32.48
N LYS H 129 -8.23 37.28 -33.46
CA LYS H 129 -9.57 36.80 -33.79
C LYS H 129 -10.20 36.08 -32.60
N SER H 130 -9.48 35.10 -32.03
CA SER H 130 -10.05 34.33 -30.93
C SER H 130 -10.37 35.24 -29.74
N PHE H 131 -9.50 36.21 -29.47
CA PHE H 131 -9.72 37.13 -28.35
C PHE H 131 -10.97 37.96 -28.57
N MET H 132 -11.13 38.52 -29.77
CA MET H 132 -12.28 39.38 -30.02
C MET H 132 -13.57 38.57 -30.15
N LYS H 133 -13.51 37.41 -30.80
CA LYS H 133 -14.73 36.62 -30.96
C LYS H 133 -15.32 36.28 -29.60
N GLN H 134 -14.48 35.96 -28.61
CA GLN H 134 -15.00 35.63 -27.29
C GLN H 134 -15.59 36.86 -26.63
N LEU H 135 -14.87 37.98 -26.67
CA LEU H 135 -15.36 39.20 -26.04
C LEU H 135 -16.68 39.64 -26.65
N MET H 136 -16.79 39.61 -27.97
CA MET H 136 -18.02 40.06 -28.62
C MET H 136 -19.14 39.06 -28.41
N GLU H 137 -18.84 37.77 -28.44
CA GLU H 137 -19.85 36.78 -28.08
C GLU H 137 -20.43 37.08 -26.70
N GLY H 138 -19.57 37.48 -25.76
CA GLY H 138 -20.06 37.79 -24.42
C GLY H 138 -20.89 39.06 -24.40
N LEU H 139 -20.39 40.12 -25.04
CA LEU H 139 -21.15 41.36 -25.09
C LEU H 139 -22.48 41.18 -25.81
N GLU H 140 -22.51 40.30 -26.82
CA GLU H 140 -23.78 39.90 -27.41
C GLU H 140 -24.69 39.29 -26.36
N TYR H 141 -24.18 38.34 -25.56
CA TYR H 141 -24.98 37.74 -24.51
C TYR H 141 -25.50 38.78 -23.53
N CYS H 142 -24.80 39.91 -23.39
CA CYS H 142 -25.21 40.97 -22.48
C CYS H 142 -26.19 41.94 -23.15
N HIS H 143 -25.83 42.43 -24.34
CA HIS H 143 -26.73 43.37 -25.02
C HIS H 143 -28.03 42.69 -25.40
N LYS H 144 -28.00 41.41 -25.78
CA LYS H 144 -29.24 40.71 -26.09
C LYS H 144 -30.10 40.54 -24.84
N LYS H 145 -29.46 40.49 -23.66
CA LYS H 145 -30.17 40.50 -22.40
C LYS H 145 -30.45 41.92 -21.90
N ASN H 146 -30.18 42.93 -22.73
CA ASN H 146 -30.54 44.31 -22.45
C ASN H 146 -29.76 44.87 -21.24
N PHE H 147 -28.44 44.72 -21.28
CA PHE H 147 -27.57 45.26 -20.25
C PHE H 147 -26.47 46.11 -20.88
N LEU H 148 -26.10 47.17 -20.19
CA LEU H 148 -25.04 48.07 -20.60
C LEU H 148 -23.86 47.85 -19.67
N HIS H 149 -22.66 47.64 -20.24
CA HIS H 149 -21.51 47.43 -19.37
C HIS H 149 -21.06 48.74 -18.73
N ARG H 150 -20.91 49.79 -19.53
CA ARG H 150 -20.64 51.15 -19.07
C ARG H 150 -19.26 51.31 -18.44
N ASP H 151 -18.39 50.31 -18.54
CA ASP H 151 -17.05 50.43 -17.93
C ASP H 151 -16.06 49.49 -18.60
N ILE H 152 -16.09 49.44 -19.94
CA ILE H 152 -15.13 48.63 -20.68
C ILE H 152 -13.75 49.28 -20.61
N LYS H 153 -12.74 48.49 -20.24
CA LYS H 153 -11.35 48.94 -20.24
C LYS H 153 -10.48 47.70 -20.11
N CYS H 154 -9.21 47.85 -20.50
CA CYS H 154 -8.31 46.70 -20.57
C CYS H 154 -8.33 45.88 -19.29
N SER H 155 -8.22 46.53 -18.13
CA SER H 155 -8.14 45.79 -16.88
C SER H 155 -9.42 45.03 -16.56
N ASN H 156 -10.56 45.42 -17.13
CA ASN H 156 -11.80 44.69 -16.92
C ASN H 156 -11.98 43.52 -17.88
N ILE H 157 -11.02 43.29 -18.79
CA ILE H 157 -10.98 42.11 -19.63
C ILE H 157 -9.88 41.19 -19.10
N LEU H 158 -10.24 39.94 -18.81
CA LEU H 158 -9.31 38.99 -18.21
C LEU H 158 -9.00 37.86 -19.17
N LEU H 159 -7.87 37.18 -18.93
CA LEU H 159 -7.37 36.14 -19.81
C LEU H 159 -6.60 35.14 -18.97
N ASN H 160 -7.00 33.88 -19.03
CA ASN H 160 -6.27 32.79 -18.37
C ASN H 160 -5.37 32.09 -19.38
N ASN H 161 -4.38 31.36 -18.87
CA ASN H 161 -3.30 30.89 -19.73
C ASN H 161 -3.80 29.94 -20.81
N SER H 162 -4.92 29.26 -20.58
CA SER H 162 -5.48 28.42 -21.64
C SER H 162 -5.94 29.26 -22.83
N GLY H 163 -6.08 30.58 -22.66
CA GLY H 163 -6.48 31.45 -23.75
C GLY H 163 -7.92 31.90 -23.76
N GLN H 164 -8.69 31.56 -22.71
CA GLN H 164 -10.09 31.97 -22.64
C GLN H 164 -10.19 33.40 -22.14
N ILE H 165 -11.07 34.20 -22.76
CA ILE H 165 -11.24 35.61 -22.44
C ILE H 165 -12.56 35.81 -21.69
N LYS H 166 -12.56 36.66 -20.66
CA LYS H 166 -13.78 36.95 -19.92
C LYS H 166 -13.85 38.42 -19.54
N LEU H 167 -15.04 39.00 -19.66
CA LEU H 167 -15.37 40.36 -19.24
C LEU H 167 -15.85 40.33 -17.79
N ALA H 168 -15.39 41.31 -16.97
CA ALA H 168 -15.46 41.04 -15.53
C ALA H 168 -15.79 42.17 -14.55
N ASP H 169 -16.25 43.33 -14.97
CA ASP H 169 -16.60 44.36 -13.97
C ASP H 169 -17.98 44.95 -14.26
N PHE H 170 -18.98 44.45 -13.55
CA PHE H 170 -20.37 44.88 -13.72
C PHE H 170 -20.89 45.68 -12.53
N GLY H 171 -20.00 46.44 -11.88
CA GLY H 171 -20.43 47.32 -10.81
C GLY H 171 -21.15 48.56 -11.29
N LEU H 172 -21.00 48.91 -12.57
CA LEU H 172 -21.73 50.03 -13.16
C LEU H 172 -22.71 49.59 -14.24
N ALA H 173 -23.00 48.30 -14.31
CA ALA H 173 -23.90 47.78 -15.35
C ALA H 173 -25.36 48.03 -14.99
N ARG H 174 -26.16 48.31 -16.01
CA ARG H 174 -27.57 48.60 -15.78
C ARG H 174 -28.40 48.15 -16.98
N LEU H 175 -29.72 48.19 -16.80
CA LEU H 175 -30.68 47.78 -17.80
C LEU H 175 -30.93 48.91 -18.79
N TYR H 176 -31.24 48.53 -20.03
CA TYR H 176 -31.50 49.50 -21.10
C TYR H 176 -32.82 49.16 -21.77
N ASN H 177 -33.71 50.14 -21.86
CA ASN H 177 -34.98 49.99 -22.56
C ASN H 177 -35.03 51.02 -23.68
N SER H 178 -35.08 50.54 -24.93
CA SER H 178 -35.22 51.44 -26.07
C SER H 178 -36.57 52.15 -26.05
N GLU H 179 -37.63 51.42 -25.70
CA GLU H 179 -38.96 52.01 -25.67
C GLU H 179 -39.00 53.25 -24.81
N GLU H 180 -38.40 53.17 -23.62
CA GLU H 180 -38.42 54.24 -22.65
C GLU H 180 -37.05 54.85 -22.48
N SER H 181 -36.90 56.13 -22.82
CA SER H 181 -35.67 56.85 -22.51
C SER H 181 -35.57 57.06 -21.01
N ARG H 182 -34.39 56.78 -20.46
CA ARG H 182 -34.11 56.92 -19.05
C ARG H 182 -32.88 57.80 -18.87
N PRO H 183 -32.89 58.77 -17.96
CA PRO H 183 -31.66 59.53 -17.68
C PRO H 183 -30.61 58.65 -17.05
N TYR H 184 -29.39 58.73 -17.56
CA TYR H 184 -28.29 57.92 -17.06
C TYR H 184 -27.11 58.82 -16.70
N TPO H 185 -26.03 58.20 -16.26
CA TPO H 185 -24.83 58.93 -15.86
CB TPO H 185 -24.05 58.10 -14.82
CG2 TPO H 185 -23.11 59.02 -14.07
OG1 TPO H 185 -25.10 57.52 -14.04
P TPO H 185 -24.60 56.68 -12.75
O1P TPO H 185 -23.37 55.72 -13.12
O2P TPO H 185 -24.18 57.69 -11.57
O3P TPO H 185 -25.75 55.88 -12.26
C TPO H 185 -23.97 59.25 -17.07
O TPO H 185 -23.54 58.36 -17.79
H TPO H 185 -25.96 57.35 -16.17
HA TPO H 185 -25.06 59.77 -15.44
HB TPO H 185 -23.40 57.32 -15.22
HG21 TPO H 185 -22.41 58.43 -13.49
HG22 TPO H 185 -23.69 59.65 -13.39
HG23 TPO H 185 -22.58 59.65 -14.77
N ASN H 186 -23.73 60.55 -17.30
CA ASN H 186 -22.99 60.99 -18.47
C ASN H 186 -21.55 60.50 -18.54
N LYS H 187 -20.88 60.43 -17.39
CA LYS H 187 -19.46 60.09 -17.31
C LYS H 187 -19.32 58.69 -16.71
N VAL H 188 -19.52 57.68 -17.55
CA VAL H 188 -19.52 56.28 -17.11
C VAL H 188 -18.22 55.57 -17.46
N ILE H 189 -17.75 55.70 -18.69
CA ILE H 189 -16.57 54.95 -19.10
C ILE H 189 -15.32 55.78 -18.89
N THR H 190 -14.18 55.10 -18.67
CA THR H 190 -12.91 55.79 -18.55
C THR H 190 -12.60 56.58 -19.81
N LEU H 191 -12.03 57.77 -19.62
CA LEU H 191 -11.93 58.74 -20.71
C LEU H 191 -11.33 58.12 -21.97
N TRP H 192 -10.33 57.26 -21.81
CA TRP H 192 -9.63 56.71 -22.96
C TRP H 192 -10.54 55.86 -23.84
N TYR H 193 -11.53 55.19 -23.24
CA TYR H 193 -12.45 54.34 -23.98
C TYR H 193 -13.86 54.91 -24.01
N ARG H 194 -14.02 56.17 -23.67
CA ARG H 194 -15.36 56.76 -23.64
C ARG H 194 -15.75 57.23 -25.04
N PRO H 195 -17.00 56.99 -25.46
CA PRO H 195 -17.41 57.38 -26.81
C PRO H 195 -17.66 58.87 -26.92
N PRO H 196 -17.62 59.43 -28.13
CA PRO H 196 -17.83 60.87 -28.28
C PRO H 196 -19.20 61.35 -27.83
N GLU H 197 -20.25 60.54 -27.98
CA GLU H 197 -21.58 60.98 -27.54
C GLU H 197 -21.57 61.29 -26.05
N LEU H 198 -20.86 60.50 -25.26
CA LEU H 198 -20.79 60.79 -23.82
C LEU H 198 -19.91 61.99 -23.54
N LEU H 199 -18.89 62.22 -24.37
CA LEU H 199 -18.08 63.43 -24.21
C LEU H 199 -18.92 64.67 -24.48
N LEU H 200 -19.84 64.59 -25.42
CA LEU H 200 -20.72 65.71 -25.75
C LEU H 200 -21.93 65.79 -24.84
N GLY H 201 -22.01 64.94 -23.81
CA GLY H 201 -23.01 65.11 -22.79
C GLY H 201 -24.30 64.36 -22.99
N GLU H 202 -24.29 63.28 -23.76
CA GLU H 202 -25.49 62.47 -23.90
C GLU H 202 -25.81 61.80 -22.56
N GLU H 203 -27.05 61.91 -22.12
CA GLU H 203 -27.47 61.28 -20.88
C GLU H 203 -28.42 60.10 -21.09
N ARG H 204 -28.98 59.95 -22.29
CA ARG H 204 -29.82 58.82 -22.67
C ARG H 204 -29.10 58.10 -23.80
N TYR H 205 -28.23 57.15 -23.45
CA TYR H 205 -27.35 56.51 -24.41
C TYR H 205 -27.73 55.05 -24.65
N THR H 206 -27.20 54.51 -25.74
CA THR H 206 -27.48 53.16 -26.19
C THR H 206 -26.35 52.22 -25.84
N PRO H 207 -26.48 50.92 -26.13
CA PRO H 207 -25.33 50.02 -25.96
C PRO H 207 -24.16 50.32 -26.87
N ALA H 208 -24.33 51.19 -27.87
CA ALA H 208 -23.21 51.51 -28.73
C ALA H 208 -22.01 52.03 -27.95
N ILE H 209 -22.23 52.53 -26.72
CA ILE H 209 -21.10 53.00 -25.92
C ILE H 209 -20.11 51.88 -25.69
N ASP H 210 -20.61 50.67 -25.39
CA ASP H 210 -19.72 49.55 -25.15
C ASP H 210 -18.99 49.15 -26.44
N VAL H 211 -19.66 49.28 -27.58
CA VAL H 211 -19.01 48.94 -28.84
C VAL H 211 -17.81 49.86 -29.07
N TRP H 212 -18.02 51.17 -28.87
CA TRP H 212 -16.92 52.12 -29.04
C TRP H 212 -15.72 51.72 -28.19
N SER H 213 -15.97 51.30 -26.95
CA SER H 213 -14.86 50.90 -26.09
C SER H 213 -14.14 49.68 -26.65
N CYS H 214 -14.89 48.64 -27.00
CA CYS H 214 -14.26 47.44 -27.55
C CYS H 214 -13.52 47.75 -28.84
N GLY H 215 -14.00 48.73 -29.60
CA GLY H 215 -13.25 49.17 -30.78
C GLY H 215 -11.92 49.79 -30.40
N CYS H 216 -11.94 50.69 -29.40
CA CYS H 216 -10.70 51.25 -28.90
C CYS H 216 -9.73 50.13 -28.51
N ILE H 217 -10.27 49.02 -28.00
CA ILE H 217 -9.42 47.88 -27.66
C ILE H 217 -8.91 47.20 -28.92
N LEU H 218 -9.77 47.05 -29.93
CA LEU H 218 -9.34 46.42 -31.17
C LEU H 218 -8.11 47.12 -31.73
N GLY H 219 -8.15 48.45 -31.81
CA GLY H 219 -7.00 49.18 -32.31
C GLY H 219 -5.80 49.03 -31.39
N GLU H 220 -6.05 48.99 -30.08
CA GLU H 220 -4.96 48.89 -29.11
C GLU H 220 -4.24 47.55 -29.19
N LEU H 221 -4.88 46.53 -29.77
CA LEU H 221 -4.24 45.23 -29.93
C LEU H 221 -3.32 45.21 -31.15
N PHE H 222 -3.49 46.14 -32.09
CA PHE H 222 -2.60 46.23 -33.23
C PHE H 222 -1.46 47.21 -32.98
N THR H 223 -1.68 48.25 -32.19
CA THR H 223 -0.62 49.21 -31.91
C THR H 223 0.05 48.96 -30.56
N LYS H 224 -0.59 48.21 -29.66
CA LYS H 224 -0.09 47.91 -28.33
C LYS H 224 -0.09 49.14 -27.42
N LYS H 225 -0.66 50.25 -27.88
CA LYS H 225 -0.79 51.51 -27.15
C LYS H 225 -2.23 52.00 -27.29
N PRO H 226 -2.85 52.50 -26.22
CA PRO H 226 -4.23 52.98 -26.36
C PRO H 226 -4.34 54.05 -27.43
N ILE H 227 -5.39 53.94 -28.25
CA ILE H 227 -5.50 54.80 -29.43
C ILE H 227 -5.66 56.26 -29.02
N PHE H 228 -6.56 56.53 -28.06
CA PHE H 228 -6.83 57.89 -27.60
C PHE H 228 -6.43 58.01 -26.15
N GLN H 229 -5.38 58.79 -25.87
CA GLN H 229 -4.92 59.01 -24.50
C GLN H 229 -4.86 60.50 -24.22
N ALA H 230 -5.64 60.94 -23.23
CA ALA H 230 -5.69 62.34 -22.84
C ALA H 230 -6.23 62.39 -21.41
N ASN H 231 -6.17 63.58 -20.82
CA ASN H 231 -6.54 63.74 -19.42
C ASN H 231 -7.83 64.51 -19.19
N LEU H 232 -8.30 65.25 -20.19
CA LEU H 232 -9.50 66.07 -20.06
C LEU H 232 -10.44 65.81 -21.23
N GLU H 233 -11.72 65.95 -20.95
CA GLU H 233 -12.74 65.52 -21.89
C GLU H 233 -12.62 66.26 -23.23
N LEU H 234 -12.37 67.56 -23.20
CA LEU H 234 -12.21 68.30 -24.45
C LEU H 234 -10.99 67.82 -25.22
N ALA H 235 -9.87 67.61 -24.54
CA ALA H 235 -8.68 67.09 -25.20
C ALA H 235 -8.94 65.72 -25.79
N GLN H 236 -9.76 64.91 -25.12
CA GLN H 236 -10.12 63.61 -25.66
C GLN H 236 -10.94 63.75 -26.94
N LEU H 237 -11.92 64.65 -26.94
CA LEU H 237 -12.72 64.87 -28.15
C LEU H 237 -11.84 65.37 -29.29
N GLU H 238 -10.85 66.20 -28.99
CA GLU H 238 -9.92 66.64 -30.02
C GLU H 238 -9.20 65.45 -30.64
N LEU H 239 -8.65 64.57 -29.80
CA LEU H 239 -7.94 63.40 -30.32
C LEU H 239 -8.87 62.55 -31.18
N ILE H 240 -10.08 62.28 -30.67
CA ILE H 240 -11.04 61.48 -31.44
C ILE H 240 -11.33 62.15 -32.77
N SER H 241 -11.48 63.48 -32.77
CA SER H 241 -11.81 64.18 -34.01
C SER H 241 -10.66 64.08 -35.03
N ARG H 242 -9.42 64.18 -34.55
CA ARG H 242 -8.28 64.14 -35.48
C ARG H 242 -8.23 62.84 -36.26
N LEU H 243 -8.70 61.74 -35.66
CA LEU H 243 -8.66 60.45 -36.33
C LEU H 243 -9.97 60.14 -37.05
N CYS H 244 -11.10 60.32 -36.36
CA CYS H 244 -12.39 59.90 -36.88
C CYS H 244 -13.12 60.98 -37.63
N GLY H 245 -12.66 62.22 -37.57
CA GLY H 245 -13.40 63.35 -38.11
C GLY H 245 -14.16 64.07 -37.02
N SER H 246 -14.37 65.37 -37.23
CA SER H 246 -15.04 66.17 -36.21
C SER H 246 -16.53 65.85 -36.18
N PRO H 247 -17.15 65.76 -35.00
CA PRO H 247 -18.61 65.60 -34.94
C PRO H 247 -19.30 66.79 -35.59
N CYS H 248 -20.09 66.52 -36.61
CA CYS H 248 -20.80 67.56 -37.32
C CYS H 248 -22.06 66.95 -37.91
N PRO H 249 -23.09 67.77 -38.16
CA PRO H 249 -24.36 67.20 -38.65
C PRO H 249 -24.22 66.41 -39.95
N ALA H 250 -23.22 66.72 -40.77
CA ALA H 250 -23.09 66.05 -42.06
C ALA H 250 -22.95 64.54 -41.88
N VAL H 251 -22.09 64.12 -40.95
CA VAL H 251 -21.91 62.70 -40.67
C VAL H 251 -22.72 62.22 -39.48
N TRP H 252 -23.24 63.14 -38.65
CA TRP H 252 -23.91 62.79 -37.40
C TRP H 252 -25.13 63.68 -37.30
N PRO H 253 -26.22 63.34 -38.01
CA PRO H 253 -27.33 64.29 -38.14
C PRO H 253 -27.88 64.79 -36.82
N ASP H 254 -27.91 63.96 -35.78
CA ASP H 254 -28.54 64.34 -34.51
C ASP H 254 -27.57 64.87 -33.48
N VAL H 255 -26.34 65.19 -33.87
CA VAL H 255 -25.38 65.73 -32.91
C VAL H 255 -25.84 67.09 -32.40
N ILE H 256 -26.57 67.85 -33.23
CA ILE H 256 -27.01 69.18 -32.83
C ILE H 256 -27.93 69.13 -31.62
N ARG H 257 -28.54 67.98 -31.33
CA ARG H 257 -29.35 67.85 -30.13
C ARG H 257 -28.50 67.78 -28.86
N LEU H 258 -27.23 67.40 -28.98
CA LEU H 258 -26.45 67.12 -27.79
C LEU H 258 -26.15 68.41 -27.01
N PRO H 259 -26.11 68.33 -25.68
CA PRO H 259 -25.94 69.57 -24.90
C PRO H 259 -24.70 70.36 -25.25
N TYR H 260 -23.55 69.68 -25.37
CA TYR H 260 -22.26 70.35 -25.51
C TYR H 260 -21.79 70.45 -26.95
N PHE H 261 -22.67 70.21 -27.92
CA PHE H 261 -22.22 70.23 -29.32
C PHE H 261 -21.64 71.60 -29.66
N ASN H 262 -22.33 72.67 -29.28
CA ASN H 262 -21.78 74.02 -29.48
C ASN H 262 -20.64 74.30 -28.50
N THR H 263 -20.78 73.84 -27.26
CA THR H 263 -19.80 74.15 -26.23
C THR H 263 -18.44 73.53 -26.55
N MET H 264 -18.40 72.21 -26.72
CA MET H 264 -17.15 71.49 -26.95
C MET H 264 -16.92 71.35 -28.45
N LYS H 265 -16.15 72.26 -29.02
CA LYS H 265 -15.82 72.15 -30.43
C LYS H 265 -14.35 71.81 -30.61
N PRO H 266 -14.03 70.91 -31.54
CA PRO H 266 -12.61 70.64 -31.82
C PRO H 266 -11.92 71.84 -32.44
N LYS H 267 -10.58 71.81 -32.39
CA LYS H 267 -9.78 72.89 -32.94
C LYS H 267 -10.20 73.24 -34.35
N LYS H 268 -10.45 72.22 -35.19
CA LYS H 268 -10.89 72.41 -36.56
C LYS H 268 -12.09 71.49 -36.84
N GLN H 269 -12.58 71.54 -38.07
CA GLN H 269 -13.51 70.54 -38.59
C GLN H 269 -12.69 69.51 -39.35
N TYR H 270 -12.12 68.55 -38.61
CA TYR H 270 -11.20 67.60 -39.18
C TYR H 270 -11.91 66.62 -40.12
N ARG H 271 -11.17 66.16 -41.12
CA ARG H 271 -11.64 65.07 -41.97
C ARG H 271 -11.31 63.74 -41.31
N ARG H 272 -12.02 62.70 -41.73
CA ARG H 272 -11.75 61.36 -41.20
C ARG H 272 -10.44 60.83 -41.79
N ARG H 273 -9.58 60.31 -40.92
CA ARG H 273 -8.28 59.79 -41.33
C ARG H 273 -8.04 58.37 -40.82
N LEU H 274 -9.07 57.71 -40.29
CA LEU H 274 -8.88 56.43 -39.64
C LEU H 274 -8.20 55.42 -40.57
N ARG H 275 -8.78 55.19 -41.74
CA ARG H 275 -8.18 54.22 -42.65
C ARG H 275 -6.75 54.60 -43.01
N GLU H 276 -6.48 55.90 -43.13
CA GLU H 276 -5.14 56.35 -43.49
C GLU H 276 -4.16 56.07 -42.36
N GLU H 277 -4.50 56.47 -41.13
CA GLU H 277 -3.58 56.34 -40.02
C GLU H 277 -3.45 54.91 -39.51
N PHE H 278 -4.44 54.05 -39.77
CA PHE H 278 -4.35 52.63 -39.48
C PHE H 278 -4.13 51.80 -40.74
N SER H 279 -3.47 52.36 -41.76
CA SER H 279 -3.33 51.65 -43.02
C SER H 279 -2.61 50.31 -42.84
N PHE H 280 -1.78 50.16 -41.81
CA PHE H 280 -1.01 48.94 -41.61
C PHE H 280 -1.85 47.78 -41.09
N ILE H 281 -3.13 47.99 -40.80
CA ILE H 281 -4.01 46.94 -40.28
C ILE H 281 -4.53 46.08 -41.44
N PRO H 282 -4.86 44.82 -41.20
CA PRO H 282 -5.41 43.98 -42.28
C PRO H 282 -6.68 44.54 -42.88
N SER H 283 -6.91 44.21 -44.16
CA SER H 283 -8.06 44.74 -44.88
C SER H 283 -9.38 44.28 -44.28
N ALA H 284 -9.39 43.16 -43.55
CA ALA H 284 -10.62 42.70 -42.91
C ALA H 284 -10.85 43.40 -41.58
N ALA H 285 -9.78 43.60 -40.80
CA ALA H 285 -9.92 44.22 -39.48
C ALA H 285 -10.13 45.73 -39.61
N LEU H 286 -9.41 46.38 -40.53
CA LEU H 286 -9.56 47.82 -40.69
C LEU H 286 -11.01 48.19 -40.93
N ASP H 287 -11.72 47.41 -41.74
CA ASP H 287 -13.15 47.65 -41.95
C ASP H 287 -13.92 47.55 -40.66
N LEU H 288 -13.57 46.60 -39.80
CA LEU H 288 -14.22 46.48 -38.49
C LEU H 288 -13.95 47.72 -37.65
N LEU H 289 -12.69 48.15 -37.59
CA LEU H 289 -12.34 49.32 -36.79
C LEU H 289 -13.09 50.55 -37.28
N ASP H 290 -13.14 50.76 -38.60
CA ASP H 290 -13.83 51.91 -39.15
C ASP H 290 -15.26 52.00 -38.64
N HIS H 291 -15.92 50.85 -38.49
CA HIS H 291 -17.31 50.83 -38.05
C HIS H 291 -17.42 51.03 -36.54
N MET H 292 -16.69 50.23 -35.77
CA MET H 292 -16.80 50.34 -34.32
C MET H 292 -16.44 51.74 -33.83
N LEU H 293 -15.57 52.44 -34.55
CA LEU H 293 -15.19 53.80 -34.22
C LEU H 293 -15.88 54.81 -35.14
N THR H 294 -17.20 54.66 -35.28
CA THR H 294 -18.03 55.60 -36.02
C THR H 294 -18.68 56.56 -35.03
N LEU H 295 -18.69 57.85 -35.38
CA LEU H 295 -19.10 58.88 -34.44
C LEU H 295 -20.56 58.74 -34.06
N ASP H 296 -21.44 58.66 -35.04
CA ASP H 296 -22.87 58.60 -34.75
C ASP H 296 -23.23 57.24 -34.16
N PRO H 297 -23.66 57.16 -32.90
CA PRO H 297 -23.99 55.85 -32.33
C PRO H 297 -25.09 55.11 -33.09
N SER H 298 -26.00 55.84 -33.73
CA SER H 298 -27.03 55.18 -34.54
C SER H 298 -26.45 54.56 -35.79
N LYS H 299 -25.31 55.04 -36.27
CA LYS H 299 -24.64 54.45 -37.41
C LYS H 299 -23.57 53.44 -37.00
N ARG H 300 -23.21 53.41 -35.72
CA ARG H 300 -22.19 52.49 -35.23
C ARG H 300 -22.72 51.06 -35.23
N CYS H 301 -21.87 50.12 -35.62
CA CYS H 301 -22.27 48.73 -35.70
C CYS H 301 -22.58 48.16 -34.32
N THR H 302 -23.32 47.06 -34.30
CA THR H 302 -23.73 46.42 -33.07
C THR H 302 -22.92 45.15 -32.81
N ALA H 303 -23.10 44.59 -31.63
CA ALA H 303 -22.35 43.39 -31.25
C ALA H 303 -22.66 42.23 -32.19
N GLU H 304 -23.94 41.89 -32.36
CA GLU H 304 -24.29 40.78 -33.24
C GLU H 304 -23.68 40.97 -34.61
N GLN H 305 -23.63 42.22 -35.08
CA GLN H 305 -23.05 42.49 -36.39
C GLN H 305 -21.54 42.32 -36.40
N THR H 306 -20.86 42.61 -35.28
CA THR H 306 -19.42 42.39 -35.23
C THR H 306 -19.09 40.93 -35.51
N LEU H 307 -19.91 40.02 -34.97
CA LEU H 307 -19.69 38.59 -35.24
C LEU H 307 -19.90 38.26 -36.71
N GLN H 308 -20.77 38.98 -37.39
CA GLN H 308 -21.01 38.76 -38.82
C GLN H 308 -20.17 39.71 -39.66
N SER H 309 -18.89 39.82 -39.32
CA SER H 309 -17.90 40.55 -40.12
C SER H 309 -16.91 39.55 -40.69
N ASP H 310 -16.36 39.87 -41.87
CA ASP H 310 -15.41 38.96 -42.50
C ASP H 310 -14.27 38.60 -41.57
N PHE H 311 -13.98 39.44 -40.58
CA PHE H 311 -12.88 39.17 -39.67
C PHE H 311 -13.23 38.05 -38.70
N LEU H 312 -14.43 38.10 -38.11
CA LEU H 312 -14.81 37.17 -37.06
C LEU H 312 -15.86 36.15 -37.47
N LYS H 313 -16.54 36.36 -38.59
CA LYS H 313 -17.66 35.50 -38.95
C LYS H 313 -17.24 34.04 -39.00
N ASP H 314 -16.11 33.75 -39.64
CA ASP H 314 -15.60 32.40 -39.77
C ASP H 314 -14.37 32.26 -38.88
N VAL H 315 -14.62 31.88 -37.62
CA VAL H 315 -13.59 31.54 -36.66
C VAL H 315 -14.17 30.49 -35.74
N GLU H 316 -13.36 29.50 -35.36
CA GLU H 316 -13.79 28.45 -34.44
C GLU H 316 -12.93 28.50 -33.19
N LEU H 317 -13.59 28.44 -32.02
CA LEU H 317 -12.85 28.46 -30.77
C LEU H 317 -12.08 27.16 -30.54
N SER H 318 -12.56 26.03 -31.08
CA SER H 318 -11.83 24.77 -30.97
C SER H 318 -10.34 24.99 -31.24
N LYS H 319 -10.02 25.83 -32.22
CA LYS H 319 -8.66 26.31 -32.42
C LYS H 319 -8.43 27.48 -31.47
N MET H 320 -8.26 27.15 -30.19
CA MET H 320 -8.04 28.20 -29.20
C MET H 320 -6.85 29.07 -29.58
N ALA H 321 -5.78 28.45 -30.07
CA ALA H 321 -4.56 29.16 -30.45
C ALA H 321 -4.09 30.05 -29.28
N PRO H 322 -3.83 29.45 -28.12
CA PRO H 322 -3.49 30.26 -26.94
C PRO H 322 -2.21 31.07 -27.16
N PRO H 323 -2.21 32.34 -26.76
CA PRO H 323 -1.02 33.17 -27.00
C PRO H 323 0.15 32.73 -26.14
N ASP H 324 1.35 32.82 -26.70
CA ASP H 324 2.56 32.56 -25.93
C ASP H 324 2.86 33.78 -25.06
N LEU H 325 3.30 33.51 -23.83
CA LEU H 325 3.75 34.51 -22.87
C LEU H 325 5.20 34.24 -22.49
N PRO H 326 6.03 35.30 -22.38
CA PRO H 326 7.49 35.07 -22.33
C PRO H 326 7.95 34.15 -21.20
N HIS H 327 7.55 34.41 -19.97
CA HIS H 327 7.88 33.58 -18.79
C HIS H 327 9.39 33.44 -18.68
N TRP H 328 9.93 32.22 -18.51
CA TRP H 328 11.32 32.06 -18.06
C TRP H 328 12.32 32.50 -19.12
N GLN H 329 12.03 32.26 -20.40
CA GLN H 329 13.04 32.48 -21.43
C GLN H 329 13.47 33.93 -21.50
N ASP H 330 12.50 34.86 -21.53
CA ASP H 330 12.81 36.28 -21.66
C ASP H 330 13.05 36.97 -20.33
N CYS H 331 12.96 36.26 -19.21
CA CYS H 331 13.20 36.86 -17.91
C CYS H 331 14.58 37.52 -17.84
N HIS H 332 15.59 36.86 -18.39
CA HIS H 332 16.96 37.35 -18.37
C HIS H 332 17.19 38.28 -19.57
N GLU H 333 17.92 39.37 -19.33
CA GLU H 333 18.35 40.22 -20.43
C GLU H 333 19.27 39.42 -21.35
N LEU H 334 18.99 39.47 -22.65
CA LEU H 334 19.70 38.65 -23.62
C LEU H 334 20.91 39.42 -24.15
N TRP H 335 22.10 38.91 -23.85
CA TRP H 335 23.30 39.49 -24.44
C TRP H 335 23.40 39.16 -25.92
N SER H 336 22.94 37.99 -26.32
CA SER H 336 22.92 37.59 -27.72
C SER H 336 22.14 38.61 -28.55
N THR I 24 -28.50 25.66 -8.99
CA THR I 24 -28.07 26.96 -9.49
C THR I 24 -28.71 28.10 -8.68
N LYS I 25 -29.99 28.43 -9.00
CA LYS I 25 -30.74 29.47 -8.30
C LYS I 25 -31.87 28.83 -7.46
N PRO I 26 -32.20 29.44 -6.32
CA PRO I 26 -33.11 28.79 -5.37
C PRO I 26 -34.58 28.82 -5.79
N CYS I 27 -35.34 27.93 -5.15
CA CYS I 27 -36.79 27.82 -5.35
C CYS I 27 -37.53 28.66 -4.32
N TRP I 28 -38.35 29.60 -4.78
CA TRP I 28 -39.05 30.54 -3.93
C TRP I 28 -40.55 30.32 -3.88
N TYR I 29 -41.01 29.09 -4.08
CA TYR I 29 -42.44 28.81 -4.10
C TYR I 29 -42.77 27.64 -3.19
N TRP I 30 -43.80 27.82 -2.36
CA TRP I 30 -44.28 26.83 -1.42
C TRP I 30 -45.72 26.46 -1.77
N ASP I 31 -46.21 25.40 -1.14
CA ASP I 31 -47.61 25.02 -1.24
C ASP I 31 -48.41 25.65 -0.11
N LYS I 32 -49.68 25.94 -0.39
CA LYS I 32 -50.55 26.52 0.62
C LYS I 32 -50.46 25.77 1.94
N LYS I 33 -50.43 24.44 1.88
CA LYS I 33 -50.37 23.64 3.10
C LYS I 33 -49.13 23.95 3.92
N ASP I 34 -48.06 24.42 3.28
CA ASP I 34 -46.81 24.67 4.00
C ASP I 34 -46.86 25.89 4.89
N LEU I 35 -47.76 26.83 4.63
CA LEU I 35 -47.83 28.02 5.46
C LEU I 35 -48.30 27.73 6.87
N ALA I 36 -48.79 26.52 7.15
CA ALA I 36 -49.10 26.13 8.51
C ALA I 36 -47.85 25.85 9.33
N HIS I 37 -46.66 25.94 8.72
CA HIS I 37 -45.41 25.58 9.38
C HIS I 37 -44.35 26.66 9.18
N THR I 38 -44.76 27.92 9.07
CA THR I 38 -43.79 29.00 9.08
C THR I 38 -43.24 29.17 10.49
N PRO I 39 -42.05 29.76 10.63
CA PRO I 39 -41.52 30.02 11.98
C PRO I 39 -42.53 30.73 12.87
N SER I 40 -43.29 31.68 12.30
CA SER I 40 -44.28 32.40 13.09
C SER I 40 -45.33 31.45 13.66
N GLN I 41 -45.87 30.57 12.82
CA GLN I 41 -46.87 29.63 13.29
C GLN I 41 -46.34 28.78 14.43
N LEU I 42 -45.12 28.27 14.28
CA LEU I 42 -44.56 27.34 15.25
C LEU I 42 -44.09 28.01 16.53
N GLU I 43 -44.01 29.34 16.56
CA GLU I 43 -43.77 30.08 17.79
C GLU I 43 -45.05 30.51 18.49
N GLY I 44 -46.19 29.94 18.10
CA GLY I 44 -47.45 30.21 18.76
C GLY I 44 -48.33 31.24 18.09
N LEU I 45 -47.87 31.86 17.01
CA LEU I 45 -48.70 32.79 16.26
C LEU I 45 -49.75 32.02 15.49
N ASP I 46 -51.00 32.47 15.56
CA ASP I 46 -52.06 31.73 14.90
C ASP I 46 -52.21 32.19 13.45
N PRO I 47 -52.89 31.39 12.61
CA PRO I 47 -52.94 31.73 11.17
C PRO I 47 -53.53 33.10 10.89
N ALA I 48 -54.60 33.48 11.57
CA ALA I 48 -55.21 34.78 11.32
C ALA I 48 -54.21 35.90 11.60
N THR I 49 -53.46 35.78 12.70
CA THR I 49 -52.54 36.85 13.09
C THR I 49 -51.42 36.99 12.07
N GLU I 50 -50.79 35.89 11.66
CA GLU I 50 -49.70 35.99 10.70
C GLU I 50 -50.21 36.62 9.40
N ALA I 51 -51.39 36.20 8.94
CA ALA I 51 -51.97 36.81 7.76
C ALA I 51 -52.15 38.32 7.96
N ARG I 52 -52.66 38.72 9.13
CA ARG I 52 -52.82 40.14 9.41
C ARG I 52 -51.48 40.86 9.43
N TYR I 53 -50.47 40.25 10.06
CA TYR I 53 -49.15 40.85 10.08
C TYR I 53 -48.58 41.02 8.67
N ARG I 54 -48.90 40.10 7.76
CA ARG I 54 -48.40 40.23 6.39
C ARG I 54 -49.09 41.38 5.65
N ARG I 55 -50.40 41.52 5.80
CA ARG I 55 -51.09 42.66 5.20
C ARG I 55 -50.57 43.97 5.76
N GLU I 56 -50.45 44.06 7.08
CA GLU I 56 -49.97 45.30 7.69
C GLU I 56 -48.57 45.63 7.19
N GLY I 57 -47.69 44.63 7.13
CA GLY I 57 -46.35 44.87 6.63
C GLY I 57 -46.36 45.23 5.15
N ALA I 58 -47.08 44.46 4.35
CA ALA I 58 -47.17 44.73 2.92
C ALA I 58 -47.69 46.14 2.65
N ARG I 59 -48.84 46.48 3.21
CA ARG I 59 -49.41 47.80 2.96
C ARG I 59 -48.50 48.89 3.51
N PHE I 60 -47.86 48.64 4.65
CA PHE I 60 -46.89 49.60 5.18
C PHE I 60 -45.82 49.90 4.13
N ILE I 61 -45.25 48.86 3.53
CA ILE I 61 -44.26 49.07 2.47
C ILE I 61 -44.87 49.85 1.32
N PHE I 62 -46.09 49.49 0.91
CA PHE I 62 -46.73 50.14 -0.21
C PHE I 62 -46.95 51.63 0.06
N ASP I 63 -47.51 51.95 1.22
CA ASP I 63 -47.86 53.35 1.52
C ASP I 63 -46.62 54.21 1.65
N VAL I 64 -45.59 53.72 2.36
CA VAL I 64 -44.38 54.49 2.53
C VAL I 64 -43.76 54.81 1.17
N GLY I 65 -43.62 53.79 0.32
CA GLY I 65 -43.02 54.01 -0.98
C GLY I 65 -43.85 54.91 -1.87
N THR I 66 -45.18 54.84 -1.76
CA THR I 66 -46.02 55.73 -2.55
C THR I 66 -45.77 57.19 -2.18
N ARG I 67 -45.64 57.48 -0.88
CA ARG I 67 -45.30 58.84 -0.48
C ARG I 67 -43.94 59.26 -1.03
N LEU I 68 -42.99 58.34 -1.09
CA LEU I 68 -41.67 58.66 -1.62
C LEU I 68 -41.64 58.66 -3.15
N GLY I 69 -42.76 58.38 -3.80
CA GLY I 69 -42.83 58.45 -5.25
C GLY I 69 -42.08 57.34 -5.97
N LEU I 70 -42.09 56.13 -5.42
CA LEU I 70 -41.30 55.04 -5.95
C LEU I 70 -42.08 54.29 -7.03
N HIS I 71 -41.35 53.84 -8.04
CA HIS I 71 -41.93 53.02 -9.11
C HIS I 71 -42.61 51.79 -8.54
N TYR I 72 -43.64 51.31 -9.24
CA TYR I 72 -44.45 50.22 -8.69
C TYR I 72 -43.64 48.93 -8.55
N ASP I 73 -42.70 48.69 -9.47
CA ASP I 73 -41.86 47.51 -9.34
C ASP I 73 -41.07 47.53 -8.04
N THR I 74 -40.59 48.71 -7.63
CA THR I 74 -39.81 48.80 -6.40
C THR I 74 -40.66 48.39 -5.20
N LEU I 75 -41.91 48.84 -5.14
CA LEU I 75 -42.77 48.43 -4.03
C LEU I 75 -42.96 46.92 -4.01
N ALA I 76 -43.27 46.33 -5.16
CA ALA I 76 -43.50 44.89 -5.20
C ALA I 76 -42.26 44.13 -4.80
N THR I 77 -41.10 44.53 -5.33
CA THR I 77 -39.86 43.85 -4.98
C THR I 77 -39.66 43.86 -3.46
N GLY I 78 -39.83 45.02 -2.84
CA GLY I 78 -39.71 45.09 -1.40
C GLY I 78 -40.69 44.17 -0.69
N ILE I 79 -41.93 44.12 -1.20
CA ILE I 79 -42.95 43.29 -0.55
C ILE I 79 -42.60 41.81 -0.71
N ILE I 80 -42.04 41.41 -1.85
CA ILE I 80 -41.70 40.00 -2.02
C ILE I 80 -40.54 39.63 -1.10
N TYR I 81 -39.54 40.50 -1.00
CA TYR I 81 -38.52 40.32 0.03
C TYR I 81 -39.17 40.12 1.39
N PHE I 82 -40.12 41.00 1.73
CA PHE I 82 -40.78 40.92 3.04
C PHE I 82 -41.47 39.58 3.22
N HIS I 83 -42.28 39.16 2.25
CA HIS I 83 -42.98 37.89 2.37
C HIS I 83 -42.00 36.73 2.48
N ARG I 84 -40.95 36.72 1.66
CA ARG I 84 -39.97 35.65 1.74
C ARG I 84 -39.28 35.66 3.09
N PHE I 85 -38.96 36.85 3.62
CA PHE I 85 -38.26 36.93 4.89
C PHE I 85 -38.97 36.12 5.96
N TYR I 86 -40.29 36.27 6.08
CA TYR I 86 -41.05 35.60 7.13
C TYR I 86 -41.45 34.18 6.77
N MET I 87 -40.88 33.64 5.70
CA MET I 87 -40.81 32.20 5.50
C MET I 87 -39.60 31.59 6.19
N PHE I 88 -38.65 32.43 6.62
CA PHE I 88 -37.43 32.00 7.29
C PHE I 88 -37.27 32.53 8.70
N HIS I 89 -38.16 33.41 9.15
CA HIS I 89 -38.09 33.99 10.49
C HIS I 89 -39.49 34.15 11.05
N SER I 90 -39.54 34.44 12.35
CA SER I 90 -40.81 34.60 13.05
C SER I 90 -41.12 36.08 13.25
N PHE I 91 -42.40 36.42 13.14
CA PHE I 91 -42.82 37.80 13.42
C PHE I 91 -42.55 38.17 14.87
N LYS I 92 -42.44 37.19 15.76
CA LYS I 92 -42.18 37.48 17.16
C LYS I 92 -40.74 37.88 17.42
N GLN I 93 -39.82 37.57 16.50
CA GLN I 93 -38.42 37.90 16.68
C GLN I 93 -37.98 39.09 15.83
N PHE I 94 -38.74 39.43 14.79
CA PHE I 94 -38.42 40.56 13.92
C PHE I 94 -39.65 41.43 13.76
N PRO I 95 -39.70 42.61 14.40
CA PRO I 95 -40.84 43.50 14.18
C PRO I 95 -41.10 43.75 12.70
N ARG I 96 -42.37 43.61 12.30
CA ARG I 96 -42.72 43.63 10.89
C ARG I 96 -42.40 44.96 10.22
N TYR I 97 -42.63 46.07 10.90
CA TYR I 97 -42.45 47.38 10.26
C TYR I 97 -40.98 47.69 10.02
N VAL I 98 -40.11 47.31 10.96
CA VAL I 98 -38.67 47.46 10.74
C VAL I 98 -38.23 46.62 9.55
N THR I 99 -38.62 45.34 9.53
CA THR I 99 -38.32 44.50 8.38
C THR I 99 -38.81 45.13 7.08
N GLY I 100 -40.06 45.58 7.08
CA GLY I 100 -40.61 46.23 5.89
C GLY I 100 -39.74 47.37 5.41
N ALA I 101 -39.38 48.28 6.32
CA ALA I 101 -38.54 49.41 5.95
C ALA I 101 -37.22 48.95 5.35
N CYS I 102 -36.61 47.91 5.94
CA CYS I 102 -35.35 47.40 5.40
C CYS I 102 -35.55 46.82 4.00
N CYS I 103 -36.64 46.07 3.80
CA CYS I 103 -36.92 45.52 2.48
C CYS I 103 -37.01 46.63 1.44
N LEU I 104 -37.79 47.68 1.75
CA LEU I 104 -37.91 48.78 0.80
C LEU I 104 -36.57 49.44 0.54
N PHE I 105 -35.77 49.66 1.59
CA PHE I 105 -34.46 50.25 1.44
C PHE I 105 -33.63 49.46 0.43
N LEU I 106 -33.46 48.16 0.68
CA LEU I 106 -32.71 47.32 -0.26
C LEU I 106 -33.38 47.33 -1.63
N ALA I 107 -34.70 47.17 -1.67
CA ALA I 107 -35.39 47.12 -2.95
C ALA I 107 -35.06 48.35 -3.79
N GLY I 108 -35.00 49.52 -3.17
CA GLY I 108 -34.68 50.74 -3.91
C GLY I 108 -33.34 50.65 -4.61
N LYS I 109 -32.33 50.14 -3.91
CA LYS I 109 -31.03 49.97 -4.55
C LYS I 109 -31.10 48.89 -5.63
N VAL I 110 -31.83 47.80 -5.36
CA VAL I 110 -31.91 46.70 -6.33
C VAL I 110 -32.52 47.18 -7.63
N GLU I 111 -33.64 47.90 -7.55
CA GLU I 111 -34.39 48.32 -8.73
C GLU I 111 -33.94 49.66 -9.30
N GLU I 112 -32.81 50.20 -8.83
CA GLU I 112 -32.25 51.45 -9.34
C GLU I 112 -33.18 52.64 -9.07
N THR I 113 -33.91 52.60 -7.96
CA THR I 113 -34.69 53.75 -7.48
C THR I 113 -34.33 54.02 -6.03
N PRO I 114 -33.06 54.30 -5.76
CA PRO I 114 -32.59 54.31 -4.36
C PRO I 114 -33.15 55.49 -3.58
N LYS I 115 -33.33 55.26 -2.29
CA LYS I 115 -33.73 56.30 -1.34
C LYS I 115 -32.84 56.18 -0.10
N LYS I 116 -32.61 57.31 0.54
CA LYS I 116 -31.78 57.32 1.74
C LYS I 116 -32.53 56.69 2.90
N CYS I 117 -31.81 55.91 3.71
CA CYS I 117 -32.44 55.29 4.87
C CYS I 117 -33.09 56.34 5.76
N LYS I 118 -32.45 57.52 5.85
CA LYS I 118 -33.00 58.60 6.67
C LYS I 118 -34.37 59.03 6.18
N ASP I 119 -34.60 58.97 4.87
CA ASP I 119 -35.88 59.41 4.33
C ASP I 119 -36.99 58.40 4.60
N ILE I 120 -36.67 57.11 4.52
CA ILE I 120 -37.72 56.09 4.64
C ILE I 120 -38.32 56.10 6.03
N ILE I 121 -37.50 56.16 7.07
CA ILE I 121 -38.03 56.06 8.42
C ILE I 121 -38.97 57.21 8.72
N LYS I 122 -38.59 58.43 8.32
CA LYS I 122 -39.42 59.60 8.55
C LYS I 122 -40.82 59.39 7.99
N THR I 123 -40.92 58.83 6.78
CA THR I 123 -42.22 58.56 6.18
C THR I 123 -43.00 57.54 6.99
N ALA I 124 -42.30 56.54 7.55
CA ALA I 124 -42.97 55.47 8.30
C ALA I 124 -43.76 56.04 9.48
N ARG I 125 -43.22 57.04 10.17
CA ARG I 125 -43.95 57.61 11.30
C ARG I 125 -45.25 58.25 10.86
N SER I 126 -45.27 58.89 9.68
CA SER I 126 -46.48 59.54 9.21
C SER I 126 -47.64 58.57 9.10
N LEU I 127 -47.37 57.34 8.66
CA LEU I 127 -48.38 56.35 8.36
C LEU I 127 -48.63 55.38 9.50
N LEU I 128 -47.75 55.36 10.51
CA LEU I 128 -47.89 54.47 11.65
C LEU I 128 -48.34 55.23 12.89
N ASN I 129 -49.15 54.57 13.72
CA ASN I 129 -49.53 55.12 15.01
C ASN I 129 -48.33 54.97 15.96
N ASP I 130 -48.50 55.41 17.21
CA ASP I 130 -47.38 55.40 18.15
C ASP I 130 -47.01 53.98 18.57
N VAL I 131 -48.00 53.12 18.81
CA VAL I 131 -47.71 51.74 19.17
C VAL I 131 -46.94 51.06 18.05
N GLN I 132 -47.40 51.27 16.81
CA GLN I 132 -46.78 50.60 15.66
C GLN I 132 -45.34 51.06 15.48
N PHE I 133 -45.10 52.37 15.56
CA PHE I 133 -43.74 52.89 15.42
C PHE I 133 -42.87 52.56 16.63
N GLY I 134 -43.47 52.12 17.74
CA GLY I 134 -42.67 51.71 18.89
C GLY I 134 -41.75 50.55 18.58
N GLN I 135 -42.09 49.74 17.58
CA GLN I 135 -41.25 48.61 17.18
C GLN I 135 -39.87 49.08 16.73
N PHE I 136 -39.77 50.27 16.13
CA PHE I 136 -38.50 50.75 15.61
C PHE I 136 -37.49 51.11 16.70
N GLY I 137 -37.91 51.30 17.94
CA GLY I 137 -36.96 51.50 19.00
C GLY I 137 -36.27 52.86 19.00
N ASP I 138 -35.10 52.90 19.65
CA ASP I 138 -34.42 54.15 19.95
C ASP I 138 -33.73 54.76 18.75
N ASP I 139 -33.03 53.96 17.95
CA ASP I 139 -32.28 54.44 16.78
C ASP I 139 -32.90 53.77 15.56
N PRO I 140 -33.90 54.41 14.94
CA PRO I 140 -34.57 53.77 13.79
C PRO I 140 -33.60 53.42 12.66
N LYS I 141 -32.74 54.36 12.27
CA LYS I 141 -31.86 54.11 11.13
C LYS I 141 -31.02 52.86 11.34
N GLU I 142 -30.37 52.75 12.50
CA GLU I 142 -29.48 51.61 12.73
C GLU I 142 -30.27 50.30 12.69
N GLU I 143 -31.42 50.26 13.38
CA GLU I 143 -32.21 49.04 13.41
C GLU I 143 -32.50 48.54 12.02
N VAL I 144 -32.67 49.45 11.06
CA VAL I 144 -32.91 49.07 9.68
C VAL I 144 -31.62 48.67 9.00
N MET I 145 -30.58 49.51 9.10
CA MET I 145 -29.32 49.22 8.42
C MET I 145 -28.75 47.87 8.85
N VAL I 146 -28.85 47.56 10.14
CA VAL I 146 -28.38 46.27 10.63
C VAL I 146 -29.11 45.13 9.96
N LEU I 147 -30.42 45.24 9.81
CA LEU I 147 -31.20 44.11 9.30
C LEU I 147 -30.81 43.77 7.87
N GLU I 148 -30.24 44.71 7.13
CA GLU I 148 -29.89 44.45 5.73
C GLU I 148 -29.01 43.21 5.60
N ARG I 149 -28.03 43.06 6.50
CA ARG I 149 -27.18 41.88 6.47
C ARG I 149 -28.02 40.61 6.52
N ILE I 150 -28.93 40.53 7.50
CA ILE I 150 -29.78 39.36 7.63
C ILE I 150 -30.69 39.21 6.40
N LEU I 151 -31.29 40.32 5.97
CA LEU I 151 -32.20 40.25 4.82
C LEU I 151 -31.48 39.66 3.61
N LEU I 152 -30.30 40.19 3.29
CA LEU I 152 -29.54 39.69 2.13
C LEU I 152 -29.26 38.21 2.28
N GLN I 153 -28.77 37.79 3.46
CA GLN I 153 -28.55 36.37 3.69
C GLN I 153 -29.85 35.59 3.56
N THR I 154 -30.95 36.14 4.09
CA THR I 154 -32.22 35.40 4.11
C THR I 154 -32.73 35.14 2.70
N ILE I 155 -32.71 36.16 1.85
CA ILE I 155 -33.16 36.02 0.47
C ILE I 155 -32.08 35.39 -0.40
N LYS I 156 -31.02 34.89 0.23
CA LYS I 156 -29.99 34.10 -0.47
C LYS I 156 -29.33 34.90 -1.59
N PHE I 157 -29.30 36.23 -1.44
CA PHE I 157 -28.69 37.12 -2.41
C PHE I 157 -29.31 36.96 -3.80
N ASP I 158 -30.50 36.38 -3.87
CA ASP I 158 -31.26 36.31 -5.12
C ASP I 158 -32.08 37.59 -5.21
N LEU I 159 -31.41 38.66 -5.67
CA LEU I 159 -32.02 39.98 -5.64
C LEU I 159 -33.01 40.19 -6.78
N GLN I 160 -32.81 39.53 -7.92
CA GLN I 160 -33.70 39.71 -9.07
C GLN I 160 -35.04 39.07 -8.79
N VAL I 161 -36.11 39.85 -8.91
CA VAL I 161 -37.48 39.36 -8.73
C VAL I 161 -38.28 39.87 -9.92
N GLU I 162 -39.12 39.01 -10.50
CA GLU I 162 -40.03 39.38 -11.57
C GLU I 162 -41.42 39.56 -10.97
N HIS I 163 -42.23 40.41 -11.58
CA HIS I 163 -43.51 40.74 -10.96
C HIS I 163 -44.68 40.60 -11.93
N PRO I 164 -45.89 40.36 -11.39
CA PRO I 164 -47.04 40.13 -12.26
C PRO I 164 -47.34 41.28 -13.22
N TYR I 165 -46.96 42.51 -12.87
CA TYR I 165 -47.35 43.65 -13.68
C TYR I 165 -46.86 43.50 -15.12
N GLN I 166 -45.57 43.18 -15.27
CA GLN I 166 -44.97 43.15 -16.61
C GLN I 166 -45.61 42.10 -17.49
N PHE I 167 -46.04 40.99 -16.92
CA PHE I 167 -46.70 39.95 -17.72
C PHE I 167 -48.14 40.33 -18.03
N LEU I 168 -48.81 41.02 -17.13
CA LEU I 168 -50.13 41.56 -17.43
C LEU I 168 -50.09 42.49 -18.63
N LEU I 169 -49.02 43.29 -18.74
CA LEU I 169 -48.90 44.19 -19.88
C LEU I 169 -48.47 43.42 -21.13
N LYS I 170 -47.47 42.55 -20.98
CA LYS I 170 -47.01 41.76 -22.12
C LYS I 170 -48.15 40.97 -22.76
N TYR I 171 -49.01 40.37 -21.94
CA TYR I 171 -50.10 39.57 -22.49
C TYR I 171 -51.21 40.43 -23.05
N ALA I 172 -51.58 41.50 -22.35
CA ALA I 172 -52.64 42.37 -22.87
C ALA I 172 -52.24 42.97 -24.20
N LYS I 173 -50.96 43.28 -24.39
CA LYS I 173 -50.49 43.90 -25.62
C LYS I 173 -50.76 43.02 -26.84
N GLN I 174 -50.88 41.72 -26.65
CA GLN I 174 -51.20 40.80 -27.72
C GLN I 174 -52.70 40.64 -27.93
N LEU I 175 -53.51 41.35 -27.15
CA LEU I 175 -54.96 41.34 -27.34
C LEU I 175 -55.32 42.43 -28.34
N LYS I 176 -56.06 42.04 -29.38
CA LYS I 176 -56.48 42.95 -30.43
C LYS I 176 -58.01 42.94 -30.46
N GLY I 177 -58.58 44.11 -30.65
CA GLY I 177 -60.02 44.26 -30.65
C GLY I 177 -60.38 45.64 -30.13
N ASP I 178 -61.58 45.75 -29.57
CA ASP I 178 -61.97 47.03 -29.00
C ASP I 178 -60.96 47.42 -27.92
N LYS I 179 -60.16 48.45 -28.17
CA LYS I 179 -59.16 48.84 -27.18
C LYS I 179 -59.81 49.23 -25.86
N ASN I 180 -61.01 49.82 -25.91
CA ASN I 180 -61.65 50.27 -24.68
C ASN I 180 -62.01 49.09 -23.80
N LYS I 181 -62.46 47.99 -24.40
CA LYS I 181 -62.75 46.79 -23.61
C LYS I 181 -61.50 46.30 -22.91
N ILE I 182 -60.36 46.32 -23.61
CA ILE I 182 -59.14 45.76 -23.05
C ILE I 182 -58.62 46.62 -21.90
N GLN I 183 -58.79 47.94 -21.99
CA GLN I 183 -58.21 48.81 -20.97
C GLN I 183 -58.88 48.61 -19.62
N LYS I 184 -60.21 48.43 -19.61
CA LYS I 184 -60.89 48.14 -18.35
C LYS I 184 -60.39 46.83 -17.76
N LEU I 185 -60.14 45.84 -18.60
CA LEU I 185 -59.56 44.59 -18.12
C LEU I 185 -58.22 44.82 -17.44
N VAL I 186 -57.34 45.58 -18.09
CA VAL I 186 -56.00 45.80 -17.56
C VAL I 186 -56.09 46.55 -16.23
N GLN I 187 -56.88 47.63 -16.21
CA GLN I 187 -56.97 48.45 -15.00
C GLN I 187 -57.43 47.61 -13.81
N MET I 188 -58.50 46.84 -14.01
CA MET I 188 -59.01 46.00 -12.93
C MET I 188 -58.00 44.94 -12.54
N ALA I 189 -57.37 44.29 -13.52
CA ALA I 189 -56.34 43.31 -13.19
C ALA I 189 -55.19 43.97 -12.44
N TRP I 190 -54.76 45.15 -12.90
CA TRP I 190 -53.70 45.87 -12.20
C TRP I 190 -54.10 46.09 -10.75
N THR I 191 -55.36 46.48 -10.51
CA THR I 191 -55.85 46.63 -9.15
C THR I 191 -55.76 45.31 -8.38
N PHE I 192 -56.12 44.21 -9.03
CA PHE I 192 -56.06 42.91 -8.36
C PHE I 192 -54.63 42.52 -8.03
N VAL I 193 -53.68 42.85 -8.90
CA VAL I 193 -52.28 42.58 -8.60
C VAL I 193 -51.87 43.31 -7.33
N ASN I 194 -52.19 44.60 -7.25
CA ASN I 194 -51.87 45.36 -6.06
C ASN I 194 -52.47 44.72 -4.81
N ASP I 195 -53.66 44.14 -4.94
CA ASP I 195 -54.29 43.50 -3.78
C ASP I 195 -53.62 42.18 -3.43
N SER I 196 -53.13 41.44 -4.43
CA SER I 196 -52.48 40.17 -4.18
C SER I 196 -51.14 40.31 -3.47
N LEU I 197 -50.61 41.54 -3.39
CA LEU I 197 -49.36 41.75 -2.67
C LEU I 197 -49.55 41.64 -1.17
N CYS I 198 -50.77 41.81 -0.68
CA CYS I 198 -51.05 41.64 0.74
C CYS I 198 -51.18 40.17 1.12
N THR I 199 -51.09 39.27 0.15
CA THR I 199 -51.31 37.85 0.35
C THR I 199 -50.03 37.08 0.07
N THR I 200 -50.05 35.81 0.44
CA THR I 200 -48.93 34.90 0.20
C THR I 200 -48.93 34.32 -1.21
N LEU I 201 -49.78 34.84 -2.10
CA LEU I 201 -49.75 34.36 -3.48
C LEU I 201 -48.39 34.59 -4.10
N SER I 202 -47.72 35.69 -3.74
CA SER I 202 -46.37 35.93 -4.22
C SER I 202 -45.46 34.75 -3.92
N LEU I 203 -45.79 33.95 -2.91
CA LEU I 203 -44.98 32.81 -2.50
C LEU I 203 -45.49 31.48 -3.03
N GLN I 204 -46.65 31.46 -3.69
CA GLN I 204 -47.25 30.21 -4.16
C GLN I 204 -47.12 29.98 -5.65
N TRP I 205 -47.16 31.03 -6.47
CA TRP I 205 -47.28 30.90 -7.91
C TRP I 205 -46.35 31.88 -8.60
N GLU I 206 -45.74 31.45 -9.70
CA GLU I 206 -44.88 32.32 -10.48
C GLU I 206 -45.63 33.58 -10.92
N PRO I 207 -44.93 34.68 -11.16
CA PRO I 207 -45.62 35.92 -11.52
C PRO I 207 -46.48 35.80 -12.77
N GLU I 208 -46.02 35.03 -13.76
CA GLU I 208 -46.79 34.86 -14.98
C GLU I 208 -48.16 34.29 -14.68
N ILE I 209 -48.23 33.30 -13.79
CA ILE I 209 -49.51 32.68 -13.44
C ILE I 209 -50.42 33.69 -12.76
N ILE I 210 -49.87 34.51 -11.86
CA ILE I 210 -50.66 35.54 -11.20
C ILE I 210 -51.25 36.50 -12.24
N ALA I 211 -50.43 36.94 -13.18
CA ALA I 211 -50.89 37.87 -14.21
C ALA I 211 -52.06 37.28 -14.99
N VAL I 212 -51.96 36.02 -15.39
CA VAL I 212 -53.06 35.37 -16.08
C VAL I 212 -54.28 35.30 -15.17
N ALA I 213 -54.08 34.91 -13.91
CA ALA I 213 -55.21 34.77 -12.99
C ALA I 213 -55.99 36.07 -12.87
N VAL I 214 -55.30 37.20 -12.77
CA VAL I 214 -56.01 38.46 -12.62
C VAL I 214 -56.73 38.83 -13.91
N MET I 215 -56.12 38.56 -15.06
CA MET I 215 -56.85 38.71 -16.32
C MET I 215 -58.07 37.79 -16.32
N TYR I 216 -57.88 36.54 -15.89
CA TYR I 216 -58.99 35.60 -15.79
C TYR I 216 -60.11 36.17 -14.93
N LEU I 217 -59.77 36.70 -13.76
CA LEU I 217 -60.80 37.26 -12.88
C LEU I 217 -61.49 38.46 -13.52
N ALA I 218 -60.70 39.44 -13.97
CA ALA I 218 -61.28 40.64 -14.57
C ALA I 218 -62.21 40.29 -15.72
N GLY I 219 -61.83 39.29 -16.52
CA GLY I 219 -62.70 38.84 -17.59
C GLY I 219 -64.05 38.36 -17.06
N ARG I 220 -64.02 37.57 -15.98
CA ARG I 220 -65.27 37.09 -15.41
C ARG I 220 -66.12 38.24 -14.89
N LEU I 221 -65.51 39.18 -14.16
CA LEU I 221 -66.29 40.27 -13.59
C LEU I 221 -66.84 41.19 -14.67
N CYS I 222 -66.03 41.49 -15.69
CA CYS I 222 -66.47 42.37 -16.76
C CYS I 222 -67.28 41.65 -17.84
N LYS I 223 -67.51 40.35 -17.69
CA LYS I 223 -68.27 39.58 -18.67
C LYS I 223 -67.63 39.67 -20.06
N PHE I 224 -66.30 39.59 -20.11
CA PHE I 224 -65.55 39.61 -21.36
C PHE I 224 -65.13 38.20 -21.74
N GLU I 225 -65.03 37.97 -23.05
CA GLU I 225 -64.56 36.70 -23.60
C GLU I 225 -63.17 36.95 -24.18
N ILE I 226 -62.15 36.75 -23.35
CA ILE I 226 -60.79 37.14 -23.71
C ILE I 226 -60.32 36.38 -24.95
N GLN I 227 -60.80 35.15 -25.14
CA GLN I 227 -60.30 34.32 -26.24
C GLN I 227 -60.47 35.01 -27.58
N GLU I 228 -61.54 35.78 -27.76
CA GLU I 228 -61.86 36.32 -29.07
C GLU I 228 -60.73 37.19 -29.62
N TRP I 229 -59.91 37.77 -28.75
CA TRP I 229 -58.83 38.66 -29.15
C TRP I 229 -57.52 37.94 -29.48
N THR I 230 -57.40 36.64 -29.24
CA THR I 230 -56.14 35.96 -29.48
C THR I 230 -55.88 35.77 -30.98
N SER I 231 -54.63 35.42 -31.31
CA SER I 231 -54.28 35.07 -32.68
C SER I 231 -54.97 33.78 -33.10
N LYS I 232 -55.40 32.99 -32.11
CA LYS I 232 -56.11 31.73 -32.30
C LYS I 232 -57.49 31.98 -31.69
N PRO I 233 -58.40 32.59 -32.46
CA PRO I 233 -59.65 33.11 -31.85
C PRO I 233 -60.58 32.04 -31.29
N MET I 234 -60.43 30.79 -31.70
CA MET I 234 -61.31 29.71 -31.27
C MET I 234 -60.65 28.80 -30.25
N TYR I 235 -59.84 29.37 -29.36
CA TYR I 235 -59.16 28.62 -28.30
C TYR I 235 -59.74 29.07 -26.95
N ARG I 236 -60.71 28.28 -26.45
CA ARG I 236 -61.36 28.60 -25.17
C ARG I 236 -60.34 28.82 -24.07
N ARG I 237 -59.23 28.06 -24.12
CA ARG I 237 -58.15 28.14 -23.14
C ARG I 237 -57.21 29.22 -23.64
N TRP I 238 -57.63 30.48 -23.47
CA TRP I 238 -56.88 31.57 -24.06
C TRP I 238 -55.51 31.76 -23.43
N TRP I 239 -55.39 31.53 -22.12
CA TRP I 239 -54.13 31.78 -21.44
C TRP I 239 -53.05 30.79 -21.85
N GLU I 240 -53.43 29.60 -22.31
CA GLU I 240 -52.46 28.55 -22.57
C GLU I 240 -51.42 28.96 -23.61
N GLN I 241 -51.75 29.87 -24.52
CA GLN I 241 -50.75 30.30 -25.49
C GLN I 241 -49.71 31.23 -24.86
N PHE I 242 -50.02 31.82 -23.70
CA PHE I 242 -49.06 32.65 -22.97
C PHE I 242 -48.32 31.86 -21.88
N VAL I 243 -49.08 31.24 -20.99
CA VAL I 243 -48.53 30.48 -19.87
C VAL I 243 -48.94 29.02 -20.08
N GLN I 244 -47.97 28.16 -20.30
CA GLN I 244 -48.23 26.76 -20.56
C GLN I 244 -48.47 26.00 -19.26
N ASP I 245 -49.24 24.92 -19.37
CA ASP I 245 -49.41 23.96 -18.29
C ASP I 245 -50.02 24.57 -17.03
N VAL I 246 -51.04 25.40 -17.21
CA VAL I 246 -51.80 25.92 -16.08
C VAL I 246 -53.15 25.21 -16.06
N PRO I 247 -53.39 24.27 -15.15
CA PRO I 247 -54.74 23.71 -15.06
C PRO I 247 -55.69 24.79 -14.59
N VAL I 248 -56.94 24.70 -15.07
CA VAL I 248 -57.93 25.71 -14.75
C VAL I 248 -58.13 25.83 -13.24
N ASP I 249 -57.91 24.73 -12.51
CA ASP I 249 -58.05 24.74 -11.06
C ASP I 249 -57.22 25.85 -10.45
N VAL I 250 -55.97 25.98 -10.88
CA VAL I 250 -55.06 26.97 -10.28
C VAL I 250 -55.67 28.36 -10.34
N LEU I 251 -56.15 28.76 -11.51
CA LEU I 251 -56.68 30.12 -11.68
C LEU I 251 -57.85 30.35 -10.73
N GLU I 252 -58.64 29.32 -10.46
CA GLU I 252 -59.75 29.47 -9.52
C GLU I 252 -59.24 29.66 -8.10
N ASP I 253 -58.21 28.91 -7.71
CA ASP I 253 -57.63 29.07 -6.38
C ASP I 253 -57.10 30.49 -6.18
N ILE I 254 -56.41 31.03 -7.18
CA ILE I 254 -55.86 32.39 -7.06
C ILE I 254 -56.99 33.40 -7.00
N CYS I 255 -57.96 33.30 -7.92
CA CYS I 255 -59.09 34.22 -7.88
C CYS I 255 -59.79 34.19 -6.54
N HIS I 256 -60.02 32.99 -6.01
CA HIS I 256 -60.73 32.86 -4.74
C HIS I 256 -60.05 33.67 -3.65
N GLN I 257 -58.72 33.57 -3.56
CA GLN I 257 -58.02 34.28 -2.49
C GLN I 257 -58.18 35.79 -2.63
N ILE I 258 -58.14 36.31 -3.85
CA ILE I 258 -58.33 37.74 -4.05
C ILE I 258 -59.74 38.14 -3.64
N LEU I 259 -60.73 37.36 -4.08
CA LEU I 259 -62.12 37.70 -3.75
C LEU I 259 -62.36 37.61 -2.25
N ASP I 260 -61.64 36.73 -1.54
CA ASP I 260 -61.81 36.61 -0.11
C ASP I 260 -61.41 37.90 0.60
N LEU I 261 -60.33 38.55 0.14
CA LEU I 261 -59.90 39.80 0.76
C LEU I 261 -61.00 40.86 0.68
N TYR I 262 -61.67 40.95 -0.47
CA TYR I 262 -62.70 41.97 -0.62
C TYR I 262 -63.92 41.67 0.23
N SER I 263 -64.37 40.41 0.26
CA SER I 263 -65.54 40.05 1.05
C SER I 263 -65.26 40.15 2.54
N GLN I 264 -64.04 39.76 2.96
CA GLN I 264 -63.68 39.83 4.37
C GLN I 264 -63.74 41.27 4.88
N GLY I 265 -63.09 42.18 4.18
CA GLY I 265 -63.06 43.57 4.54
C GLY I 265 -64.33 44.31 4.15
N LYS I 266 -64.30 45.61 4.37
CA LYS I 266 -65.40 46.47 3.93
C LYS I 266 -65.29 46.82 2.45
N GLN I 267 -64.07 46.81 1.90
CA GLN I 267 -63.85 47.18 0.49
C GLN I 267 -64.55 46.19 -0.45
N GLN I 268 -64.99 46.70 -1.60
CA GLN I 268 -65.75 45.92 -2.57
C GLN I 268 -65.00 45.76 -3.90
N MET I 269 -65.51 44.82 -4.71
CA MET I 269 -64.90 44.54 -6.02
C MET I 269 -64.82 45.82 -6.85
N PRO I 270 -63.73 46.03 -7.59
CA PRO I 270 -63.62 47.28 -8.36
C PRO I 270 -64.74 47.42 -9.39
N HIS I 271 -64.98 46.38 -10.18
CA HIS I 271 -65.96 46.37 -11.27
C HIS I 271 -66.11 47.75 -11.92
S SO4 J . -66.62 11.71 29.83
O1 SO4 J . -67.23 10.38 29.84
O2 SO4 J . -66.82 12.32 28.52
O3 SO4 J . -67.24 12.55 30.85
O4 SO4 J . -65.19 11.59 30.11
S SO4 K . -7.69 3.93 20.68
O1 SO4 K . -6.84 2.75 20.87
O2 SO4 K . -8.10 4.04 19.28
O3 SO4 K . -8.87 3.81 21.53
O4 SO4 K . -6.94 5.12 21.06
S SO4 L . -80.87 -8.03 28.84
O1 SO4 L . -80.82 -9.34 29.49
O2 SO4 L . -81.07 -8.20 27.41
O3 SO4 L . -81.99 -7.25 29.40
O4 SO4 L . -79.62 -7.33 29.09
C1 RMX M . -29.62 -24.13 27.97
C2 RMX M . -29.71 -25.54 27.94
C6 RMX M . -29.87 -22.30 26.15
C5 RMX M . -29.84 -23.70 26.68
C4 RMX M . -30.32 -24.92 24.51
C3 RMX M . -29.56 -26.54 29.03
N1 RMX M . -30.65 -22.83 30.01
C7 RMX M . -28.05 -21.63 24.64
O1 RMX M . -28.77 -21.90 28.89
C8 RMX M . -27.72 -20.22 22.80
C9 RMX M . -28.83 -18.03 22.73
C14 RMX M . -26.35 -14.18 26.31
C13 RMX M . -26.98 -15.18 25.40
C12 RMX M . -26.69 -15.18 24.04
C11 RMX M . -27.28 -16.10 23.19
C10 RMX M . -28.19 -17.03 23.67
N2 RMX M . -29.95 -25.94 26.70
O2 RMX M . -28.55 -23.92 30.29
C15 RMX M . -26.18 -14.42 27.66
C16 RMX M . -25.59 -13.45 28.44
C17 RMX M . -25.20 -12.27 27.87
C18 RMX M . -25.42 -12.09 26.52
C19 RMX M . -27.90 -16.10 25.88
C20 RMX M . -28.50 -17.02 25.02
C21 RMX M . -27.06 -21.26 22.15
C22 RMX M . -26.01 -22.63 20.90
C23 RMX M . -25.94 -24.69 22.39
C24 RMX M . -26.40 -25.65 21.32
C25 RMX M . -24.47 -24.85 22.70
C26 RMX M . -26.95 -22.45 22.86
N10 RMX M . -27.42 -22.70 24.09
N3 RMX M . -30.04 -24.81 25.94
N4 RMX M . -28.54 -21.80 25.88
N5 RMX M . -28.21 -20.43 24.04
N6 RMX M . -27.90 -19.01 22.23
N7 RMX M . -25.98 -13.02 25.74
N8 RMX M . -26.44 -21.39 20.90
N9 RMX M . -26.27 -23.32 22.05
S1 RMX M . -29.29 -23.14 29.35
H9 RMX M . -30.32 -21.73 26.78
H10 RMX M . -30.40 -22.29 25.32
H8 RMX M . -30.77 -25.76 24.33
H6 RMX M . -29.48 -24.88 24.02
H7 RMX M . -30.88 -24.19 24.23
H3 RMX M . -30.10 -27.32 28.83
H4 RMX M . -29.84 -26.17 29.88
H5 RMX M . -28.63 -26.81 29.10
H1 RMX M . -31.04 -23.52 30.31
H2 RMX M . -30.86 -22.02 29.98
H13 RMX M . -29.56 -18.48 23.21
H14 RMX M . -29.23 -17.54 21.98
H16 RMX M . -26.08 -14.55 23.70
H15 RMX M . -27.06 -16.09 22.27
H17 RMX M . -26.46 -15.24 28.03
H18 RMX M . -25.45 -13.60 29.37
H19 RMX M . -24.79 -11.58 28.38
H20 RMX M . -25.15 -11.28 26.11
H21 RMX M . -28.13 -16.12 26.79
H22 RMX M . -29.11 -17.65 25.37
H23 RMX M . -25.55 -23.02 20.17
H24 RMX M . -26.43 -24.93 23.22
H27 RMX M . -25.92 -25.48 20.50
H25 RMX M . -27.35 -25.53 21.16
H26 RMX M . -26.23 -26.57 21.61
H29 RMX M . -23.94 -24.66 21.89
H30 RMX M . -24.29 -25.76 22.99
H28 RMX M . -24.22 -24.22 23.40
H11 RMX M . -28.03 -21.57 26.54
H12 RMX M . -27.43 -18.82 21.51
S SO4 N . -0.20 -63.32 25.19
O1 SO4 N . -1.20 -63.92 24.31
O2 SO4 N . 1.13 -63.72 24.76
O3 SO4 N . -0.31 -61.87 25.14
O4 SO4 N . -0.43 -63.76 26.57
S SO4 O . -18.75 -58.32 -11.75
O1 SO4 O . -19.12 -58.69 -13.11
O2 SO4 O . -17.97 -59.41 -11.14
O3 SO4 O . -17.94 -57.11 -11.77
O4 SO4 O . -19.96 -58.10 -10.96
S SO4 P . 27.96 -69.31 -0.63
O1 SO4 P . 28.42 -70.29 0.36
O2 SO4 P . 28.79 -69.42 -1.83
O3 SO4 P . 26.55 -69.57 -0.97
O4 SO4 P . 28.07 -67.96 -0.09
C1 RMX Q . 40.28 -21.48 -17.10
C2 RMX Q . 40.89 -21.01 -18.28
C6 RMX Q . 37.86 -22.21 -16.52
C5 RMX Q . 38.96 -21.71 -17.40
C4 RMX Q . 37.61 -21.46 -19.53
C3 RMX Q . 42.29 -20.60 -18.56
N1 RMX Q . 41.60 -23.13 -15.55
C7 RMX Q . 36.06 -20.65 -15.97
O1 RMX Q . 40.02 -21.64 -14.56
C8 RMX Q . 33.76 -20.73 -15.52
C9 RMX Q . 32.81 -22.59 -14.21
C14 RMX Q . 34.03 -22.13 -8.55
C13 RMX Q . 33.73 -22.24 -10.01
C12 RMX Q . 32.50 -21.84 -10.50
C11 RMX Q . 32.20 -21.94 -11.85
C10 RMX Q . 33.13 -22.47 -12.73
N2 RMX Q . 39.98 -20.96 -19.26
O2 RMX Q . 42.15 -20.81 -15.48
C15 RMX Q . 35.33 -22.02 -8.07
C16 RMX Q . 35.54 -21.95 -6.71
C17 RMX Q . 34.46 -22.00 -5.86
C18 RMX Q . 33.20 -22.14 -6.41
C19 RMX Q . 34.65 -22.78 -10.89
C20 RMX Q . 34.35 -22.88 -12.24
C21 RMX Q . 33.59 -19.66 -16.41
C22 RMX Q . 32.97 -18.06 -17.67
C23 RMX Q . 35.20 -17.33 -18.64
C24 RMX Q . 34.71 -17.26 -20.08
C25 RMX Q . 35.39 -15.95 -18.05
C26 RMX Q . 34.73 -19.17 -17.00
N10 RMX Q . 35.98 -19.62 -16.82
N3 RMX Q . 38.80 -21.39 -18.71
N4 RMX Q . 37.27 -21.16 -15.72
N5 RMX Q . 35.00 -21.21 -15.32
N6 RMX Q . 32.72 -21.30 -14.88
N7 RMX Q . 32.97 -22.20 -7.72
N8 RMX Q . 32.47 -18.94 -16.84
N9 RMX Q . 34.32 -18.14 -17.81
S1 RMX Q . 41.03 -21.69 -15.56
H9 RMX Q . 38.22 -22.90 -15.93
H10 RMX Q . 37.17 -22.63 -17.08
H8 RMX Q . 37.86 -21.62 -20.45
H6 RMX Q . 37.13 -20.62 -19.47
H7 RMX Q . 37.05 -22.18 -19.22
H3 RMX Q . 42.50 -20.76 -19.49
H4 RMX Q . 42.91 -21.10 -18.00
H5 RMX Q . 42.40 -19.65 -18.36
H1 RMX Q . 42.20 -23.25 -16.12
H2 RMX Q . 41.22 -23.63 -14.99
H13 RMX Q . 33.50 -23.12 -14.64
H14 RMX Q . 31.96 -23.06 -14.32
H16 RMX Q . 31.85 -21.48 -9.92
H15 RMX Q . 31.37 -21.65 -12.17
H17 RMX Q . 36.06 -22.00 -8.67
H18 RMX Q . 36.41 -21.86 -6.37
H19 RMX Q . 34.58 -21.95 -4.93
H20 RMX Q . 32.46 -22.18 -5.82
H21 RMX Q . 35.48 -23.07 -10.58
H22 RMX Q . 35.00 -23.25 -12.83
H23 RMX Q . 32.45 -17.42 -18.13
H24 RMX Q . 36.10 -17.76 -18.68
H27 RMX Q . 33.85 -16.81 -20.10
H25 RMX Q . 34.61 -18.17 -20.42
H26 RMX Q . 35.34 -16.77 -20.62
H29 RMX Q . 34.55 -15.47 -18.05
H30 RMX Q . 36.04 -15.45 -18.58
H28 RMX Q . 35.72 -16.04 -17.14
H11 RMX Q . 37.72 -20.83 -15.05
H12 RMX Q . 31.95 -20.88 -14.87
S SO4 R . 51.09 21.92 -38.48
O1 SO4 R . 50.16 22.17 -39.58
O2 SO4 R . 52.29 21.29 -39.00
O3 SO4 R . 50.48 21.03 -37.48
O4 SO4 R . 51.43 23.18 -37.84
S SO4 S . 35.05 -10.02 -73.21
O1 SO4 S . 35.76 -11.27 -73.41
O2 SO4 S . 35.32 -9.12 -74.34
O3 SO4 S . 33.60 -10.28 -73.14
O4 SO4 S . 35.49 -9.40 -71.97
S SO4 T . 10.43 20.23 4.39
O1 SO4 T . 10.72 18.80 4.36
O2 SO4 T . 9.46 20.55 3.33
O3 SO4 T . 9.86 20.58 5.69
O4 SO4 T . 11.65 20.99 4.17
S SO4 U . 28.35 50.01 -44.61
O1 SO4 U . 28.68 48.67 -45.08
O2 SO4 U . 28.97 51.02 -45.48
O3 SO4 U . 26.90 50.18 -44.61
O4 SO4 U . 28.85 50.17 -43.25
C1 RMX V . -9.84 45.49 -11.04
C2 RMX V . -11.13 46.02 -11.03
C6 RMX V . -8.77 43.42 -12.16
C5 RMX V . -9.88 44.36 -11.83
C4 RMX V . -11.75 43.25 -13.14
C3 RMX V . -11.69 47.24 -10.36
N1 RMX V . -7.79 47.11 -11.13
C7 RMX V . -8.89 41.15 -11.25
O1 RMX V . -7.53 44.99 -10.04
C8 RMX V . -8.27 39.00 -11.93
C9 RMX V . -6.14 38.63 -13.09
C14 RMX V . -1.60 39.09 -9.51
C13 RMX V . -2.77 38.99 -10.41
C12 RMX V . -3.27 37.74 -10.78
C11 RMX V . -4.35 37.63 -11.64
C10 RMX V . -4.96 38.76 -12.16
N2 RMX V . -11.93 45.28 -11.79
O2 RMX V . -8.91 46.79 -9.04
C15 RMX V . -1.34 40.22 -8.76
C16 RMX V . -0.22 40.26 -7.95
C17 RMX V . 0.62 39.17 -7.93
C18 RMX V . 0.32 38.09 -8.72
C19 RMX V . -3.38 40.11 -10.95
C20 RMX V . -4.46 40.00 -11.81
C21 RMX V . -9.56 38.55 -11.56
C22 RMX V . -11.38 37.57 -11.11
C23 RMX V . -12.77 39.51 -10.21
C24 RMX V . -14.00 39.17 -11.03
C25 RMX V . -12.95 39.17 -8.75
C26 RMX V . -10.40 39.53 -11.05
N10 RMX V . -10.13 40.82 -10.89
N3 RMX V . -11.15 44.25 -12.28
N4 RMX V . -8.54 42.45 -11.13
N5 RMX V . -7.96 40.31 -11.77
N6 RMX V . -7.35 38.17 -12.44
N7 RMX V . -0.77 38.03 -9.50
N8 RMX V . -10.19 37.32 -11.59
N9 RMX V . -11.58 38.87 -10.76
S1 RMX V . -8.46 46.07 -10.18
H9 RMX V . -7.95 43.93 -12.31
H10 RMX V . -8.99 42.96 -13.00
H8 RMX V . -12.48 43.64 -13.64
H6 RMX V . -12.07 42.51 -12.62
H7 RMX V . -11.08 42.93 -13.78
H3 RMX V . -12.43 47.59 -10.87
H4 RMX V . -10.99 47.91 -10.28
H5 RMX V . -12.00 46.99 -9.47
H1 RMX V . -8.27 47.77 -11.27
H2 RMX V . -7.03 46.87 -11.38
H13 RMX V . -6.32 39.51 -13.50
H14 RMX V . -5.91 38.02 -13.81
H16 RMX V . -2.86 36.95 -10.45
H15 RMX V . -4.68 36.78 -11.86
H17 RMX V . -1.94 40.96 -8.79
H18 RMX V . -0.04 41.01 -7.42
H19 RMX V . 1.40 39.17 -7.39
H20 RMX V . 0.90 37.35 -8.72
H21 RMX V . -3.05 40.97 -10.72
H22 RMX V . -4.85 40.78 -12.16
H23 RMX V . -12.06 36.91 -11.01
H24 RMX V . -12.64 40.50 -10.27
H27 RMX V . -14.18 38.22 -10.96
H25 RMX V . -13.85 39.41 -11.95
H26 RMX V . -14.76 39.67 -10.68
H29 RMX V . -13.13 38.21 -8.65
H30 RMX V . -13.72 39.67 -8.39
H28 RMX V . -12.15 39.40 -8.25
H11 RMX V . -8.16 42.69 -10.38
H12 RMX V . -7.48 37.30 -12.38
S SO4 W . -18.17 28.64 -32.55
O1 SO4 W . -18.93 27.96 -33.59
O2 SO4 W . -16.88 29.07 -33.09
O3 SO4 W . -18.92 29.81 -32.10
O4 SO4 W . -17.96 27.74 -31.42
S SO4 X . -50.31 43.94 17.40
O1 SO4 X . -51.03 42.73 17.79
O2 SO4 X . -48.90 43.64 17.19
O3 SO4 X . -50.90 44.46 16.17
O4 SO4 X . -50.42 44.96 18.45
S SO4 Y . -65.73 44.05 -30.00
O1 SO4 Y . -66.67 42.96 -29.78
O2 SO4 Y . -65.50 44.20 -31.44
O3 SO4 Y . -66.27 45.28 -29.45
O4 SO4 Y . -64.45 43.74 -29.36
S SO4 Z . -58.04 21.18 -16.27
O1 SO4 Z . -57.23 19.98 -16.04
O2 SO4 Z . -59.32 20.79 -16.85
O3 SO4 Z . -57.32 22.06 -17.20
O4 SO4 Z . -58.25 21.87 -15.01
#